data_5UP2
#
_entry.id   5UP2
#
loop_
_entity.id
_entity.type
_entity.pdbx_description
1 polymer 'N-methyl-D-aspartate receptor subunit NR1-8a'
2 polymer 'N-methyl-D-aspartate receptor subunit NR2A'
3 polymer 'Ionotropic glutamate receptor subunit NR2B'
4 polymer 'GluN2B-specific Fab, termed 11D1'
5 branched 2-acetamido-2-deoxy-beta-D-glucopyranose-(1-4)-2-acetamido-2-deoxy-beta-D-glucopyranose
6 non-polymer 2-acetamido-2-deoxy-beta-D-glucopyranose
#
loop_
_entity_poly.entity_id
_entity_poly.type
_entity_poly.pdbx_seq_one_letter_code
_entity_poly.pdbx_strand_id
1 'polypeptide(L)'
;MGTMRLFLLAVLFLFSFARAGADPKIVNIGAVLSTKKHEQIFREAVNQANKRHFTRKIQLNATSVTHRPNAIQMALSVCE
DLISSQVYAILVSHPPAPTDHLTPTPISYTAGFYRIPVIGLTTRMSIYSDKSIHLSFLRTVPPYSHQALVWFEMMRLFNW
NHVILIVSDDHEGRAAQKKLETLLEEKESKADKVLQFEPGTKNLTALLLEAKELEARVIILSASEDDATAVYKSAAMLDM
TGAGYVWLVGEREISGSALRYAPDGIIGLQLINGKNESAHISDAVAVVAQAIHELFEMEQITDPPRGCVGNTNIWKTGPL
FKRVLMSSKYPDGVTGRIEFNEDGDRKFAQYSIMNLQNRKLVQVGIFDGSYIIQNDRKIIWPGGETERPQGYQMSTRLKI
VTIHQEPFVYVRPTTSDGTCREEYTINGDPIKKVICNGPDETIPGRPTVPQCCYGFCVDLLIKLAREMDFTYEVHLVADG
KFGTQERVNNSNAAAWNGMMGELLSGQADMIVAPLTINNERAQYIEFSKPFKYQGLTILVKKEIPRSTLDSFMQPFQSTL
WLLVGLSVHVVAVMLYLLDRFSPFGRFKVNSAAAEEDALTLSSAMWFSWRVLLNSGLGEGAPRSFSARILGMVWALFAMI
IVASYTANLAAFLVLRRPEERITGINDPRLRNPSDKFIYATVKQSSVDIYFRRQVELSTMYRHMEKHNYESAAEAIQAVR
DNKLHAFIWDSAVLEFEASQDCDLVTTGELFFRSGFGIGMRKDSPWKQEVSLNILKSHENGFMEELDKTWVRYQECDSRS
NAPATLTFENMAGVFYLVAGGIVAGIFLIFIEIAYK
;
A,C
2 'polypeptide(L)'
;MGMFVLLLYTFLYAGDLGHGAEKSFPVLNIAVILGRTRYITERDIRSLWTRDMSLDFDVNVVTLLVQQTDPKSIITHVCD
LMSGTKIHGVVFGDDTDQEAIAQILDFVSSQTFIPILGIHGGSSMIMADKDEMSTFFQFGASIKQQATVMLNIMEEYDWH
VFSVITSNFPGYRDFISFIKTTVDNSFVGWEVQNYITLDTSYTDAQTLTQLKKIHSSVILLYCSKDEATYIFEEARSLGL
MGYGFVWIVPSLVTGNTDIIPYEFPSGLVSVSYDDWDYGIEARVRDGLGIITTAASAMLEKHSVIPEAKTSCYGQNERND
PPLHTLHNFMINVTWDGKDLSFTEDGYQANPKLVVLLLNMEREWEKVGKWEAKSLNMKYPVWPRIDSDHDDNHLSIVTLE
EAPFVIVENIDYLTGTCVRNTVPCRKYFRLANSTTEGTSVKKCCKGFCIDILKKLSKTVKFTYDLYLVTNGKHGKKIKNV
WNGMIGEVVYKRAVMAVGSLTINEERSVAVDFSVPFVETGISVMVSRSAGTVSPSAFLEPFSASVWVMMFVMLLLVSAMA
VFIFEYFSPVGYNRNLAQGKDPHGPSFTIGKAVWLLWGLVFNNSLPVQNPKGTTSKIIVSIWAFFAVIFLASYTANLAAF
MIQRRFVDQVTGLSDNKFQRPHDYSPPFRFGTVPQGSTERNIRNNYPDMHQYMVKFHQKGVQDALVSLKTGKLDAFIYDA
AVLNYMAGRDEGCKLVTIGSGYIFATTGYGIALQKGSRWKRPIDLALLQFVGDGEMEELEKLWLTGICHTEKNEVMSSQL
DIDNMAGVFYMLAAAMALSLITFVWEHLFYK
;
B
3 'polypeptide(L)'
;MRPTEACCYLKISLIILFYSRAYAQKHPNMDIAVILVGTTEEVAIKDVHEKDDFHHLPVTPRVELVTMQESDPKSIITRI
CDLMSDKKVQGVVFGDDTDQEAIAQILDFISVQTLTPILGIHGGSSMIMADKEEASMFFQFGPSIEQQASVMLNIMEEYD
WYIFSIVTTYFPGYQDFENKVRSTIENSFVGWELEEVIHLDMSLDDIDSKIQNQLKKLQSPVILLYCTKEEATYIFEVAH
SVGLTGYGFTWIVPSLVAGDTDTVPDEFPTGLISVSYDEWDYDLPARVRDGIAIITTAASTMLSEHNSIPQSKSSCNNIQ
ESRVYEAHMLKRYLINVTFEGRDLSFSEDGYQMHPKLVIILLNQERKWERVGKYKDRSLKMWPVFDLYPNSEEHKDEHLS
IVTLEEAPFVIVEDVDPLSGTCMRNTVPCRKQIRPENRTEEGGNYIKRCCKGFCIDILKKIAKTVKFTYDLYLVTNGKHG
KKINGVWNGMIGEVVTKRAYMAVGSLTINEERSEVVDFSVPFIETGISVMVSRSNGTVSPSAFLEPFSADVWVMMFVMLL
IVSAVAVFVFEYFSPVGYNRALADGREPGGPSFTIGKAIWLLWGLVFNNSLPVQNPKGTTSKIMVSVWAFFAVIFLASYT
ANLAAFMIQRRYVDQVSGLSDKKFQRPNDFSPAFRFGTVPNGSTERNIRNNYLEMHSYMVKFNQRSVQDALLSLKSGKLD
AFIYDAAVLNYMAGRDEGCKLVTIGSGKVFATTGYGIAIQKDSGWKRQVDLAILQLFGDGEMEELEALWLTGICHNEKNE
VMSSQLDIDNMAGVFYMLAAAMALSLITFIMEHLFYK
;
D
4 'polypeptide(L)'
;(UNK)(UNK)(UNK)(UNK)(UNK)(UNK)(UNK)(UNK)(UNK)(UNK)(UNK)(UNK)(UNK)(UNK)(UNK)(UNK)
(UNK)(UNK)(UNK)(UNK)(UNK)(UNK)(UNK)(UNK)(UNK)(UNK)(UNK)(UNK)(UNK)(UNK)(UNK)(UNK)
(UNK)(UNK)(UNK)(UNK)(UNK)(UNK)(UNK)(UNK)(UNK)(UNK)(UNK)(UNK)(UNK)(UNK)(UNK)(UNK)
(UNK)(UNK)(UNK)(UNK)(UNK)(UNK)(UNK)(UNK)(UNK)(UNK)(UNK)(UNK)(UNK)(UNK)(UNK)(UNK)
(UNK)(UNK)(UNK)(UNK)(UNK)(UNK)(UNK)(UNK)(UNK)(UNK)(UNK)(UNK)(UNK)(UNK)(UNK)(UNK)
(UNK)(UNK)(UNK)(UNK)(UNK)(UNK)(UNK)(UNK)(UNK)(UNK)(UNK)(UNK)(UNK)(UNK)(UNK)(UNK)
(UNK)(UNK)(UNK)(UNK)(UNK)(UNK)(UNK)(UNK)(UNK)(UNK)(UNK)(UNK)(UNK)(UNK)(UNK)(UNK)
(UNK)(UNK)(UNK)(UNK)(UNK)(UNK)(UNK)(UNK)(UNK)(UNK)(UNK)(UNK)(UNK)(UNK)(UNK)(UNK)
(UNK)(UNK)(UNK)(UNK)(UNK)(UNK)(UNK)(UNK)(UNK)(UNK)(UNK)(UNK)(UNK)(UNK)(UNK)(UNK)
(UNK)(UNK)(UNK)(UNK)(UNK)(UNK)(UNK)(UNK)(UNK)(UNK)(UNK)(UNK)(UNK)(UNK)(UNK)(UNK)
(UNK)(UNK)(UNK)(UNK)(UNK)(UNK)(UNK)(UNK)(UNK)(UNK)(UNK)(UNK)(UNK)(UNK)(UNK)(UNK)
(UNK)(UNK)(UNK)(UNK)(UNK)(UNK)(UNK)(UNK)(UNK)(UNK)(UNK)(UNK)(UNK)(UNK)(UNK)(UNK)
(UNK)(UNK)(UNK)(UNK)(UNK)(UNK)(UNK)(UNK)(UNK)(UNK)(UNK)(UNK)(UNK)(UNK)(UNK)(UNK)
(UNK)(UNK)(UNK)(UNK)(UNK)(UNK)(UNK)(UNK)
;
F,G
#
loop_
_chem_comp.id
_chem_comp.type
_chem_comp.name
_chem_comp.formula
NAG D-saccharide, beta linking 2-acetamido-2-deoxy-beta-D-glucopyranose 'C8 H15 N O6'
#
# COMPACT_ATOMS: atom_id res chain seq x y z
N PRO A 24 47.46 31.45 -47.11
CA PRO A 24 47.61 32.28 -45.90
C PRO A 24 46.80 33.57 -46.00
N LYS A 25 45.92 33.76 -45.04
CA LYS A 25 45.12 34.97 -45.01
C LYS A 25 45.57 35.62 -43.72
N ILE A 26 45.97 36.89 -43.81
CA ILE A 26 46.42 37.54 -42.60
C ILE A 26 45.15 37.65 -41.78
N VAL A 27 45.18 37.07 -40.60
CA VAL A 27 44.02 37.12 -39.75
C VAL A 27 44.38 38.21 -38.79
N ASN A 28 43.71 39.34 -38.93
CA ASN A 28 44.03 40.45 -38.04
C ASN A 28 43.76 40.13 -36.59
N ILE A 29 44.48 40.84 -35.75
CA ILE A 29 44.31 40.80 -34.32
C ILE A 29 44.31 42.27 -33.92
N GLY A 30 43.74 42.59 -32.77
CA GLY A 30 43.73 43.98 -32.37
C GLY A 30 43.94 44.10 -30.90
N ALA A 31 44.35 45.28 -30.46
CA ALA A 31 44.67 45.50 -29.07
C ALA A 31 44.61 46.96 -28.70
N VAL A 32 44.49 47.20 -27.40
CA VAL A 32 44.61 48.52 -26.83
C VAL A 32 45.64 48.43 -25.74
N LEU A 33 46.68 49.24 -25.85
CA LEU A 33 47.80 49.12 -24.93
C LEU A 33 48.24 50.47 -24.44
N SER A 34 49.08 50.48 -23.41
CA SER A 34 49.47 51.73 -22.75
C SER A 34 50.29 52.68 -23.63
N THR A 35 51.30 52.16 -24.32
CA THR A 35 52.22 53.02 -25.06
C THR A 35 52.65 52.40 -26.39
N LYS A 36 53.11 53.24 -27.32
CA LYS A 36 53.55 52.81 -28.65
C LYS A 36 54.67 51.76 -28.59
N LYS A 37 55.54 51.88 -27.58
CA LYS A 37 56.59 50.88 -27.38
C LYS A 37 55.99 49.49 -27.17
N HIS A 38 54.94 49.44 -26.36
CA HIS A 38 54.23 48.19 -26.11
C HIS A 38 53.48 47.70 -27.34
N GLU A 39 53.07 48.63 -28.19
CA GLU A 39 52.48 48.28 -29.47
C GLU A 39 53.53 47.55 -30.33
N GLN A 40 54.74 48.11 -30.35
CA GLN A 40 55.84 47.48 -31.06
C GLN A 40 56.14 46.10 -30.48
N ILE A 41 56.08 45.97 -29.16
CA ILE A 41 56.24 44.66 -28.51
C ILE A 41 55.17 43.68 -28.99
N PHE A 42 53.94 44.18 -29.09
CA PHE A 42 52.81 43.39 -29.56
C PHE A 42 53.07 42.86 -30.97
N ARG A 43 53.35 43.77 -31.88
CA ARG A 43 53.62 43.41 -33.28
C ARG A 43 54.78 42.42 -33.38
N GLU A 44 55.82 42.63 -32.57
CA GLU A 44 56.96 41.72 -32.54
C GLU A 44 56.55 40.31 -32.13
N ALA A 45 55.74 40.20 -31.08
CA ALA A 45 55.26 38.90 -30.61
C ALA A 45 54.41 38.22 -31.68
N VAL A 46 53.56 39.01 -32.33
CA VAL A 46 52.74 38.51 -33.42
C VAL A 46 53.59 37.94 -34.54
N ASN A 47 54.63 38.68 -34.93
CA ASN A 47 55.54 38.21 -35.97
C ASN A 47 56.26 36.93 -35.55
N GLN A 48 56.62 36.82 -34.27
CA GLN A 48 57.16 35.58 -33.75
C GLN A 48 56.17 34.44 -33.93
N ALA A 49 54.89 34.82 -33.91
CA ALA A 49 53.75 33.90 -33.93
C ALA A 49 53.69 32.93 -35.10
N ASN A 50 54.17 33.33 -36.27
CA ASN A 50 54.14 32.42 -37.41
C ASN A 50 54.94 31.15 -37.12
N LYS A 51 56.11 31.30 -36.49
CA LYS A 51 56.93 30.15 -36.11
C LYS A 51 56.28 29.26 -35.03
N ARG A 52 55.66 29.88 -34.03
CA ARG A 52 55.06 29.16 -32.90
C ARG A 52 53.89 28.21 -33.18
N HIS A 53 52.94 28.65 -34.01
CA HIS A 53 51.79 27.82 -34.36
C HIS A 53 51.93 27.60 -35.85
N PHE A 54 51.89 26.36 -36.32
CA PHE A 54 52.14 26.19 -37.75
C PHE A 54 51.85 27.45 -38.56
N THR A 55 52.83 27.86 -39.35
CA THR A 55 52.74 29.04 -40.20
C THR A 55 51.76 28.95 -41.38
N ARG A 56 51.75 27.80 -42.05
CA ARG A 56 50.91 27.58 -43.22
C ARG A 56 49.42 27.64 -42.94
N LYS A 57 49.01 27.09 -41.80
CA LYS A 57 47.61 27.07 -41.40
C LYS A 57 47.03 28.47 -41.19
N ILE A 58 47.81 29.36 -40.56
CA ILE A 58 47.34 30.70 -40.29
C ILE A 58 48.34 31.80 -40.67
N GLN A 59 47.80 32.97 -41.01
CA GLN A 59 48.60 34.20 -41.13
C GLN A 59 48.11 35.22 -40.11
N LEU A 60 49.03 35.83 -39.38
CA LEU A 60 48.68 36.81 -38.35
C LEU A 60 49.17 38.23 -38.63
N ASN A 61 48.26 39.19 -38.49
CA ASN A 61 48.56 40.60 -38.69
C ASN A 61 48.17 41.32 -37.41
N ALA A 62 48.93 42.36 -37.05
CA ALA A 62 48.70 43.02 -35.77
C ALA A 62 48.23 44.45 -35.91
N THR A 63 47.20 44.81 -35.15
CA THR A 63 46.72 46.17 -35.06
C THR A 63 46.50 46.59 -33.61
N SER A 64 46.83 47.83 -33.27
CA SER A 64 46.71 48.24 -31.88
C SER A 64 46.53 49.75 -31.76
N VAL A 65 46.12 50.17 -30.56
CA VAL A 65 45.92 51.57 -30.27
C VAL A 65 46.68 51.92 -29.00
N THR A 66 47.13 53.17 -28.93
CA THR A 66 47.87 53.65 -27.76
C THR A 66 46.95 54.31 -26.72
N HIS A 67 45.66 54.04 -26.83
CA HIS A 67 44.71 54.46 -25.82
C HIS A 67 44.71 55.92 -25.37
N ARG A 68 44.53 56.85 -26.31
CA ARG A 68 44.43 58.26 -25.93
C ARG A 68 43.20 58.34 -25.02
N PRO A 69 43.29 59.09 -23.94
CA PRO A 69 42.19 59.07 -22.96
C PRO A 69 40.96 59.89 -23.31
N ASN A 70 40.18 59.35 -24.24
CA ASN A 70 38.90 59.92 -24.61
C ASN A 70 37.99 58.86 -24.01
N ALA A 71 37.11 59.26 -23.08
CA ALA A 71 36.26 58.29 -22.40
C ALA A 71 35.28 57.54 -23.30
N ILE A 72 34.62 58.24 -24.20
CA ILE A 72 33.65 57.63 -25.10
C ILE A 72 34.04 57.69 -26.57
N GLN A 73 35.29 57.97 -26.88
CA GLN A 73 35.65 58.11 -28.28
C GLN A 73 36.65 57.06 -28.65
N MET A 74 37.42 56.60 -27.68
CA MET A 74 38.33 55.54 -27.98
C MET A 74 37.50 54.37 -28.46
N ALA A 75 36.42 54.10 -27.74
CA ALA A 75 35.49 53.05 -28.13
C ALA A 75 34.92 53.31 -29.52
N LEU A 76 34.63 54.57 -29.82
CA LEU A 76 34.15 54.94 -31.15
C LEU A 76 35.12 54.40 -32.19
N SER A 77 36.39 54.71 -31.99
CA SER A 77 37.41 54.23 -32.89
C SER A 77 37.57 52.73 -32.83
N VAL A 78 37.30 52.12 -31.68
CA VAL A 78 37.44 50.67 -31.63
C VAL A 78 36.47 50.07 -32.63
N CYS A 79 35.24 50.56 -32.63
CA CYS A 79 34.23 50.10 -33.59
C CYS A 79 34.56 50.49 -35.03
N GLU A 80 34.97 51.74 -35.20
CA GLU A 80 35.30 52.30 -36.52
C GLU A 80 36.50 51.64 -37.17
N ASP A 81 37.54 51.40 -36.38
CA ASP A 81 38.75 50.80 -36.84
C ASP A 81 38.79 49.32 -36.60
N LEU A 82 38.68 48.91 -35.35
CA LEU A 82 38.89 47.50 -35.06
C LEU A 82 37.74 46.63 -35.51
N ILE A 83 36.51 47.08 -35.32
CA ILE A 83 35.40 46.27 -35.78
C ILE A 83 35.35 46.31 -37.28
N SER A 84 35.61 47.48 -37.85
CA SER A 84 35.69 47.60 -39.29
C SER A 84 36.81 46.73 -39.85
N SER A 85 37.85 46.51 -39.03
CA SER A 85 38.96 45.63 -39.37
C SER A 85 38.64 44.18 -39.02
N GLN A 86 37.50 43.93 -38.42
CA GLN A 86 37.14 42.55 -38.11
C GLN A 86 38.23 41.75 -37.38
N VAL A 87 38.82 42.31 -36.32
CA VAL A 87 39.86 41.60 -35.58
C VAL A 87 39.29 40.31 -35.02
N TYR A 88 40.05 39.21 -35.06
CA TYR A 88 39.48 37.95 -34.62
C TYR A 88 39.44 37.90 -33.10
N ALA A 89 40.09 38.91 -32.50
CA ALA A 89 40.21 38.99 -31.06
C ALA A 89 40.91 40.29 -30.72
N ILE A 90 40.74 40.69 -29.46
CA ILE A 90 41.26 41.96 -29.01
C ILE A 90 41.98 41.72 -27.70
N LEU A 91 43.08 42.43 -27.50
CA LEU A 91 43.77 42.40 -26.23
C LEU A 91 43.59 43.76 -25.58
N VAL A 92 43.57 43.82 -24.25
CA VAL A 92 43.41 45.09 -23.56
C VAL A 92 44.28 45.15 -22.31
N SER A 93 44.77 46.34 -21.98
CA SER A 93 45.57 46.54 -20.79
C SER A 93 45.11 47.78 -20.03
N HIS A 94 45.35 47.80 -18.71
CA HIS A 94 45.06 48.97 -17.90
C HIS A 94 45.95 50.14 -18.33
N PRO A 95 45.37 51.33 -18.45
CA PRO A 95 46.12 52.51 -18.87
C PRO A 95 47.18 52.93 -17.84
N PRO A 96 48.31 53.41 -18.30
CA PRO A 96 49.38 53.84 -17.37
C PRO A 96 48.86 54.98 -16.51
N ALA A 97 48.18 55.94 -17.15
CA ALA A 97 47.57 57.05 -16.42
C ALA A 97 46.37 56.45 -15.68
N PRO A 98 46.14 56.90 -14.45
CA PRO A 98 45.01 56.32 -13.71
C PRO A 98 43.85 57.29 -13.47
N THR A 99 42.69 56.94 -14.02
CA THR A 99 41.48 57.72 -13.84
C THR A 99 40.43 56.72 -13.37
N ASP A 100 39.84 56.99 -12.20
CA ASP A 100 38.82 56.13 -11.61
C ASP A 100 39.33 54.68 -11.54
N HIS A 101 38.51 53.74 -11.98
CA HIS A 101 38.90 52.33 -11.99
C HIS A 101 38.05 51.54 -12.98
N LEU A 102 38.55 50.39 -13.43
CA LEU A 102 37.79 49.55 -14.32
C LEU A 102 37.35 50.32 -15.56
N THR A 103 38.29 50.99 -16.21
CA THR A 103 37.94 51.74 -17.38
C THR A 103 37.45 50.83 -18.49
N PRO A 104 38.12 49.70 -18.66
CA PRO A 104 37.68 48.80 -19.74
C PRO A 104 36.31 48.18 -19.47
N THR A 105 35.32 48.98 -19.06
CA THR A 105 33.92 48.54 -19.14
C THR A 105 33.30 48.61 -20.55
N PRO A 106 33.54 49.69 -21.32
CA PRO A 106 32.74 49.84 -22.53
C PRO A 106 33.00 48.74 -23.55
N ILE A 107 34.26 48.34 -23.71
CA ILE A 107 34.64 47.45 -24.79
C ILE A 107 33.92 46.11 -24.66
N SER A 108 33.84 45.61 -23.43
CA SER A 108 33.19 44.34 -23.17
C SER A 108 31.75 44.41 -23.65
N TYR A 109 31.11 45.57 -23.44
CA TYR A 109 29.76 45.77 -23.96
C TYR A 109 29.79 45.88 -25.48
N THR A 110 30.68 46.73 -26.01
CA THR A 110 30.71 47.01 -27.44
C THR A 110 31.01 45.82 -28.31
N ALA A 111 32.06 45.09 -27.97
CA ALA A 111 32.36 43.87 -28.68
C ALA A 111 31.23 42.88 -28.43
N GLY A 112 30.50 43.07 -27.33
CA GLY A 112 29.49 42.09 -26.97
C GLY A 112 28.54 41.83 -28.12
N PHE A 113 28.16 42.87 -28.86
CA PHE A 113 27.32 42.66 -30.04
C PHE A 113 28.09 41.84 -31.08
N TYR A 114 29.38 42.18 -31.23
CA TYR A 114 30.32 41.54 -32.16
C TYR A 114 30.64 40.06 -31.88
N ARG A 115 30.57 39.65 -30.61
CA ARG A 115 30.90 38.28 -30.15
C ARG A 115 32.35 37.93 -30.47
N ILE A 116 33.20 38.93 -30.29
CA ILE A 116 34.64 38.91 -30.51
C ILE A 116 35.37 38.72 -29.18
N PRO A 117 36.18 37.65 -29.07
CA PRO A 117 36.86 37.38 -27.80
C PRO A 117 37.82 38.52 -27.40
N VAL A 118 37.80 38.86 -26.12
CA VAL A 118 38.67 39.88 -25.58
C VAL A 118 39.56 39.26 -24.52
N ILE A 119 40.82 39.67 -24.51
CA ILE A 119 41.74 39.13 -23.52
C ILE A 119 42.39 40.31 -22.82
N GLY A 120 42.17 40.43 -21.51
CA GLY A 120 42.86 41.48 -20.78
C GLY A 120 44.19 41.02 -20.23
N LEU A 121 45.20 41.88 -20.31
CA LEU A 121 46.47 41.64 -19.62
C LEU A 121 46.53 42.08 -18.15
N THR A 122 46.15 43.32 -17.90
CA THR A 122 46.27 43.95 -16.58
C THR A 122 45.02 44.06 -15.70
N THR A 123 43.88 43.57 -16.15
CA THR A 123 42.66 43.76 -15.38
C THR A 123 42.47 42.62 -14.40
N ARG A 124 43.04 42.81 -13.22
CA ARG A 124 42.89 41.86 -12.12
C ARG A 124 41.68 42.22 -11.25
N MET A 125 41.09 43.39 -11.51
CA MET A 125 39.94 43.86 -10.76
C MET A 125 38.74 42.93 -10.95
N SER A 126 37.96 42.77 -9.88
CA SER A 126 36.79 41.89 -9.88
C SER A 126 35.49 42.55 -10.33
N ILE A 127 35.55 43.83 -10.69
CA ILE A 127 34.35 44.55 -11.10
C ILE A 127 33.72 43.92 -12.35
N TYR A 128 34.56 43.52 -13.30
CA TYR A 128 34.11 42.89 -14.53
C TYR A 128 33.83 41.41 -14.42
N SER A 129 33.86 40.90 -13.21
CA SER A 129 33.53 39.54 -12.92
C SER A 129 32.11 39.23 -13.29
N ASP A 130 31.23 40.25 -13.25
CA ASP A 130 29.83 40.00 -13.57
C ASP A 130 29.55 39.68 -15.01
N LYS A 131 29.89 38.47 -15.41
CA LYS A 131 29.66 37.96 -16.74
C LYS A 131 28.21 37.85 -17.19
N SER A 132 27.24 38.26 -16.37
CA SER A 132 25.89 38.27 -16.86
C SER A 132 25.71 39.45 -17.76
N ILE A 133 26.54 40.47 -17.54
CA ILE A 133 26.54 41.67 -18.36
C ILE A 133 27.90 41.83 -19.01
N HIS A 134 28.88 41.13 -18.45
CA HIS A 134 30.22 41.14 -18.99
C HIS A 134 30.48 39.80 -19.65
N LEU A 135 29.46 39.21 -20.23
CA LEU A 135 29.57 37.87 -20.81
C LEU A 135 30.75 37.71 -21.77
N SER A 136 30.98 38.71 -22.62
CA SER A 136 32.09 38.66 -23.57
C SER A 136 33.44 38.90 -22.91
N PHE A 137 33.46 39.36 -21.67
CA PHE A 137 34.72 39.66 -20.94
C PHE A 137 35.62 38.51 -20.45
N LEU A 138 36.94 38.71 -20.51
CA LEU A 138 37.92 37.70 -20.06
C LEU A 138 39.27 38.26 -19.58
N ARG A 139 39.99 37.49 -18.74
CA ARG A 139 41.30 37.90 -18.22
C ARG A 139 42.18 36.73 -17.71
N THR A 140 43.49 36.97 -17.58
CA THR A 140 44.42 35.94 -17.08
C THR A 140 44.65 35.98 -15.57
N VAL A 141 44.84 37.20 -15.04
CA VAL A 141 45.07 37.38 -13.61
C VAL A 141 43.81 37.15 -12.78
N PRO A 142 43.97 36.61 -11.58
CA PRO A 142 42.82 36.39 -10.71
C PRO A 142 42.37 37.69 -10.07
N PRO A 143 41.09 37.81 -9.74
CA PRO A 143 40.62 39.05 -9.14
C PRO A 143 41.05 39.17 -7.69
N TYR A 144 40.76 40.29 -7.06
CA TYR A 144 41.10 40.49 -5.66
C TYR A 144 40.33 39.53 -4.76
N SER A 145 39.13 39.14 -5.19
CA SER A 145 38.30 38.21 -4.45
C SER A 145 38.98 36.84 -4.28
N HIS A 146 39.62 36.39 -5.36
CA HIS A 146 40.27 35.09 -5.38
C HIS A 146 41.43 35.00 -4.40
N GLN A 147 41.88 36.16 -3.93
CA GLN A 147 42.93 36.22 -2.93
C GLN A 147 42.52 35.44 -1.68
N ALA A 148 41.21 35.35 -1.46
CA ALA A 148 40.68 34.62 -0.31
C ALA A 148 41.15 33.17 -0.29
N LEU A 149 41.49 32.63 -1.46
CA LEU A 149 41.98 31.27 -1.56
C LEU A 149 43.20 31.12 -0.64
N VAL A 150 44.04 32.15 -0.66
CA VAL A 150 45.21 32.21 0.21
C VAL A 150 44.83 32.24 1.68
N TRP A 151 43.89 33.13 2.00
CA TRP A 151 43.49 33.32 3.38
C TRP A 151 42.93 32.04 3.97
N PHE A 152 42.10 31.34 3.22
CA PHE A 152 41.59 30.07 3.71
C PHE A 152 42.74 29.11 3.93
N GLU A 153 43.67 29.08 2.99
CA GLU A 153 44.80 28.21 3.18
C GLU A 153 45.60 28.73 4.36
N MET A 154 45.73 30.05 4.44
CA MET A 154 46.45 30.58 5.56
C MET A 154 45.73 30.19 6.84
N MET A 155 44.40 30.36 6.83
CA MET A 155 43.62 30.08 8.02
C MET A 155 43.74 28.62 8.34
N ARG A 156 43.86 27.83 7.28
CA ARG A 156 43.92 26.40 7.41
C ARG A 156 45.15 25.95 8.20
N LEU A 157 46.28 26.56 7.89
CA LEU A 157 47.55 26.13 8.49
C LEU A 157 47.68 26.40 9.99
N PHE A 158 47.26 27.60 10.34
CA PHE A 158 47.37 28.17 11.66
C PHE A 158 46.22 27.74 12.54
N ASN A 159 45.21 27.13 11.91
CA ASN A 159 44.12 26.58 12.69
C ASN A 159 43.32 27.66 13.38
N TRP A 160 43.14 28.82 12.73
CA TRP A 160 42.22 29.71 13.37
C TRP A 160 41.00 29.59 12.51
N ASN A 161 39.92 29.14 13.14
CA ASN A 161 38.64 29.03 12.47
C ASN A 161 37.87 30.30 12.71
N HIS A 162 38.25 31.01 13.77
CA HIS A 162 37.58 32.24 14.12
C HIS A 162 38.33 33.47 13.64
N VAL A 163 37.66 34.27 12.82
CA VAL A 163 38.25 35.48 12.27
C VAL A 163 37.18 36.56 12.19
N ILE A 164 37.57 37.72 11.71
CA ILE A 164 36.63 38.79 11.44
C ILE A 164 36.94 39.32 10.06
N LEU A 165 35.90 39.70 9.33
CA LEU A 165 36.07 40.17 7.98
C LEU A 165 35.56 41.61 7.92
N ILE A 166 36.40 42.49 7.40
CA ILE A 166 36.04 43.89 7.20
C ILE A 166 36.08 44.18 5.72
N VAL A 167 34.95 44.56 5.15
CA VAL A 167 34.89 44.80 3.72
C VAL A 167 34.32 46.17 3.43
N SER A 168 34.78 46.78 2.35
CA SER A 168 34.07 47.97 1.87
C SER A 168 32.75 47.52 1.24
N ASP A 169 31.81 48.44 1.08
CA ASP A 169 30.52 48.08 0.50
C ASP A 169 30.50 48.43 -0.98
N ASP A 170 30.55 47.40 -1.82
CA ASP A 170 30.61 47.50 -3.27
C ASP A 170 30.67 46.09 -3.85
N HIS A 171 30.66 45.94 -5.17
CA HIS A 171 30.74 44.61 -5.76
C HIS A 171 32.03 43.92 -5.35
N GLU A 172 33.11 44.69 -5.21
CA GLU A 172 34.42 44.16 -4.82
C GLU A 172 34.43 43.48 -3.44
N GLY A 173 34.06 44.24 -2.41
CA GLY A 173 34.07 43.74 -1.06
C GLY A 173 33.09 42.59 -0.86
N ARG A 174 31.87 42.80 -1.32
CA ARG A 174 30.83 41.79 -1.19
C ARG A 174 31.21 40.51 -1.93
N ALA A 175 31.86 40.64 -3.09
CA ALA A 175 32.36 39.47 -3.80
C ALA A 175 33.41 38.75 -2.97
N ALA A 176 34.29 39.52 -2.32
CA ALA A 176 35.33 38.88 -1.53
C ALA A 176 34.68 38.07 -0.42
N GLN A 177 33.68 38.68 0.21
CA GLN A 177 32.95 38.04 1.30
C GLN A 177 32.28 36.76 0.83
N LYS A 178 31.63 36.84 -0.33
CA LYS A 178 30.95 35.68 -0.90
C LYS A 178 31.94 34.56 -1.16
N LYS A 179 33.12 34.90 -1.67
CA LYS A 179 34.10 33.88 -2.04
C LYS A 179 34.64 33.17 -0.82
N LEU A 180 35.03 33.96 0.19
CA LEU A 180 35.58 33.41 1.41
C LEU A 180 34.52 32.55 2.11
N GLU A 181 33.28 33.05 2.17
CA GLU A 181 32.19 32.36 2.84
C GLU A 181 31.88 31.06 2.13
N THR A 182 31.92 31.09 0.80
CA THR A 182 31.77 29.91 -0.04
C THR A 182 32.85 28.89 0.28
N LEU A 183 34.08 29.36 0.51
CA LEU A 183 35.19 28.50 0.91
C LEU A 183 34.86 27.84 2.24
N LEU A 184 34.24 28.61 3.12
CA LEU A 184 33.86 28.17 4.46
C LEU A 184 32.65 27.25 4.45
N GLU A 185 31.92 27.25 3.36
CA GLU A 185 30.63 26.58 3.25
C GLU A 185 30.91 25.08 3.22
N GLU A 186 31.97 24.67 2.53
CA GLU A 186 32.43 23.29 2.56
C GLU A 186 32.64 22.85 4.02
N LYS A 187 33.30 23.69 4.81
CA LYS A 187 33.38 23.49 6.25
C LYS A 187 32.05 23.89 6.85
N GLU A 188 31.87 23.75 8.16
CA GLU A 188 30.66 24.28 8.77
C GLU A 188 30.76 25.76 8.45
N SER A 189 29.67 26.38 8.03
CA SER A 189 29.77 27.74 7.53
C SER A 189 30.29 28.58 8.67
N LYS A 190 31.31 29.38 8.38
CA LYS A 190 31.84 30.22 9.41
C LYS A 190 31.66 31.68 9.08
N ALA A 191 30.59 32.27 9.59
CA ALA A 191 30.24 33.65 9.28
C ALA A 191 30.31 34.67 10.42
N ASP A 192 30.97 34.33 11.51
CA ASP A 192 31.03 35.23 12.65
C ASP A 192 31.71 36.57 12.37
N LYS A 193 31.10 37.63 12.90
CA LYS A 193 31.61 39.01 12.82
C LYS A 193 31.89 39.66 11.45
N VAL A 194 31.04 39.46 10.44
CA VAL A 194 31.30 40.12 9.18
C VAL A 194 30.99 41.58 9.39
N LEU A 195 31.78 42.45 8.81
CA LEU A 195 31.62 43.88 9.04
C LEU A 195 31.72 44.65 7.73
N GLN A 196 30.66 45.40 7.45
CA GLN A 196 30.53 46.14 6.21
C GLN A 196 30.58 47.63 6.53
N PHE A 197 31.41 48.36 5.79
CA PHE A 197 31.48 49.81 5.89
C PHE A 197 31.39 50.36 4.48
N GLU A 198 31.07 51.65 4.32
CA GLU A 198 30.77 52.12 2.99
C GLU A 198 31.97 53.02 2.66
N PRO A 199 32.39 53.07 1.39
CA PRO A 199 33.64 53.72 0.96
C PRO A 199 33.65 55.23 1.15
N GLY A 200 34.83 55.82 1.34
CA GLY A 200 34.94 57.27 1.34
C GLY A 200 34.67 57.87 2.71
N THR A 201 34.43 56.98 3.69
CA THR A 201 34.14 57.37 5.06
C THR A 201 35.40 57.46 5.91
N LYS A 202 35.61 58.73 6.28
CA LYS A 202 36.59 59.21 7.22
C LYS A 202 36.22 58.84 8.67
N ASN A 203 34.94 58.95 9.10
CA ASN A 203 34.75 58.56 10.48
C ASN A 203 34.39 57.08 10.48
N LEU A 204 35.28 56.25 11.00
CA LEU A 204 35.01 54.81 11.09
C LEU A 204 35.29 54.13 12.45
N THR A 205 35.69 54.92 13.44
CA THR A 205 36.03 54.36 14.76
C THR A 205 34.90 53.66 15.51
N ALA A 206 33.70 54.23 15.44
CA ALA A 206 32.54 53.70 16.14
C ALA A 206 32.34 52.20 15.95
N LEU A 207 32.55 51.72 14.73
CA LEU A 207 32.40 50.30 14.42
C LEU A 207 33.39 49.40 15.18
N LEU A 208 34.63 49.87 15.28
CA LEU A 208 35.70 49.12 15.94
C LEU A 208 35.40 48.94 17.42
N LEU A 209 34.79 49.95 18.03
CA LEU A 209 34.32 49.78 19.41
C LEU A 209 33.39 48.57 19.50
N GLU A 210 32.54 48.39 18.49
CA GLU A 210 31.73 47.18 18.40
C GLU A 210 32.59 45.94 18.19
N ALA A 211 33.66 46.08 17.40
CA ALA A 211 34.55 44.96 17.10
C ALA A 211 35.27 44.38 18.32
N LYS A 212 35.57 45.23 19.29
CA LYS A 212 36.29 44.80 20.49
C LYS A 212 35.50 43.73 21.25
N GLU A 213 34.19 43.87 21.27
CA GLU A 213 33.32 42.93 21.97
C GLU A 213 33.43 41.49 21.46
N LEU A 214 33.57 41.33 20.14
CA LEU A 214 33.65 40.00 19.55
C LEU A 214 34.87 39.20 20.05
N GLU A 215 34.65 37.91 20.29
CA GLU A 215 35.68 37.01 20.80
C GLU A 215 36.89 36.82 19.88
N ALA A 216 36.65 36.67 18.58
CA ALA A 216 37.72 36.32 17.65
C ALA A 216 38.77 37.42 17.64
N ARG A 217 40.05 37.05 17.56
CA ARG A 217 41.08 38.07 17.57
C ARG A 217 41.82 38.23 16.24
N VAL A 218 41.42 37.49 15.21
CA VAL A 218 42.10 37.59 13.92
C VAL A 218 41.21 38.36 12.98
N ILE A 219 41.82 39.23 12.19
CA ILE A 219 41.10 40.11 11.29
C ILE A 219 41.64 40.05 9.87
N ILE A 220 40.75 40.22 8.90
CA ILE A 220 41.08 40.21 7.50
C ILE A 220 40.28 41.35 6.90
N LEU A 221 40.83 42.09 5.95
CA LEU A 221 40.06 43.21 5.43
C LEU A 221 40.28 43.42 3.95
N SER A 222 39.25 43.90 3.27
CA SER A 222 39.50 44.34 1.91
C SER A 222 38.90 45.74 1.70
N ALA A 223 39.73 46.60 1.13
CA ALA A 223 39.33 47.97 0.86
C ALA A 223 40.28 48.61 -0.15
N SER A 224 39.92 49.80 -0.62
CA SER A 224 40.79 50.62 -1.44
C SER A 224 41.87 51.30 -0.59
N GLU A 225 42.90 51.81 -1.26
CA GLU A 225 44.01 52.45 -0.54
C GLU A 225 43.57 53.68 0.25
N ASP A 226 42.72 54.52 -0.34
CA ASP A 226 42.26 55.72 0.36
C ASP A 226 41.46 55.38 1.60
N ASP A 227 40.57 54.40 1.48
CA ASP A 227 39.74 53.96 2.59
C ASP A 227 40.58 53.32 3.68
N ALA A 228 41.57 52.55 3.24
CA ALA A 228 42.49 51.84 4.15
C ALA A 228 43.25 52.78 5.05
N THR A 229 43.60 53.94 4.51
CA THR A 229 44.22 54.97 5.35
C THR A 229 43.30 55.26 6.53
N ALA A 230 42.04 55.53 6.23
CA ALA A 230 41.04 55.83 7.25
C ALA A 230 40.84 54.65 8.19
N VAL A 231 40.90 53.44 7.64
CA VAL A 231 40.73 52.23 8.45
C VAL A 231 41.84 52.11 9.49
N TYR A 232 43.08 52.21 9.05
CA TYR A 232 44.21 52.09 9.96
C TYR A 232 44.26 53.27 10.92
N LYS A 233 43.88 54.44 10.43
CA LYS A 233 43.87 55.67 11.20
C LYS A 233 42.88 55.54 12.36
N SER A 234 41.70 55.03 12.06
CA SER A 234 40.67 54.77 13.07
C SER A 234 41.03 53.59 13.99
N ALA A 235 41.68 52.59 13.42
CA ALA A 235 42.01 51.38 14.16
C ALA A 235 43.10 51.64 15.19
N ALA A 236 44.06 52.49 14.83
CA ALA A 236 45.16 52.84 15.72
C ALA A 236 44.66 53.62 16.93
N MET A 237 43.62 54.42 16.73
CA MET A 237 43.02 55.19 17.82
C MET A 237 42.50 54.28 18.94
N LEU A 238 41.86 53.18 18.53
CA LEU A 238 41.33 52.20 19.48
C LEU A 238 42.33 51.11 19.84
N ASP A 239 43.57 51.25 19.38
CA ASP A 239 44.62 50.28 19.66
C ASP A 239 44.33 48.84 19.21
N MET A 240 43.70 48.72 18.04
CA MET A 240 43.35 47.43 17.45
C MET A 240 44.56 46.56 17.09
N THR A 241 45.62 47.22 16.63
CA THR A 241 46.85 46.58 16.15
C THR A 241 47.68 45.74 17.13
N GLY A 242 47.37 45.87 18.41
CA GLY A 242 48.12 45.23 19.47
C GLY A 242 48.16 43.72 19.41
N ALA A 243 49.18 43.16 20.03
CA ALA A 243 49.43 41.72 20.00
C ALA A 243 48.23 40.93 20.49
N GLY A 244 48.03 39.79 19.84
CA GLY A 244 46.88 38.94 20.08
C GLY A 244 45.88 39.23 18.98
N TYR A 245 46.24 40.18 18.10
CA TYR A 245 45.40 40.51 16.97
C TYR A 245 46.16 40.23 15.70
N VAL A 246 45.48 39.75 14.65
CA VAL A 246 46.22 39.47 13.44
C VAL A 246 45.51 40.18 12.33
N TRP A 247 46.28 40.57 11.33
CA TRP A 247 45.75 41.26 10.17
C TRP A 247 46.14 40.54 8.89
N LEU A 248 45.14 40.30 8.08
CA LEU A 248 45.33 39.72 6.76
C LEU A 248 44.70 40.67 5.77
N VAL A 249 45.35 40.85 4.62
CA VAL A 249 44.96 41.92 3.69
C VAL A 249 45.29 41.62 2.23
N GLY A 250 44.66 42.43 1.40
CA GLY A 250 44.77 42.46 -0.05
C GLY A 250 45.97 43.26 -0.53
N GLU A 251 46.31 43.07 -1.79
CA GLU A 251 47.48 43.70 -2.37
C GLU A 251 47.31 45.21 -2.31
N ARG A 252 46.11 45.69 -2.60
CA ARG A 252 45.85 47.12 -2.65
C ARG A 252 46.11 47.77 -1.27
N GLU A 253 45.76 47.05 -0.21
CA GLU A 253 45.88 47.60 1.13
C GLU A 253 47.32 47.91 1.52
N ILE A 254 48.25 47.03 1.16
CA ILE A 254 49.62 47.29 1.55
C ILE A 254 50.21 48.44 0.75
N SER A 255 49.71 48.67 -0.46
CA SER A 255 50.25 49.69 -1.36
C SER A 255 49.75 51.13 -1.18
N GLY A 256 50.56 52.08 -1.63
CA GLY A 256 50.17 53.48 -1.66
C GLY A 256 50.23 54.17 -0.32
N SER A 257 49.37 55.17 -0.16
CA SER A 257 49.29 55.97 1.04
C SER A 257 48.98 55.03 2.22
N ALA A 258 48.47 53.85 1.97
CA ALA A 258 48.09 53.01 3.10
C ALA A 258 49.26 52.77 4.06
N LEU A 259 50.46 52.62 3.52
CA LEU A 259 51.67 52.39 4.32
C LEU A 259 52.17 53.46 5.32
N ARG A 260 52.08 54.75 4.95
CA ARG A 260 52.63 55.83 5.80
C ARG A 260 52.12 56.09 7.23
N TYR A 261 50.81 55.90 7.42
CA TYR A 261 50.22 55.96 8.76
C TYR A 261 49.93 54.54 9.30
N ALA A 262 50.38 53.51 8.58
CA ALA A 262 50.17 52.09 8.88
C ALA A 262 50.91 51.40 10.05
N PRO A 263 50.29 50.33 10.55
CA PRO A 263 50.78 49.48 11.66
C PRO A 263 51.80 48.40 11.26
N ASP A 264 52.41 47.76 12.26
CA ASP A 264 53.43 46.72 12.05
C ASP A 264 52.95 45.28 12.35
N GLY A 265 53.62 44.30 11.73
CA GLY A 265 53.30 42.89 11.85
C GLY A 265 51.99 42.43 11.24
N ILE A 266 51.65 42.98 10.07
CA ILE A 266 50.42 42.60 9.39
C ILE A 266 50.71 41.85 8.09
N ILE A 267 50.09 40.69 7.93
CA ILE A 267 50.27 39.87 6.74
C ILE A 267 49.74 40.57 5.50
N GLY A 268 50.41 40.40 4.36
CA GLY A 268 49.99 41.05 3.14
C GLY A 268 50.26 40.21 1.90
N LEU A 269 49.62 40.58 0.79
CA LEU A 269 49.70 39.79 -0.44
C LEU A 269 50.14 40.64 -1.62
N GLN A 270 50.96 40.10 -2.51
CA GLN A 270 51.23 40.73 -3.80
C GLN A 270 51.18 39.73 -4.95
N LEU A 271 50.32 40.00 -5.94
CA LEU A 271 50.19 39.11 -7.09
C LEU A 271 51.51 39.08 -7.88
N ILE A 272 51.87 37.92 -8.39
CA ILE A 272 53.11 37.79 -9.15
C ILE A 272 52.96 38.26 -10.58
N ASN A 273 53.91 39.09 -11.04
CA ASN A 273 53.90 39.57 -12.42
C ASN A 273 52.95 40.73 -12.71
N GLY A 274 52.42 41.33 -11.65
CA GLY A 274 51.50 42.45 -11.82
C GLY A 274 52.17 43.64 -12.49
N LYS A 275 53.42 43.88 -12.12
CA LYS A 275 54.19 45.01 -12.66
C LYS A 275 54.45 45.00 -14.16
N ASN A 276 54.67 43.83 -14.74
CA ASN A 276 54.93 43.78 -16.17
C ASN A 276 53.74 43.40 -17.04
N GLU A 277 53.35 44.36 -17.87
CA GLU A 277 52.30 44.22 -18.88
C GLU A 277 52.73 43.52 -20.17
N SER A 278 53.92 43.88 -20.69
CA SER A 278 54.40 43.28 -21.93
C SER A 278 54.62 41.78 -21.77
N ALA A 279 55.19 41.42 -20.62
CA ALA A 279 55.44 40.03 -20.29
C ALA A 279 54.11 39.32 -20.22
N HIS A 280 53.12 39.94 -19.56
CA HIS A 280 51.80 39.31 -19.46
C HIS A 280 51.19 39.09 -20.86
N ILE A 281 51.35 40.08 -21.73
CA ILE A 281 50.87 40.06 -23.11
C ILE A 281 51.48 39.00 -24.02
N SER A 282 52.78 38.69 -23.91
CA SER A 282 53.36 37.71 -24.86
C SER A 282 52.70 36.31 -24.76
N ASP A 283 52.47 35.93 -23.53
CA ASP A 283 51.84 34.72 -23.00
C ASP A 283 50.37 34.55 -23.41
N ALA A 284 49.61 35.64 -23.33
CA ALA A 284 48.20 35.60 -23.69
C ALA A 284 48.01 35.31 -25.17
N VAL A 285 48.87 35.91 -25.97
CA VAL A 285 48.88 35.77 -27.42
C VAL A 285 49.28 34.36 -27.81
N ALA A 286 50.26 33.79 -27.09
CA ALA A 286 50.65 32.42 -27.38
C ALA A 286 49.46 31.52 -27.06
N VAL A 287 48.82 31.79 -25.93
CA VAL A 287 47.66 31.02 -25.49
C VAL A 287 46.46 31.19 -26.43
N VAL A 288 46.22 32.43 -26.85
CA VAL A 288 45.12 32.73 -27.76
C VAL A 288 45.38 32.01 -29.07
N ALA A 289 46.66 31.96 -29.44
CA ALA A 289 47.08 31.36 -30.71
C ALA A 289 46.63 29.92 -30.75
N GLN A 290 46.74 29.23 -29.61
CA GLN A 290 46.28 27.84 -29.52
C GLN A 290 44.77 27.80 -29.74
N ALA A 291 44.07 28.76 -29.15
CA ALA A 291 42.62 28.88 -29.27
C ALA A 291 42.17 29.13 -30.70
N ILE A 292 42.88 29.99 -31.44
CA ILE A 292 42.47 30.27 -32.81
C ILE A 292 42.96 29.25 -33.84
N HIS A 293 44.22 28.84 -33.72
CA HIS A 293 44.79 27.89 -34.67
C HIS A 293 44.08 26.55 -34.60
N GLU A 294 43.82 26.09 -33.37
CA GLU A 294 43.11 24.85 -33.15
C GLU A 294 41.69 25.02 -33.66
N LEU A 295 41.16 26.20 -33.42
CA LEU A 295 39.81 26.62 -33.82
C LEU A 295 39.62 26.66 -35.34
N PHE A 296 40.67 27.07 -36.04
CA PHE A 296 40.65 27.22 -37.49
C PHE A 296 40.34 25.91 -38.22
N GLU A 297 40.85 24.80 -37.69
CA GLU A 297 40.62 23.48 -38.29
C GLU A 297 39.13 23.13 -38.34
N MET A 298 38.38 23.49 -37.30
CA MET A 298 36.96 23.18 -37.26
C MET A 298 36.20 23.84 -38.40
N GLU A 299 35.27 23.09 -39.00
CA GLU A 299 34.47 23.55 -40.13
C GLU A 299 33.36 24.56 -39.84
N GLN A 300 33.00 25.30 -40.89
CA GLN A 300 31.93 26.31 -40.89
C GLN A 300 32.09 27.51 -39.94
N ILE A 301 33.32 27.93 -39.68
CA ILE A 301 33.55 29.08 -38.83
C ILE A 301 33.17 30.36 -39.57
N THR A 302 32.59 31.33 -38.85
CA THR A 302 32.21 32.59 -39.47
C THR A 302 33.10 33.71 -38.97
N ASP A 303 33.50 34.60 -39.88
CA ASP A 303 34.29 35.77 -39.53
C ASP A 303 33.47 36.69 -38.63
N PRO A 304 34.14 37.45 -37.77
CA PRO A 304 33.44 38.36 -36.87
C PRO A 304 32.69 39.38 -37.71
N PRO A 305 31.58 39.91 -37.22
CA PRO A 305 30.78 40.81 -38.07
C PRO A 305 31.59 41.95 -38.65
N ARG A 306 31.52 42.09 -39.97
CA ARG A 306 32.31 43.11 -40.65
C ARG A 306 31.55 44.41 -40.83
N GLY A 307 32.03 45.43 -40.12
CA GLY A 307 31.43 46.74 -40.17
C GLY A 307 30.45 46.87 -39.02
N CYS A 308 30.57 47.95 -38.26
CA CYS A 308 29.65 48.19 -37.15
C CYS A 308 28.23 48.38 -37.66
N VAL A 309 28.11 49.11 -38.76
CA VAL A 309 26.82 49.39 -39.38
C VAL A 309 26.22 48.17 -40.06
N GLY A 310 24.89 48.08 -40.05
CA GLY A 310 24.19 46.97 -40.67
C GLY A 310 24.15 45.72 -39.82
N ASN A 311 24.59 45.84 -38.57
CA ASN A 311 24.61 44.70 -37.65
C ASN A 311 23.85 44.83 -36.32
N THR A 312 23.06 43.80 -36.02
CA THR A 312 22.30 43.66 -34.79
C THR A 312 22.45 42.26 -34.23
N ASN A 313 23.19 41.42 -34.95
CA ASN A 313 23.27 40.01 -34.65
C ASN A 313 24.59 39.63 -34.00
N ILE A 314 24.56 38.62 -33.15
CA ILE A 314 25.76 38.12 -32.50
C ILE A 314 26.63 37.38 -33.50
N TRP A 315 27.73 36.84 -32.99
CA TRP A 315 28.63 35.99 -33.75
C TRP A 315 28.36 34.63 -33.13
N LYS A 316 27.93 33.67 -33.94
CA LYS A 316 27.60 32.33 -33.44
C LYS A 316 28.76 31.57 -32.82
N THR A 317 29.93 31.67 -33.43
CA THR A 317 31.12 30.97 -32.98
C THR A 317 31.67 31.33 -31.59
N GLY A 318 31.64 32.61 -31.23
CA GLY A 318 32.23 33.04 -29.98
C GLY A 318 32.08 32.11 -28.78
N PRO A 319 30.86 31.63 -28.51
CA PRO A 319 30.70 30.65 -27.44
C PRO A 319 31.50 29.37 -27.69
N LEU A 320 31.57 28.92 -28.95
CA LEU A 320 32.38 27.76 -29.28
C LEU A 320 33.86 28.01 -29.01
N PHE A 321 34.33 29.18 -29.43
CA PHE A 321 35.70 29.60 -29.17
C PHE A 321 35.97 29.57 -27.67
N LYS A 322 34.98 30.02 -26.90
CA LYS A 322 35.06 29.95 -25.44
C LYS A 322 35.16 28.49 -24.96
N ARG A 323 34.36 27.60 -25.57
CA ARG A 323 34.31 26.21 -25.15
C ARG A 323 35.64 25.49 -25.37
N VAL A 324 36.20 25.64 -26.56
CA VAL A 324 37.51 25.04 -26.82
C VAL A 324 38.56 25.68 -25.94
N LEU A 325 38.50 27.00 -25.81
CA LEU A 325 39.51 27.73 -25.07
C LEU A 325 39.53 27.35 -23.59
N MET A 326 38.42 26.83 -23.08
CA MET A 326 38.41 26.38 -21.70
C MET A 326 39.50 25.30 -21.56
N SER A 327 39.62 24.46 -22.58
CA SER A 327 40.59 23.36 -22.57
C SER A 327 41.90 23.65 -23.30
N SER A 328 42.07 24.87 -23.79
CA SER A 328 43.33 25.18 -24.47
C SER A 328 44.40 25.02 -23.41
N LYS A 329 45.49 24.35 -23.75
CA LYS A 329 46.54 24.17 -22.75
C LYS A 329 47.89 24.78 -23.12
N TYR A 330 48.31 25.74 -22.31
CA TYR A 330 49.59 26.41 -22.46
C TYR A 330 50.12 26.59 -21.05
N PRO A 331 50.46 25.49 -20.38
CA PRO A 331 50.94 25.62 -19.00
C PRO A 331 52.30 26.29 -19.00
N ASP A 332 53.17 25.90 -19.92
CA ASP A 332 54.46 26.56 -20.05
C ASP A 332 54.10 27.95 -20.53
N GLY A 333 54.71 28.95 -19.92
CA GLY A 333 54.43 30.34 -20.27
C GLY A 333 55.30 31.33 -19.54
N VAL A 334 55.38 32.55 -20.06
CA VAL A 334 56.19 33.60 -19.45
C VAL A 334 55.62 33.99 -18.07
N THR A 335 54.30 34.12 -18.00
CA THR A 335 53.61 34.40 -16.75
C THR A 335 53.49 33.24 -15.73
N GLY A 336 53.66 32.00 -16.19
CA GLY A 336 53.42 30.84 -15.33
C GLY A 336 52.42 29.88 -15.93
N ARG A 337 51.95 28.91 -15.15
CA ARG A 337 51.01 27.95 -15.71
C ARG A 337 49.70 28.65 -16.07
N ILE A 338 49.08 28.19 -17.16
CA ILE A 338 47.85 28.78 -17.65
C ILE A 338 46.71 27.77 -17.79
N GLU A 339 45.64 27.96 -17.04
CA GLU A 339 44.45 27.15 -17.24
C GLU A 339 43.34 28.03 -16.74
N PHE A 340 42.15 27.81 -17.28
CA PHE A 340 40.96 28.56 -16.92
C PHE A 340 39.81 27.64 -16.53
N ASN A 341 39.07 28.03 -15.50
CA ASN A 341 37.94 27.27 -14.98
C ASN A 341 36.65 27.60 -15.73
N GLU A 342 35.53 27.10 -15.22
CA GLU A 342 34.21 27.34 -15.83
C GLU A 342 33.89 28.84 -15.83
N ASP A 343 34.24 29.52 -14.75
CA ASP A 343 34.06 30.96 -14.61
C ASP A 343 34.92 31.72 -15.63
N GLY A 344 36.12 31.18 -15.91
CA GLY A 344 37.05 31.77 -16.84
C GLY A 344 38.19 32.51 -16.17
N ASP A 345 38.09 32.68 -14.86
CA ASP A 345 39.16 33.34 -14.12
C ASP A 345 40.37 32.41 -14.10
N ARG A 346 41.56 32.97 -14.25
CA ARG A 346 42.78 32.19 -14.24
C ARG A 346 42.81 31.26 -13.03
N LYS A 347 43.65 30.23 -13.09
CA LYS A 347 43.78 29.26 -12.02
C LYS A 347 45.22 29.09 -11.55
N PHE A 348 45.37 28.63 -10.31
CA PHE A 348 46.66 28.40 -9.67
C PHE A 348 47.56 29.64 -9.63
N ALA A 349 46.96 30.79 -9.34
CA ALA A 349 47.69 32.05 -9.26
C ALA A 349 48.65 32.02 -8.07
N GLN A 350 49.80 32.66 -8.23
CA GLN A 350 50.80 32.69 -7.17
C GLN A 350 51.00 34.08 -6.57
N TYR A 351 50.95 34.16 -5.24
CA TYR A 351 51.12 35.42 -4.51
C TYR A 351 52.36 35.35 -3.62
N SER A 352 52.91 36.52 -3.30
CA SER A 352 54.05 36.63 -2.42
C SER A 352 53.59 37.30 -1.13
N ILE A 353 53.68 36.58 -0.02
CA ILE A 353 53.27 37.11 1.27
C ILE A 353 54.29 38.17 1.69
N MET A 354 53.81 39.21 2.36
CA MET A 354 54.61 40.36 2.70
C MET A 354 54.44 40.71 4.17
N ASN A 355 55.51 41.19 4.78
CA ASN A 355 55.46 41.56 6.19
C ASN A 355 55.94 42.99 6.34
N LEU A 356 55.54 43.62 7.43
CA LEU A 356 55.74 45.05 7.66
C LEU A 356 56.99 45.37 8.47
N GLN A 357 57.87 44.38 8.64
CA GLN A 357 59.00 44.49 9.57
C GLN A 357 59.76 45.80 9.45
N ASN A 358 59.99 46.42 10.61
CA ASN A 358 60.66 47.72 10.71
C ASN A 358 60.02 48.76 9.80
N ARG A 359 58.70 48.73 9.73
CA ARG A 359 57.90 49.60 8.88
C ARG A 359 58.34 49.57 7.41
N LYS A 360 58.73 48.39 6.95
CA LYS A 360 59.12 48.19 5.55
C LYS A 360 58.62 46.84 5.06
N LEU A 361 58.37 46.73 3.76
CA LEU A 361 57.85 45.49 3.18
C LEU A 361 58.96 44.46 2.98
N VAL A 362 58.71 43.24 3.46
CA VAL A 362 59.67 42.13 3.33
C VAL A 362 58.91 40.85 3.00
N GLN A 363 59.57 39.94 2.29
CA GLN A 363 58.91 38.70 1.93
C GLN A 363 59.22 37.64 2.97
N VAL A 364 58.22 37.33 3.77
CA VAL A 364 58.35 36.33 4.82
C VAL A 364 58.25 34.94 4.20
N GLY A 365 57.49 34.87 3.11
CA GLY A 365 57.26 33.63 2.41
C GLY A 365 56.68 33.96 1.05
N ILE A 366 56.49 32.93 0.21
CA ILE A 366 55.83 33.12 -1.07
C ILE A 366 54.83 31.98 -1.31
N PHE A 367 53.68 32.33 -1.88
CA PHE A 367 52.61 31.36 -2.06
C PHE A 367 52.43 31.01 -3.53
N ASP A 368 52.59 29.73 -3.88
CA ASP A 368 52.36 29.30 -5.25
C ASP A 368 51.59 27.99 -5.27
N GLY A 369 50.65 27.88 -6.19
CA GLY A 369 49.79 26.70 -6.26
C GLY A 369 48.84 26.67 -5.08
N SER A 370 48.37 25.48 -4.71
CA SER A 370 47.45 25.34 -3.58
C SER A 370 48.16 25.34 -2.22
N TYR A 371 49.49 25.24 -2.24
CA TYR A 371 50.27 25.16 -1.01
C TYR A 371 51.16 26.39 -0.79
N ILE A 372 51.13 26.92 0.43
CA ILE A 372 52.01 28.02 0.82
C ILE A 372 53.47 27.56 0.88
N ILE A 373 54.40 28.49 0.66
CA ILE A 373 55.82 28.20 0.85
C ILE A 373 56.44 29.22 1.80
N GLN A 374 57.24 28.72 2.74
CA GLN A 374 57.83 29.56 3.76
C GLN A 374 59.25 29.97 3.40
N ASN A 375 59.45 31.27 3.20
CA ASN A 375 60.79 31.79 2.94
C ASN A 375 61.58 31.80 4.24
N ASP A 376 62.90 31.89 4.11
CA ASP A 376 63.77 31.74 5.27
C ASP A 376 63.56 32.85 6.30
N ARG A 377 62.86 33.92 5.91
CA ARG A 377 62.78 35.09 6.79
C ARG A 377 61.94 34.76 8.03
N LYS A 378 62.30 35.38 9.15
CA LYS A 378 61.66 35.16 10.45
C LYS A 378 60.22 35.68 10.47
N ILE A 379 59.32 34.99 11.14
CA ILE A 379 57.94 35.51 11.16
C ILE A 379 57.87 36.71 12.08
N ILE A 380 57.08 37.70 11.67
CA ILE A 380 56.70 38.86 12.46
C ILE A 380 55.19 38.91 12.69
N TRP A 381 54.83 39.34 13.91
CA TRP A 381 53.45 39.45 14.36
C TRP A 381 53.28 40.72 15.21
N PRO A 382 52.05 41.04 15.57
CA PRO A 382 51.86 42.18 16.47
C PRO A 382 52.46 41.76 17.81
N GLY A 383 53.25 42.62 18.44
CA GLY A 383 53.87 42.33 19.72
C GLY A 383 55.24 41.64 19.68
N GLY A 384 55.68 41.24 18.50
CA GLY A 384 56.99 40.62 18.34
C GLY A 384 57.25 39.16 18.67
N GLU A 385 56.21 38.42 19.02
CA GLU A 385 56.36 37.00 19.31
C GLU A 385 56.72 36.28 18.03
N THR A 386 57.59 35.28 18.11
CA THR A 386 57.99 34.55 16.92
C THR A 386 56.78 33.84 16.31
N GLU A 387 55.97 33.23 17.18
CA GLU A 387 54.76 32.54 16.75
C GLU A 387 53.57 33.03 17.57
N ARG A 388 52.47 33.37 16.90
CA ARG A 388 51.29 33.83 17.62
C ARG A 388 50.00 33.15 17.15
N PRO A 389 49.93 31.84 17.35
CA PRO A 389 48.79 31.00 16.93
C PRO A 389 47.43 31.23 17.62
N GLN A 390 47.40 31.42 18.93
CA GLN A 390 46.13 31.55 19.64
C GLN A 390 45.29 32.80 19.35
N GLY A 391 44.09 32.52 18.83
CA GLY A 391 43.13 33.55 18.47
C GLY A 391 41.88 33.49 19.32
N TYR A 392 41.92 32.79 20.45
CA TYR A 392 40.73 32.69 21.27
C TYR A 392 40.93 33.05 22.73
N GLN A 393 41.15 34.34 22.99
CA GLN A 393 41.29 34.86 24.34
C GLN A 393 39.97 34.71 25.09
N MET A 394 38.88 34.98 24.35
CA MET A 394 37.47 34.91 24.78
C MET A 394 37.06 36.03 25.72
N SER A 395 35.87 35.92 26.29
CA SER A 395 35.37 36.93 27.21
C SER A 395 35.08 36.35 28.58
N THR A 396 35.62 36.99 29.60
CA THR A 396 35.41 36.55 30.98
C THR A 396 33.94 36.67 31.34
N ARG A 397 33.31 37.75 30.87
CA ARG A 397 31.91 38.01 31.15
C ARG A 397 31.14 37.94 29.85
N LEU A 398 30.10 37.10 29.83
CA LEU A 398 29.26 36.96 28.65
C LEU A 398 27.87 37.45 28.99
N LYS A 399 27.36 38.35 28.17
CA LYS A 399 26.03 38.90 28.42
C LYS A 399 24.98 37.81 28.29
N ILE A 400 24.03 37.81 29.22
CA ILE A 400 22.94 36.84 29.19
C ILE A 400 21.63 37.57 28.95
N VAL A 401 20.73 36.92 28.23
CA VAL A 401 19.46 37.52 27.89
C VAL A 401 18.35 36.58 28.33
N THR A 402 17.19 37.14 28.65
CA THR A 402 16.06 36.31 29.00
C THR A 402 14.75 36.98 28.59
N ILE A 403 13.65 36.32 28.91
CA ILE A 403 12.32 36.83 28.60
C ILE A 403 11.50 36.71 29.86
N HIS A 404 10.36 37.39 29.91
CA HIS A 404 9.58 37.32 31.13
C HIS A 404 8.65 36.13 31.00
N GLN A 405 9.03 35.04 31.66
CA GLN A 405 8.24 33.83 31.76
C GLN A 405 8.12 33.49 33.23
N GLU A 406 6.89 33.38 33.71
CA GLU A 406 6.65 33.35 35.15
C GLU A 406 7.31 32.19 35.93
N PRO A 407 7.22 30.94 35.45
CA PRO A 407 7.78 29.88 36.31
C PRO A 407 9.30 29.93 36.47
N PHE A 408 10.02 30.15 35.37
CA PHE A 408 11.48 30.06 35.41
C PHE A 408 12.16 31.41 35.60
N VAL A 409 11.39 32.49 35.51
CA VAL A 409 11.92 33.85 35.72
C VAL A 409 10.92 34.74 36.45
N TYR A 410 11.38 35.51 37.42
CA TYR A 410 10.54 36.51 38.06
C TYR A 410 11.17 37.89 38.05
N VAL A 411 10.33 38.90 37.87
CA VAL A 411 10.76 40.30 37.76
C VAL A 411 10.15 41.19 38.84
N ARG A 412 11.04 41.74 39.63
CA ARG A 412 10.62 42.64 40.65
C ARG A 412 11.51 43.85 40.55
N PRO A 413 10.90 44.98 40.84
CA PRO A 413 11.63 46.25 40.86
C PRO A 413 12.54 46.23 42.07
N THR A 414 13.74 46.69 41.77
CA THR A 414 14.82 46.81 42.70
C THR A 414 14.49 47.96 43.60
N THR A 415 14.77 47.82 44.89
CA THR A 415 14.52 48.92 45.80
C THR A 415 15.78 49.78 45.83
N SER A 416 15.99 50.57 44.77
CA SER A 416 17.16 51.44 44.66
C SER A 416 18.44 50.64 44.86
N ASP A 417 19.29 51.11 45.76
CA ASP A 417 20.55 50.47 46.05
C ASP A 417 20.33 49.06 46.57
N GLY A 418 19.34 48.87 47.43
CA GLY A 418 19.03 47.54 47.94
C GLY A 418 18.07 46.89 46.97
N THR A 419 18.58 46.45 45.83
CA THR A 419 17.73 45.94 44.78
C THR A 419 16.92 44.75 45.20
N CYS A 420 17.51 43.79 45.86
CA CYS A 420 16.59 42.70 46.19
C CYS A 420 16.12 42.48 47.59
N ARG A 421 15.23 41.50 47.70
CA ARG A 421 14.60 41.15 48.96
C ARG A 421 15.20 39.86 49.44
N GLU A 422 15.58 39.87 50.71
CA GLU A 422 16.23 38.74 51.33
C GLU A 422 15.24 37.78 51.99
N GLU A 423 13.95 38.00 51.79
CA GLU A 423 12.94 37.16 52.39
C GLU A 423 13.20 35.73 51.94
N TYR A 424 13.19 34.84 52.92
CA TYR A 424 13.44 33.43 52.67
C TYR A 424 12.29 32.82 51.93
N THR A 425 12.58 31.75 51.22
CA THR A 425 11.57 31.04 50.43
C THR A 425 10.55 30.32 51.32
N ILE A 426 9.38 30.02 50.77
CA ILE A 426 8.31 29.37 51.55
C ILE A 426 8.83 28.05 52.10
N ASN A 427 9.48 27.26 51.25
CA ASN A 427 10.13 26.07 51.78
C ASN A 427 11.38 26.84 52.19
N GLY A 428 11.64 26.94 53.50
CA GLY A 428 12.70 27.83 53.92
C GLY A 428 14.08 27.61 53.39
N ASP A 429 14.50 28.64 52.67
CA ASP A 429 15.80 28.77 52.07
C ASP A 429 15.97 30.21 51.60
N PRO A 430 17.21 30.60 51.40
CA PRO A 430 17.50 31.93 50.90
C PRO A 430 17.01 32.02 49.47
N ILE A 431 16.48 33.17 49.06
CA ILE A 431 16.06 33.31 47.69
C ILE A 431 17.16 34.10 46.99
N LYS A 432 17.84 33.47 46.02
CA LYS A 432 18.92 34.15 45.32
C LYS A 432 18.32 35.08 44.27
N LYS A 433 19.07 36.10 43.88
CA LYS A 433 18.58 37.07 42.90
C LYS A 433 19.72 37.77 42.16
N VAL A 434 19.44 38.30 40.97
CA VAL A 434 20.44 39.02 40.19
C VAL A 434 19.84 40.20 39.43
N ILE A 435 20.66 41.17 39.03
CA ILE A 435 20.14 42.35 38.32
C ILE A 435 20.05 42.13 36.80
N CYS A 436 18.94 42.59 36.21
CA CYS A 436 18.65 42.43 34.80
C CYS A 436 18.04 43.70 34.19
N ASN A 437 18.60 44.15 33.06
CA ASN A 437 18.05 45.31 32.37
C ASN A 437 17.09 44.88 31.25
N GLY A 438 15.84 45.32 31.34
CA GLY A 438 14.85 44.84 30.40
C GLY A 438 13.72 45.80 30.12
N PRO A 439 12.90 45.57 29.12
CA PRO A 439 11.92 46.62 28.83
C PRO A 439 11.07 46.90 30.04
N ASP A 440 10.85 48.19 30.31
CA ASP A 440 9.95 48.57 31.38
C ASP A 440 8.60 48.56 30.69
N GLU A 441 8.20 47.34 30.34
CA GLU A 441 6.94 47.02 29.67
C GLU A 441 5.72 47.35 30.51
N THR A 442 5.86 47.24 31.82
CA THR A 442 4.78 47.56 32.74
C THR A 442 4.43 49.03 32.55
N ILE A 443 5.45 49.88 32.46
CA ILE A 443 5.23 51.29 32.18
C ILE A 443 4.65 51.30 30.77
N PRO A 444 3.66 52.15 30.53
CA PRO A 444 2.99 52.18 29.23
C PRO A 444 4.00 52.49 28.13
N GLY A 445 4.87 53.47 28.37
CA GLY A 445 5.95 53.73 27.45
C GLY A 445 7.00 52.73 27.92
N ARG A 446 7.58 51.95 27.01
CA ARG A 446 8.58 50.98 27.44
C ARG A 446 9.98 51.35 27.00
N PRO A 447 10.86 51.46 27.98
CA PRO A 447 12.27 51.79 27.76
C PRO A 447 13.09 50.91 28.66
N THR A 448 14.34 50.71 28.29
CA THR A 448 15.17 49.85 29.09
C THR A 448 15.02 50.22 30.55
N VAL A 449 15.04 49.23 31.42
CA VAL A 449 14.98 49.54 32.84
C VAL A 449 15.81 48.57 33.68
N PRO A 450 16.60 49.11 34.61
CA PRO A 450 17.26 48.25 35.59
C PRO A 450 16.24 47.56 36.49
N GLN A 451 16.37 46.26 36.66
CA GLN A 451 15.39 45.46 37.37
C GLN A 451 16.09 44.35 38.15
N CYS A 452 15.38 43.76 39.10
CA CYS A 452 15.84 42.57 39.78
C CYS A 452 15.08 41.35 39.24
N CYS A 453 15.81 40.31 38.87
CA CYS A 453 15.22 39.08 38.37
C CYS A 453 15.77 37.88 39.13
N TYR A 454 14.87 37.01 39.56
CA TYR A 454 15.28 35.78 40.23
C TYR A 454 14.56 34.57 39.64
N GLY A 455 15.30 33.48 39.42
CA GLY A 455 14.72 32.33 38.78
C GLY A 455 15.43 30.99 38.90
N PHE A 456 14.71 29.95 38.50
CA PHE A 456 15.25 28.59 38.34
C PHE A 456 16.45 28.63 37.40
N CYS A 457 16.27 29.29 36.27
CA CYS A 457 17.33 29.45 35.30
C CYS A 457 18.50 30.26 35.86
N VAL A 458 18.19 31.19 36.76
CA VAL A 458 19.23 31.98 37.42
C VAL A 458 20.06 31.14 38.38
N ASP A 459 19.37 30.35 39.20
CA ASP A 459 20.04 29.44 40.12
C ASP A 459 20.91 28.46 39.34
N LEU A 460 20.39 28.00 38.21
CA LEU A 460 21.13 27.13 37.31
C LEU A 460 22.36 27.82 36.76
N LEU A 461 22.18 29.09 36.39
CA LEU A 461 23.24 29.89 35.78
C LEU A 461 24.38 30.12 36.75
N ILE A 462 24.04 30.47 37.99
CA ILE A 462 25.02 30.67 39.05
C ILE A 462 25.65 29.34 39.47
N LYS A 463 24.88 28.26 39.40
CA LYS A 463 25.40 26.92 39.67
C LYS A 463 26.51 26.62 38.68
N LEU A 464 26.24 26.96 37.43
CA LEU A 464 27.23 26.85 36.38
C LEU A 464 28.40 27.77 36.69
N ALA A 465 28.11 29.00 37.13
CA ALA A 465 29.10 30.04 37.37
C ALA A 465 30.10 29.66 38.46
N ARG A 466 29.63 28.91 39.45
CA ARG A 466 30.50 28.33 40.45
C ARG A 466 31.27 27.17 39.80
N GLU A 467 30.53 26.30 39.13
CA GLU A 467 31.11 25.18 38.41
C GLU A 467 31.95 25.72 37.26
N MET A 468 31.45 26.78 36.64
CA MET A 468 32.09 27.42 35.50
C MET A 468 32.79 28.72 35.88
N ASP A 469 33.98 28.91 35.33
CA ASP A 469 34.81 30.08 35.58
C ASP A 469 34.16 31.39 35.14
N PHE A 470 33.41 31.34 34.04
CA PHE A 470 32.78 32.55 33.49
C PHE A 470 31.85 33.29 34.44
N THR A 471 31.97 34.61 34.40
CA THR A 471 31.21 35.56 35.21
C THR A 471 30.04 36.06 34.37
N TYR A 472 28.93 36.43 35.03
CA TYR A 472 27.70 36.73 34.30
C TYR A 472 27.10 38.10 34.57
N GLU A 473 26.67 38.75 33.50
CA GLU A 473 25.83 39.94 33.59
C GLU A 473 24.62 39.74 32.70
N VAL A 474 23.42 39.94 33.25
CA VAL A 474 22.20 39.58 32.56
C VAL A 474 21.31 40.80 32.29
N HIS A 475 20.81 40.90 31.06
CA HIS A 475 19.76 41.87 30.77
C HIS A 475 18.68 41.21 29.92
N LEU A 476 17.42 41.47 30.27
CA LEU A 476 16.30 40.90 29.52
C LEU A 476 16.21 41.54 28.15
N VAL A 477 15.83 40.74 27.16
CA VAL A 477 15.70 41.21 25.78
C VAL A 477 14.56 42.21 25.60
N ALA A 478 14.81 43.23 24.78
CA ALA A 478 13.81 44.25 24.50
C ALA A 478 12.59 43.68 23.80
N ASP A 479 12.82 42.76 22.87
CA ASP A 479 11.74 42.15 22.11
C ASP A 479 10.78 41.34 22.99
N GLY A 480 9.48 41.52 22.79
CA GLY A 480 8.48 40.85 23.60
C GLY A 480 8.53 39.33 23.49
N LYS A 481 8.72 38.86 22.26
CA LYS A 481 8.81 37.44 21.99
C LYS A 481 10.27 37.02 21.84
N PHE A 482 10.53 35.72 21.98
CA PHE A 482 11.88 35.21 21.83
C PHE A 482 12.25 35.56 20.40
N GLY A 483 11.25 35.44 19.52
CA GLY A 483 11.40 35.78 18.12
C GLY A 483 11.52 34.62 17.16
N THR A 484 11.08 34.85 15.93
CA THR A 484 11.14 33.82 14.88
C THR A 484 11.57 34.45 13.58
N GLN A 485 12.23 33.66 12.73
CA GLN A 485 12.68 34.21 11.46
C GLN A 485 11.50 34.67 10.66
N GLU A 486 11.54 35.90 10.19
CA GLU A 486 10.41 36.47 9.48
C GLU A 486 10.83 37.42 8.39
N ARG A 487 9.91 37.68 7.46
CA ARG A 487 10.18 38.61 6.39
C ARG A 487 10.38 40.00 6.97
N VAL A 488 11.42 40.68 6.53
CA VAL A 488 11.73 42.01 7.02
C VAL A 488 11.05 43.15 6.25
N ASN A 489 9.71 43.22 6.33
CA ASN A 489 8.96 44.30 5.68
C ASN A 489 9.31 44.38 4.21
N ASN A 490 9.78 45.55 3.79
CA ASN A 490 10.18 45.80 2.42
C ASN A 490 11.32 44.86 2.03
N SER A 491 12.27 44.65 2.93
CA SER A 491 13.37 43.73 2.65
C SER A 491 12.84 42.32 2.44
N ASN A 492 11.88 41.93 3.31
CA ASN A 492 11.16 40.66 3.27
C ASN A 492 11.96 39.40 3.60
N ALA A 493 13.15 39.60 4.18
CA ALA A 493 13.97 38.48 4.61
C ALA A 493 14.71 38.88 5.89
N ALA A 494 14.50 38.17 7.00
CA ALA A 494 15.20 38.53 8.23
C ALA A 494 15.48 37.47 9.30
N ALA A 495 16.57 37.72 10.02
CA ALA A 495 16.95 36.92 11.16
C ALA A 495 15.80 36.82 12.13
N TRP A 496 15.82 35.75 12.92
CA TRP A 496 14.76 35.52 13.90
C TRP A 496 14.71 36.66 14.90
N ASN A 497 15.80 37.32 15.22
CA ASN A 497 15.61 38.49 16.08
C ASN A 497 15.16 38.14 17.49
N GLY A 498 14.61 39.14 18.18
CA GLY A 498 14.16 38.95 19.55
C GLY A 498 15.33 38.48 20.39
N MET A 499 15.10 37.46 21.22
CA MET A 499 16.17 36.92 22.03
C MET A 499 17.26 36.26 21.19
N MET A 500 16.84 35.47 20.20
CA MET A 500 17.79 34.77 19.33
C MET A 500 18.65 35.65 18.42
N GLY A 501 18.01 36.63 17.76
CA GLY A 501 18.74 37.52 16.88
C GLY A 501 19.70 38.33 17.70
N GLU A 502 19.24 38.87 18.82
CA GLU A 502 20.26 39.50 19.65
C GLU A 502 21.44 38.54 19.81
N LEU A 503 21.14 37.25 20.00
CA LEU A 503 22.21 36.27 20.11
C LEU A 503 23.06 36.18 18.83
N LEU A 504 22.43 36.17 17.65
CA LEU A 504 23.20 36.10 16.40
C LEU A 504 24.05 37.37 16.24
N SER A 505 23.39 38.47 16.56
CA SER A 505 23.85 39.85 16.58
C SER A 505 24.98 40.01 17.59
N GLY A 506 24.98 39.17 18.62
CA GLY A 506 26.01 39.25 19.62
C GLY A 506 25.69 40.15 20.79
N GLN A 507 24.46 40.67 20.84
CA GLN A 507 24.05 41.51 21.96
C GLN A 507 24.12 40.69 23.24
N ALA A 508 23.62 39.46 23.17
CA ALA A 508 23.71 38.53 24.29
C ALA A 508 24.48 37.34 23.75
N ASP A 509 25.65 37.08 24.34
CA ASP A 509 26.49 35.96 23.91
C ASP A 509 25.82 34.61 24.13
N MET A 510 25.13 34.49 25.25
CA MET A 510 24.47 33.27 25.67
C MET A 510 23.03 33.55 26.14
N ILE A 511 22.11 32.64 25.83
CA ILE A 511 20.70 32.84 26.18
C ILE A 511 20.22 31.89 27.26
N VAL A 512 19.96 32.42 28.45
CA VAL A 512 19.46 31.59 29.53
C VAL A 512 17.97 31.87 29.69
N ALA A 513 17.16 30.94 29.21
CA ALA A 513 15.70 31.08 29.27
C ALA A 513 15.05 29.72 29.07
N PRO A 514 13.76 29.63 29.38
CA PRO A 514 13.02 28.39 29.17
C PRO A 514 12.56 28.37 27.72
N LEU A 515 13.46 27.99 26.83
CA LEU A 515 13.17 27.96 25.40
C LEU A 515 13.16 26.55 24.83
N THR A 516 12.11 26.25 24.07
CA THR A 516 11.92 24.93 23.44
C THR A 516 12.95 24.71 22.34
N ILE A 517 13.39 23.47 22.13
CA ILE A 517 14.43 23.30 21.13
C ILE A 517 13.93 22.63 19.83
N ASN A 518 14.07 23.36 18.72
CA ASN A 518 13.57 22.96 17.40
C ASN A 518 14.58 23.11 16.22
N ASN A 519 14.45 22.27 15.19
CA ASN A 519 15.38 22.25 14.06
C ASN A 519 15.51 23.54 13.27
N GLU A 520 14.39 24.24 13.08
CA GLU A 520 14.39 25.48 12.30
C GLU A 520 15.36 26.47 12.92
N ARG A 521 15.33 26.57 14.24
CA ARG A 521 16.28 27.39 15.00
C ARG A 521 17.65 26.71 15.00
N ALA A 522 17.64 25.38 15.08
CA ALA A 522 18.82 24.56 15.39
C ALA A 522 19.97 24.74 14.39
N GLN A 523 19.63 24.88 13.11
CA GLN A 523 20.65 25.12 12.09
C GLN A 523 21.43 26.41 12.33
N TYR A 524 20.74 27.40 12.75
CA TYR A 524 21.41 28.64 13.02
C TYR A 524 22.33 28.65 14.23
N ILE A 525 21.92 27.99 15.29
CA ILE A 525 22.67 27.99 16.54
C ILE A 525 22.82 26.64 17.24
N GLU A 526 23.85 26.56 18.07
CA GLU A 526 24.11 25.41 18.92
C GLU A 526 23.12 25.43 20.08
N PHE A 527 22.73 24.24 20.51
CA PHE A 527 21.81 24.08 21.63
C PHE A 527 22.35 23.02 22.57
N SER A 528 22.16 23.25 23.87
CA SER A 528 22.57 22.32 24.92
C SER A 528 21.58 21.16 25.02
N LYS A 529 21.89 20.15 25.83
CA LYS A 529 20.94 19.07 26.04
C LYS A 529 19.72 19.69 26.74
N PRO A 530 18.51 19.24 26.42
CA PRO A 530 17.30 19.84 27.01
C PRO A 530 16.96 19.42 28.44
N PHE A 531 16.79 20.42 29.30
CA PHE A 531 16.45 20.24 30.71
C PHE A 531 15.06 19.68 31.05
N LYS A 532 14.03 20.13 30.33
CA LYS A 532 12.65 19.71 30.58
C LYS A 532 11.96 19.21 29.32
N TYR A 533 10.91 18.41 29.48
CA TYR A 533 10.26 17.87 28.31
C TYR A 533 8.81 18.19 28.36
N GLN A 534 8.49 19.40 27.95
CA GLN A 534 7.14 19.86 28.11
C GLN A 534 6.39 19.79 26.80
N GLY A 535 5.09 19.55 26.91
CA GLY A 535 4.31 19.33 25.71
C GLY A 535 3.12 20.23 25.64
N LEU A 536 2.70 20.56 24.45
CA LEU A 536 1.64 21.53 24.34
C LEU A 536 0.31 20.98 24.71
N THR A 537 -0.42 21.72 25.53
CA THR A 537 -1.78 21.36 25.93
C THR A 537 -2.61 22.61 25.84
N ILE A 538 -3.91 22.51 26.01
CA ILE A 538 -4.68 23.72 25.89
C ILE A 538 -5.22 24.16 27.23
N LEU A 539 -4.67 25.26 27.75
CA LEU A 539 -5.02 25.70 29.10
C LEU A 539 -6.27 26.55 29.26
N VAL A 540 -7.41 25.88 29.38
CA VAL A 540 -8.67 26.58 29.57
C VAL A 540 -9.75 25.69 30.23
N LYS A 541 -10.65 26.33 30.95
CA LYS A 541 -11.70 25.60 31.64
C LYS A 541 -12.93 26.44 31.93
N LYS A 542 -14.00 25.72 32.27
CA LYS A 542 -15.27 26.30 32.62
C LYS A 542 -15.60 25.76 33.99
N GLU A 543 -16.05 26.63 34.89
CA GLU A 543 -16.42 26.16 36.21
C GLU A 543 -17.59 25.22 36.02
N ILE A 544 -17.53 24.08 36.68
CA ILE A 544 -18.58 23.10 36.57
C ILE A 544 -19.89 23.61 37.13
N PRO A 545 -20.99 23.17 36.53
CA PRO A 545 -22.30 23.59 37.01
C PRO A 545 -22.85 22.48 37.89
N ARG A 546 -23.15 22.83 39.13
CA ARG A 546 -23.69 21.90 40.12
C ARG A 546 -24.94 22.50 40.75
N SER A 547 -25.80 21.68 41.31
CA SER A 547 -27.04 22.21 41.86
C SER A 547 -27.26 22.22 43.38
N THR A 548 -27.56 23.41 43.90
CA THR A 548 -27.92 23.56 45.29
C THR A 548 -29.35 23.15 45.49
N LEU A 549 -30.23 23.56 44.59
CA LEU A 549 -31.65 23.24 44.72
C LEU A 549 -32.13 21.95 44.07
N ASP A 550 -31.23 21.25 43.39
CA ASP A 550 -31.58 20.03 42.66
C ASP A 550 -32.10 18.77 43.40
N SER A 551 -31.50 18.41 44.53
CA SER A 551 -31.92 17.17 45.19
C SER A 551 -33.37 17.05 45.73
N PHE A 552 -33.84 18.05 46.47
CA PHE A 552 -35.21 18.03 46.98
C PHE A 552 -36.17 18.18 45.82
N MET A 553 -35.75 19.06 44.93
CA MET A 553 -36.42 19.48 43.72
C MET A 553 -37.11 18.35 43.02
N GLN A 554 -36.52 17.17 43.14
CA GLN A 554 -37.01 15.95 42.53
C GLN A 554 -38.47 15.76 42.98
N PRO A 555 -38.74 16.03 44.25
CA PRO A 555 -40.08 16.12 44.77
C PRO A 555 -40.71 17.38 44.26
N PHE A 556 -40.19 18.54 44.63
CA PHE A 556 -40.82 19.82 44.31
C PHE A 556 -41.45 19.82 42.94
N GLN A 557 -40.65 19.62 41.91
CA GLN A 557 -41.13 19.59 40.55
C GLN A 557 -42.13 18.46 40.33
N SER A 558 -41.92 17.29 40.96
CA SER A 558 -42.88 16.22 40.81
C SER A 558 -44.27 16.67 41.18
N THR A 559 -44.38 17.69 42.07
CA THR A 559 -45.65 18.30 42.49
C THR A 559 -46.48 17.37 43.39
N LEU A 560 -46.75 16.17 42.88
CA LEU A 560 -47.43 15.09 43.53
C LEU A 560 -46.90 14.80 44.93
N TRP A 561 -45.59 14.95 45.14
CA TRP A 561 -45.01 14.75 46.47
C TRP A 561 -45.76 15.46 47.59
N LEU A 562 -46.32 16.62 47.27
CA LEU A 562 -47.01 17.42 48.23
C LEU A 562 -48.43 16.98 48.29
N LEU A 563 -48.99 16.80 47.10
CA LEU A 563 -50.38 16.45 46.96
C LEU A 563 -50.70 15.13 47.62
N VAL A 564 -49.78 14.18 47.49
CA VAL A 564 -49.99 12.90 48.10
C VAL A 564 -49.91 13.01 49.60
N GLY A 565 -49.13 13.96 50.11
CA GLY A 565 -49.06 14.19 51.55
C GLY A 565 -50.44 14.56 52.05
N LEU A 566 -51.11 15.40 51.29
CA LEU A 566 -52.46 15.79 51.63
C LEU A 566 -53.38 14.59 51.58
N SER A 567 -53.17 13.71 50.59
CA SER A 567 -53.99 12.52 50.50
C SER A 567 -53.69 11.56 51.64
N VAL A 568 -52.51 11.67 52.27
CA VAL A 568 -52.23 10.88 53.45
C VAL A 568 -53.20 11.34 54.51
N HIS A 569 -53.39 12.66 54.57
CA HIS A 569 -54.34 13.26 55.50
C HIS A 569 -55.75 12.79 55.18
N VAL A 570 -56.08 12.71 53.90
CA VAL A 570 -57.39 12.28 53.46
C VAL A 570 -57.71 10.87 53.92
N VAL A 571 -56.69 10.04 54.03
CA VAL A 571 -56.90 8.64 54.43
C VAL A 571 -57.64 8.60 55.77
N ALA A 572 -57.56 9.69 56.53
CA ALA A 572 -58.24 9.78 57.82
C ALA A 572 -59.74 9.66 57.62
N VAL A 573 -60.24 10.27 56.56
CA VAL A 573 -61.67 10.24 56.23
C VAL A 573 -62.10 8.80 55.97
N MET A 574 -61.26 8.04 55.26
CA MET A 574 -61.52 6.65 54.96
C MET A 574 -61.57 5.84 56.26
N LEU A 575 -60.66 6.16 57.17
CA LEU A 575 -60.59 5.51 58.47
C LEU A 575 -61.88 5.76 59.26
N TYR A 576 -62.40 6.98 59.18
CA TYR A 576 -63.63 7.31 59.87
C TYR A 576 -64.73 6.42 59.30
N LEU A 577 -64.70 6.24 57.99
CA LEU A 577 -65.65 5.38 57.29
C LEU A 577 -65.55 3.96 57.86
N LEU A 578 -64.32 3.51 58.12
CA LEU A 578 -64.03 2.21 58.72
C LEU A 578 -64.63 2.15 60.13
N ASP A 579 -64.53 3.27 60.86
CA ASP A 579 -65.08 3.40 62.20
C ASP A 579 -66.59 3.20 62.16
N ARG A 580 -67.24 3.74 61.14
CA ARG A 580 -68.69 3.61 60.99
C ARG A 580 -69.10 2.14 60.82
N PHE A 581 -70.16 1.75 61.54
CA PHE A 581 -70.70 0.40 61.48
C PHE A 581 -69.65 -0.69 61.79
N SER A 582 -68.81 -0.43 62.78
CA SER A 582 -67.76 -1.37 63.17
C SER A 582 -68.36 -2.74 63.47
N THR A 600 -59.86 14.52 67.42
CA THR A 600 -59.35 13.31 66.79
C THR A 600 -58.76 13.62 65.42
N LEU A 601 -59.31 14.62 64.76
CA LEU A 601 -58.82 15.01 63.43
C LEU A 601 -57.38 15.47 63.50
N SER A 602 -57.04 16.23 64.54
CA SER A 602 -55.68 16.73 64.73
C SER A 602 -54.72 15.56 64.92
N SER A 603 -55.15 14.58 65.70
CA SER A 603 -54.35 13.39 65.96
C SER A 603 -54.13 12.61 64.65
N ALA A 604 -55.17 12.53 63.84
CA ALA A 604 -55.09 11.82 62.57
C ALA A 604 -54.06 12.47 61.64
N MET A 605 -54.26 13.76 61.37
CA MET A 605 -53.36 14.50 60.49
C MET A 605 -51.93 14.35 61.00
N TRP A 606 -51.77 14.46 62.32
CA TRP A 606 -50.47 14.33 62.96
C TRP A 606 -49.94 12.92 62.72
N PHE A 607 -50.83 11.94 62.80
CA PHE A 607 -50.46 10.55 62.58
C PHE A 607 -49.98 10.36 61.15
N SER A 608 -50.68 10.99 60.21
CA SER A 608 -50.31 10.92 58.81
C SER A 608 -48.94 11.56 58.59
N TRP A 609 -48.71 12.67 59.28
CA TRP A 609 -47.43 13.37 59.20
C TRP A 609 -46.32 12.47 59.71
N ARG A 610 -46.61 11.75 60.79
CA ARG A 610 -45.64 10.84 61.37
C ARG A 610 -45.20 9.73 60.42
N VAL A 611 -46.12 9.15 59.65
CA VAL A 611 -45.73 8.08 58.75
C VAL A 611 -44.73 8.61 57.70
N LEU A 612 -44.96 9.83 57.23
CA LEU A 612 -43.96 10.41 56.36
C LEU A 612 -42.68 10.53 57.21
N LEU A 613 -42.84 10.91 58.49
CA LEU A 613 -41.72 11.16 59.40
C LEU A 613 -41.42 10.16 60.54
N ASN A 614 -42.07 9.00 60.55
CA ASN A 614 -41.85 7.98 61.59
C ASN A 614 -42.02 8.50 63.03
N SER A 615 -43.11 9.22 63.24
CA SER A 615 -43.49 9.88 64.49
C SER A 615 -43.74 8.92 65.64
N GLY A 616 -44.44 7.81 65.41
CA GLY A 616 -44.62 6.89 66.52
C GLY A 616 -45.20 7.59 67.74
N LEU A 617 -46.24 8.40 67.51
CA LEU A 617 -46.85 9.20 68.57
C LEU A 617 -47.51 8.47 69.75
N GLY A 618 -48.27 7.41 69.51
CA GLY A 618 -48.91 6.73 70.62
C GLY A 618 -50.13 5.85 70.42
N GLU A 619 -51.24 6.46 69.99
CA GLU A 619 -52.51 5.77 69.84
C GLU A 619 -52.52 4.60 68.85
N GLY A 620 -51.83 4.75 67.72
CA GLY A 620 -51.78 3.68 66.74
C GLY A 620 -52.98 3.56 65.82
N ALA A 621 -53.10 2.39 65.20
CA ALA A 621 -54.16 2.09 64.23
C ALA A 621 -55.62 2.05 64.74
N PRO A 622 -56.49 2.49 63.85
CA PRO A 622 -57.93 2.55 64.03
C PRO A 622 -58.38 1.23 64.65
N ARG A 623 -59.52 1.24 65.34
CA ARG A 623 -59.99 0.02 65.98
C ARG A 623 -60.22 -1.08 64.94
N SER A 624 -60.80 -0.74 63.79
CA SER A 624 -60.99 -1.75 62.76
C SER A 624 -59.64 -2.19 62.28
N PHE A 625 -59.45 -3.50 62.23
CA PHE A 625 -58.20 -4.07 61.75
C PHE A 625 -58.04 -3.74 60.27
N SER A 626 -59.15 -3.83 59.55
CA SER A 626 -59.18 -3.59 58.12
C SER A 626 -58.77 -2.17 57.80
N ALA A 627 -59.22 -1.23 58.61
CA ALA A 627 -58.88 0.16 58.38
C ALA A 627 -57.37 0.40 58.44
N ARG A 628 -56.77 -0.28 59.41
CA ARG A 628 -55.35 -0.24 59.77
C ARG A 628 -54.46 -0.77 58.66
N ILE A 629 -55.05 -1.56 57.76
CA ILE A 629 -54.32 -2.12 56.62
C ILE A 629 -53.79 -0.99 55.73
N LEU A 630 -54.59 0.05 55.54
CA LEU A 630 -54.17 1.21 54.77
C LEU A 630 -52.97 1.82 55.46
N GLY A 631 -52.96 1.89 56.80
CA GLY A 631 -51.80 2.47 57.45
C GLY A 631 -50.55 1.80 56.94
N MET A 632 -50.58 0.48 56.84
CA MET A 632 -49.44 -0.28 56.33
C MET A 632 -49.15 0.11 54.89
N VAL A 633 -50.20 0.27 54.10
CA VAL A 633 -50.06 0.67 52.71
C VAL A 633 -49.49 2.06 52.51
N TRP A 634 -50.01 3.02 53.23
CA TRP A 634 -49.58 4.38 53.06
C TRP A 634 -48.18 4.57 53.58
N ALA A 635 -47.87 3.93 54.68
CA ALA A 635 -46.53 3.99 55.22
C ALA A 635 -45.59 3.22 54.33
N LEU A 636 -46.10 2.17 53.71
CA LEU A 636 -45.33 1.41 52.75
C LEU A 636 -44.89 2.27 51.64
N PHE A 637 -45.84 2.94 51.03
CA PHE A 637 -45.51 3.78 49.93
C PHE A 637 -44.71 4.97 50.36
N ALA A 638 -44.97 5.49 51.55
CA ALA A 638 -44.20 6.60 52.04
C ALA A 638 -42.73 6.20 52.13
N MET A 639 -42.49 5.03 52.70
CA MET A 639 -41.15 4.47 52.81
C MET A 639 -40.52 4.33 51.45
N ILE A 640 -41.27 3.74 50.53
CA ILE A 640 -40.82 3.56 49.18
C ILE A 640 -40.42 4.83 48.53
N ILE A 641 -41.24 5.84 48.70
CA ILE A 641 -41.00 7.15 48.14
C ILE A 641 -39.73 7.73 48.67
N VAL A 642 -39.53 7.66 49.96
CA VAL A 642 -38.32 8.19 50.55
C VAL A 642 -37.10 7.52 49.99
N ALA A 643 -37.16 6.20 49.93
CA ALA A 643 -36.07 5.43 49.41
C ALA A 643 -35.86 5.74 47.95
N SER A 644 -36.95 5.86 47.21
CA SER A 644 -36.90 6.15 45.79
C SER A 644 -36.25 7.49 45.58
N TYR A 645 -36.63 8.43 46.41
CA TYR A 645 -36.04 9.74 46.41
C TYR A 645 -34.59 9.64 46.59
N THR A 646 -34.17 8.92 47.62
CA THR A 646 -32.79 8.72 47.92
C THR A 646 -32.07 8.18 46.70
N ALA A 647 -32.69 7.25 46.01
CA ALA A 647 -32.10 6.72 44.80
C ALA A 647 -31.98 7.80 43.74
N ASN A 648 -32.97 8.67 43.66
CA ASN A 648 -32.94 9.74 42.69
C ASN A 648 -32.02 10.86 43.15
N LEU A 649 -31.79 10.89 44.44
CA LEU A 649 -30.85 11.79 45.03
C LEU A 649 -29.50 11.34 44.53
N ALA A 650 -29.29 10.03 44.55
CA ALA A 650 -28.11 9.45 43.99
C ALA A 650 -28.08 9.66 42.48
N ALA A 651 -29.24 9.66 41.82
CA ALA A 651 -29.28 9.95 40.39
C ALA A 651 -28.67 11.32 40.13
N PHE A 652 -28.93 12.28 41.02
CA PHE A 652 -28.26 13.56 40.92
C PHE A 652 -26.77 13.33 41.02
N LEU A 653 -26.35 12.61 42.07
CA LEU A 653 -24.94 12.27 42.27
C LEU A 653 -24.29 11.65 41.03
N VAL A 654 -25.06 10.96 40.22
CA VAL A 654 -24.51 10.31 39.03
C VAL A 654 -23.86 11.38 38.15
N LEU A 655 -24.52 12.53 38.03
CA LEU A 655 -23.98 13.66 37.27
C LEU A 655 -23.64 13.33 35.82
N ARG A 656 -22.39 13.63 35.44
CA ARG A 656 -21.80 13.43 34.11
C ARG A 656 -22.37 14.35 33.04
N ARG A 657 -22.95 15.47 33.47
CA ARG A 657 -23.51 16.47 32.58
C ARG A 657 -22.40 17.09 31.72
N PRO A 658 -21.25 17.33 32.35
CA PRO A 658 -20.10 17.93 31.66
C PRO A 658 -19.58 17.05 30.53
N GLU A 659 -19.17 17.68 29.45
CA GLU A 659 -18.65 16.97 28.28
C GLU A 659 -17.23 17.48 28.06
N GLU A 660 -16.30 16.56 27.92
CA GLU A 660 -14.90 16.94 27.73
C GLU A 660 -14.52 17.12 26.27
N ARG A 661 -13.96 18.28 25.97
CA ARG A 661 -13.50 18.61 24.62
C ARG A 661 -11.99 18.54 24.48
N ILE A 662 -11.34 18.00 25.49
CA ILE A 662 -9.89 17.95 25.55
C ILE A 662 -9.19 17.20 24.44
N THR A 663 -9.68 16.08 23.92
CA THR A 663 -8.76 15.52 22.93
C THR A 663 -8.71 16.35 21.66
N GLY A 664 -7.79 17.32 21.66
CA GLY A 664 -7.58 18.22 20.55
C GLY A 664 -7.09 17.58 19.26
N ILE A 665 -6.16 16.64 19.36
CA ILE A 665 -5.62 16.01 18.16
C ILE A 665 -6.72 15.25 17.43
N ASN A 666 -7.55 14.52 18.20
CA ASN A 666 -8.68 13.79 17.64
C ASN A 666 -9.99 14.58 17.75
N ASP A 667 -9.93 15.79 18.29
CA ASP A 667 -11.12 16.62 18.48
C ASP A 667 -11.77 17.05 17.21
N PRO A 668 -13.09 17.10 17.25
CA PRO A 668 -13.85 17.58 16.09
C PRO A 668 -14.10 19.09 16.09
N ARG A 669 -14.43 19.66 17.24
CA ARG A 669 -14.72 21.08 17.34
C ARG A 669 -13.52 21.99 17.03
N LEU A 670 -12.35 21.61 17.52
CA LEU A 670 -11.13 22.39 17.30
C LEU A 670 -10.73 22.48 15.82
N ARG A 671 -10.86 21.36 15.11
CA ARG A 671 -10.49 21.28 13.71
C ARG A 671 -11.30 22.18 12.78
N ASN A 672 -12.61 22.27 13.02
CA ASN A 672 -13.46 23.06 12.18
C ASN A 672 -13.85 24.31 12.94
N PRO A 673 -12.93 25.26 13.03
CA PRO A 673 -13.02 26.49 13.80
C PRO A 673 -14.16 27.36 13.36
N SER A 674 -14.62 28.18 14.27
CA SER A 674 -15.71 29.08 14.04
C SER A 674 -15.62 30.21 15.00
N ASP A 675 -16.62 31.07 14.99
CA ASP A 675 -16.69 32.16 15.94
C ASP A 675 -16.95 31.66 17.37
N LYS A 676 -17.27 30.38 17.52
CA LYS A 676 -17.43 29.79 18.83
C LYS A 676 -16.12 29.21 19.28
N PHE A 677 -15.12 29.28 18.40
CA PHE A 677 -13.81 28.78 18.72
C PHE A 677 -12.80 29.89 18.68
N ILE A 678 -13.04 30.97 19.41
CA ILE A 678 -12.07 32.06 19.37
C ILE A 678 -10.78 31.61 20.01
N TYR A 679 -9.91 31.14 19.14
CA TYR A 679 -8.68 30.50 19.50
C TYR A 679 -7.40 31.17 19.09
N ALA A 680 -6.42 31.16 20.00
CA ALA A 680 -5.14 31.83 19.76
C ALA A 680 -3.91 31.08 20.25
N THR A 681 -2.81 31.80 20.21
CA THR A 681 -1.52 31.49 20.82
C THR A 681 -0.82 32.81 21.03
N VAL A 682 0.45 32.74 21.36
CA VAL A 682 1.21 33.93 21.49
C VAL A 682 1.73 34.31 20.12
N LYS A 683 1.52 35.54 19.74
CA LYS A 683 2.02 36.06 18.48
C LYS A 683 3.44 35.62 18.42
N GLN A 684 3.81 34.94 17.35
CA GLN A 684 5.16 34.47 17.20
C GLN A 684 5.51 33.52 18.35
N SER A 685 4.96 32.33 18.26
CA SER A 685 5.21 31.25 19.19
C SER A 685 5.62 30.04 18.38
N SER A 686 6.39 29.13 18.95
CA SER A 686 6.90 28.02 18.15
C SER A 686 5.84 27.15 17.52
N VAL A 687 4.69 27.03 18.17
CA VAL A 687 3.60 26.28 17.58
C VAL A 687 3.17 26.86 16.23
N ASP A 688 3.46 28.13 16.00
CA ASP A 688 3.10 28.81 14.77
C ASP A 688 3.88 28.19 13.64
N ILE A 689 5.06 27.65 13.97
CA ILE A 689 5.86 26.95 13.01
C ILE A 689 5.16 25.69 12.65
N TYR A 690 4.60 25.03 13.65
CA TYR A 690 3.84 23.83 13.37
C TYR A 690 2.66 24.12 12.51
N PHE A 691 1.99 25.23 12.77
CA PHE A 691 0.86 25.56 11.92
C PHE A 691 1.32 26.00 10.55
N ARG A 692 2.46 26.64 10.52
CA ARG A 692 3.04 27.09 9.29
C ARG A 692 3.39 25.94 8.40
N ARG A 693 4.22 25.05 8.92
CA ARG A 693 4.66 23.92 8.14
C ARG A 693 3.53 22.96 7.87
N GLN A 694 2.61 22.84 8.81
CA GLN A 694 1.49 21.98 8.58
C GLN A 694 0.48 22.63 7.73
N VAL A 695 0.62 22.42 6.44
CA VAL A 695 -0.38 22.91 5.51
C VAL A 695 -1.75 22.34 5.88
N GLU A 696 -1.74 21.17 6.50
CA GLU A 696 -2.93 20.52 7.03
C GLU A 696 -3.65 21.39 8.03
N LEU A 697 -2.92 22.27 8.68
CA LEU A 697 -3.47 23.14 9.68
C LEU A 697 -3.60 24.57 9.22
N SER A 698 -3.40 24.85 7.92
CA SER A 698 -3.46 26.23 7.40
C SER A 698 -4.68 26.97 7.86
N THR A 699 -5.80 26.28 7.82
CA THR A 699 -7.07 26.79 8.23
C THR A 699 -6.94 27.30 9.64
N MET A 700 -6.40 26.44 10.47
CA MET A 700 -6.20 26.72 11.85
C MET A 700 -5.12 27.72 12.07
N TYR A 701 -4.15 27.74 11.17
CA TYR A 701 -3.03 28.64 11.25
C TYR A 701 -3.58 30.02 11.26
N ARG A 702 -4.38 30.34 10.27
CA ARG A 702 -4.95 31.67 10.23
C ARG A 702 -5.95 31.89 11.33
N HIS A 703 -6.80 30.90 11.59
CA HIS A 703 -7.79 31.03 12.63
C HIS A 703 -7.15 31.43 13.93
N MET A 704 -6.04 30.79 14.22
CA MET A 704 -5.22 31.08 15.34
C MET A 704 -4.60 32.47 15.27
N GLU A 705 -3.93 32.78 14.15
CA GLU A 705 -3.18 34.02 13.98
C GLU A 705 -3.96 35.24 14.29
N LYS A 706 -5.15 35.33 13.74
CA LYS A 706 -6.03 36.47 13.94
C LYS A 706 -6.35 36.77 15.40
N HIS A 707 -6.08 35.86 16.33
CA HIS A 707 -6.40 36.10 17.71
C HIS A 707 -5.17 36.13 18.62
N ASN A 708 -3.97 36.07 18.06
CA ASN A 708 -2.76 35.97 18.87
C ASN A 708 -2.41 37.13 19.81
N TYR A 709 -1.61 36.81 20.83
CA TYR A 709 -1.20 37.78 21.87
C TYR A 709 0.29 38.02 21.99
N GLU A 710 0.68 39.18 22.50
CA GLU A 710 2.10 39.46 22.71
C GLU A 710 2.69 38.63 23.84
N SER A 711 1.85 38.22 24.79
CA SER A 711 2.35 37.47 25.94
C SER A 711 1.34 36.57 26.64
N ALA A 712 1.87 35.68 27.48
CA ALA A 712 1.10 34.73 28.25
C ALA A 712 0.15 35.38 29.26
N ALA A 713 0.57 36.49 29.86
CA ALA A 713 -0.27 37.16 30.84
C ALA A 713 -1.58 37.59 30.21
N GLU A 714 -1.52 38.11 28.98
CA GLU A 714 -2.72 38.49 28.27
C GLU A 714 -3.45 37.26 27.71
N ALA A 715 -2.70 36.29 27.21
CA ALA A 715 -3.30 35.07 26.69
C ALA A 715 -4.04 34.25 27.74
N ILE A 716 -3.45 34.12 28.93
CA ILE A 716 -4.16 33.45 30.01
C ILE A 716 -5.38 34.26 30.46
N GLN A 717 -5.19 35.57 30.51
CA GLN A 717 -6.23 36.49 30.93
C GLN A 717 -7.47 36.43 30.05
N ALA A 718 -7.28 36.24 28.75
CA ALA A 718 -8.41 36.27 27.84
C ALA A 718 -9.40 35.17 28.19
N VAL A 719 -8.86 33.99 28.48
CA VAL A 719 -9.63 32.82 28.89
C VAL A 719 -10.24 33.07 30.26
N ARG A 720 -9.45 33.67 31.14
CA ARG A 720 -9.91 34.06 32.47
C ARG A 720 -10.98 35.15 32.39
N ASP A 721 -10.77 36.11 31.49
CA ASP A 721 -11.69 37.21 31.27
C ASP A 721 -12.88 36.67 30.48
N ASN A 722 -12.68 35.48 29.90
CA ASN A 722 -13.61 34.77 29.02
C ASN A 722 -13.79 35.46 27.67
N LYS A 723 -12.82 36.29 27.32
CA LYS A 723 -12.80 36.96 26.03
C LYS A 723 -12.62 35.93 24.92
N LEU A 724 -11.74 34.97 25.19
CA LEU A 724 -11.44 33.85 24.30
C LEU A 724 -11.73 32.50 24.95
N HIS A 725 -12.50 31.67 24.27
CA HIS A 725 -12.93 30.37 24.80
C HIS A 725 -11.78 29.39 25.02
N ALA A 726 -10.73 29.47 24.20
CA ALA A 726 -9.64 28.50 24.31
C ALA A 726 -8.27 29.17 24.13
N PHE A 727 -7.25 28.58 24.76
CA PHE A 727 -5.87 29.06 24.65
C PHE A 727 -4.88 27.92 24.38
N ILE A 728 -3.97 28.09 23.43
CA ILE A 728 -3.03 27.01 23.11
C ILE A 728 -1.58 27.37 23.41
N TRP A 729 -0.96 26.60 24.29
CA TRP A 729 0.47 26.80 24.61
C TRP A 729 1.09 25.53 25.21
N ASP A 730 2.41 25.58 25.35
CA ASP A 730 3.23 24.51 25.94
C ASP A 730 3.08 24.39 27.47
N SER A 731 3.39 23.19 27.98
CA SER A 731 3.29 22.81 29.40
C SER A 731 4.13 23.45 30.54
N ALA A 732 5.42 23.73 30.33
CA ALA A 732 6.26 24.24 31.42
C ALA A 732 5.81 25.57 32.05
N VAL A 733 5.44 26.51 31.19
CA VAL A 733 4.91 27.81 31.59
C VAL A 733 3.44 27.74 32.02
N LEU A 734 2.66 26.87 31.38
CA LEU A 734 1.21 26.80 31.57
C LEU A 734 0.70 26.05 32.82
N GLU A 735 1.27 24.88 33.11
CA GLU A 735 0.83 24.02 34.20
C GLU A 735 0.99 24.72 35.54
N PHE A 736 2.11 25.43 35.72
CA PHE A 736 2.33 26.17 36.95
C PHE A 736 1.19 27.16 37.19
N GLU A 737 0.78 27.83 36.13
CA GLU A 737 -0.37 28.75 36.16
C GLU A 737 -1.67 28.00 36.45
N ALA A 738 -1.78 26.79 35.90
CA ALA A 738 -2.94 25.92 36.08
C ALA A 738 -3.12 25.62 37.55
N SER A 739 -2.00 25.36 38.22
CA SER A 739 -1.97 25.25 39.67
C SER A 739 -2.28 26.59 40.32
N GLN A 740 -1.76 27.68 39.74
CA GLN A 740 -1.86 28.99 40.38
C GLN A 740 -3.30 29.46 40.51
N ASP A 741 -4.14 29.24 39.49
CA ASP A 741 -5.53 29.70 39.58
C ASP A 741 -6.60 28.61 39.59
N CYS A 742 -6.52 27.72 38.60
CA CYS A 742 -7.10 26.37 38.56
C CYS A 742 -8.58 26.31 38.16
N ASP A 743 -9.22 27.47 37.99
CA ASP A 743 -10.61 27.50 37.53
C ASP A 743 -10.54 26.94 36.13
N LEU A 744 -9.48 27.38 35.44
CA LEU A 744 -9.11 27.01 34.09
C LEU A 744 -8.47 25.62 34.15
N VAL A 745 -8.58 24.89 33.06
CA VAL A 745 -8.08 23.51 32.98
C VAL A 745 -7.31 23.25 31.70
N THR A 746 -6.43 22.25 31.75
CA THR A 746 -5.67 21.83 30.59
C THR A 746 -6.37 20.58 30.10
N THR A 747 -6.39 20.37 28.79
CA THR A 747 -7.06 19.17 28.29
C THR A 747 -6.34 18.48 27.15
N GLY A 748 -6.61 17.19 27.02
CA GLY A 748 -6.01 16.37 25.99
C GLY A 748 -4.61 15.89 26.31
N GLU A 749 -3.90 15.48 25.27
CA GLU A 749 -2.60 14.86 25.41
C GLU A 749 -1.56 15.79 24.83
N LEU A 750 -0.48 16.01 25.57
CA LEU A 750 0.60 16.85 25.07
C LEU A 750 1.03 16.35 23.70
N PHE A 751 1.16 17.31 22.78
CA PHE A 751 1.61 17.04 21.42
C PHE A 751 2.90 17.81 21.14
N PHE A 752 3.68 17.36 20.16
CA PHE A 752 4.95 18.01 19.78
C PHE A 752 5.97 18.20 20.92
N ARG A 753 6.31 17.10 21.58
CA ARG A 753 7.26 17.13 22.71
C ARG A 753 8.65 17.67 22.36
N SER A 754 9.21 18.40 23.32
CA SER A 754 10.46 19.06 23.22
C SER A 754 11.07 19.19 24.61
N GLY A 755 12.40 19.24 24.61
CA GLY A 755 13.18 19.39 25.83
C GLY A 755 13.94 20.70 25.79
N PHE A 756 13.81 21.49 26.85
CA PHE A 756 14.47 22.80 26.93
C PHE A 756 16.00 22.75 26.96
N GLY A 757 16.62 23.69 26.25
CA GLY A 757 18.07 23.80 26.19
C GLY A 757 18.49 25.25 26.04
N ILE A 758 19.73 25.57 26.45
CA ILE A 758 20.21 26.94 26.33
C ILE A 758 20.57 27.27 24.89
N GLY A 759 20.29 28.51 24.47
CA GLY A 759 20.59 28.95 23.14
C GLY A 759 21.84 29.79 23.17
N MET A 760 22.79 29.49 22.31
CA MET A 760 23.99 30.29 22.24
C MET A 760 24.48 30.42 20.85
N ARG A 761 25.29 31.43 20.63
CA ARG A 761 25.86 31.60 19.33
C ARG A 761 26.76 30.42 19.01
N LYS A 762 26.81 30.08 17.72
CA LYS A 762 27.54 28.93 17.25
C LYS A 762 28.97 28.96 17.62
N ASP A 763 29.52 27.76 17.72
CA ASP A 763 30.90 27.51 18.07
C ASP A 763 31.23 27.76 19.54
N SER A 764 30.27 28.16 20.37
CA SER A 764 30.55 28.32 21.77
C SER A 764 31.25 27.12 22.34
N PRO A 765 32.51 27.26 22.73
CA PRO A 765 33.39 26.25 23.28
C PRO A 765 32.92 25.79 24.66
N TRP A 766 31.80 26.31 25.13
CA TRP A 766 31.32 25.98 26.42
C TRP A 766 30.06 25.16 26.36
N LYS A 767 29.33 25.25 25.26
CA LYS A 767 28.06 24.53 25.15
C LYS A 767 28.16 23.08 25.52
N GLN A 768 29.28 22.50 25.16
CA GLN A 768 29.52 21.09 25.34
C GLN A 768 29.69 20.81 26.80
N GLU A 769 30.43 21.69 27.46
CA GLU A 769 30.65 21.61 28.88
C GLU A 769 29.38 21.85 29.62
N VAL A 770 28.60 22.81 29.13
CA VAL A 770 27.31 23.12 29.66
C VAL A 770 26.44 21.91 29.60
N SER A 771 26.45 21.26 28.46
CA SER A 771 25.69 20.06 28.28
C SER A 771 26.12 19.02 29.28
N LEU A 772 27.41 18.93 29.53
CA LEU A 772 27.89 17.99 30.53
C LEU A 772 27.46 18.40 31.91
N ASN A 773 27.40 19.70 32.15
CA ASN A 773 27.07 20.22 33.43
C ASN A 773 25.62 20.02 33.76
N ILE A 774 24.76 20.24 32.79
CA ILE A 774 23.36 20.04 33.01
C ILE A 774 23.09 18.58 33.04
N LEU A 775 23.90 17.82 32.33
CA LEU A 775 23.77 16.40 32.38
C LEU A 775 24.00 15.96 33.79
N LYS A 776 25.07 16.46 34.39
CA LYS A 776 25.34 16.21 35.79
C LYS A 776 24.21 16.67 36.66
N SER A 777 23.64 17.83 36.36
CA SER A 777 22.51 18.32 37.13
C SER A 777 21.40 17.28 37.12
N HIS A 778 21.22 16.59 36.02
CA HIS A 778 20.23 15.54 36.04
C HIS A 778 20.73 14.36 36.83
N GLU A 779 21.97 14.00 36.62
CA GLU A 779 22.59 12.84 37.25
C GLU A 779 22.61 12.91 38.75
N ASN A 780 22.90 14.06 39.27
CA ASN A 780 22.96 14.26 40.70
C ASN A 780 21.62 14.70 41.26
N GLY A 781 20.58 14.72 40.43
CA GLY A 781 19.27 15.07 40.92
C GLY A 781 19.09 16.56 41.18
N PHE A 782 20.00 17.40 40.71
CA PHE A 782 19.89 18.82 40.94
C PHE A 782 18.75 19.43 40.17
N MET A 783 18.75 19.12 38.89
CA MET A 783 17.73 19.57 37.97
C MET A 783 16.38 19.16 38.53
N GLU A 784 16.35 17.92 38.96
CA GLU A 784 15.22 17.29 39.55
C GLU A 784 14.84 17.94 40.82
N GLU A 785 15.82 18.22 41.68
CA GLU A 785 15.53 18.86 42.96
C GLU A 785 14.91 20.23 42.75
N LEU A 786 15.43 20.99 41.80
CA LEU A 786 14.92 22.33 41.51
C LEU A 786 13.49 22.31 40.99
N ASP A 787 13.19 21.37 40.10
CA ASP A 787 11.85 21.27 39.52
C ASP A 787 10.78 20.93 40.56
N LYS A 788 11.08 19.99 41.44
CA LYS A 788 10.23 19.70 42.58
C LYS A 788 10.16 20.89 43.52
N THR A 789 11.31 21.54 43.70
CA THR A 789 11.43 22.69 44.58
C THR A 789 10.52 23.84 44.23
N TRP A 790 10.22 24.11 42.95
CA TRP A 790 9.31 25.21 42.75
C TRP A 790 7.92 24.72 42.39
N VAL A 791 7.84 23.75 41.49
CA VAL A 791 6.57 23.26 40.99
C VAL A 791 5.73 22.61 42.05
N ARG A 792 6.40 21.82 42.87
CA ARG A 792 5.83 21.12 43.99
C ARG A 792 5.02 22.02 44.90
N TYR A 793 5.40 23.30 44.98
CA TYR A 793 4.73 24.23 45.87
C TYR A 793 3.33 24.62 45.40
N GLN A 794 2.95 24.19 44.20
CA GLN A 794 1.63 24.52 43.67
C GLN A 794 0.80 23.27 43.43
N GLU A 795 -0.41 23.23 43.99
CA GLU A 795 -1.25 22.03 43.84
C GLU A 795 -2.70 22.25 43.42
N CYS A 796 -3.26 21.24 42.75
CA CYS A 796 -4.64 21.25 42.27
C CYS A 796 -5.43 20.05 42.83
N ASP A 797 -6.61 20.32 43.36
CA ASP A 797 -7.40 19.24 43.95
C ASP A 797 -7.80 18.19 42.93
N SER A 798 -7.69 16.93 43.33
CA SER A 798 -8.07 15.80 42.49
C SER A 798 -9.60 15.76 42.39
N ARG A 799 -10.12 15.23 41.29
CA ARG A 799 -11.57 15.19 41.14
C ARG A 799 -12.18 14.36 42.26
N SER A 800 -13.16 14.95 42.92
CA SER A 800 -13.86 14.31 44.04
C SER A 800 -15.19 15.00 44.27
N ASN A 801 -16.09 14.33 44.99
CA ASN A 801 -17.39 14.93 45.26
C ASN A 801 -17.61 15.21 46.75
N ALA A 802 -17.93 16.46 47.06
CA ALA A 802 -18.23 16.87 48.43
C ALA A 802 -19.52 17.68 48.46
N PRO A 803 -20.29 17.56 49.54
CA PRO A 803 -21.57 18.28 49.68
C PRO A 803 -21.47 19.82 49.71
N ALA A 804 -20.49 20.35 50.43
CA ALA A 804 -20.22 21.79 50.55
C ALA A 804 -21.24 22.76 51.18
N THR A 805 -22.11 22.28 52.07
CA THR A 805 -23.07 23.16 52.77
C THR A 805 -23.93 24.07 51.88
N LEU A 806 -24.51 23.51 50.83
CA LEU A 806 -25.31 24.25 49.87
C LEU A 806 -26.78 24.01 50.12
N THR A 807 -27.16 22.75 49.97
CA THR A 807 -28.53 22.25 50.10
C THR A 807 -29.10 22.41 51.51
N PHE A 808 -28.23 22.74 52.46
CA PHE A 808 -28.58 22.95 53.87
C PHE A 808 -29.56 24.11 54.13
N GLU A 809 -29.61 25.09 53.23
CA GLU A 809 -30.47 26.26 53.34
C GLU A 809 -31.97 25.93 53.44
N ASN A 810 -32.42 24.85 52.79
CA ASN A 810 -33.83 24.47 52.85
C ASN A 810 -34.14 24.23 54.33
N MET A 811 -33.20 23.58 55.01
CA MET A 811 -33.28 23.40 56.44
C MET A 811 -33.18 24.73 57.15
N ALA A 812 -32.42 25.65 56.59
CA ALA A 812 -32.41 26.98 57.18
C ALA A 812 -33.83 27.50 57.15
N GLY A 813 -34.48 27.29 56.00
CA GLY A 813 -35.88 27.63 55.80
C GLY A 813 -36.74 26.95 56.86
N VAL A 814 -36.48 25.67 57.11
CA VAL A 814 -37.21 24.93 58.13
C VAL A 814 -37.12 25.59 59.48
N PHE A 815 -35.92 26.00 59.86
CA PHE A 815 -35.77 26.65 61.14
C PHE A 815 -36.50 27.99 61.17
N TYR A 816 -36.56 28.65 60.02
CA TYR A 816 -37.31 29.89 59.95
C TYR A 816 -38.79 29.58 60.14
N LEU A 817 -39.20 28.45 59.57
CA LEU A 817 -40.57 27.98 59.69
C LEU A 817 -40.88 27.61 61.11
N VAL A 818 -39.89 27.10 61.85
CA VAL A 818 -40.08 26.80 63.26
C VAL A 818 -40.52 28.03 64.00
N ALA A 819 -39.82 29.13 63.74
CA ALA A 819 -40.17 30.38 64.38
C ALA A 819 -41.59 30.75 64.06
N GLY A 820 -41.96 30.65 62.78
CA GLY A 820 -43.33 30.96 62.39
C GLY A 820 -44.31 30.06 63.14
N GLY A 821 -43.97 28.78 63.21
CA GLY A 821 -44.73 27.77 63.92
C GLY A 821 -45.04 28.19 65.34
N ILE A 822 -44.00 28.41 66.14
CA ILE A 822 -44.22 28.78 67.52
C ILE A 822 -44.97 30.09 67.66
N VAL A 823 -44.84 30.99 66.68
CA VAL A 823 -45.65 32.19 66.72
C VAL A 823 -47.11 31.81 66.57
N ALA A 824 -47.40 30.93 65.60
CA ALA A 824 -48.76 30.44 65.43
C ALA A 824 -49.25 29.75 66.69
N GLY A 825 -48.32 29.09 67.38
CA GLY A 825 -48.56 28.38 68.63
C GLY A 825 -49.27 29.21 69.70
N ILE A 826 -49.12 30.54 69.70
CA ILE A 826 -49.78 31.27 70.76
C ILE A 826 -51.27 31.34 70.48
N PHE A 827 -51.64 31.16 69.21
CA PHE A 827 -53.02 31.22 68.83
C PHE A 827 -53.58 29.84 68.98
N LEU A 828 -52.71 28.85 68.84
CA LEU A 828 -53.13 27.49 69.05
C LEU A 828 -53.46 27.28 70.52
N ILE A 829 -52.69 27.89 71.40
CA ILE A 829 -53.04 27.77 72.81
C ILE A 829 -54.17 28.67 73.15
N PHE A 830 -54.34 29.76 72.39
CA PHE A 830 -55.51 30.61 72.55
C PHE A 830 -56.74 29.74 72.36
N ILE A 831 -56.67 28.79 71.43
CA ILE A 831 -57.85 27.97 71.16
C ILE A 831 -58.30 27.24 72.42
N GLU A 832 -57.35 26.70 73.19
CA GLU A 832 -57.70 26.03 74.44
C GLU A 832 -58.29 27.08 75.38
N ILE A 833 -57.65 28.24 75.45
CA ILE A 833 -58.10 29.36 76.27
C ILE A 833 -59.47 29.85 75.81
N ALA A 834 -59.65 29.88 74.49
CA ALA A 834 -60.91 30.32 73.90
C ALA A 834 -62.04 29.38 74.30
N TYR A 835 -61.75 28.10 74.41
CA TYR A 835 -62.77 27.20 74.87
C TYR A 835 -62.72 27.27 76.40
N LYS A 836 -62.66 28.50 76.91
CA LYS A 836 -62.60 28.77 78.34
C LYS A 836 -63.94 29.22 78.90
N PHE B 25 10.82 82.68 -21.78
CA PHE B 25 11.59 83.04 -20.60
C PHE B 25 12.80 82.12 -20.43
N PRO B 26 12.57 80.94 -19.89
CA PRO B 26 13.64 79.96 -19.68
C PRO B 26 14.28 79.51 -21.00
N VAL B 27 13.45 79.30 -22.01
CA VAL B 27 13.91 78.87 -23.33
C VAL B 27 14.85 77.67 -23.24
N LEU B 28 14.33 76.55 -22.75
CA LEU B 28 15.12 75.33 -22.60
C LEU B 28 15.56 74.78 -23.96
N ASN B 29 16.58 73.93 -23.96
CA ASN B 29 17.03 73.29 -25.19
C ASN B 29 16.85 71.78 -25.13
N ILE B 30 16.09 71.24 -26.09
CA ILE B 30 15.67 69.85 -26.11
C ILE B 30 15.83 69.20 -27.50
N ALA B 31 16.06 67.89 -27.52
CA ALA B 31 16.18 67.14 -28.77
C ALA B 31 15.43 65.81 -28.72
N VAL B 32 14.86 65.43 -29.86
CA VAL B 32 14.14 64.17 -29.99
C VAL B 32 14.47 63.48 -31.32
N ILE B 33 14.56 62.15 -31.27
CA ILE B 33 14.91 61.40 -32.47
C ILE B 33 13.93 60.28 -32.78
N LEU B 34 13.51 60.22 -34.04
CA LEU B 34 12.60 59.18 -34.48
C LEU B 34 13.34 58.30 -35.46
N GLY B 35 13.41 57.01 -35.15
CA GLY B 35 14.09 56.06 -36.01
C GLY B 35 13.04 55.07 -36.48
N ARG B 36 12.80 54.91 -37.77
CA ARG B 36 11.76 53.93 -38.06
C ARG B 36 11.59 53.29 -39.43
N THR B 37 10.99 52.12 -39.40
CA THR B 37 10.60 51.36 -40.59
C THR B 37 9.09 51.58 -40.90
N ARG B 38 8.41 52.35 -40.06
CA ARG B 38 6.99 52.67 -40.17
C ARG B 38 6.92 54.18 -40.35
N TYR B 39 6.09 54.62 -41.29
CA TYR B 39 6.11 56.02 -41.72
C TYR B 39 5.43 57.16 -40.96
N ILE B 40 6.29 58.05 -40.50
CA ILE B 40 5.96 59.31 -39.83
C ILE B 40 7.23 60.18 -39.80
N THR B 41 7.07 61.49 -39.76
CA THR B 41 8.26 62.32 -39.64
C THR B 41 8.24 62.98 -38.29
N GLU B 42 9.42 63.28 -37.80
CA GLU B 42 9.54 63.95 -36.54
C GLU B 42 8.91 65.30 -36.66
N ARG B 43 9.07 65.93 -37.82
CA ARG B 43 8.44 67.19 -38.12
C ARG B 43 6.95 67.20 -37.84
N ASP B 44 6.26 66.17 -38.32
CA ASP B 44 4.83 66.05 -38.06
C ASP B 44 4.55 66.27 -36.59
N ILE B 45 5.14 65.40 -35.78
CA ILE B 45 4.92 65.44 -34.37
C ILE B 45 5.68 66.57 -33.70
N ARG B 46 6.69 67.09 -34.37
CA ARG B 46 7.50 68.19 -33.87
C ARG B 46 6.65 69.36 -33.62
N SER B 47 6.06 69.84 -34.70
CA SER B 47 5.24 71.01 -34.61
C SER B 47 4.06 70.74 -33.71
N LEU B 48 3.58 69.51 -33.73
CA LEU B 48 2.47 69.12 -32.89
C LEU B 48 2.82 69.27 -31.44
N TRP B 49 3.94 68.70 -31.04
CA TRP B 49 4.33 68.75 -29.67
C TRP B 49 4.65 70.15 -29.26
N THR B 50 5.22 70.96 -30.16
CA THR B 50 5.52 72.32 -29.78
C THR B 50 4.26 73.13 -29.59
N ARG B 51 3.22 72.79 -30.34
CA ARG B 51 1.94 73.45 -30.16
C ARG B 51 1.37 73.05 -28.83
N ASP B 52 1.33 71.74 -28.61
CA ASP B 52 0.87 71.16 -27.36
C ASP B 52 1.84 71.57 -26.26
N MET B 53 3.12 71.53 -26.60
CA MET B 53 4.21 71.92 -25.72
C MET B 53 4.10 73.40 -25.36
N SER B 54 3.59 74.20 -26.30
CA SER B 54 3.69 75.67 -26.20
C SER B 54 3.21 76.45 -24.96
N LEU B 55 1.98 76.18 -24.54
CA LEU B 55 1.39 76.84 -23.37
C LEU B 55 1.97 76.51 -22.00
N ASP B 56 2.24 75.23 -21.75
CA ASP B 56 2.73 74.79 -20.46
C ASP B 56 4.10 75.31 -20.05
N PHE B 57 5.07 75.26 -20.96
CA PHE B 57 6.41 75.72 -20.66
C PHE B 57 7.20 76.07 -21.92
N ASP B 58 8.24 76.89 -21.75
CA ASP B 58 9.09 77.26 -22.87
C ASP B 58 9.94 76.05 -23.28
N VAL B 59 10.14 75.90 -24.58
CA VAL B 59 10.94 74.79 -25.10
C VAL B 59 11.48 75.08 -26.50
N ASN B 60 12.71 74.63 -26.75
CA ASN B 60 13.34 74.81 -28.06
C ASN B 60 13.69 73.42 -28.55
N VAL B 61 13.19 73.03 -29.71
CA VAL B 61 13.35 71.65 -30.13
C VAL B 61 14.17 71.49 -31.40
N VAL B 62 15.06 70.51 -31.41
CA VAL B 62 15.68 70.11 -32.66
C VAL B 62 15.36 68.64 -32.89
N THR B 63 14.77 68.33 -34.05
CA THR B 63 14.39 66.96 -34.33
C THR B 63 15.31 66.34 -35.36
N LEU B 64 15.71 65.09 -35.13
CA LEU B 64 16.51 64.38 -36.15
C LEU B 64 16.08 62.93 -36.26
N LEU B 65 16.15 62.35 -37.46
CA LEU B 65 15.85 60.92 -37.57
C LEU B 65 17.02 60.17 -38.20
N VAL B 66 17.14 58.90 -37.82
CA VAL B 66 18.11 57.95 -38.38
C VAL B 66 17.44 56.60 -38.64
N GLN B 67 17.70 56.01 -39.80
CA GLN B 67 17.00 54.81 -40.28
C GLN B 67 17.12 53.43 -39.58
N GLN B 68 18.33 53.03 -39.19
CA GLN B 68 18.60 51.71 -38.57
C GLN B 68 19.56 51.88 -37.39
N THR B 69 19.49 51.04 -36.36
CA THR B 69 20.21 51.37 -35.14
C THR B 69 21.56 50.70 -35.11
N ASP B 70 22.53 51.46 -34.60
CA ASP B 70 23.90 50.99 -34.43
C ASP B 70 24.50 51.67 -33.20
N PRO B 71 25.44 51.00 -32.54
CA PRO B 71 26.09 51.58 -31.35
C PRO B 71 26.86 52.83 -31.74
N LYS B 72 27.58 52.71 -32.86
CA LYS B 72 28.35 53.81 -33.45
C LYS B 72 27.51 54.96 -34.03
N SER B 73 26.42 54.62 -34.74
CA SER B 73 25.57 55.64 -35.34
C SER B 73 24.89 56.46 -34.24
N ILE B 74 24.27 55.77 -33.30
CA ILE B 74 23.57 56.47 -32.23
C ILE B 74 24.50 57.30 -31.36
N ILE B 75 25.61 56.71 -30.93
CA ILE B 75 26.56 57.45 -30.09
C ILE B 75 27.09 58.69 -30.80
N THR B 76 27.50 58.50 -32.06
CA THR B 76 28.05 59.58 -32.85
C THR B 76 27.02 60.68 -33.01
N HIS B 77 25.80 60.31 -33.37
CA HIS B 77 24.79 61.30 -33.70
C HIS B 77 24.38 62.09 -32.46
N VAL B 78 24.18 61.39 -31.35
CA VAL B 78 23.70 62.06 -30.14
C VAL B 78 24.79 63.02 -29.66
N CYS B 79 26.05 62.59 -29.68
CA CYS B 79 27.14 63.50 -29.37
C CYS B 79 27.22 64.66 -30.37
N ASP B 80 26.96 64.35 -31.63
CA ASP B 80 26.96 65.33 -32.71
C ASP B 80 25.92 66.42 -32.49
N LEU B 81 24.69 66.07 -32.18
CA LEU B 81 23.66 67.10 -31.89
C LEU B 81 23.83 67.87 -30.55
N MET B 82 24.17 67.12 -29.51
CA MET B 82 24.31 67.64 -28.16
C MET B 82 25.38 68.70 -28.01
N SER B 83 26.57 68.40 -28.53
CA SER B 83 27.73 69.29 -28.48
C SER B 83 27.54 70.59 -29.27
N GLY B 84 26.95 70.49 -30.45
CA GLY B 84 26.74 71.65 -31.30
C GLY B 84 25.82 72.66 -30.64
N THR B 85 24.78 72.14 -29.99
CA THR B 85 23.81 72.97 -29.28
C THR B 85 23.75 72.45 -27.86
N LYS B 86 23.64 73.35 -26.89
CA LYS B 86 23.58 72.93 -25.49
C LYS B 86 22.17 72.54 -25.05
N ILE B 87 21.69 71.41 -25.58
CA ILE B 87 20.38 70.89 -25.23
C ILE B 87 20.41 70.33 -23.83
N HIS B 88 19.30 70.47 -23.11
CA HIS B 88 19.22 69.95 -21.77
C HIS B 88 18.46 68.65 -21.71
N GLY B 89 17.51 68.46 -22.62
CA GLY B 89 16.74 67.23 -22.50
C GLY B 89 16.32 66.65 -23.82
N VAL B 90 16.30 65.33 -23.88
CA VAL B 90 15.88 64.65 -25.08
C VAL B 90 15.06 63.42 -24.78
N VAL B 91 14.49 62.86 -25.84
CA VAL B 91 13.76 61.58 -25.80
C VAL B 91 14.24 60.73 -26.99
N PHE B 92 13.90 59.45 -27.02
CA PHE B 92 14.28 58.54 -28.11
C PHE B 92 13.09 57.77 -28.68
N GLY B 93 12.99 57.71 -30.01
CA GLY B 93 11.91 56.98 -30.69
C GLY B 93 12.41 55.98 -31.73
N ASP B 94 11.86 54.76 -31.71
CA ASP B 94 12.28 53.72 -32.66
C ASP B 94 11.16 52.76 -33.13
N ASP B 95 11.34 52.16 -34.30
CA ASP B 95 10.38 51.20 -34.82
C ASP B 95 10.97 49.80 -34.68
N THR B 96 12.04 49.71 -33.89
CA THR B 96 12.75 48.46 -33.66
C THR B 96 12.82 48.09 -32.18
N ASP B 97 12.83 46.79 -31.89
CA ASP B 97 12.85 46.25 -30.54
C ASP B 97 14.16 45.60 -30.07
N GLN B 98 15.29 45.97 -30.67
CA GLN B 98 16.54 45.33 -30.30
C GLN B 98 16.84 45.49 -28.82
N GLU B 99 17.25 44.39 -28.21
CA GLU B 99 17.59 44.36 -26.79
C GLU B 99 18.82 45.11 -26.27
N ALA B 100 19.93 45.05 -27.01
CA ALA B 100 21.15 45.68 -26.54
C ALA B 100 21.09 47.20 -26.47
N ILE B 101 20.28 47.77 -27.34
CA ILE B 101 20.31 49.20 -27.59
C ILE B 101 20.15 50.03 -26.33
N ALA B 102 19.24 49.62 -25.46
CA ALA B 102 18.94 50.38 -24.27
C ALA B 102 20.21 50.56 -23.46
N GLN B 103 20.92 49.46 -23.26
CA GLN B 103 22.11 49.51 -22.44
C GLN B 103 23.10 50.51 -23.02
N ILE B 104 23.24 50.51 -24.34
CA ILE B 104 24.19 51.42 -24.95
C ILE B 104 23.88 52.86 -24.64
N LEU B 105 22.61 53.23 -24.82
CA LEU B 105 22.26 54.61 -24.59
C LEU B 105 22.43 54.92 -23.11
N ASP B 106 22.14 53.91 -22.28
CA ASP B 106 22.28 54.03 -20.84
C ASP B 106 23.72 54.33 -20.52
N PHE B 107 24.62 53.66 -21.22
CA PHE B 107 26.03 53.89 -20.97
C PHE B 107 26.37 55.35 -21.22
N VAL B 108 25.83 55.90 -22.30
CA VAL B 108 26.07 57.31 -22.61
C VAL B 108 25.56 58.18 -21.48
N SER B 109 24.39 57.80 -20.96
CA SER B 109 23.81 58.53 -19.87
C SER B 109 24.75 58.53 -18.67
N SER B 110 25.37 57.41 -18.33
CA SER B 110 26.18 57.47 -17.13
C SER B 110 27.24 58.58 -17.24
N GLN B 111 27.95 58.66 -18.36
CA GLN B 111 28.95 59.72 -18.52
C GLN B 111 28.44 61.17 -18.66
N THR B 112 27.43 61.36 -19.52
CA THR B 112 26.86 62.70 -19.80
C THR B 112 26.07 63.43 -18.70
N PHE B 113 25.22 62.68 -18.01
CA PHE B 113 24.38 63.24 -16.95
C PHE B 113 23.22 64.01 -17.56
N ILE B 114 22.95 63.76 -18.83
CA ILE B 114 21.85 64.42 -19.53
C ILE B 114 20.65 63.50 -19.48
N PRO B 115 19.51 64.03 -19.07
CA PRO B 115 18.29 63.21 -18.96
C PRO B 115 17.88 62.67 -20.32
N ILE B 116 17.52 61.38 -20.33
CA ILE B 116 17.08 60.72 -21.55
C ILE B 116 15.93 59.78 -21.20
N LEU B 117 15.07 59.52 -22.18
CA LEU B 117 13.94 58.62 -21.96
C LEU B 117 13.48 58.08 -23.29
N GLY B 118 12.65 57.04 -23.29
CA GLY B 118 12.15 56.59 -24.58
C GLY B 118 10.73 56.07 -24.57
N ILE B 119 10.05 56.30 -25.68
CA ILE B 119 8.59 56.14 -25.73
C ILE B 119 8.04 54.91 -26.40
N HIS B 120 8.89 54.09 -27.02
CA HIS B 120 8.37 53.01 -27.85
C HIS B 120 9.44 51.94 -28.01
N GLY B 121 9.02 50.75 -28.38
CA GLY B 121 9.96 49.73 -28.83
C GLY B 121 11.00 49.32 -27.81
N GLY B 122 12.23 49.19 -28.31
CA GLY B 122 13.35 48.70 -27.52
C GLY B 122 13.74 49.56 -26.33
N SER B 123 13.72 50.87 -26.50
CA SER B 123 14.06 51.77 -25.41
C SER B 123 13.06 51.57 -24.26
N SER B 124 11.81 51.36 -24.64
CA SER B 124 10.74 51.02 -23.73
C SER B 124 10.91 49.61 -23.16
N MET B 125 11.62 48.76 -23.90
CA MET B 125 11.86 47.40 -23.45
C MET B 125 12.78 47.44 -22.24
N ILE B 126 12.61 46.50 -21.31
CA ILE B 126 13.33 46.52 -20.04
C ILE B 126 14.84 46.35 -20.22
N MET B 127 15.58 46.80 -19.21
CA MET B 127 17.06 46.75 -19.16
C MET B 127 17.58 46.44 -17.77
N ALA B 128 18.83 45.97 -17.72
CA ALA B 128 19.52 45.57 -16.50
C ALA B 128 19.55 46.68 -15.49
N ASP B 129 19.93 46.33 -14.26
CA ASP B 129 19.91 47.30 -13.18
C ASP B 129 20.67 48.59 -13.47
N LYS B 130 19.98 49.68 -13.20
CA LYS B 130 20.49 51.01 -13.44
C LYS B 130 21.71 51.26 -12.55
N ASP B 131 22.70 51.95 -13.10
CA ASP B 131 23.94 52.27 -12.40
C ASP B 131 23.70 53.29 -11.29
N GLU B 132 24.68 53.47 -10.41
CA GLU B 132 24.52 54.43 -9.32
C GLU B 132 24.30 55.83 -9.90
N MET B 133 25.06 56.21 -10.91
CA MET B 133 24.85 57.48 -11.57
C MET B 133 23.54 57.28 -12.34
N SER B 134 22.62 58.23 -12.25
CA SER B 134 21.35 58.07 -12.93
C SER B 134 21.47 57.98 -14.44
N THR B 135 20.73 57.05 -15.04
CA THR B 135 20.74 56.90 -16.47
C THR B 135 19.41 57.15 -17.07
N PHE B 136 19.35 56.96 -18.36
CA PHE B 136 18.09 57.01 -19.02
C PHE B 136 17.27 55.85 -18.50
N PHE B 137 15.97 56.05 -18.28
CA PHE B 137 15.19 54.94 -17.72
C PHE B 137 13.66 54.91 -17.86
N GLN B 138 13.14 54.65 -19.04
CA GLN B 138 11.68 54.58 -19.18
C GLN B 138 11.18 53.15 -19.41
N PHE B 139 12.00 52.37 -20.10
CA PHE B 139 11.71 50.97 -20.43
C PHE B 139 11.64 50.03 -19.23
N GLY B 140 12.55 50.23 -18.28
CA GLY B 140 12.66 49.37 -17.11
C GLY B 140 11.50 49.28 -16.13
N ALA B 141 11.23 48.06 -15.70
CA ALA B 141 10.19 47.74 -14.72
C ALA B 141 10.73 46.67 -13.77
N SER B 142 10.23 46.63 -12.54
CA SER B 142 10.71 45.66 -11.61
C SER B 142 10.38 44.32 -12.15
N ILE B 143 11.40 43.59 -12.56
CA ILE B 143 11.21 42.27 -13.11
C ILE B 143 10.49 41.44 -12.10
N LYS B 144 10.79 41.69 -10.83
CA LYS B 144 10.09 41.08 -9.74
C LYS B 144 8.61 41.36 -9.91
N GLN B 145 8.26 42.64 -9.97
CA GLN B 145 6.90 43.07 -10.23
C GLN B 145 6.31 42.38 -11.43
N GLN B 146 7.08 42.31 -12.50
CA GLN B 146 6.61 41.68 -13.72
C GLN B 146 6.25 40.25 -13.41
N ALA B 147 7.09 39.61 -12.61
CA ALA B 147 6.82 38.25 -12.20
C ALA B 147 5.60 38.18 -11.32
N THR B 148 5.35 39.21 -10.50
CA THR B 148 4.17 39.17 -9.65
C THR B 148 2.91 39.32 -10.48
N VAL B 149 3.03 40.00 -11.61
CA VAL B 149 1.94 40.07 -12.55
C VAL B 149 1.65 38.70 -13.07
N MET B 150 2.72 38.05 -13.47
CA MET B 150 2.66 36.70 -13.99
C MET B 150 2.14 35.77 -12.92
N LEU B 151 2.55 36.01 -11.68
CA LEU B 151 2.10 35.21 -10.55
C LEU B 151 0.59 35.34 -10.37
N ASN B 152 0.07 36.54 -10.64
CA ASN B 152 -1.37 36.76 -10.51
C ASN B 152 -2.05 35.80 -11.46
N ILE B 153 -1.47 35.65 -12.66
CA ILE B 153 -1.98 34.70 -13.64
C ILE B 153 -1.82 33.30 -13.07
N MET B 154 -0.66 33.05 -12.45
CA MET B 154 -0.35 31.78 -11.80
C MET B 154 -1.32 31.58 -10.63
N GLU B 155 -1.64 32.65 -9.90
CA GLU B 155 -2.56 32.53 -8.80
C GLU B 155 -3.92 32.07 -9.32
N GLU B 156 -4.37 32.66 -10.43
CA GLU B 156 -5.64 32.24 -11.02
C GLU B 156 -5.61 30.78 -11.51
N TYR B 157 -4.60 30.45 -12.33
CA TYR B 157 -4.49 29.09 -12.87
C TYR B 157 -3.16 28.37 -12.64
N ASP B 158 -2.18 29.01 -12.02
CA ASP B 158 -0.88 28.36 -11.84
C ASP B 158 -0.39 28.15 -10.41
N TRP B 159 -0.03 26.90 -10.13
CA TRP B 159 0.53 26.48 -8.85
C TRP B 159 1.68 25.50 -9.11
N HIS B 160 2.66 25.46 -8.22
CA HIS B 160 3.81 24.55 -8.36
C HIS B 160 4.46 24.63 -9.76
N VAL B 161 4.91 25.84 -10.12
CA VAL B 161 5.48 26.08 -11.43
C VAL B 161 6.62 25.13 -11.77
N PHE B 162 6.58 24.65 -13.02
CA PHE B 162 7.50 23.68 -13.55
C PHE B 162 8.91 24.16 -13.45
N SER B 163 9.22 25.34 -13.98
CA SER B 163 10.59 25.80 -13.85
C SER B 163 10.82 27.30 -13.97
N VAL B 164 11.83 27.76 -13.24
CA VAL B 164 12.27 29.14 -13.30
C VAL B 164 13.75 28.97 -13.54
N ILE B 165 14.25 29.42 -14.68
CA ILE B 165 15.66 29.25 -14.97
C ILE B 165 16.35 30.55 -15.37
N THR B 166 17.47 30.84 -14.72
CA THR B 166 18.24 32.03 -15.01
C THR B 166 19.17 31.71 -16.19
N SER B 167 18.58 31.51 -17.36
CA SER B 167 19.30 31.23 -18.61
C SER B 167 20.16 32.33 -19.28
N ASN B 168 19.64 33.53 -19.45
CA ASN B 168 20.40 34.57 -20.14
C ASN B 168 20.04 36.02 -19.81
N PHE B 169 20.97 36.91 -20.16
CA PHE B 169 20.87 38.38 -20.01
C PHE B 169 20.86 38.86 -18.56
N PRO B 170 20.28 40.02 -18.31
CA PRO B 170 20.25 40.56 -16.93
C PRO B 170 19.44 39.72 -15.95
N GLY B 171 19.76 39.89 -14.67
CA GLY B 171 19.09 39.28 -13.56
C GLY B 171 19.01 37.77 -13.44
N TYR B 172 20.01 37.03 -13.90
CA TYR B 172 19.91 35.60 -13.74
C TYR B 172 19.89 35.35 -12.24
N ARG B 173 20.83 35.98 -11.55
CA ARG B 173 20.91 35.94 -10.09
C ARG B 173 19.74 36.67 -9.42
N ASP B 174 19.37 37.83 -9.97
CA ASP B 174 18.30 38.67 -9.45
C ASP B 174 16.90 38.06 -9.50
N PHE B 175 16.59 37.41 -10.62
CA PHE B 175 15.28 36.78 -10.76
C PHE B 175 15.20 35.68 -9.74
N ILE B 176 16.31 34.98 -9.57
CA ILE B 176 16.37 33.87 -8.64
C ILE B 176 15.89 34.24 -7.22
N SER B 177 16.30 35.41 -6.72
CA SER B 177 15.89 35.84 -5.37
C SER B 177 14.40 36.13 -5.10
N PHE B 178 13.84 36.79 -6.10
CA PHE B 178 12.50 37.15 -5.96
C PHE B 178 11.67 35.91 -5.88
N ILE B 179 11.81 34.99 -6.81
CA ILE B 179 11.00 33.79 -6.64
C ILE B 179 11.00 33.35 -5.18
N LYS B 180 12.17 33.42 -4.56
CA LYS B 180 12.32 33.08 -3.15
C LYS B 180 11.55 34.05 -2.27
N THR B 181 11.61 35.34 -2.62
CA THR B 181 10.92 36.38 -1.88
C THR B 181 9.41 36.14 -1.96
N THR B 182 8.94 35.76 -3.14
CA THR B 182 7.52 35.48 -3.36
C THR B 182 7.08 34.30 -2.49
N VAL B 183 7.91 33.27 -2.54
CA VAL B 183 7.77 32.03 -1.79
C VAL B 183 7.94 32.19 -0.28
N ASP B 184 8.79 33.14 0.09
CA ASP B 184 9.11 33.45 1.48
C ASP B 184 7.94 33.97 2.32
N ASN B 185 7.04 34.69 1.69
CA ASN B 185 5.92 35.20 2.48
C ASN B 185 5.25 33.98 3.09
N SER B 186 5.09 32.93 2.30
CA SER B 186 4.46 31.72 2.80
C SER B 186 3.01 31.99 3.21
N PHE B 187 2.40 33.01 2.61
CA PHE B 187 1.01 33.33 2.90
C PHE B 187 0.09 32.22 2.41
N VAL B 188 0.40 31.71 1.23
CA VAL B 188 -0.36 30.63 0.62
C VAL B 188 0.46 29.35 0.73
N GLY B 189 0.40 28.51 -0.30
CA GLY B 189 1.15 27.27 -0.32
C GLY B 189 1.93 27.18 -1.61
N TRP B 190 2.99 27.99 -1.69
CA TRP B 190 3.84 28.03 -2.86
C TRP B 190 4.99 27.01 -2.79
N GLU B 191 5.49 26.64 -3.97
CA GLU B 191 6.60 25.70 -4.10
C GLU B 191 7.19 25.65 -5.52
N VAL B 192 8.45 25.22 -5.61
CA VAL B 192 9.18 25.13 -6.88
C VAL B 192 9.71 23.71 -7.10
N GLN B 193 9.93 23.34 -8.37
CA GLN B 193 10.39 21.99 -8.69
C GLN B 193 11.71 22.03 -9.47
N ASN B 194 11.81 22.97 -10.39
CA ASN B 194 12.99 23.13 -11.24
C ASN B 194 13.65 24.47 -10.95
N TYR B 195 14.97 24.46 -10.74
CA TYR B 195 15.70 25.68 -10.43
C TYR B 195 17.15 25.63 -10.91
N ILE B 196 17.36 25.78 -12.22
CA ILE B 196 18.73 25.75 -12.80
C ILE B 196 19.04 26.89 -13.77
N THR B 197 20.27 26.87 -14.34
CA THR B 197 20.67 27.89 -15.31
C THR B 197 21.35 27.28 -16.55
N LEU B 198 21.89 28.15 -17.42
CA LEU B 198 22.70 27.69 -18.56
C LEU B 198 22.07 27.48 -19.95
N ASP B 199 22.95 27.48 -20.96
CA ASP B 199 22.56 27.29 -22.36
C ASP B 199 23.67 26.90 -23.36
N THR B 200 24.18 27.92 -24.06
CA THR B 200 25.18 27.83 -25.14
C THR B 200 26.64 27.32 -25.03
N SER B 201 27.34 27.60 -23.93
CA SER B 201 28.77 27.27 -23.85
C SER B 201 29.20 25.80 -24.03
N TYR B 202 28.48 24.87 -23.42
CA TYR B 202 28.78 23.45 -23.51
C TYR B 202 27.60 22.72 -24.11
N THR B 203 27.58 21.41 -23.95
CA THR B 203 26.45 20.65 -24.42
C THR B 203 25.27 21.17 -23.62
N ASP B 204 24.16 21.42 -24.32
CA ASP B 204 22.97 21.97 -23.70
C ASP B 204 22.53 20.98 -22.65
N ALA B 205 23.00 19.75 -22.86
CA ALA B 205 22.61 18.54 -22.13
C ALA B 205 22.75 18.53 -20.62
N GLN B 206 23.77 19.17 -20.06
CA GLN B 206 23.89 19.18 -18.61
C GLN B 206 22.64 19.85 -18.02
N THR B 207 22.24 20.99 -18.59
CA THR B 207 21.01 21.66 -18.18
C THR B 207 19.79 20.82 -18.55
N LEU B 208 19.83 20.23 -19.75
CA LEU B 208 18.71 19.43 -20.27
C LEU B 208 18.40 18.17 -19.46
N THR B 209 19.44 17.44 -19.06
CA THR B 209 19.26 16.26 -18.25
C THR B 209 18.71 16.63 -16.89
N GLN B 210 19.07 17.81 -16.41
CA GLN B 210 18.57 18.29 -15.14
C GLN B 210 17.13 18.69 -15.30
N LEU B 211 16.84 19.29 -16.44
CA LEU B 211 15.50 19.73 -16.74
C LEU B 211 14.58 18.55 -16.89
N LYS B 212 15.08 17.46 -17.47
CA LYS B 212 14.30 16.23 -17.59
C LYS B 212 13.78 15.81 -16.23
N LYS B 213 14.59 16.03 -15.21
CA LYS B 213 14.19 15.63 -13.85
C LYS B 213 12.91 16.31 -13.34
N ILE B 214 12.76 17.60 -13.61
CA ILE B 214 11.57 18.32 -13.14
C ILE B 214 10.30 17.84 -13.84
N HIS B 215 9.21 17.73 -13.07
CA HIS B 215 7.92 17.34 -13.61
C HIS B 215 6.84 18.31 -13.14
N SER B 216 6.71 19.46 -13.78
CA SER B 216 5.71 20.44 -13.33
C SER B 216 4.82 21.17 -14.36
N SER B 217 3.78 21.80 -13.83
CA SER B 217 2.79 22.53 -14.61
C SER B 217 3.16 23.78 -15.42
N VAL B 218 3.90 24.74 -14.86
CA VAL B 218 4.22 25.91 -15.66
C VAL B 218 5.72 26.32 -15.78
N ILE B 219 6.23 26.33 -16.99
CA ILE B 219 7.59 26.73 -17.31
C ILE B 219 7.77 28.23 -17.22
N LEU B 220 8.80 28.70 -16.52
CA LEU B 220 9.02 30.14 -16.40
C LEU B 220 10.25 30.54 -17.22
N LEU B 221 10.11 31.49 -18.14
CA LEU B 221 11.25 31.85 -18.98
C LEU B 221 11.84 33.24 -18.80
N TYR B 222 13.16 33.28 -18.61
CA TYR B 222 13.89 34.53 -18.46
C TYR B 222 15.13 34.47 -19.37
N CYS B 223 14.89 34.47 -20.67
CA CYS B 223 15.95 34.41 -21.67
C CYS B 223 15.56 35.28 -22.87
N SER B 224 16.55 35.73 -23.64
CA SER B 224 16.22 36.56 -24.79
C SER B 224 15.57 35.77 -25.87
N LYS B 225 14.85 36.43 -26.77
CA LYS B 225 14.20 35.78 -27.90
C LYS B 225 15.15 34.94 -28.74
N ASP B 226 16.43 35.29 -28.74
CA ASP B 226 17.39 34.55 -29.51
C ASP B 226 17.66 33.25 -28.82
N GLU B 227 17.85 33.35 -27.51
CA GLU B 227 18.06 32.17 -26.71
C GLU B 227 16.84 31.33 -26.77
N ALA B 228 15.70 31.99 -26.68
CA ALA B 228 14.41 31.37 -26.69
C ALA B 228 14.22 30.60 -27.94
N THR B 229 14.66 31.15 -29.07
CA THR B 229 14.57 30.44 -30.33
C THR B 229 15.17 29.05 -30.16
N TYR B 230 16.37 29.02 -29.60
CA TYR B 230 16.98 27.74 -29.37
C TYR B 230 16.22 26.93 -28.34
N ILE B 231 15.76 27.59 -27.30
CA ILE B 231 14.98 26.96 -26.28
C ILE B 231 13.74 26.29 -26.84
N PHE B 232 13.13 26.90 -27.84
CA PHE B 232 11.96 26.33 -28.46
C PHE B 232 12.34 25.00 -29.05
N GLU B 233 13.51 24.99 -29.66
CA GLU B 233 14.04 23.80 -30.27
C GLU B 233 14.33 22.76 -29.21
N GLU B 234 14.80 23.23 -28.06
CA GLU B 234 15.08 22.37 -26.94
C GLU B 234 13.81 21.77 -26.39
N ALA B 235 12.80 22.59 -26.19
CA ALA B 235 11.54 22.13 -25.60
C ALA B 235 10.84 21.04 -26.41
N ARG B 236 10.85 21.15 -27.73
CA ARG B 236 10.19 20.13 -28.54
C ARG B 236 10.86 18.78 -28.30
N SER B 237 12.20 18.77 -28.30
CA SER B 237 12.95 17.55 -28.03
C SER B 237 12.72 17.12 -26.58
N LEU B 238 12.71 18.12 -25.70
CA LEU B 238 12.49 17.95 -24.27
C LEU B 238 11.12 17.40 -23.92
N GLY B 239 10.11 17.81 -24.69
CA GLY B 239 8.73 17.41 -24.43
C GLY B 239 7.97 18.44 -23.59
N LEU B 240 8.63 19.57 -23.32
CA LEU B 240 8.03 20.68 -22.58
C LEU B 240 6.86 21.28 -23.34
N MET B 241 6.95 21.23 -24.66
CA MET B 241 5.95 21.75 -25.58
C MET B 241 4.60 21.05 -25.39
N GLY B 242 4.67 19.81 -24.91
CA GLY B 242 3.48 19.00 -24.66
C GLY B 242 2.64 19.51 -23.51
N TYR B 243 1.38 19.05 -23.46
CA TYR B 243 0.44 19.52 -22.45
C TYR B 243 0.98 19.30 -21.04
N GLY B 244 0.62 20.23 -20.15
CA GLY B 244 1.07 20.22 -18.77
C GLY B 244 2.35 21.01 -18.55
N PHE B 245 2.83 21.66 -19.60
CA PHE B 245 4.04 22.48 -19.51
C PHE B 245 3.83 23.86 -20.11
N VAL B 246 3.05 24.69 -19.43
CA VAL B 246 2.78 26.05 -19.88
C VAL B 246 4.02 26.93 -19.78
N TRP B 247 4.16 27.89 -20.70
CA TRP B 247 5.32 28.76 -20.68
C TRP B 247 4.97 30.18 -20.31
N ILE B 248 5.72 30.75 -19.37
CA ILE B 248 5.57 32.12 -18.98
C ILE B 248 6.66 32.95 -19.58
N VAL B 249 6.29 33.75 -20.55
CA VAL B 249 7.23 34.53 -21.28
C VAL B 249 7.09 36.04 -21.11
N PRO B 250 8.17 36.70 -20.71
CA PRO B 250 8.37 38.13 -20.54
C PRO B 250 8.78 38.79 -21.83
N SER B 251 8.97 40.12 -21.73
CA SER B 251 9.43 41.02 -22.77
C SER B 251 10.72 40.56 -23.43
N LEU B 252 11.52 39.77 -22.71
CA LEU B 252 12.77 39.23 -23.20
C LEU B 252 12.61 38.55 -24.53
N VAL B 253 11.47 37.94 -24.70
CA VAL B 253 11.16 37.31 -25.94
C VAL B 253 10.05 38.10 -26.59
N THR B 254 8.97 38.29 -25.83
CA THR B 254 7.74 38.98 -26.24
C THR B 254 7.96 40.22 -27.09
N GLY B 255 9.15 40.82 -26.94
CA GLY B 255 9.47 42.09 -27.54
C GLY B 255 9.28 42.13 -29.03
N ASN B 256 9.57 41.04 -29.73
CA ASN B 256 9.35 41.03 -31.17
C ASN B 256 7.88 40.67 -31.43
N THR B 257 6.99 41.65 -31.27
CA THR B 257 5.56 41.43 -31.50
C THR B 257 5.33 41.12 -32.97
N ASP B 258 6.03 41.86 -33.83
CA ASP B 258 5.93 41.68 -35.25
C ASP B 258 6.40 40.30 -35.68
N ILE B 259 7.49 39.82 -35.09
CA ILE B 259 8.01 38.50 -35.49
C ILE B 259 8.15 37.41 -34.43
N ILE B 260 7.39 36.34 -34.67
CA ILE B 260 7.39 35.11 -33.90
C ILE B 260 7.98 33.90 -34.61
N PRO B 261 9.16 33.43 -34.19
CA PRO B 261 9.82 32.23 -34.64
C PRO B 261 8.78 31.15 -34.74
N TYR B 262 8.62 30.56 -35.91
CA TYR B 262 7.60 29.53 -36.03
C TYR B 262 7.73 28.45 -34.98
N GLU B 263 8.95 28.03 -34.69
CA GLU B 263 9.20 26.95 -33.74
C GLU B 263 8.77 27.25 -32.31
N PHE B 264 8.31 28.47 -32.05
CA PHE B 264 7.86 28.90 -30.76
C PHE B 264 6.59 28.15 -30.40
N PRO B 265 6.70 27.02 -29.68
CA PRO B 265 5.59 26.16 -29.23
C PRO B 265 4.49 26.97 -28.59
N SER B 266 3.57 27.47 -29.41
CA SER B 266 2.50 28.38 -28.99
C SER B 266 1.49 27.87 -27.97
N GLY B 267 0.78 28.82 -27.39
CA GLY B 267 -0.19 28.61 -26.34
C GLY B 267 0.36 29.00 -24.98
N LEU B 268 1.67 29.16 -24.88
CA LEU B 268 2.32 29.61 -23.65
C LEU B 268 2.14 31.13 -23.57
N VAL B 269 1.98 31.63 -22.35
CA VAL B 269 1.74 33.04 -22.20
C VAL B 269 2.98 33.84 -22.54
N SER B 270 2.79 34.77 -23.46
CA SER B 270 3.84 35.68 -23.87
C SER B 270 3.18 37.01 -23.58
N VAL B 271 3.79 37.84 -22.76
CA VAL B 271 3.17 39.09 -22.45
C VAL B 271 4.04 40.23 -21.99
N SER B 272 3.72 41.38 -22.60
CA SER B 272 4.37 42.67 -22.42
C SER B 272 3.42 43.79 -22.89
N TYR B 273 3.90 45.03 -22.86
CA TYR B 273 3.07 46.18 -23.25
C TYR B 273 2.61 46.14 -24.72
N ASP B 274 1.37 46.60 -24.95
CA ASP B 274 0.77 46.61 -26.28
C ASP B 274 0.61 48.03 -26.86
N ASP B 275 1.08 48.20 -28.09
CA ASP B 275 1.05 49.50 -28.79
C ASP B 275 -0.30 50.15 -29.13
N TRP B 276 -1.28 49.39 -29.59
CA TRP B 276 -2.57 49.99 -29.98
C TRP B 276 -3.24 50.74 -28.83
N ASP B 277 -3.22 50.14 -27.66
CA ASP B 277 -3.75 50.70 -26.42
C ASP B 277 -3.29 52.13 -26.20
N TYR B 278 -1.99 52.36 -26.41
CA TYR B 278 -1.39 53.67 -26.26
C TYR B 278 -0.59 54.03 -27.51
N GLY B 279 -0.82 55.21 -28.06
CA GLY B 279 -0.09 55.65 -29.23
C GLY B 279 1.38 55.91 -28.92
N ILE B 280 2.26 55.56 -29.85
CA ILE B 280 3.69 55.77 -29.65
C ILE B 280 3.98 57.27 -29.59
N GLU B 281 3.34 58.01 -30.48
CA GLU B 281 3.50 59.46 -30.52
C GLU B 281 2.99 60.03 -29.20
N ALA B 282 1.88 59.48 -28.73
CA ALA B 282 1.29 59.91 -27.46
C ALA B 282 2.25 60.00 -26.28
N ARG B 283 3.17 59.05 -26.18
CA ARG B 283 4.12 59.03 -25.07
C ARG B 283 5.07 60.23 -24.98
N VAL B 284 5.52 60.73 -26.13
CA VAL B 284 6.50 61.84 -26.17
C VAL B 284 6.07 63.19 -25.58
N ARG B 285 4.84 63.63 -25.84
CA ARG B 285 4.38 64.91 -25.34
C ARG B 285 4.33 64.90 -23.84
N ASP B 286 3.74 63.84 -23.30
CA ASP B 286 3.59 63.73 -21.87
C ASP B 286 4.91 63.82 -21.17
N GLY B 287 5.90 63.11 -21.68
CA GLY B 287 7.24 63.11 -21.16
C GLY B 287 7.81 64.49 -21.19
N LEU B 288 7.57 65.20 -22.30
CA LEU B 288 8.05 66.56 -22.44
C LEU B 288 7.41 67.43 -21.38
N GLY B 289 6.14 67.17 -21.11
CA GLY B 289 5.40 67.85 -20.08
C GLY B 289 6.01 67.57 -18.73
N ILE B 290 6.35 66.31 -18.50
CA ILE B 290 6.98 65.91 -17.26
C ILE B 290 8.29 66.62 -17.08
N ILE B 291 9.05 66.72 -18.16
CA ILE B 291 10.30 67.45 -18.14
C ILE B 291 10.05 68.89 -17.73
N THR B 292 9.03 69.49 -18.33
CA THR B 292 8.66 70.85 -18.00
C THR B 292 8.32 70.98 -16.53
N THR B 293 7.53 70.04 -16.02
CA THR B 293 7.13 70.09 -14.63
C THR B 293 8.30 69.81 -13.71
N ALA B 294 9.26 69.03 -14.18
CA ALA B 294 10.43 68.75 -13.40
C ALA B 294 11.22 70.03 -13.25
N ALA B 295 11.34 70.77 -14.36
CA ALA B 295 12.02 72.04 -14.36
C ALA B 295 11.29 73.03 -13.48
N SER B 296 9.97 73.03 -13.56
CA SER B 296 9.22 73.91 -12.68
C SER B 296 9.42 73.51 -11.22
N ALA B 297 9.65 72.24 -11.00
CA ALA B 297 9.91 71.79 -9.65
C ALA B 297 11.37 71.91 -9.27
N MET B 298 12.25 72.06 -10.25
CA MET B 298 13.66 72.26 -9.94
C MET B 298 14.11 73.70 -10.15
N LEU B 299 14.04 74.13 -11.40
CA LEU B 299 14.47 75.45 -11.81
C LEU B 299 13.74 76.52 -11.05
N GLU B 300 12.41 76.48 -11.09
CA GLU B 300 11.64 77.49 -10.39
C GLU B 300 11.94 77.41 -8.88
N LYS B 301 12.08 76.19 -8.36
CA LYS B 301 12.37 76.03 -6.94
C LYS B 301 13.86 76.07 -6.58
N HIS B 302 14.48 77.24 -6.78
CA HIS B 302 15.88 77.51 -6.41
C HIS B 302 16.97 76.54 -6.91
N SER B 303 16.87 76.10 -8.17
CA SER B 303 17.87 75.18 -8.71
C SER B 303 18.35 75.58 -10.10
N VAL B 304 19.61 75.29 -10.43
CA VAL B 304 20.13 75.63 -11.75
C VAL B 304 20.14 74.43 -12.64
N ILE B 305 19.58 74.56 -13.83
CA ILE B 305 19.58 73.44 -14.75
C ILE B 305 20.72 73.65 -15.77
N PRO B 306 21.86 73.03 -15.48
CA PRO B 306 23.07 73.14 -16.32
C PRO B 306 23.05 72.37 -17.64
N GLU B 307 23.74 72.93 -18.63
CA GLU B 307 23.86 72.34 -19.95
C GLU B 307 24.83 71.16 -19.91
N ALA B 308 24.78 70.31 -20.93
CA ALA B 308 25.65 69.13 -20.98
C ALA B 308 27.12 69.56 -20.98
N LYS B 309 27.43 70.58 -21.76
CA LYS B 309 28.77 71.18 -21.87
C LYS B 309 29.89 70.39 -22.57
N THR B 310 30.28 69.24 -22.02
CA THR B 310 31.36 68.47 -22.65
C THR B 310 31.08 66.97 -22.81
N SER B 311 31.07 66.48 -24.05
CA SER B 311 30.79 65.05 -24.24
C SER B 311 31.76 64.18 -25.06
N CYS B 312 32.42 64.75 -26.06
CA CYS B 312 33.29 63.95 -26.94
C CYS B 312 34.82 64.02 -26.86
N TYR B 313 35.40 64.71 -25.88
CA TYR B 313 36.86 64.80 -25.84
C TYR B 313 37.57 64.67 -24.50
N GLY B 314 38.81 64.17 -24.55
CA GLY B 314 39.67 64.05 -23.38
C GLY B 314 38.98 63.29 -22.26
N GLN B 315 39.61 63.36 -21.09
CA GLN B 315 39.11 62.76 -19.86
C GLN B 315 39.32 63.76 -18.73
N ASN B 316 38.56 64.86 -18.78
CA ASN B 316 38.67 65.92 -17.78
C ASN B 316 37.57 65.85 -16.72
N GLU B 317 36.83 64.74 -16.71
CA GLU B 317 35.76 64.57 -15.73
C GLU B 317 34.59 65.51 -16.03
N ARG B 318 34.53 66.03 -17.25
CA ARG B 318 33.47 66.93 -17.70
C ARG B 318 33.29 68.14 -16.77
N ASN B 319 34.41 68.74 -16.36
CA ASN B 319 34.42 69.89 -15.46
C ASN B 319 33.62 69.54 -14.21
N ASP B 320 33.85 68.32 -13.74
CA ASP B 320 33.15 67.76 -12.56
C ASP B 320 31.65 67.54 -12.78
N PRO B 321 30.98 66.98 -11.78
CA PRO B 321 29.53 66.75 -11.85
C PRO B 321 28.77 68.05 -11.59
N PRO B 322 27.62 68.25 -12.23
CA PRO B 322 26.87 69.48 -11.98
C PRO B 322 26.45 69.52 -10.52
N LEU B 323 26.65 70.66 -9.86
CA LEU B 323 26.27 70.80 -8.46
C LEU B 323 24.77 71.06 -8.37
N HIS B 324 24.10 70.33 -7.48
CA HIS B 324 22.67 70.52 -7.30
C HIS B 324 21.88 70.36 -8.59
N THR B 325 22.24 69.36 -9.38
CA THR B 325 21.55 69.08 -10.65
C THR B 325 20.08 68.73 -10.39
N LEU B 326 19.85 67.98 -9.32
CA LEU B 326 18.50 67.59 -8.89
C LEU B 326 17.65 66.86 -9.94
N HIS B 327 18.29 65.98 -10.70
CA HIS B 327 17.57 65.23 -11.73
C HIS B 327 16.49 64.27 -11.18
N ASN B 328 16.81 63.57 -10.10
CA ASN B 328 15.89 62.60 -9.52
C ASN B 328 15.06 63.01 -8.28
N PHE B 329 14.98 64.30 -8.01
CA PHE B 329 14.22 64.73 -6.85
C PHE B 329 12.78 64.23 -6.94
N MET B 330 12.18 64.28 -8.14
CA MET B 330 10.80 63.80 -8.27
C MET B 330 10.70 62.52 -9.11
N ILE B 331 10.20 61.45 -8.49
CA ILE B 331 10.02 60.17 -9.17
C ILE B 331 8.56 59.74 -9.27
N ASN B 332 7.67 60.48 -8.63
CA ASN B 332 6.25 60.17 -8.63
C ASN B 332 5.42 61.40 -8.99
N VAL B 333 5.35 61.69 -10.29
CA VAL B 333 4.62 62.87 -10.76
C VAL B 333 3.42 62.55 -11.62
N THR B 334 2.75 63.61 -12.06
CA THR B 334 1.61 63.46 -12.93
C THR B 334 1.75 64.41 -14.10
N TRP B 335 0.97 64.17 -15.13
CA TRP B 335 0.95 65.03 -16.29
C TRP B 335 -0.39 64.99 -16.95
N ASP B 336 -1.01 66.17 -17.11
CA ASP B 336 -2.38 66.28 -17.56
C ASP B 336 -3.31 65.64 -16.53
N GLY B 337 -2.83 65.48 -15.30
CA GLY B 337 -3.58 64.79 -14.27
C GLY B 337 -3.35 63.27 -14.33
N LYS B 338 -2.58 62.81 -15.33
CA LYS B 338 -2.34 61.39 -15.48
C LYS B 338 -1.37 60.97 -14.42
N ASP B 339 -1.68 59.90 -13.72
CA ASP B 339 -0.74 59.50 -12.70
C ASP B 339 0.38 58.76 -13.34
N LEU B 340 1.44 59.51 -13.62
CA LEU B 340 2.59 58.96 -14.28
C LEU B 340 3.72 58.84 -13.28
N SER B 341 3.36 58.54 -12.03
CA SER B 341 4.38 58.36 -11.03
C SER B 341 5.26 57.25 -11.49
N PHE B 342 6.55 57.39 -11.26
CA PHE B 342 7.52 56.42 -11.76
C PHE B 342 8.15 55.49 -10.74
N THR B 343 8.61 54.34 -11.25
CA THR B 343 9.27 53.30 -10.48
C THR B 343 10.75 53.53 -10.47
N GLU B 344 11.47 52.59 -9.87
CA GLU B 344 12.92 52.59 -9.85
C GLU B 344 13.51 52.38 -11.24
N ASP B 345 12.65 52.00 -12.20
CA ASP B 345 13.04 51.81 -13.56
C ASP B 345 12.65 53.02 -14.36
N GLY B 346 12.13 54.05 -13.65
CA GLY B 346 11.63 55.29 -14.20
C GLY B 346 10.27 55.06 -14.81
N TYR B 347 9.70 53.89 -14.59
CA TYR B 347 8.53 53.44 -15.29
C TYR B 347 7.27 53.72 -14.59
N GLN B 348 6.15 53.77 -15.30
CA GLN B 348 4.93 54.15 -14.60
C GLN B 348 4.78 53.29 -13.34
N ALA B 349 4.47 53.96 -12.23
CA ALA B 349 4.33 53.31 -10.93
C ALA B 349 3.22 52.27 -10.99
N ASN B 350 2.11 52.62 -11.62
CA ASN B 350 1.04 51.68 -11.79
C ASN B 350 1.28 51.24 -13.22
N PRO B 351 1.77 50.02 -13.39
CA PRO B 351 2.07 49.54 -14.73
C PRO B 351 0.82 49.41 -15.57
N LYS B 352 0.88 49.88 -16.81
CA LYS B 352 -0.27 49.72 -17.68
C LYS B 352 0.15 48.48 -18.41
N LEU B 353 -0.49 47.38 -18.04
CA LEU B 353 -0.15 46.11 -18.65
C LEU B 353 -1.34 45.35 -19.20
N VAL B 354 -1.05 44.53 -20.22
CA VAL B 354 -2.06 43.70 -20.86
C VAL B 354 -1.51 42.28 -20.91
N VAL B 355 -2.40 41.29 -20.79
CA VAL B 355 -1.97 39.90 -20.83
C VAL B 355 -2.16 39.33 -22.22
N LEU B 356 -1.09 38.78 -22.79
CA LEU B 356 -1.16 38.21 -24.13
C LEU B 356 -0.80 36.73 -24.20
N LEU B 357 -1.67 35.97 -24.86
CA LEU B 357 -1.48 34.55 -25.05
C LEU B 357 -1.05 34.19 -26.46
N LEU B 358 -0.09 33.27 -26.58
CA LEU B 358 0.33 32.87 -27.89
C LEU B 358 -0.78 31.95 -28.28
N ASN B 359 -1.48 32.34 -29.33
CA ASN B 359 -2.63 31.64 -29.84
C ASN B 359 -2.25 30.45 -30.66
N MET B 360 -3.28 29.70 -31.02
CA MET B 360 -3.15 28.49 -31.82
C MET B 360 -2.54 28.78 -33.18
N GLU B 361 -2.88 29.92 -33.78
CA GLU B 361 -2.35 30.21 -35.10
C GLU B 361 -1.55 31.49 -35.12
N ARG B 362 -0.38 31.41 -34.49
CA ARG B 362 0.57 32.50 -34.52
C ARG B 362 0.00 33.85 -34.14
N GLU B 363 -0.89 33.88 -33.16
CA GLU B 363 -1.52 35.14 -32.76
C GLU B 363 -1.53 35.40 -31.27
N TRP B 364 -1.21 36.64 -30.91
CA TRP B 364 -1.22 37.04 -29.51
C TRP B 364 -2.62 37.48 -29.14
N GLU B 365 -3.54 36.53 -28.98
CA GLU B 365 -4.91 36.86 -28.61
C GLU B 365 -4.87 37.51 -27.25
N LYS B 366 -5.66 38.56 -27.05
CA LYS B 366 -5.60 39.26 -25.76
C LYS B 366 -6.17 38.40 -24.64
N VAL B 367 -5.26 37.79 -23.90
CA VAL B 367 -5.61 36.93 -22.77
C VAL B 367 -6.28 37.73 -21.67
N GLY B 368 -5.75 38.93 -21.41
CA GLY B 368 -6.32 39.80 -20.39
C GLY B 368 -5.55 41.11 -20.26
N LYS B 369 -5.95 41.94 -19.30
CA LYS B 369 -5.26 43.20 -19.04
C LYS B 369 -5.14 43.47 -17.53
N TRP B 370 -4.04 44.10 -17.14
CA TRP B 370 -3.74 44.37 -15.74
C TRP B 370 -3.97 45.83 -15.38
N GLU B 371 -4.87 46.06 -14.43
CA GLU B 371 -5.15 47.42 -13.97
C GLU B 371 -4.84 47.53 -12.48
N ALA B 372 -3.91 48.42 -12.14
CA ALA B 372 -3.48 48.67 -10.76
C ALA B 372 -3.06 47.39 -10.05
N LYS B 373 -3.48 47.26 -8.79
CA LYS B 373 -3.17 46.08 -7.98
C LYS B 373 -3.81 44.79 -8.49
N SER B 374 -5.06 44.89 -8.91
CA SER B 374 -5.84 43.76 -9.39
C SER B 374 -5.34 43.14 -10.69
N LEU B 375 -5.50 41.82 -10.80
CA LEU B 375 -5.08 41.09 -12.00
C LEU B 375 -6.33 40.66 -12.76
N ASN B 376 -6.38 40.99 -14.05
CA ASN B 376 -7.54 40.65 -14.86
C ASN B 376 -7.28 39.76 -16.08
N MET B 377 -8.11 38.72 -16.20
CA MET B 377 -8.06 37.79 -17.30
C MET B 377 -9.42 37.85 -17.96
N LYS B 378 -9.45 38.14 -19.26
CA LYS B 378 -10.72 38.31 -19.97
C LYS B 378 -11.62 37.07 -19.90
N TYR B 379 -11.04 35.88 -20.03
CA TYR B 379 -11.86 34.67 -19.95
C TYR B 379 -11.61 33.95 -18.64
N PRO B 380 -12.66 33.82 -17.82
CA PRO B 380 -12.54 33.13 -16.53
C PRO B 380 -12.20 31.66 -16.70
N VAL B 381 -12.86 31.02 -17.66
CA VAL B 381 -12.62 29.60 -17.95
C VAL B 381 -11.26 29.41 -18.61
N TRP B 382 -10.60 28.30 -18.30
CA TRP B 382 -9.30 28.03 -18.90
C TRP B 382 -9.51 27.40 -20.27
N PRO B 383 -8.88 27.98 -21.29
CA PRO B 383 -9.01 27.47 -22.66
C PRO B 383 -8.39 26.08 -22.79
N ARG B 384 -8.98 25.25 -23.63
CA ARG B 384 -8.44 23.90 -23.83
C ARG B 384 -7.61 23.86 -25.09
N ILE B 385 -6.37 23.40 -24.96
CA ILE B 385 -5.50 23.32 -26.11
C ILE B 385 -6.00 22.26 -27.07
N ASP B 386 -6.10 22.63 -28.34
CA ASP B 386 -6.51 21.70 -29.40
C ASP B 386 -7.81 20.96 -29.06
N SER B 387 -7.79 19.65 -29.31
CA SER B 387 -8.91 18.77 -29.03
C SER B 387 -8.90 18.37 -27.56
N ASP B 388 -10.06 17.99 -27.03
CA ASP B 388 -10.12 17.58 -25.64
C ASP B 388 -9.25 16.35 -25.49
N HIS B 389 -8.42 16.34 -24.45
CA HIS B 389 -7.55 15.22 -24.20
C HIS B 389 -7.68 14.73 -22.77
N ASP B 390 -7.84 13.43 -22.61
CA ASP B 390 -7.91 12.81 -21.29
C ASP B 390 -8.94 13.46 -20.39
N ASP B 391 -10.13 13.73 -20.92
CA ASP B 391 -11.14 14.34 -20.05
C ASP B 391 -10.55 15.33 -19.04
N ASN B 392 -9.47 16.00 -19.45
CA ASN B 392 -8.77 16.95 -18.61
C ASN B 392 -9.62 18.16 -18.30
N HIS B 393 -9.61 18.58 -17.03
CA HIS B 393 -10.37 19.72 -16.55
C HIS B 393 -11.87 19.61 -16.87
N LEU B 394 -12.43 18.41 -16.69
CA LEU B 394 -13.83 18.19 -16.98
C LEU B 394 -14.64 19.04 -16.01
N SER B 395 -15.67 19.71 -16.53
CA SER B 395 -16.49 20.54 -15.68
C SER B 395 -17.26 19.68 -14.70
N ILE B 396 -17.26 20.10 -13.43
CA ILE B 396 -17.99 19.38 -12.40
C ILE B 396 -18.44 20.29 -11.27
N VAL B 397 -19.72 20.19 -10.92
CA VAL B 397 -20.28 20.98 -9.84
C VAL B 397 -20.67 20.03 -8.72
N THR B 398 -20.19 20.32 -7.50
CA THR B 398 -20.49 19.48 -6.36
C THR B 398 -21.43 20.22 -5.42
N LEU B 399 -22.56 19.61 -5.09
CA LEU B 399 -23.51 20.27 -4.20
C LEU B 399 -22.91 20.46 -2.82
N GLU B 400 -23.20 21.62 -2.24
CA GLU B 400 -22.67 21.99 -0.93
C GLU B 400 -23.64 21.65 0.19
N GLU B 401 -23.16 20.89 1.16
CA GLU B 401 -23.97 20.46 2.30
C GLU B 401 -23.08 20.17 3.50
N ALA B 402 -23.67 20.03 4.68
CA ALA B 402 -22.83 19.77 5.85
C ALA B 402 -22.04 18.47 5.70
N PRO B 403 -22.70 17.43 5.19
CA PRO B 403 -22.07 16.12 5.01
C PRO B 403 -20.90 15.97 4.01
N PHE B 404 -20.99 16.55 2.82
CA PHE B 404 -19.91 16.36 1.83
C PHE B 404 -18.95 17.50 1.50
N VAL B 405 -19.48 18.69 1.23
CA VAL B 405 -18.65 19.84 0.85
C VAL B 405 -19.10 21.08 1.61
N ILE B 406 -18.22 22.07 1.75
CA ILE B 406 -18.63 23.24 2.51
C ILE B 406 -17.96 24.46 1.96
N VAL B 407 -18.72 25.52 1.77
CA VAL B 407 -18.13 26.69 1.17
C VAL B 407 -18.09 27.90 2.06
N GLU B 408 -16.92 28.55 2.02
CA GLU B 408 -16.62 29.77 2.77
C GLU B 408 -15.79 30.70 1.88
N ASN B 409 -15.83 32.00 2.15
CA ASN B 409 -15.10 32.98 1.37
C ASN B 409 -13.57 32.87 1.46
N ILE B 410 -12.90 33.14 0.33
CA ILE B 410 -11.43 33.11 0.25
C ILE B 410 -10.84 34.28 1.02
N ASP B 411 -9.62 34.13 1.52
CA ASP B 411 -9.03 35.18 2.29
C ASP B 411 -8.64 36.33 1.41
N TYR B 412 -9.63 37.16 1.14
CA TYR B 412 -9.56 38.36 0.35
C TYR B 412 -8.51 39.36 0.83
N LEU B 413 -8.09 39.25 2.09
CA LEU B 413 -7.05 40.11 2.62
C LEU B 413 -5.76 39.80 1.92
N THR B 414 -5.61 38.54 1.54
CA THR B 414 -4.48 38.06 0.80
C THR B 414 -4.86 37.87 -0.64
N GLY B 415 -6.18 37.74 -0.85
CA GLY B 415 -6.72 37.49 -2.16
C GLY B 415 -6.55 36.03 -2.50
N THR B 416 -6.40 35.19 -1.48
CA THR B 416 -6.15 33.77 -1.74
C THR B 416 -7.06 32.85 -0.96
N CYS B 417 -7.13 31.62 -1.43
CA CYS B 417 -7.92 30.57 -0.82
C CYS B 417 -7.07 29.76 0.15
N VAL B 418 -7.70 29.23 1.19
CA VAL B 418 -7.01 28.45 2.20
C VAL B 418 -6.33 27.23 1.61
N ARG B 419 -5.07 27.05 2.00
CA ARG B 419 -4.17 26.03 1.48
C ARG B 419 -4.74 24.62 1.46
N ASN B 420 -5.46 24.25 2.51
CA ASN B 420 -6.03 22.92 2.59
C ASN B 420 -7.45 22.86 2.05
N THR B 421 -7.87 23.92 1.37
CA THR B 421 -9.17 23.95 0.77
C THR B 421 -8.99 24.14 -0.69
N VAL B 422 -10.08 24.16 -1.39
CA VAL B 422 -10.02 24.34 -2.80
C VAL B 422 -10.68 25.65 -3.18
N PRO B 423 -10.08 26.48 -4.00
CA PRO B 423 -10.61 27.74 -4.48
C PRO B 423 -11.74 27.34 -5.36
N CYS B 424 -12.87 28.03 -5.24
CA CYS B 424 -14.06 27.62 -5.93
C CYS B 424 -14.77 28.69 -6.66
N ARG B 425 -15.50 28.26 -7.68
CA ARG B 425 -16.27 29.17 -8.47
C ARG B 425 -17.64 28.66 -8.67
N LYS B 426 -18.43 29.60 -9.18
CA LYS B 426 -19.83 29.46 -9.44
C LYS B 426 -20.27 30.54 -10.43
N TYR B 427 -21.50 30.44 -10.90
CA TYR B 427 -22.00 31.45 -11.79
C TYR B 427 -22.88 32.32 -10.95
N PHE B 428 -22.60 33.63 -10.89
CA PHE B 428 -23.46 34.51 -10.14
C PHE B 428 -24.76 34.45 -10.90
N ARG B 429 -25.88 34.28 -10.19
CA ARG B 429 -27.12 34.11 -10.90
C ARG B 429 -27.51 35.28 -11.78
N LEU B 430 -27.76 34.97 -13.03
CA LEU B 430 -28.23 35.91 -14.03
C LEU B 430 -28.94 35.04 -15.03
N ALA B 431 -30.03 34.41 -14.61
CA ALA B 431 -30.78 33.54 -15.52
C ALA B 431 -31.43 34.32 -16.66
N ASN B 432 -32.05 35.44 -16.32
CA ASN B 432 -32.70 36.30 -17.32
C ASN B 432 -31.67 36.90 -18.24
N SER B 433 -30.54 37.28 -17.63
CA SER B 433 -29.43 37.89 -18.32
C SER B 433 -28.77 36.90 -19.28
N THR B 434 -28.21 37.42 -20.36
CA THR B 434 -27.51 36.59 -21.32
C THR B 434 -26.31 35.93 -20.65
N THR B 435 -25.60 36.72 -19.86
CA THR B 435 -24.43 36.26 -19.15
C THR B 435 -24.73 35.19 -18.12
N GLU B 436 -23.80 34.24 -18.04
CA GLU B 436 -23.84 33.15 -17.08
C GLU B 436 -23.69 33.71 -15.67
N GLY B 437 -22.83 34.72 -15.55
CA GLY B 437 -22.54 35.39 -14.30
C GLY B 437 -21.33 34.78 -13.65
N THR B 438 -20.66 35.53 -12.79
CA THR B 438 -19.49 35.01 -12.15
C THR B 438 -19.60 35.06 -10.65
N SER B 439 -19.45 33.91 -10.04
CA SER B 439 -19.51 33.82 -8.59
C SER B 439 -18.21 33.14 -8.30
N VAL B 440 -17.14 33.93 -8.29
CA VAL B 440 -15.79 33.47 -8.00
C VAL B 440 -15.32 33.67 -6.55
N LYS B 441 -14.11 33.19 -6.27
CA LYS B 441 -13.42 33.32 -4.97
C LYS B 441 -14.04 32.74 -3.68
N LYS B 442 -14.61 31.54 -3.76
CA LYS B 442 -15.18 30.88 -2.58
C LYS B 442 -14.43 29.56 -2.33
N CYS B 443 -13.98 29.31 -1.11
CA CYS B 443 -13.24 28.05 -0.87
C CYS B 443 -14.13 26.89 -0.47
N CYS B 444 -13.73 25.67 -0.85
CA CYS B 444 -14.52 24.48 -0.55
C CYS B 444 -13.80 23.51 0.38
N LYS B 445 -14.59 22.90 1.28
CA LYS B 445 -14.12 21.97 2.31
C LYS B 445 -14.89 20.68 2.40
N GLY B 446 -14.29 19.69 3.01
CA GLY B 446 -15.01 18.46 3.27
C GLY B 446 -14.33 17.24 2.74
N PHE B 447 -14.83 16.09 3.15
CA PHE B 447 -14.20 14.87 2.72
C PHE B 447 -14.40 14.56 1.27
N CYS B 448 -15.41 15.15 0.64
CA CYS B 448 -15.58 14.90 -0.75
C CYS B 448 -14.52 15.65 -1.45
N ILE B 449 -14.36 16.90 -1.01
CA ILE B 449 -13.30 17.74 -1.50
C ILE B 449 -11.97 17.01 -1.39
N ASP B 450 -11.75 16.35 -0.26
CA ASP B 450 -10.55 15.60 -0.06
C ASP B 450 -10.46 14.40 -1.00
N ILE B 451 -11.58 13.75 -1.23
CA ILE B 451 -11.60 12.67 -2.19
C ILE B 451 -11.24 13.17 -3.56
N LEU B 452 -11.74 14.33 -3.92
CA LEU B 452 -11.42 14.92 -5.20
C LEU B 452 -9.93 15.14 -5.31
N LYS B 453 -9.30 15.51 -4.20
CA LYS B 453 -7.85 15.65 -4.16
C LYS B 453 -7.22 14.28 -4.44
N LYS B 454 -7.79 13.25 -3.82
CA LYS B 454 -7.32 11.89 -4.02
C LYS B 454 -7.43 11.51 -5.48
N LEU B 455 -8.50 11.98 -6.09
CA LEU B 455 -8.79 11.73 -7.48
C LEU B 455 -7.92 12.52 -8.42
N SER B 456 -7.48 13.71 -8.01
CA SER B 456 -6.58 14.44 -8.88
C SER B 456 -5.39 13.57 -9.17
N LYS B 457 -4.84 13.00 -8.10
CA LYS B 457 -3.73 12.07 -8.22
C LYS B 457 -4.06 10.68 -8.79
N THR B 458 -5.16 10.08 -8.32
CA THR B 458 -5.56 8.73 -8.72
C THR B 458 -5.99 8.49 -10.17
N VAL B 459 -6.83 9.36 -10.71
CA VAL B 459 -7.30 9.24 -12.08
C VAL B 459 -6.51 10.22 -12.92
N LYS B 460 -5.64 10.97 -12.25
CA LYS B 460 -4.77 11.93 -12.93
C LYS B 460 -5.53 12.89 -13.83
N PHE B 461 -6.69 13.39 -13.38
CA PHE B 461 -7.46 14.30 -14.21
C PHE B 461 -7.75 15.67 -13.60
N THR B 462 -7.45 16.72 -14.37
CA THR B 462 -7.69 18.09 -13.93
C THR B 462 -9.20 18.35 -13.94
N TYR B 463 -9.68 19.16 -13.00
CA TYR B 463 -11.11 19.45 -12.94
C TYR B 463 -11.47 20.90 -12.69
N ASP B 464 -12.65 21.29 -13.17
CA ASP B 464 -13.19 22.63 -13.00
C ASP B 464 -14.43 22.45 -12.14
N LEU B 465 -14.57 23.26 -11.10
CA LEU B 465 -15.71 23.07 -10.21
C LEU B 465 -16.53 24.34 -10.07
N TYR B 466 -17.85 24.19 -10.21
CA TYR B 466 -18.76 25.31 -10.00
C TYR B 466 -19.99 24.87 -9.21
N LEU B 467 -20.84 25.85 -8.88
CA LEU B 467 -22.04 25.60 -8.12
C LEU B 467 -23.28 25.68 -9.00
N VAL B 468 -24.27 24.85 -8.67
CA VAL B 468 -25.51 24.83 -9.41
C VAL B 468 -26.39 26.02 -9.02
N THR B 469 -27.25 26.45 -9.95
CA THR B 469 -28.15 27.56 -9.67
C THR B 469 -29.59 27.07 -9.58
N ASN B 470 -30.11 26.52 -10.67
CA ASN B 470 -31.50 26.10 -10.69
C ASN B 470 -31.69 24.75 -10.03
N GLY B 471 -32.41 24.75 -8.91
CA GLY B 471 -32.83 23.57 -8.20
C GLY B 471 -32.04 22.67 -7.29
N LYS B 472 -30.77 22.97 -7.00
CA LYS B 472 -29.95 22.11 -6.12
C LYS B 472 -29.97 20.66 -6.62
N HIS B 473 -30.28 19.71 -5.74
CA HIS B 473 -30.33 18.30 -6.17
C HIS B 473 -31.44 18.18 -7.20
N GLY B 474 -31.17 17.49 -8.31
CA GLY B 474 -32.15 17.44 -9.37
C GLY B 474 -33.61 17.30 -9.01
N LYS B 475 -34.45 18.13 -9.61
CA LYS B 475 -35.89 18.06 -9.37
C LYS B 475 -36.57 17.85 -10.71
N LYS B 476 -37.45 16.86 -10.80
CA LYS B 476 -38.11 16.62 -12.07
C LYS B 476 -39.55 17.13 -12.09
N ILE B 477 -39.78 18.12 -12.96
CA ILE B 477 -41.10 18.69 -13.12
C ILE B 477 -41.47 18.67 -14.60
N LYS B 478 -42.59 18.05 -14.92
CA LYS B 478 -43.09 17.97 -16.29
C LYS B 478 -42.05 17.40 -17.26
N ASN B 479 -41.89 18.07 -18.40
CA ASN B 479 -40.95 17.67 -19.44
C ASN B 479 -39.45 17.71 -19.12
N VAL B 480 -39.00 18.73 -18.40
CA VAL B 480 -37.57 18.88 -18.11
C VAL B 480 -37.13 18.81 -16.64
N TRP B 481 -36.09 18.03 -16.40
CA TRP B 481 -35.50 17.85 -15.08
C TRP B 481 -34.71 19.09 -14.65
N ASN B 482 -34.51 19.24 -13.35
CA ASN B 482 -33.79 20.40 -12.81
C ASN B 482 -32.65 20.00 -11.85
N GLY B 483 -31.68 20.90 -11.72
CA GLY B 483 -30.52 20.72 -10.88
C GLY B 483 -29.24 20.33 -11.58
N MET B 484 -28.30 19.78 -10.81
CA MET B 484 -27.01 19.38 -11.33
C MET B 484 -27.18 18.36 -12.46
N ILE B 485 -28.25 17.56 -12.34
CA ILE B 485 -28.59 16.55 -13.34
C ILE B 485 -28.86 17.21 -14.67
N GLY B 486 -29.45 18.41 -14.62
CA GLY B 486 -29.70 19.19 -15.82
C GLY B 486 -28.40 19.55 -16.52
N GLU B 487 -27.41 19.96 -15.73
CA GLU B 487 -26.11 20.34 -16.27
C GLU B 487 -25.34 19.10 -16.72
N VAL B 488 -25.73 17.94 -16.20
CA VAL B 488 -25.18 16.67 -16.63
C VAL B 488 -25.79 16.24 -17.96
N VAL B 489 -27.07 16.58 -18.14
CA VAL B 489 -27.80 16.26 -19.36
C VAL B 489 -27.51 17.26 -20.46
N TYR B 490 -27.43 18.52 -20.10
CA TYR B 490 -27.15 19.61 -21.04
C TYR B 490 -25.72 19.58 -21.58
N LYS B 491 -24.87 18.77 -20.96
CA LYS B 491 -23.46 18.68 -21.37
C LYS B 491 -22.60 19.78 -20.73
N ARG B 492 -23.18 20.56 -19.81
CA ARG B 492 -22.48 21.62 -19.14
C ARG B 492 -21.59 20.92 -18.13
N ALA B 493 -22.13 19.87 -17.51
CA ALA B 493 -21.36 19.11 -16.54
C ALA B 493 -21.17 17.66 -16.98
N VAL B 494 -19.95 17.16 -16.84
CA VAL B 494 -19.64 15.74 -17.11
C VAL B 494 -20.06 14.86 -15.95
N MET B 495 -19.61 15.21 -14.75
CA MET B 495 -19.93 14.48 -13.53
C MET B 495 -20.45 15.42 -12.45
N ALA B 496 -21.49 14.99 -11.74
CA ALA B 496 -22.04 15.79 -10.65
C ALA B 496 -21.71 15.17 -9.30
N VAL B 497 -21.18 15.97 -8.39
CA VAL B 497 -20.75 15.47 -7.08
C VAL B 497 -21.48 16.17 -5.94
N GLY B 498 -21.65 15.47 -4.83
CA GLY B 498 -22.34 16.04 -3.68
C GLY B 498 -22.88 15.01 -2.71
N SER B 499 -23.91 15.42 -1.97
CA SER B 499 -24.60 14.54 -1.03
C SER B 499 -25.74 13.81 -1.74
N LEU B 500 -25.75 13.87 -3.06
CA LEU B 500 -26.86 13.31 -3.82
C LEU B 500 -27.16 11.84 -3.59
N THR B 501 -28.45 11.58 -3.36
CA THR B 501 -28.98 10.24 -3.13
C THR B 501 -29.14 9.51 -4.46
N ILE B 502 -29.17 8.18 -4.40
CA ILE B 502 -29.34 7.38 -5.61
C ILE B 502 -30.77 6.87 -5.75
N ASN B 503 -31.25 6.87 -6.99
CA ASN B 503 -32.60 6.43 -7.34
C ASN B 503 -32.59 5.72 -8.69
N GLU B 504 -33.62 4.93 -8.96
CA GLU B 504 -33.71 4.19 -10.22
C GLU B 504 -33.77 5.10 -11.44
N GLU B 505 -34.53 6.19 -11.34
CA GLU B 505 -34.71 7.13 -12.44
C GLU B 505 -33.38 7.77 -12.84
N ARG B 506 -32.58 8.16 -11.86
CA ARG B 506 -31.28 8.71 -12.13
C ARG B 506 -30.53 7.60 -12.88
N SER B 507 -30.72 6.34 -12.47
CA SER B 507 -30.09 5.16 -13.04
C SER B 507 -30.40 4.93 -14.52
N VAL B 508 -31.63 5.15 -14.95
CA VAL B 508 -31.93 4.99 -16.37
C VAL B 508 -31.13 6.03 -17.16
N ALA B 509 -31.18 7.27 -16.66
CA ALA B 509 -30.48 8.41 -17.25
C ALA B 509 -28.94 8.45 -17.14
N VAL B 510 -28.43 8.08 -15.98
CA VAL B 510 -27.00 8.14 -15.68
C VAL B 510 -26.57 7.12 -14.64
N ASP B 511 -25.31 7.13 -14.25
CA ASP B 511 -24.82 6.13 -13.24
C ASP B 511 -23.69 6.47 -12.20
N PHE B 512 -23.67 5.72 -11.11
CA PHE B 512 -22.66 5.87 -10.08
C PHE B 512 -22.30 4.47 -9.61
N SER B 513 -21.00 4.23 -9.44
CA SER B 513 -20.51 2.94 -8.96
C SER B 513 -19.82 2.98 -7.58
N VAL B 514 -20.02 4.07 -6.82
CA VAL B 514 -19.33 4.19 -5.52
C VAL B 514 -19.99 3.80 -4.17
N PRO B 515 -21.19 4.31 -3.86
CA PRO B 515 -21.89 4.01 -2.60
C PRO B 515 -21.00 4.12 -1.34
N PHE B 516 -20.32 5.25 -1.21
CA PHE B 516 -19.39 5.50 -0.10
C PHE B 516 -19.90 5.53 1.36
N VAL B 517 -21.04 6.14 1.61
CA VAL B 517 -21.54 6.26 2.99
C VAL B 517 -22.97 5.77 3.21
N GLU B 518 -23.29 5.38 4.45
CA GLU B 518 -24.62 4.89 4.76
C GLU B 518 -25.53 6.03 5.18
N THR B 519 -26.59 6.27 4.42
CA THR B 519 -27.54 7.35 4.71
C THR B 519 -28.98 6.93 4.47
N GLY B 520 -29.89 7.49 5.26
CA GLY B 520 -31.31 7.21 5.14
C GLY B 520 -32.18 8.31 5.73
N ILE B 521 -33.47 8.32 5.39
CA ILE B 521 -34.39 9.31 5.93
C ILE B 521 -34.45 9.10 7.43
N SER B 522 -34.46 10.17 8.21
CA SER B 522 -34.43 9.99 9.66
C SER B 522 -35.02 11.19 10.37
N VAL B 523 -35.26 11.03 11.66
CA VAL B 523 -35.83 12.11 12.45
C VAL B 523 -35.05 12.32 13.74
N MET B 524 -34.83 13.58 14.10
CA MET B 524 -34.12 13.90 15.32
C MET B 524 -35.15 14.38 16.31
N VAL B 525 -35.30 13.68 17.42
CA VAL B 525 -36.26 14.05 18.44
C VAL B 525 -35.62 14.24 19.80
N SER B 526 -36.16 15.16 20.59
CA SER B 526 -35.69 15.24 21.98
C SER B 526 -36.72 14.36 22.74
N ARG B 527 -36.26 13.25 23.32
CA ARG B 527 -37.15 12.32 24.03
C ARG B 527 -36.59 11.71 25.33
N SER B 528 -37.49 11.20 26.17
CA SER B 528 -37.12 10.60 27.46
C SER B 528 -37.83 9.26 27.75
N ALA B 529 -37.25 8.48 28.67
CA ALA B 529 -37.77 7.17 29.08
C ALA B 529 -38.03 7.19 30.59
N GLY B 530 -38.93 6.33 31.09
CA GLY B 530 -39.23 6.38 32.50
C GLY B 530 -39.45 5.02 33.17
N THR B 531 -39.27 4.99 34.48
CA THR B 531 -39.43 3.76 35.26
C THR B 531 -40.86 3.25 35.21
N VAL B 532 -41.01 1.93 35.18
CA VAL B 532 -42.31 1.28 35.10
C VAL B 532 -42.57 0.42 36.32
N SER B 533 -43.59 0.75 37.09
CA SER B 533 -43.92 -0.09 38.22
C SER B 533 -42.86 -0.19 39.32
N PRO B 534 -41.99 0.83 39.45
CA PRO B 534 -40.96 0.90 40.50
C PRO B 534 -40.15 -0.38 40.61
N SER B 535 -39.75 -0.89 39.45
CA SER B 535 -38.96 -2.13 39.35
C SER B 535 -39.85 -3.28 39.80
N ALA B 536 -41.11 -3.16 39.40
CA ALA B 536 -42.19 -4.09 39.71
C ALA B 536 -42.21 -4.36 41.21
N PHE B 537 -41.98 -3.31 42.00
CA PHE B 537 -41.97 -3.45 43.45
C PHE B 537 -40.98 -4.54 43.81
N LEU B 538 -39.85 -4.53 43.11
CA LEU B 538 -38.83 -5.56 43.30
C LEU B 538 -39.47 -6.94 43.05
N GLU B 539 -39.86 -7.17 41.79
CA GLU B 539 -40.48 -8.40 41.32
C GLU B 539 -39.55 -9.60 41.49
N PRO B 540 -38.24 -9.38 41.33
CA PRO B 540 -37.26 -10.45 41.45
C PRO B 540 -37.30 -11.08 42.84
N PHE B 541 -37.47 -10.26 43.88
CA PHE B 541 -37.59 -10.73 45.26
C PHE B 541 -38.87 -11.57 45.41
N SER B 542 -39.85 -11.19 44.60
CA SER B 542 -41.18 -11.78 44.57
C SER B 542 -41.21 -13.26 44.21
N ALA B 543 -40.38 -13.69 43.26
CA ALA B 543 -40.38 -15.10 42.89
C ALA B 543 -39.96 -15.93 44.10
N SER B 544 -38.93 -15.47 44.81
CA SER B 544 -38.47 -16.15 46.01
C SER B 544 -38.78 -15.32 47.26
N VAL B 545 -38.50 -14.02 47.18
CA VAL B 545 -38.72 -13.11 48.31
C VAL B 545 -40.15 -12.88 48.78
N TRP B 546 -41.10 -12.69 47.86
CA TRP B 546 -42.49 -12.46 48.28
C TRP B 546 -43.07 -13.66 48.99
N VAL B 547 -42.78 -14.86 48.48
CA VAL B 547 -43.35 -16.03 49.13
C VAL B 547 -42.75 -16.20 50.53
N MET B 548 -41.45 -15.92 50.63
CA MET B 548 -40.72 -16.04 51.87
C MET B 548 -41.24 -15.07 52.90
N MET B 549 -41.73 -13.91 52.45
CA MET B 549 -42.37 -12.95 53.35
C MET B 549 -43.60 -13.59 53.94
N PHE B 550 -44.38 -14.28 53.11
CA PHE B 550 -45.53 -14.97 53.64
C PHE B 550 -45.07 -16.06 54.61
N VAL B 551 -43.97 -16.71 54.21
CA VAL B 551 -43.28 -17.74 54.97
C VAL B 551 -42.75 -17.12 56.24
N MET B 552 -42.31 -15.86 56.14
CA MET B 552 -41.78 -15.10 57.28
C MET B 552 -42.86 -14.94 58.35
N LEU B 553 -44.10 -14.70 57.92
CA LEU B 553 -45.23 -14.59 58.84
C LEU B 553 -45.43 -15.92 59.56
N LEU B 554 -45.28 -17.03 58.82
CA LEU B 554 -45.40 -18.37 59.39
C LEU B 554 -44.30 -18.59 60.43
N LEU B 555 -43.11 -18.06 60.23
CA LEU B 555 -42.05 -18.20 61.23
C LEU B 555 -42.50 -17.50 62.52
N VAL B 556 -43.16 -16.36 62.32
CA VAL B 556 -43.65 -15.52 63.40
C VAL B 556 -44.65 -16.26 64.28
N SER B 557 -45.51 -17.07 63.69
CA SER B 557 -46.47 -17.82 64.47
C SER B 557 -45.76 -18.77 65.44
N ALA B 558 -44.71 -19.43 64.96
CA ALA B 558 -43.93 -20.34 65.80
C ALA B 558 -43.26 -19.56 66.92
N MET B 559 -42.75 -18.37 66.59
CA MET B 559 -42.11 -17.54 67.60
C MET B 559 -43.12 -17.17 68.69
N ALA B 560 -44.34 -16.82 68.27
CA ALA B 560 -45.41 -16.45 69.19
C ALA B 560 -45.77 -17.63 70.08
N VAL B 561 -45.79 -18.82 69.49
CA VAL B 561 -46.11 -20.04 70.21
C VAL B 561 -45.09 -20.26 71.32
N PHE B 562 -43.80 -20.03 71.03
CA PHE B 562 -42.80 -20.19 72.09
C PHE B 562 -43.12 -19.17 73.19
N ILE B 563 -43.38 -17.96 72.69
CA ILE B 563 -43.66 -16.77 73.48
C ILE B 563 -44.92 -16.81 74.33
N PHE B 564 -45.99 -17.41 73.81
CA PHE B 564 -47.24 -17.45 74.57
C PHE B 564 -47.05 -18.18 75.89
N GLU B 565 -46.34 -19.31 75.85
CA GLU B 565 -46.11 -20.08 77.07
C GLU B 565 -45.31 -19.26 78.08
N TYR B 566 -44.28 -18.57 77.60
CA TYR B 566 -43.45 -17.75 78.48
C TYR B 566 -44.27 -16.63 79.09
N PHE B 567 -45.13 -16.02 78.28
CA PHE B 567 -45.98 -14.94 78.71
C PHE B 567 -46.96 -15.40 79.79
N SER B 568 -47.51 -16.60 79.61
CA SER B 568 -48.47 -17.09 80.60
C SER B 568 -48.20 -18.50 81.07
N PRO B 569 -47.10 -18.67 81.80
CA PRO B 569 -46.77 -19.97 82.37
C PRO B 569 -48.03 -20.85 82.39
N VAL B 570 -49.17 -20.26 82.73
CA VAL B 570 -50.45 -20.97 82.78
C VAL B 570 -51.62 -20.03 82.55
N HIS B 583 -52.32 -6.28 80.12
CA HIS B 583 -53.72 -6.63 79.99
C HIS B 583 -54.02 -7.13 78.59
N GLY B 584 -54.52 -8.36 78.50
CA GLY B 584 -54.86 -8.94 77.22
C GLY B 584 -53.72 -8.96 76.23
N PRO B 585 -52.53 -9.31 76.70
CA PRO B 585 -51.36 -9.37 75.84
C PRO B 585 -51.64 -10.25 74.64
N SER B 586 -52.62 -11.15 74.75
CA SER B 586 -52.88 -12.00 73.58
C SER B 586 -53.05 -11.26 72.25
N PHE B 587 -53.29 -9.96 72.32
CA PHE B 587 -53.39 -9.11 71.14
C PHE B 587 -52.02 -8.88 70.49
N THR B 588 -50.95 -9.19 71.22
CA THR B 588 -49.57 -9.01 70.78
C THR B 588 -49.18 -9.81 69.53
N ILE B 589 -49.68 -11.03 69.41
CA ILE B 589 -49.35 -11.86 68.26
C ILE B 589 -49.84 -11.12 67.02
N GLY B 590 -51.02 -10.52 67.14
CA GLY B 590 -51.59 -9.72 66.06
C GLY B 590 -50.73 -8.50 65.81
N LYS B 591 -50.24 -7.88 66.89
CA LYS B 591 -49.38 -6.71 66.77
C LYS B 591 -48.08 -7.08 66.04
N ALA B 592 -47.54 -8.27 66.37
CA ALA B 592 -46.32 -8.79 65.77
C ALA B 592 -46.52 -9.00 64.27
N VAL B 593 -47.70 -9.49 63.89
CA VAL B 593 -47.99 -9.68 62.48
C VAL B 593 -47.92 -8.28 61.87
N TRP B 594 -48.43 -7.34 62.64
CA TRP B 594 -48.46 -5.92 62.31
C TRP B 594 -47.23 -5.25 62.91
N LEU B 595 -46.96 -5.59 64.18
CA LEU B 595 -45.81 -5.04 64.89
C LEU B 595 -44.50 -5.52 64.26
N LEU B 596 -44.46 -6.81 63.95
CA LEU B 596 -43.29 -7.42 63.32
C LEU B 596 -43.11 -6.84 61.93
N TRP B 597 -44.24 -6.67 61.23
CA TRP B 597 -44.26 -6.12 59.90
C TRP B 597 -43.74 -4.68 59.87
N GLY B 598 -44.11 -3.89 60.88
CA GLY B 598 -43.68 -2.51 60.89
C GLY B 598 -42.17 -2.47 61.02
N LEU B 599 -41.66 -3.23 62.00
CA LEU B 599 -40.22 -3.32 62.21
C LEU B 599 -39.51 -3.79 60.95
N VAL B 600 -40.19 -4.59 60.14
CA VAL B 600 -39.66 -5.04 58.86
C VAL B 600 -39.41 -3.87 57.91
N PHE B 601 -40.41 -3.02 57.72
CA PHE B 601 -40.20 -1.87 56.84
C PHE B 601 -39.86 -0.59 57.61
N ASN B 602 -38.58 -0.26 57.66
CA ASN B 602 -38.08 1.04 58.14
C ASN B 602 -38.67 1.47 59.48
N ASN B 603 -38.94 0.49 60.35
CA ASN B 603 -39.55 0.76 61.65
C ASN B 603 -40.88 1.50 61.46
N SER B 604 -40.98 2.66 62.11
CA SER B 604 -42.13 3.57 62.00
C SER B 604 -43.44 2.94 62.45
N LEU B 605 -43.36 2.03 63.42
CA LEU B 605 -44.52 1.44 64.11
C LEU B 605 -44.51 1.67 65.62
N PRO B 606 -45.51 2.37 66.13
CA PRO B 606 -45.61 2.52 67.59
C PRO B 606 -45.85 1.12 68.14
N VAL B 607 -46.77 0.41 67.47
CA VAL B 607 -47.12 -0.98 67.78
C VAL B 607 -47.48 -1.23 69.25
N GLN B 608 -46.93 -2.30 69.80
CA GLN B 608 -47.12 -2.71 71.19
C GLN B 608 -45.81 -3.27 71.71
N ASN B 609 -45.60 -3.23 73.02
CA ASN B 609 -44.35 -3.74 73.56
C ASN B 609 -44.46 -5.20 73.97
N PRO B 610 -43.82 -6.07 73.20
CA PRO B 610 -43.80 -7.51 73.50
C PRO B 610 -42.91 -7.73 74.70
N LYS B 611 -43.24 -8.69 75.57
CA LYS B 611 -42.40 -8.88 76.74
C LYS B 611 -41.59 -10.18 76.70
N GLY B 612 -42.18 -11.22 76.12
CA GLY B 612 -41.63 -12.56 76.24
C GLY B 612 -40.19 -12.57 75.81
N THR B 613 -39.34 -13.22 76.59
CA THR B 613 -37.89 -13.09 76.47
C THR B 613 -37.42 -13.55 75.10
N THR B 614 -37.99 -14.66 74.64
CA THR B 614 -37.67 -15.30 73.37
C THR B 614 -37.96 -14.40 72.17
N SER B 615 -39.03 -13.63 72.28
CA SER B 615 -39.45 -12.73 71.20
C SER B 615 -38.37 -11.69 70.89
N LYS B 616 -37.70 -11.18 71.92
CA LYS B 616 -36.65 -10.19 71.72
C LYS B 616 -35.52 -10.76 70.86
N ILE B 617 -35.15 -12.02 71.08
CA ILE B 617 -34.10 -12.62 70.28
C ILE B 617 -34.61 -12.90 68.92
N ILE B 618 -35.78 -13.50 68.88
CA ILE B 618 -36.39 -13.85 67.63
C ILE B 618 -36.57 -12.61 66.79
N VAL B 619 -37.07 -11.56 67.42
CA VAL B 619 -37.24 -10.29 66.76
C VAL B 619 -35.93 -9.72 66.29
N SER B 620 -34.88 -9.80 67.09
CA SER B 620 -33.60 -9.26 66.67
C SER B 620 -33.08 -9.98 65.46
N ILE B 621 -33.37 -11.27 65.36
CA ILE B 621 -33.02 -12.08 64.19
C ILE B 621 -33.78 -11.58 62.97
N TRP B 622 -35.07 -11.29 63.15
CA TRP B 622 -35.89 -10.74 62.09
C TRP B 622 -35.45 -9.33 61.74
N ALA B 623 -35.09 -8.56 62.76
CA ALA B 623 -34.67 -7.20 62.56
C ALA B 623 -33.45 -7.16 61.72
N PHE B 624 -32.51 -8.03 62.04
CA PHE B 624 -31.33 -8.17 61.24
C PHE B 624 -31.70 -8.40 59.80
N PHE B 625 -32.59 -9.36 59.60
CA PHE B 625 -33.08 -9.64 58.28
C PHE B 625 -33.68 -8.42 57.63
N ALA B 626 -34.55 -7.73 58.34
CA ALA B 626 -35.21 -6.56 57.81
C ALA B 626 -34.21 -5.52 57.38
N VAL B 627 -33.17 -5.34 58.19
CA VAL B 627 -32.14 -4.38 57.88
C VAL B 627 -31.43 -4.73 56.59
N ILE B 628 -31.00 -5.97 56.47
CA ILE B 628 -30.30 -6.35 55.27
C ILE B 628 -31.25 -6.40 54.10
N PHE B 629 -32.53 -6.62 54.38
CA PHE B 629 -33.52 -6.54 53.35
C PHE B 629 -33.51 -5.15 52.81
N LEU B 630 -33.60 -4.17 53.68
CA LEU B 630 -33.61 -2.79 53.28
C LEU B 630 -32.34 -2.45 52.54
N ALA B 631 -31.23 -2.98 53.01
CA ALA B 631 -29.95 -2.75 52.37
C ALA B 631 -30.01 -3.35 50.98
N SER B 632 -30.62 -4.54 50.90
CA SER B 632 -30.80 -5.22 49.63
C SER B 632 -31.72 -4.41 48.73
N TYR B 633 -32.77 -3.86 49.33
CA TYR B 633 -33.73 -3.03 48.62
C TYR B 633 -33.04 -1.78 48.09
N THR B 634 -32.17 -1.20 48.92
CA THR B 634 -31.42 -0.01 48.53
C THR B 634 -30.49 -0.34 47.36
N ALA B 635 -29.87 -1.51 47.42
CA ALA B 635 -28.98 -1.97 46.36
C ALA B 635 -29.77 -2.12 45.05
N ASN B 636 -30.98 -2.67 45.15
CA ASN B 636 -31.82 -2.84 43.97
C ASN B 636 -32.15 -1.46 43.40
N LEU B 637 -32.48 -0.52 44.29
CA LEU B 637 -32.78 0.84 43.90
C LEU B 637 -31.51 1.42 43.31
N ALA B 638 -30.39 1.10 43.94
CA ALA B 638 -29.08 1.57 43.48
C ALA B 638 -28.85 1.10 42.05
N ALA B 639 -29.23 -0.14 41.78
CA ALA B 639 -29.12 -0.74 40.45
C ALA B 639 -30.03 0.02 39.47
N PHE B 640 -31.21 0.41 39.94
CA PHE B 640 -32.17 1.13 39.12
C PHE B 640 -31.57 2.45 38.65
N MET B 641 -30.87 3.17 39.52
CA MET B 641 -30.27 4.39 39.08
C MET B 641 -29.59 4.18 37.76
N ILE B 642 -29.03 2.98 37.57
CA ILE B 642 -28.48 2.60 36.27
C ILE B 642 -29.60 2.41 35.27
N GLN B 643 -30.67 1.76 35.72
CA GLN B 643 -31.83 1.49 34.89
C GLN B 643 -32.52 2.78 34.45
N ARG B 644 -32.29 3.84 35.21
CA ARG B 644 -32.90 5.13 34.95
C ARG B 644 -32.11 5.88 33.92
N ARG B 645 -32.09 5.33 32.71
CA ARG B 645 -31.42 5.95 31.59
C ARG B 645 -32.58 6.29 30.70
N PHE B 646 -32.71 7.56 30.33
CA PHE B 646 -33.84 7.94 29.51
C PHE B 646 -33.49 7.99 28.04
N VAL B 647 -34.14 7.13 27.28
CA VAL B 647 -33.94 7.12 25.84
C VAL B 647 -35.22 7.54 25.16
N ASP B 648 -35.10 8.04 23.95
CA ASP B 648 -36.26 8.57 23.26
C ASP B 648 -37.31 7.50 23.02
N GLN B 649 -38.57 7.79 23.33
CA GLN B 649 -39.62 6.80 23.08
C GLN B 649 -40.38 7.15 21.81
N VAL B 650 -40.05 6.47 20.71
CA VAL B 650 -40.72 6.69 19.44
C VAL B 650 -40.54 5.52 18.47
N THR B 651 -41.46 5.39 17.52
CA THR B 651 -41.38 4.34 16.52
C THR B 651 -41.00 4.89 15.13
N GLY B 652 -40.61 6.16 15.08
CA GLY B 652 -40.24 6.81 13.84
C GLY B 652 -41.34 6.87 12.78
N LEU B 653 -40.99 6.46 11.57
CA LEU B 653 -41.93 6.46 10.45
C LEU B 653 -43.11 5.53 10.70
N SER B 654 -42.81 4.38 11.31
CA SER B 654 -43.80 3.37 11.64
C SER B 654 -44.85 3.89 12.63
N ASP B 655 -44.42 4.74 13.56
CA ASP B 655 -45.31 5.26 14.59
C ASP B 655 -46.54 6.00 14.09
N ASN B 656 -47.65 5.72 14.76
CA ASN B 656 -48.97 6.30 14.50
C ASN B 656 -48.96 7.82 14.54
N LYS B 657 -48.03 8.39 15.32
CA LYS B 657 -47.93 9.83 15.42
C LYS B 657 -47.58 10.41 14.05
N PHE B 658 -46.89 9.60 13.24
CA PHE B 658 -46.49 9.99 11.90
C PHE B 658 -47.54 9.56 10.87
N GLN B 659 -48.00 8.31 10.99
CA GLN B 659 -48.99 7.74 10.07
C GLN B 659 -50.37 8.38 10.09
N ARG B 660 -50.86 8.67 11.29
CA ARG B 660 -52.18 9.28 11.45
C ARG B 660 -52.07 10.46 12.40
N PRO B 661 -51.43 11.53 11.95
CA PRO B 661 -51.18 12.74 12.75
C PRO B 661 -52.43 13.48 13.24
N HIS B 662 -53.49 13.48 12.45
CA HIS B 662 -54.70 14.21 12.80
C HIS B 662 -55.40 13.75 14.08
N ASP B 663 -55.42 12.45 14.34
CA ASP B 663 -56.13 11.91 15.50
C ASP B 663 -55.70 12.45 16.86
N TYR B 664 -54.39 12.64 17.08
CA TYR B 664 -53.91 13.15 18.36
C TYR B 664 -54.40 14.58 18.63
N SER B 665 -54.84 14.81 19.87
CA SER B 665 -55.33 16.12 20.29
C SER B 665 -54.23 17.17 20.26
N PRO B 666 -53.05 16.76 20.70
CA PRO B 666 -51.87 17.65 20.73
C PRO B 666 -51.43 18.00 19.32
N PRO B 667 -50.91 19.20 19.12
CA PRO B 667 -50.46 19.60 17.78
C PRO B 667 -48.96 19.41 17.61
N PHE B 668 -48.60 18.53 16.67
CA PHE B 668 -47.22 18.23 16.36
C PHE B 668 -47.09 18.08 14.85
N ARG B 669 -45.92 18.41 14.30
CA ARG B 669 -45.73 18.25 12.88
C ARG B 669 -44.33 17.81 12.46
N PHE B 670 -44.27 16.86 11.54
CA PHE B 670 -42.99 16.43 10.97
C PHE B 670 -42.83 17.01 9.57
N GLY B 671 -41.60 17.33 9.21
CA GLY B 671 -41.33 17.95 7.93
C GLY B 671 -39.96 17.64 7.37
N THR B 672 -39.77 17.93 6.09
CA THR B 672 -38.49 17.72 5.43
C THR B 672 -38.24 18.81 4.39
N VAL B 673 -36.98 18.89 3.95
CA VAL B 673 -36.57 19.89 2.97
C VAL B 673 -37.19 19.72 1.58
N PRO B 674 -37.51 20.86 0.97
CA PRO B 674 -38.13 20.94 -0.36
C PRO B 674 -37.22 20.47 -1.48
N GLN B 675 -37.79 19.86 -2.52
CA GLN B 675 -37.02 19.37 -3.65
C GLN B 675 -36.03 18.25 -3.30
N GLY B 676 -36.38 17.46 -2.29
CA GLY B 676 -35.54 16.35 -1.88
C GLY B 676 -35.98 15.07 -2.56
N SER B 677 -35.11 14.07 -2.55
CA SER B 677 -35.42 12.76 -3.13
C SER B 677 -36.59 12.11 -2.39
N THR B 678 -36.59 12.26 -1.06
CA THR B 678 -37.63 11.68 -0.21
C THR B 678 -39.03 12.22 -0.49
N GLU B 679 -39.19 13.52 -0.72
CA GLU B 679 -40.53 14.02 -0.98
C GLU B 679 -41.28 12.99 -1.75
N ARG B 680 -40.61 12.47 -2.77
CA ARG B 680 -41.19 11.43 -3.64
C ARG B 680 -41.48 10.16 -2.86
N ASN B 681 -40.57 9.76 -1.99
CA ASN B 681 -40.81 8.60 -1.19
C ASN B 681 -42.01 8.80 -0.32
N ILE B 682 -42.14 9.97 0.23
CA ILE B 682 -43.28 10.30 1.04
C ILE B 682 -44.52 10.25 0.19
N ARG B 683 -44.47 10.83 -0.98
CA ARG B 683 -45.60 10.77 -1.86
C ARG B 683 -45.89 9.34 -2.31
N ASN B 684 -44.89 8.50 -2.25
CA ASN B 684 -45.03 7.10 -2.55
C ASN B 684 -45.14 6.23 -1.32
N ASN B 685 -45.40 6.88 -0.19
CA ASN B 685 -45.62 6.23 1.09
C ASN B 685 -46.97 6.80 1.49
N TYR B 686 -46.95 8.06 1.95
CA TYR B 686 -48.18 8.76 2.29
C TYR B 686 -48.18 10.11 1.58
N PRO B 687 -49.13 10.30 0.66
CA PRO B 687 -49.24 11.58 -0.08
C PRO B 687 -49.63 12.73 0.84
N ASP B 688 -50.55 12.42 1.74
CA ASP B 688 -51.12 13.34 2.72
C ASP B 688 -50.03 13.89 3.63
N MET B 689 -49.13 13.00 4.06
CA MET B 689 -48.01 13.36 4.92
C MET B 689 -47.09 14.33 4.19
N HIS B 690 -46.87 14.09 2.90
CA HIS B 690 -46.03 14.95 2.08
C HIS B 690 -46.65 16.35 2.00
N GLN B 691 -47.97 16.41 1.85
CA GLN B 691 -48.68 17.68 1.79
C GLN B 691 -48.52 18.42 3.11
N TYR B 692 -48.60 17.68 4.22
CA TYR B 692 -48.45 18.28 5.54
C TYR B 692 -47.03 18.85 5.68
N MET B 693 -46.04 18.12 5.18
CA MET B 693 -44.65 18.57 5.22
C MET B 693 -44.48 19.84 4.40
N VAL B 694 -45.15 19.88 3.25
CA VAL B 694 -45.12 21.02 2.35
C VAL B 694 -45.70 22.26 3.04
N LYS B 695 -46.73 22.07 3.85
CA LYS B 695 -47.36 23.18 4.57
C LYS B 695 -46.42 23.86 5.56
N PHE B 696 -45.58 23.07 6.21
CA PHE B 696 -44.64 23.55 7.24
C PHE B 696 -43.18 23.62 6.75
N HIS B 697 -43.00 23.86 5.46
CA HIS B 697 -41.66 23.88 4.87
C HIS B 697 -40.67 24.91 5.41
N GLN B 698 -39.44 24.43 5.55
CA GLN B 698 -38.29 25.19 6.04
C GLN B 698 -37.25 25.13 4.93
N LYS B 699 -36.08 25.74 5.08
CA LYS B 699 -35.16 25.65 3.96
C LYS B 699 -33.73 25.32 4.35
N GLY B 700 -33.25 25.92 5.40
CA GLY B 700 -31.88 25.67 5.80
C GLY B 700 -31.81 24.79 7.01
N VAL B 701 -30.67 24.15 7.19
CA VAL B 701 -30.44 23.27 8.33
C VAL B 701 -30.71 23.97 9.62
N GLN B 702 -30.24 25.20 9.70
CA GLN B 702 -30.40 26.02 10.87
C GLN B 702 -31.83 26.44 11.10
N ASP B 703 -32.67 26.36 10.07
CA ASP B 703 -34.05 26.74 10.23
C ASP B 703 -34.66 25.66 11.03
N ALA B 704 -34.40 24.45 10.58
CA ALA B 704 -34.89 23.28 11.24
C ALA B 704 -34.33 23.21 12.63
N LEU B 705 -33.01 23.42 12.73
CA LEU B 705 -32.33 23.37 13.99
C LEU B 705 -32.94 24.27 15.01
N VAL B 706 -33.02 25.54 14.67
CA VAL B 706 -33.59 26.51 15.55
C VAL B 706 -35.00 26.14 15.89
N SER B 707 -35.77 25.75 14.87
CA SER B 707 -37.14 25.39 15.11
C SER B 707 -37.22 24.26 16.13
N LEU B 708 -36.32 23.31 16.02
CA LEU B 708 -36.27 22.21 16.95
C LEU B 708 -35.85 22.66 18.33
N LYS B 709 -34.92 23.60 18.38
CA LYS B 709 -34.43 24.10 19.67
C LYS B 709 -35.44 25.00 20.33
N THR B 710 -36.27 25.64 19.52
CA THR B 710 -37.31 26.51 19.99
C THR B 710 -38.63 25.79 20.14
N GLY B 711 -38.74 24.61 19.55
CA GLY B 711 -39.96 23.84 19.63
C GLY B 711 -40.95 24.26 18.55
N LYS B 712 -40.51 25.11 17.62
CA LYS B 712 -41.36 25.51 16.52
C LYS B 712 -41.59 24.30 15.64
N LEU B 713 -40.60 23.43 15.61
CA LEU B 713 -40.68 22.19 14.87
C LEU B 713 -40.60 21.05 15.85
N ASP B 714 -41.59 20.19 15.78
CA ASP B 714 -41.71 19.05 16.66
C ASP B 714 -40.52 18.08 16.55
N ALA B 715 -40.17 17.73 15.33
CA ALA B 715 -39.06 16.82 15.08
C ALA B 715 -38.67 16.94 13.63
N PHE B 716 -37.52 16.36 13.25
CA PHE B 716 -37.12 16.57 11.88
C PHE B 716 -36.46 15.43 11.17
N ILE B 717 -36.99 15.11 9.99
CA ILE B 717 -36.46 14.06 9.16
C ILE B 717 -35.61 14.57 8.02
N TYR B 718 -34.49 13.90 7.81
CA TYR B 718 -33.52 14.25 6.79
C TYR B 718 -32.60 13.07 6.53
N ASP B 719 -31.57 13.27 5.72
CA ASP B 719 -30.62 12.20 5.51
C ASP B 719 -30.03 12.01 6.90
N ALA B 720 -30.05 10.78 7.38
CA ALA B 720 -29.59 10.47 8.72
C ALA B 720 -28.12 10.79 8.86
N ALA B 721 -27.38 10.54 7.79
CA ALA B 721 -25.95 10.74 7.79
C ALA B 721 -25.64 12.16 8.20
N VAL B 722 -26.37 13.10 7.61
CA VAL B 722 -26.19 14.48 7.94
C VAL B 722 -26.70 14.77 9.32
N LEU B 723 -27.84 14.19 9.66
CA LEU B 723 -28.43 14.39 10.97
C LEU B 723 -27.53 13.85 12.06
N ASN B 724 -26.82 12.79 11.74
CA ASN B 724 -25.91 12.20 12.66
C ASN B 724 -24.80 13.18 12.84
N TYR B 725 -24.36 13.75 11.73
CA TYR B 725 -23.39 14.79 11.79
C TYR B 725 -23.90 15.99 12.60
N MET B 726 -25.18 16.31 12.49
CA MET B 726 -25.76 17.37 13.30
C MET B 726 -25.59 17.04 14.77
N ALA B 727 -25.84 15.79 15.14
CA ALA B 727 -25.59 15.34 16.52
C ALA B 727 -24.09 15.39 16.78
N GLY B 728 -23.34 15.18 15.72
CA GLY B 728 -21.93 15.30 15.75
C GLY B 728 -21.48 16.72 16.08
N ARG B 729 -22.36 17.70 15.83
CA ARG B 729 -22.06 19.11 16.09
C ARG B 729 -23.04 19.93 16.95
N ASP B 730 -23.96 19.26 17.64
CA ASP B 730 -24.92 20.01 18.45
C ASP B 730 -24.22 20.80 19.54
N GLU B 731 -24.78 21.95 19.86
CA GLU B 731 -24.30 22.74 20.97
C GLU B 731 -25.31 22.36 22.05
N GLY B 732 -24.84 21.74 23.13
CA GLY B 732 -25.69 21.29 24.21
C GLY B 732 -26.24 19.87 24.12
N CYS B 733 -26.01 19.20 22.99
CA CYS B 733 -26.43 17.81 22.78
C CYS B 733 -27.92 17.48 23.01
N LYS B 734 -28.81 18.32 22.50
CA LYS B 734 -30.25 18.10 22.68
C LYS B 734 -30.99 17.35 21.57
N LEU B 735 -30.28 16.90 20.53
CA LEU B 735 -30.92 16.22 19.41
C LEU B 735 -30.41 14.80 19.21
N VAL B 736 -31.32 13.85 19.01
CA VAL B 736 -30.90 12.46 18.82
C VAL B 736 -31.56 11.78 17.61
N THR B 737 -31.05 10.62 17.21
CA THR B 737 -31.60 9.88 16.08
C THR B 737 -32.79 9.01 16.51
N ILE B 738 -33.43 8.33 15.59
CA ILE B 738 -34.58 7.56 16.01
C ILE B 738 -34.19 6.20 16.52
N GLY B 739 -34.46 5.98 17.80
CA GLY B 739 -34.15 4.73 18.44
C GLY B 739 -32.66 4.57 18.26
N SER B 740 -32.29 3.46 17.65
CA SER B 740 -30.90 3.18 17.32
C SER B 740 -30.38 4.21 16.32
N GLY B 741 -31.22 4.62 15.39
CA GLY B 741 -30.81 5.55 14.36
C GLY B 741 -30.94 4.99 12.96
N TYR B 742 -31.51 3.79 12.84
CA TYR B 742 -31.71 3.21 11.53
C TYR B 742 -32.64 4.19 10.88
N ILE B 743 -32.23 4.71 9.73
CA ILE B 743 -32.99 5.68 8.95
C ILE B 743 -34.33 5.17 8.42
N PHE B 744 -34.34 3.89 8.06
CA PHE B 744 -35.45 3.09 7.47
C PHE B 744 -35.58 3.24 5.95
N ALA B 745 -34.68 4.06 5.39
CA ALA B 745 -34.54 4.27 3.96
C ALA B 745 -33.07 3.92 3.77
N THR B 746 -32.74 3.01 2.87
CA THR B 746 -31.33 2.63 2.84
C THR B 746 -30.65 3.08 1.54
N THR B 747 -29.65 3.93 1.69
CA THR B 747 -28.90 4.42 0.54
C THR B 747 -27.54 4.98 0.91
N GLY B 748 -26.70 5.12 -0.13
CA GLY B 748 -25.36 5.66 -0.04
C GLY B 748 -25.14 6.67 -1.16
N TYR B 749 -24.17 7.57 -0.98
CA TYR B 749 -23.88 8.61 -1.97
C TYR B 749 -23.40 8.11 -3.33
N GLY B 750 -23.81 8.80 -4.39
CA GLY B 750 -23.45 8.45 -5.76
C GLY B 750 -22.98 9.63 -6.61
N ILE B 751 -22.20 9.33 -7.65
CA ILE B 751 -21.68 10.36 -8.55
C ILE B 751 -22.18 10.20 -9.99
N ALA B 752 -22.59 11.31 -10.60
CA ALA B 752 -23.12 11.29 -11.97
C ALA B 752 -22.03 11.11 -13.00
N LEU B 753 -22.41 10.56 -14.14
CA LEU B 753 -21.55 10.39 -15.30
C LEU B 753 -22.43 10.45 -16.54
N GLN B 754 -21.92 10.93 -17.66
CA GLN B 754 -22.74 10.97 -18.87
C GLN B 754 -23.14 9.51 -19.13
N LYS B 755 -24.39 9.28 -19.51
CA LYS B 755 -24.83 7.90 -19.67
C LYS B 755 -23.83 7.21 -20.59
N GLY B 756 -23.42 7.91 -21.64
CA GLY B 756 -22.45 7.39 -22.58
C GLY B 756 -21.10 7.20 -21.90
N SER B 757 -20.76 8.15 -21.03
CA SER B 757 -19.49 8.14 -20.30
C SER B 757 -19.38 6.99 -19.31
N ARG B 758 -18.16 6.47 -19.17
CA ARG B 758 -17.87 5.38 -18.28
C ARG B 758 -16.63 5.64 -17.51
N TRP B 759 -16.32 6.87 -17.16
CA TRP B 759 -15.07 7.10 -16.47
C TRP B 759 -15.19 6.35 -15.15
N LYS B 760 -16.40 5.91 -14.87
CA LYS B 760 -16.74 5.29 -13.59
C LYS B 760 -16.27 3.85 -13.50
N ARG B 761 -16.41 3.09 -14.57
CA ARG B 761 -15.94 1.70 -14.50
C ARG B 761 -14.44 1.75 -14.19
N PRO B 762 -13.72 2.61 -14.90
CA PRO B 762 -12.29 2.82 -14.64
C PRO B 762 -12.14 3.47 -13.25
N ILE B 763 -13.05 4.40 -12.96
CA ILE B 763 -13.03 5.11 -11.68
C ILE B 763 -13.27 4.16 -10.51
N ASP B 764 -14.21 3.23 -10.68
CA ASP B 764 -14.45 2.25 -9.63
C ASP B 764 -13.28 1.57 -8.98
N LEU B 765 -12.30 1.18 -9.79
CA LEU B 765 -11.18 0.44 -9.24
C LEU B 765 -10.45 1.28 -8.22
N ALA B 766 -10.22 2.54 -8.55
CA ALA B 766 -9.51 3.43 -7.64
C ALA B 766 -10.31 3.60 -6.38
N LEU B 767 -11.61 3.78 -6.55
CA LEU B 767 -12.42 3.94 -5.40
C LEU B 767 -12.37 2.81 -4.39
N LEU B 768 -12.42 1.53 -4.81
CA LEU B 768 -12.51 0.50 -3.73
C LEU B 768 -11.37 0.44 -2.74
N GLN B 769 -10.19 0.27 -3.26
CA GLN B 769 -8.99 0.31 -2.46
C GLN B 769 -9.09 1.48 -1.54
N PHE B 770 -9.73 2.54 -1.99
CA PHE B 770 -9.91 3.71 -1.16
C PHE B 770 -10.81 3.35 -0.04
N VAL B 771 -11.80 2.50 -0.31
CA VAL B 771 -12.65 1.99 0.75
C VAL B 771 -11.78 1.24 1.73
N GLY B 772 -10.97 0.34 1.18
CA GLY B 772 -10.08 -0.52 1.94
C GLY B 772 -9.04 0.28 2.71
N ASP B 773 -8.57 1.35 2.09
CA ASP B 773 -7.57 2.21 2.70
C ASP B 773 -8.11 2.87 3.98
N GLY B 774 -7.20 3.11 4.92
CA GLY B 774 -7.51 3.71 6.20
C GLY B 774 -8.05 5.13 6.17
N GLU B 775 -7.74 5.88 5.11
CA GLU B 775 -8.15 7.26 5.00
C GLU B 775 -9.67 7.49 5.04
N MET B 776 -10.49 6.64 4.41
CA MET B 776 -11.90 6.94 4.50
C MET B 776 -12.25 7.20 5.93
N GLU B 777 -11.67 6.39 6.80
CA GLU B 777 -11.85 6.53 8.21
C GLU B 777 -11.10 7.71 8.72
N GLU B 778 -10.09 8.16 7.98
CA GLU B 778 -9.39 9.34 8.38
C GLU B 778 -10.27 10.50 8.06
N LEU B 779 -10.93 10.45 6.91
CA LEU B 779 -11.85 11.47 6.48
C LEU B 779 -13.02 11.50 7.41
N GLU B 780 -13.40 10.32 7.86
CA GLU B 780 -14.42 10.20 8.84
C GLU B 780 -14.00 10.92 10.09
N LYS B 781 -12.83 10.58 10.57
CA LYS B 781 -12.32 11.25 11.74
C LYS B 781 -12.02 12.72 11.50
N LEU B 782 -11.72 13.04 10.26
CA LEU B 782 -11.40 14.38 9.87
C LEU B 782 -12.62 15.27 9.82
N TRP B 783 -13.70 14.75 9.29
CA TRP B 783 -14.90 15.54 9.09
C TRP B 783 -16.13 14.98 9.73
N LEU B 784 -16.23 13.67 9.81
CA LEU B 784 -17.42 13.06 10.37
C LEU B 784 -17.38 12.83 11.86
N THR B 785 -16.27 13.09 12.52
CA THR B 785 -16.23 12.86 13.96
C THR B 785 -17.32 13.68 14.62
N GLY B 786 -18.06 13.07 15.55
CA GLY B 786 -19.16 13.74 16.21
C GLY B 786 -19.10 13.76 17.73
N ILE B 787 -19.37 14.93 18.31
CA ILE B 787 -19.38 15.12 19.75
C ILE B 787 -20.52 14.39 20.46
N CYS B 788 -20.24 13.92 21.67
CA CYS B 788 -21.22 13.21 22.50
C CYS B 788 -21.62 11.85 21.92
N HIS B 789 -20.65 10.96 21.77
CA HIS B 789 -20.91 9.62 21.23
C HIS B 789 -21.96 8.96 22.11
N THR B 790 -22.94 8.34 21.45
CA THR B 790 -24.10 7.80 22.15
C THR B 790 -23.93 6.55 23.01
N GLU B 791 -23.28 6.69 24.16
CA GLU B 791 -23.16 5.58 25.11
C GLU B 791 -24.58 5.38 25.66
N LYS B 792 -25.00 4.15 25.89
CA LYS B 792 -26.40 4.02 26.35
C LYS B 792 -26.52 5.20 27.27
N ASN B 793 -27.29 6.20 26.86
CA ASN B 793 -27.46 7.41 27.66
C ASN B 793 -28.15 7.21 29.02
N GLU B 794 -27.73 8.02 30.00
CA GLU B 794 -28.30 7.97 31.36
C GLU B 794 -28.88 9.32 31.77
N VAL B 795 -30.06 9.30 32.42
CA VAL B 795 -30.73 10.53 32.84
C VAL B 795 -31.26 10.53 34.27
N MET B 796 -31.43 11.73 34.84
CA MET B 796 -31.94 11.93 36.19
C MET B 796 -33.09 12.94 36.17
N SER B 797 -33.98 12.90 37.16
CA SER B 797 -35.11 13.81 37.15
C SER B 797 -35.41 14.55 38.47
N SER B 798 -35.54 15.86 38.35
CA SER B 798 -35.89 16.74 39.45
C SER B 798 -37.39 16.74 39.63
N GLN B 799 -38.10 16.22 38.64
CA GLN B 799 -39.54 16.06 38.75
C GLN B 799 -39.90 14.64 39.24
N LEU B 800 -38.87 13.80 39.46
CA LEU B 800 -38.98 12.41 39.88
C LEU B 800 -39.86 11.71 38.87
N ASP B 801 -40.80 10.92 39.36
CA ASP B 801 -41.73 10.27 38.46
C ASP B 801 -43.12 10.41 39.03
N ILE B 802 -44.02 11.10 38.33
CA ILE B 802 -45.38 11.15 38.83
C ILE B 802 -46.33 10.07 38.31
N ASP B 803 -46.00 9.42 37.21
CA ASP B 803 -46.85 8.40 36.65
C ASP B 803 -46.45 7.07 37.24
N ASN B 804 -45.16 6.94 37.54
CA ASN B 804 -44.69 5.74 38.26
C ASN B 804 -45.30 5.84 39.69
N MET B 805 -45.29 7.07 40.19
CA MET B 805 -45.84 7.37 41.49
C MET B 805 -47.31 7.01 41.47
N ALA B 806 -48.00 7.37 40.39
CA ALA B 806 -49.38 6.99 40.22
C ALA B 806 -49.53 5.48 40.26
N GLY B 807 -48.63 4.74 39.59
CA GLY B 807 -48.64 3.29 39.62
C GLY B 807 -48.60 2.78 41.06
N VAL B 808 -47.72 3.40 41.84
CA VAL B 808 -47.61 3.11 43.26
C VAL B 808 -48.93 3.41 43.96
N PHE B 809 -49.52 4.54 43.60
CA PHE B 809 -50.75 4.99 44.18
C PHE B 809 -51.91 4.12 43.76
N TYR B 810 -51.79 3.44 42.63
CA TYR B 810 -52.84 2.54 42.20
C TYR B 810 -52.83 1.33 43.10
N MET B 811 -51.63 0.90 43.47
CA MET B 811 -51.49 -0.23 44.39
C MET B 811 -52.10 0.20 45.73
N LEU B 812 -51.76 1.42 46.11
CA LEU B 812 -52.27 2.04 47.32
C LEU B 812 -53.79 2.06 47.32
N ALA B 813 -54.36 2.55 46.22
CA ALA B 813 -55.79 2.64 46.07
C ALA B 813 -56.43 1.26 46.18
N ALA B 814 -55.78 0.25 45.61
CA ALA B 814 -56.30 -1.10 45.70
C ALA B 814 -56.43 -1.50 47.15
N ALA B 815 -55.42 -1.18 47.94
CA ALA B 815 -55.44 -1.48 49.35
C ALA B 815 -56.61 -0.76 50.03
N MET B 816 -56.86 0.47 49.61
CA MET B 816 -57.97 1.21 50.18
C MET B 816 -59.28 0.48 49.91
N ALA B 817 -59.42 -0.03 48.69
CA ALA B 817 -60.60 -0.80 48.34
C ALA B 817 -60.71 -2.03 49.20
N LEU B 818 -59.59 -2.68 49.45
CA LEU B 818 -59.59 -3.88 50.27
C LEU B 818 -60.06 -3.57 51.67
N SER B 819 -59.66 -2.42 52.20
CA SER B 819 -60.11 -2.07 53.53
C SER B 819 -61.59 -1.78 53.54
N LEU B 820 -62.12 -1.27 52.43
CA LEU B 820 -63.55 -1.05 52.35
C LEU B 820 -64.27 -2.38 52.38
N ILE B 821 -63.68 -3.38 51.76
CA ILE B 821 -64.23 -4.72 51.76
C ILE B 821 -64.28 -5.28 53.18
N THR B 822 -63.21 -5.07 53.94
CA THR B 822 -63.21 -5.54 55.31
C THR B 822 -64.24 -4.79 56.14
N PHE B 823 -64.47 -3.52 55.79
CA PHE B 823 -65.53 -2.77 56.44
C PHE B 823 -66.83 -3.45 56.17
N VAL B 824 -67.06 -3.77 54.89
CA VAL B 824 -68.26 -4.48 54.49
C VAL B 824 -68.44 -5.76 55.26
N TRP B 825 -67.35 -6.49 55.48
CA TRP B 825 -67.44 -7.72 56.25
C TRP B 825 -67.96 -7.47 57.64
N GLU B 826 -67.50 -6.39 58.26
CA GLU B 826 -68.00 -6.03 59.57
C GLU B 826 -69.41 -5.44 59.48
N HIS B 827 -69.66 -4.69 58.42
CA HIS B 827 -70.93 -4.06 58.13
C HIS B 827 -72.00 -5.13 58.08
N LEU B 828 -71.67 -6.22 57.41
CA LEU B 828 -72.53 -7.36 57.26
C LEU B 828 -71.99 -8.54 58.05
N PHE B 829 -71.40 -8.26 59.22
CA PHE B 829 -70.81 -9.32 60.01
C PHE B 829 -71.84 -10.37 60.36
N TYR B 830 -71.47 -11.63 60.20
CA TYR B 830 -72.37 -12.71 60.52
C TYR B 830 -72.81 -12.72 61.96
N LYS B 831 -74.12 -12.79 62.16
CA LYS B 831 -74.76 -12.87 63.48
C LYS B 831 -73.81 -13.28 64.60
N ASP C 23 26.85 2.07 -58.41
CA ASP C 23 26.23 2.10 -59.73
C ASP C 23 26.65 0.89 -60.56
N PRO C 24 26.33 -0.30 -60.07
CA PRO C 24 26.68 -1.54 -60.77
C PRO C 24 25.95 -1.66 -62.10
N LYS C 25 26.64 -2.18 -63.12
CA LYS C 25 26.06 -2.35 -64.44
C LYS C 25 24.87 -3.31 -64.39
N ILE C 26 25.01 -4.39 -63.63
CA ILE C 26 23.95 -5.38 -63.50
C ILE C 26 23.60 -5.63 -62.04
N VAL C 27 22.31 -5.80 -61.76
CA VAL C 27 21.85 -6.05 -60.41
C VAL C 27 21.00 -7.30 -60.40
N ASN C 28 21.52 -8.33 -59.75
CA ASN C 28 20.86 -9.61 -59.73
C ASN C 28 19.70 -9.66 -58.76
N ILE C 29 18.78 -10.56 -59.08
CA ILE C 29 17.65 -10.88 -58.25
C ILE C 29 17.63 -12.39 -58.23
N GLY C 30 17.00 -12.99 -57.23
CA GLY C 30 16.97 -14.43 -57.20
C GLY C 30 15.64 -14.91 -56.70
N ALA C 31 15.33 -16.17 -56.99
CA ALA C 31 14.05 -16.72 -56.63
C ALA C 31 14.08 -18.23 -56.58
N VAL C 32 13.09 -18.78 -55.88
CA VAL C 32 12.84 -20.19 -55.87
C VAL C 32 11.38 -20.37 -56.24
N LEU C 33 11.14 -21.13 -57.30
CA LEU C 33 9.79 -21.24 -57.82
C LEU C 33 9.44 -22.68 -58.14
N SER C 34 8.17 -22.94 -58.38
CA SER C 34 7.68 -24.30 -58.56
C SER C 34 8.22 -25.01 -59.81
N THR C 35 8.20 -24.33 -60.95
CA THR C 35 8.55 -24.98 -62.21
C THR C 35 9.33 -24.06 -63.14
N LYS C 36 10.06 -24.64 -64.09
CA LYS C 36 10.88 -23.90 -65.05
C LYS C 36 10.05 -22.89 -65.87
N LYS C 37 8.80 -23.25 -66.16
CA LYS C 37 7.90 -22.34 -66.86
C LYS C 37 7.73 -21.05 -66.06
N HIS C 38 7.55 -21.19 -64.75
CA HIS C 38 7.40 -20.05 -63.86
C HIS C 38 8.71 -19.27 -63.74
N GLU C 39 9.84 -19.96 -63.90
CA GLU C 39 11.13 -19.30 -63.96
C GLU C 39 11.18 -18.40 -65.18
N GLN C 40 10.72 -18.92 -66.32
CA GLN C 40 10.65 -18.13 -67.55
C GLN C 40 9.72 -16.93 -67.36
N ILE C 41 8.60 -17.14 -66.66
CA ILE C 41 7.71 -16.03 -66.34
C ILE C 41 8.42 -14.97 -65.51
N PHE C 42 9.21 -15.42 -64.55
CA PHE C 42 10.00 -14.54 -63.69
C PHE C 42 10.95 -13.68 -64.52
N ARG C 43 11.79 -14.34 -65.32
CA ARG C 43 12.73 -13.65 -66.17
C ARG C 43 12.04 -12.66 -67.11
N GLU C 44 10.89 -13.07 -67.65
CA GLU C 44 10.11 -12.18 -68.52
C GLU C 44 9.67 -10.92 -67.79
N ALA C 45 9.16 -11.08 -66.58
CA ALA C 45 8.73 -9.93 -65.78
C ALA C 45 9.90 -9.01 -65.47
N VAL C 46 11.04 -9.62 -65.13
CA VAL C 46 12.25 -8.86 -64.86
C VAL C 46 12.66 -8.03 -66.08
N ASN C 47 12.64 -8.65 -67.25
CA ASN C 47 12.95 -7.94 -68.49
C ASN C 47 11.97 -6.80 -68.76
N GLN C 48 10.71 -7.01 -68.45
CA GLN C 48 9.73 -5.94 -68.53
C GLN C 48 10.13 -4.79 -67.60
N ALA C 49 10.65 -5.13 -66.42
CA ALA C 49 11.11 -4.10 -65.50
C ALA C 49 12.31 -3.33 -66.06
N ASN C 50 13.26 -4.04 -66.64
CA ASN C 50 14.42 -3.42 -67.28
C ASN C 50 14.07 -2.49 -68.43
N LYS C 51 13.10 -2.85 -69.26
CA LYS C 51 12.70 -1.91 -70.31
C LYS C 51 12.04 -0.60 -69.81
N ARG C 52 10.97 -0.75 -69.03
CA ARG C 52 10.21 0.37 -68.49
C ARG C 52 11.02 1.23 -67.52
N HIS C 53 11.72 0.58 -66.60
CA HIS C 53 12.54 1.33 -65.68
C HIS C 53 13.82 1.80 -66.34
N PHE C 54 14.45 2.81 -65.77
CA PHE C 54 15.64 3.40 -66.36
C PHE C 54 16.68 2.29 -66.41
N THR C 55 17.32 2.13 -67.56
CA THR C 55 18.29 1.07 -67.74
C THR C 55 19.69 1.66 -67.85
N ARG C 56 19.76 2.97 -68.03
CA ARG C 56 21.04 3.65 -68.15
C ARG C 56 21.71 3.70 -66.79
N LYS C 57 20.94 4.12 -65.80
CA LYS C 57 21.42 4.20 -64.42
C LYS C 57 21.62 2.82 -63.80
N ILE C 58 20.58 1.97 -63.85
CA ILE C 58 20.64 0.64 -63.25
C ILE C 58 20.05 -0.45 -64.16
N GLN C 59 20.47 -1.70 -63.93
CA GLN C 59 20.01 -2.84 -64.71
C GLN C 59 19.57 -4.00 -63.82
N LEU C 60 18.64 -4.82 -64.32
CA LEU C 60 18.12 -5.97 -63.57
C LEU C 60 18.41 -7.30 -64.26
N ASN C 61 18.88 -8.28 -63.48
CA ASN C 61 19.20 -9.59 -64.01
C ASN C 61 18.46 -10.62 -63.15
N ALA C 62 18.01 -11.71 -63.75
CA ALA C 62 17.19 -12.66 -63.03
C ALA C 62 17.85 -14.02 -62.86
N THR C 63 17.79 -14.55 -61.65
CA THR C 63 18.23 -15.89 -61.36
C THR C 63 17.21 -16.65 -60.52
N SER C 64 17.03 -17.93 -60.80
CA SER C 64 16.00 -18.68 -60.07
C SER C 64 16.31 -20.17 -60.05
N VAL C 65 15.70 -20.89 -59.11
CA VAL C 65 15.99 -22.32 -59.03
C VAL C 65 14.79 -23.24 -58.87
N THR C 66 14.86 -24.39 -59.52
CA THR C 66 13.80 -25.39 -59.41
C THR C 66 13.88 -25.93 -57.99
N HIS C 67 12.73 -26.20 -57.39
CA HIS C 67 12.74 -26.69 -56.02
C HIS C 67 13.44 -28.04 -55.90
N ARG C 68 14.19 -28.23 -54.82
CA ARG C 68 14.87 -29.50 -54.62
C ARG C 68 14.18 -30.27 -53.50
N PRO C 69 13.92 -31.55 -53.74
CA PRO C 69 13.25 -32.39 -52.74
C PRO C 69 14.05 -32.47 -51.46
N ASN C 70 15.37 -32.60 -51.57
CA ASN C 70 16.22 -32.65 -50.39
C ASN C 70 16.12 -31.32 -49.65
N ALA C 71 16.05 -31.39 -48.33
CA ALA C 71 15.95 -30.18 -47.50
C ALA C 71 17.18 -29.30 -47.64
N ILE C 72 18.34 -29.95 -47.72
CA ILE C 72 19.62 -29.25 -47.81
C ILE C 72 19.83 -28.38 -49.04
N GLN C 73 19.39 -28.81 -50.21
CA GLN C 73 19.61 -28.01 -51.42
C GLN C 73 18.95 -26.63 -51.38
N MET C 74 17.69 -26.51 -50.95
CA MET C 74 17.15 -25.16 -50.82
C MET C 74 18.05 -24.14 -50.10
N ALA C 75 18.73 -24.52 -49.01
CA ALA C 75 19.57 -23.54 -48.32
C ALA C 75 20.95 -23.49 -48.96
N LEU C 76 21.48 -24.67 -49.25
CA LEU C 76 22.73 -24.79 -49.95
C LEU C 76 22.63 -24.14 -51.32
N SER C 77 21.44 -24.15 -51.85
CA SER C 77 21.21 -23.52 -53.10
C SER C 77 21.34 -22.07 -52.75
N VAL C 78 21.43 -21.72 -51.45
CA VAL C 78 21.44 -20.28 -51.23
C VAL C 78 22.85 -19.78 -51.04
N CYS C 79 23.63 -20.46 -50.22
CA CYS C 79 24.98 -19.99 -49.92
C CYS C 79 25.85 -19.89 -51.16
N GLU C 80 25.78 -20.88 -52.04
CA GLU C 80 26.56 -20.80 -53.26
C GLU C 80 25.71 -20.36 -54.45
N ASP C 81 24.57 -21.02 -54.64
CA ASP C 81 23.67 -20.70 -55.74
C ASP C 81 22.98 -19.34 -55.62
N LEU C 82 22.53 -19.00 -54.42
CA LEU C 82 21.81 -17.75 -54.18
C LEU C 82 22.63 -16.61 -53.57
N ILE C 83 23.92 -16.84 -53.34
CA ILE C 83 24.75 -15.79 -52.73
C ILE C 83 26.10 -15.60 -53.44
N SER C 84 26.51 -16.59 -54.21
CA SER C 84 27.70 -16.44 -55.02
C SER C 84 27.44 -15.31 -56.03
N SER C 85 26.20 -15.25 -56.53
CA SER C 85 25.76 -14.25 -57.52
C SER C 85 25.34 -12.87 -57.00
N GLN C 86 25.34 -12.70 -55.68
CA GLN C 86 24.98 -11.43 -54.99
C GLN C 86 23.57 -10.82 -55.13
N VAL C 87 22.55 -11.67 -55.24
CA VAL C 87 21.15 -11.26 -55.27
C VAL C 87 20.86 -10.11 -54.29
N TYR C 88 20.04 -9.15 -54.71
CA TYR C 88 19.67 -8.04 -53.83
C TYR C 88 18.40 -8.37 -53.08
N ALA C 89 17.79 -9.48 -53.48
CA ALA C 89 16.54 -9.93 -52.91
C ALA C 89 16.18 -11.27 -53.51
N ILE C 90 15.29 -11.97 -52.81
CA ILE C 90 14.91 -13.30 -53.20
C ILE C 90 13.41 -13.38 -53.18
N LEU C 91 12.84 -14.13 -54.12
CA LEU C 91 11.43 -14.41 -54.11
C LEU C 91 11.26 -15.89 -53.81
N VAL C 92 10.15 -16.27 -53.17
CA VAL C 92 9.93 -17.67 -52.85
C VAL C 92 8.46 -18.05 -53.02
N SER C 93 8.21 -19.24 -53.51
CA SER C 93 6.86 -19.71 -53.75
C SER C 93 6.70 -21.20 -53.46
N HIS C 94 5.46 -21.62 -53.20
CA HIS C 94 5.18 -23.01 -52.91
C HIS C 94 5.49 -23.88 -54.12
N PRO C 95 6.06 -25.06 -53.86
CA PRO C 95 6.41 -26.01 -54.91
C PRO C 95 5.19 -26.70 -55.50
N PRO C 96 5.34 -27.28 -56.69
CA PRO C 96 4.22 -27.98 -57.36
C PRO C 96 3.75 -29.15 -56.50
N ALA C 97 4.69 -29.88 -55.92
CA ALA C 97 4.37 -30.99 -55.04
C ALA C 97 4.63 -30.45 -53.64
N PRO C 98 3.64 -30.54 -52.76
CA PRO C 98 3.79 -29.99 -51.41
C PRO C 98 3.83 -31.03 -50.30
N THR C 99 4.84 -30.91 -49.44
CA THR C 99 5.00 -31.81 -48.31
C THR C 99 4.88 -30.99 -47.03
N ASP C 100 4.04 -31.46 -46.11
CA ASP C 100 3.80 -30.80 -44.83
C ASP C 100 3.35 -29.35 -44.98
N HIS C 101 3.98 -28.45 -44.23
CA HIS C 101 3.63 -27.04 -44.27
C HIS C 101 4.87 -26.13 -44.12
N LEU C 102 4.72 -24.86 -44.50
CA LEU C 102 5.79 -23.88 -44.39
C LEU C 102 7.11 -24.30 -45.04
N THR C 103 7.04 -24.71 -46.31
CA THR C 103 8.23 -25.15 -47.02
C THR C 103 9.25 -24.02 -47.09
N PRO C 104 8.81 -22.80 -47.35
CA PRO C 104 9.72 -21.66 -47.37
C PRO C 104 10.04 -21.13 -45.98
N THR C 105 10.37 -21.99 -45.01
CA THR C 105 11.02 -21.55 -43.79
C THR C 105 12.53 -21.26 -43.93
N PRO C 106 13.30 -22.12 -44.65
CA PRO C 106 14.75 -21.96 -44.55
C PRO C 106 15.23 -20.65 -45.13
N ILE C 107 14.66 -20.22 -46.25
CA ILE C 107 15.19 -19.09 -47.00
C ILE C 107 15.14 -17.84 -46.15
N SER C 108 14.04 -17.65 -45.42
CA SER C 108 13.88 -16.47 -44.59
C SER C 108 15.01 -16.43 -43.58
N TYR C 109 15.39 -17.59 -43.06
CA TYR C 109 16.54 -17.66 -42.17
C TYR C 109 17.83 -17.39 -42.93
N THR C 110 18.01 -18.09 -44.05
CA THR C 110 19.27 -18.01 -44.80
C THR C 110 19.60 -16.64 -45.34
N ALA C 111 18.63 -16.01 -45.99
CA ALA C 111 18.81 -14.67 -46.45
C ALA C 111 18.95 -13.76 -45.23
N GLY C 112 18.21 -14.12 -44.19
CA GLY C 112 18.12 -13.29 -43.00
C GLY C 112 19.45 -13.01 -42.34
N PHE C 113 20.38 -13.96 -42.46
CA PHE C 113 21.70 -13.83 -41.84
C PHE C 113 22.36 -12.59 -42.43
N TYR C 114 22.20 -12.42 -43.75
CA TYR C 114 22.82 -11.30 -44.42
C TYR C 114 21.84 -10.13 -44.58
N ARG C 115 20.64 -10.30 -44.03
CA ARG C 115 19.57 -9.31 -44.11
C ARG C 115 19.14 -9.07 -45.56
N ILE C 116 19.32 -10.06 -46.43
CA ILE C 116 18.78 -9.98 -47.78
C ILE C 116 17.27 -10.13 -47.76
N PRO C 117 16.56 -9.12 -48.28
CA PRO C 117 15.09 -9.18 -48.24
C PRO C 117 14.52 -10.37 -49.03
N VAL C 118 13.53 -11.01 -48.43
CA VAL C 118 12.86 -12.14 -49.05
C VAL C 118 11.40 -11.80 -49.25
N ILE C 119 10.85 -12.19 -50.39
CA ILE C 119 9.45 -11.91 -50.67
C ILE C 119 8.79 -13.22 -51.03
N GLY C 120 7.82 -13.66 -50.23
CA GLY C 120 7.09 -14.87 -50.61
C GLY C 120 5.87 -14.55 -51.45
N LEU C 121 5.62 -15.37 -52.47
CA LEU C 121 4.37 -15.30 -53.22
C LEU C 121 3.19 -16.08 -52.63
N THR C 122 3.44 -17.35 -52.33
CA THR C 122 2.38 -18.28 -51.88
C THR C 122 2.29 -18.61 -50.38
N THR C 123 3.12 -18.02 -49.55
CA THR C 123 3.12 -18.41 -48.13
C THR C 123 2.15 -17.55 -47.37
N ARG C 124 0.93 -18.04 -47.18
CA ARG C 124 -0.03 -17.30 -46.37
C ARG C 124 0.22 -17.58 -44.89
N MET C 125 1.19 -18.44 -44.59
CA MET C 125 1.47 -18.85 -43.21
C MET C 125 1.69 -17.68 -42.27
N SER C 126 1.14 -17.77 -41.07
CA SER C 126 1.19 -16.65 -40.13
C SER C 126 2.50 -16.54 -39.38
N ILE C 127 3.21 -17.65 -39.20
CA ILE C 127 4.39 -17.66 -38.35
C ILE C 127 5.50 -16.74 -38.85
N TYR C 128 5.38 -16.27 -40.09
CA TYR C 128 6.37 -15.35 -40.66
C TYR C 128 6.10 -13.90 -40.30
N SER C 129 4.97 -13.64 -39.64
CA SER C 129 4.60 -12.28 -39.31
C SER C 129 5.44 -11.68 -38.20
N ASP C 130 6.01 -12.51 -37.34
CA ASP C 130 6.84 -11.97 -36.27
C ASP C 130 8.18 -11.56 -36.84
N LYS C 131 8.47 -10.26 -36.77
CA LYS C 131 9.71 -9.71 -37.28
C LYS C 131 10.89 -10.32 -36.57
N SER C 132 10.72 -10.63 -35.29
CA SER C 132 11.79 -11.18 -34.47
C SER C 132 12.44 -12.40 -35.10
N ILE C 133 11.65 -13.42 -35.43
CA ILE C 133 12.22 -14.67 -35.93
C ILE C 133 12.59 -14.56 -37.41
N HIS C 134 11.69 -14.01 -38.22
CA HIS C 134 12.01 -13.74 -39.61
C HIS C 134 11.98 -12.23 -39.82
N LEU C 135 13.15 -11.62 -39.93
CA LEU C 135 13.22 -10.16 -39.97
C LEU C 135 13.39 -9.61 -41.37
N SER C 136 13.64 -10.51 -42.32
CA SER C 136 13.76 -10.12 -43.71
C SER C 136 12.52 -10.44 -44.51
N PHE C 137 11.54 -11.04 -43.85
CA PHE C 137 10.32 -11.46 -44.53
C PHE C 137 9.50 -10.33 -45.12
N LEU C 138 9.10 -10.53 -46.38
CA LEU C 138 8.24 -9.59 -47.09
C LEU C 138 7.04 -10.42 -47.53
N ARG C 139 5.83 -9.97 -47.21
CA ARG C 139 4.64 -10.74 -47.58
C ARG C 139 3.69 -10.02 -48.53
N THR C 140 3.38 -10.67 -49.64
CA THR C 140 2.46 -10.13 -50.62
C THR C 140 1.05 -10.01 -50.05
N VAL C 141 0.64 -11.01 -49.28
CA VAL C 141 -0.69 -11.03 -48.68
C VAL C 141 -0.71 -11.34 -47.18
N PRO C 142 -1.77 -10.89 -46.51
CA PRO C 142 -1.96 -11.07 -45.07
C PRO C 142 -2.18 -12.52 -44.65
N PRO C 143 -1.70 -12.86 -43.46
CA PRO C 143 -1.82 -14.20 -42.89
C PRO C 143 -3.26 -14.60 -42.55
N TYR C 144 -3.45 -15.84 -42.12
CA TYR C 144 -4.76 -16.34 -41.74
C TYR C 144 -5.25 -15.59 -40.51
N SER C 145 -4.30 -15.15 -39.69
CA SER C 145 -4.65 -14.40 -38.52
C SER C 145 -5.35 -13.10 -38.93
N HIS C 146 -4.81 -12.43 -39.95
CA HIS C 146 -5.37 -11.17 -40.40
C HIS C 146 -6.76 -11.38 -41.00
N GLN C 147 -7.06 -12.62 -41.34
CA GLN C 147 -8.38 -12.97 -41.88
C GLN C 147 -9.47 -12.64 -40.88
N ALA C 148 -9.12 -12.64 -39.60
CA ALA C 148 -10.09 -12.31 -38.58
C ALA C 148 -10.66 -10.92 -38.79
N LEU C 149 -9.89 -10.05 -39.45
CA LEU C 149 -10.36 -8.71 -39.74
C LEU C 149 -11.64 -8.81 -40.55
N VAL C 150 -11.63 -9.74 -41.50
CA VAL C 150 -12.79 -10.04 -42.34
C VAL C 150 -13.87 -10.54 -41.42
N TRP C 151 -13.51 -11.49 -40.55
CA TRP C 151 -14.49 -12.07 -39.65
C TRP C 151 -15.00 -10.91 -38.80
N PHE C 152 -14.08 -10.04 -38.36
CA PHE C 152 -14.45 -8.84 -37.61
C PHE C 152 -15.31 -7.93 -38.48
N GLU C 153 -14.93 -7.82 -39.74
CA GLU C 153 -15.64 -7.02 -40.72
C GLU C 153 -17.01 -7.68 -40.90
N MET C 154 -16.99 -9.01 -40.87
CA MET C 154 -18.19 -9.84 -40.99
C MET C 154 -19.10 -9.46 -39.84
N MET C 155 -18.51 -9.23 -38.66
CA MET C 155 -19.29 -8.94 -37.46
C MET C 155 -20.12 -7.67 -37.68
N ARG C 156 -19.61 -6.72 -38.48
CA ARG C 156 -20.29 -5.46 -38.71
C ARG C 156 -21.63 -5.82 -39.29
N LEU C 157 -21.58 -6.78 -40.21
CA LEU C 157 -22.75 -7.18 -40.96
C LEU C 157 -23.78 -7.83 -40.04
N PHE C 158 -23.38 -8.70 -39.10
CA PHE C 158 -24.47 -9.37 -38.39
C PHE C 158 -25.04 -8.56 -37.21
N ASN C 159 -24.29 -7.53 -36.79
CA ASN C 159 -24.67 -6.55 -35.78
C ASN C 159 -24.90 -7.28 -34.45
N TRP C 160 -24.13 -8.35 -34.30
CA TRP C 160 -23.95 -9.20 -33.12
C TRP C 160 -22.58 -9.05 -32.46
N ASN C 161 -22.50 -8.70 -31.18
CA ASN C 161 -21.20 -8.63 -30.53
C ASN C 161 -20.79 -9.97 -29.88
N HIS C 162 -21.76 -10.85 -29.65
CA HIS C 162 -21.50 -12.14 -29.01
C HIS C 162 -21.35 -13.29 -30.02
N VAL C 163 -20.19 -13.93 -29.97
CA VAL C 163 -19.81 -15.04 -30.86
C VAL C 163 -19.02 -16.11 -30.10
N ILE C 164 -18.61 -17.16 -30.80
CA ILE C 164 -17.72 -18.14 -30.18
C ILE C 164 -16.55 -18.43 -31.11
N LEU C 165 -15.38 -18.64 -30.53
CA LEU C 165 -14.17 -18.86 -31.30
C LEU C 165 -13.60 -20.24 -30.98
N ILE C 166 -13.36 -21.01 -32.02
CA ILE C 166 -12.74 -22.32 -31.88
C ILE C 166 -11.40 -22.33 -32.62
N VAL C 167 -10.33 -22.56 -31.88
CA VAL C 167 -9.01 -22.54 -32.49
C VAL C 167 -8.24 -23.81 -32.17
N SER C 168 -7.41 -24.23 -33.13
CA SER C 168 -6.43 -25.27 -32.90
C SER C 168 -5.33 -24.70 -32.01
N ASP C 169 -4.54 -25.57 -31.39
CA ASP C 169 -3.48 -25.08 -30.52
C ASP C 169 -2.16 -25.10 -31.28
N ASP C 170 -1.78 -23.92 -31.72
CA ASP C 170 -0.56 -23.68 -32.48
C ASP C 170 -0.21 -22.20 -32.46
N HIS C 171 0.93 -21.85 -33.05
CA HIS C 171 1.33 -20.45 -33.11
C HIS C 171 0.31 -19.62 -33.90
N GLU C 172 -0.19 -20.18 -35.00
CA GLU C 172 -1.19 -19.52 -35.82
C GLU C 172 -2.51 -19.26 -35.08
N GLY C 173 -2.98 -20.23 -34.28
CA GLY C 173 -4.22 -20.02 -33.56
C GLY C 173 -4.12 -18.95 -32.49
N ARG C 174 -3.09 -19.03 -31.66
CA ARG C 174 -2.88 -18.05 -30.60
C ARG C 174 -2.67 -16.64 -31.15
N ALA C 175 -1.96 -16.54 -32.28
CA ALA C 175 -1.78 -15.25 -32.95
C ALA C 175 -3.14 -14.76 -33.40
N ALA C 176 -3.97 -15.68 -33.91
CA ALA C 176 -5.30 -15.33 -34.39
C ALA C 176 -6.13 -14.77 -33.24
N GLN C 177 -6.02 -15.41 -32.08
CA GLN C 177 -6.73 -15.02 -30.87
C GLN C 177 -6.28 -13.61 -30.55
N LYS C 178 -4.98 -13.39 -30.67
CA LYS C 178 -4.38 -12.10 -30.43
C LYS C 178 -4.99 -11.11 -31.40
N LYS C 179 -5.21 -11.51 -32.65
CA LYS C 179 -5.72 -10.59 -33.65
C LYS C 179 -7.14 -10.18 -33.33
N LEU C 180 -8.01 -11.14 -33.02
CA LEU C 180 -9.37 -10.73 -32.73
C LEU C 180 -9.34 -9.86 -31.49
N GLU C 181 -8.49 -10.24 -30.55
CA GLU C 181 -8.30 -9.56 -29.27
C GLU C 181 -7.85 -8.12 -29.42
N THR C 182 -7.00 -7.83 -30.41
CA THR C 182 -6.53 -6.46 -30.61
C THR C 182 -7.70 -5.53 -30.95
N LEU C 183 -8.61 -6.02 -31.79
CA LEU C 183 -9.81 -5.28 -32.18
C LEU C 183 -10.68 -5.04 -30.95
N LEU C 184 -10.77 -6.06 -30.11
CA LEU C 184 -11.44 -5.92 -28.84
C LEU C 184 -10.61 -4.94 -28.00
N GLU C 185 -9.29 -5.07 -28.09
CA GLU C 185 -8.41 -4.20 -27.30
C GLU C 185 -8.56 -2.72 -27.63
N GLU C 186 -8.66 -2.38 -28.91
CA GLU C 186 -8.81 -0.97 -29.27
C GLU C 186 -10.13 -0.41 -28.76
N LYS C 187 -11.21 -1.16 -28.95
CA LYS C 187 -12.54 -0.76 -28.50
C LYS C 187 -13.47 -1.96 -28.43
N GLU C 188 -14.52 -1.87 -27.61
CA GLU C 188 -15.50 -2.95 -27.49
C GLU C 188 -14.89 -4.33 -27.20
N SER C 189 -14.07 -4.43 -26.15
CA SER C 189 -13.44 -5.69 -25.79
C SER C 189 -14.50 -6.75 -25.57
N LYS C 190 -14.27 -7.95 -26.10
CA LYS C 190 -15.31 -8.95 -25.97
C LYS C 190 -14.74 -10.36 -26.06
N ALA C 191 -14.96 -11.12 -25.00
CA ALA C 191 -14.53 -12.50 -24.95
C ALA C 191 -15.72 -13.24 -24.40
N ASP C 192 -16.79 -13.29 -25.18
CA ASP C 192 -18.00 -13.97 -24.70
C ASP C 192 -17.76 -15.47 -24.53
N LYS C 193 -17.11 -16.07 -25.52
CA LYS C 193 -16.81 -17.50 -25.48
C LYS C 193 -15.50 -17.81 -26.19
N VAL C 194 -14.80 -18.82 -25.71
CA VAL C 194 -13.54 -19.25 -26.33
C VAL C 194 -13.41 -20.76 -26.24
N LEU C 195 -12.71 -21.36 -27.18
CA LEU C 195 -12.50 -22.81 -27.15
C LEU C 195 -11.22 -23.22 -27.88
N GLN C 196 -10.34 -23.93 -27.17
CA GLN C 196 -9.09 -24.40 -27.73
C GLN C 196 -9.10 -25.92 -27.80
N PHE C 197 -8.81 -26.47 -28.98
CA PHE C 197 -8.80 -27.92 -29.17
C PHE C 197 -7.44 -28.46 -29.55
N GLU C 198 -7.00 -29.50 -28.85
CA GLU C 198 -5.71 -30.13 -29.10
C GLU C 198 -5.68 -30.86 -30.43
N PRO C 199 -4.53 -30.84 -31.10
CA PRO C 199 -4.37 -31.52 -32.39
C PRO C 199 -4.36 -33.04 -32.27
N GLY C 200 -4.62 -33.71 -33.39
CA GLY C 200 -4.61 -35.16 -33.45
C GLY C 200 -5.56 -35.90 -32.55
N THR C 201 -6.77 -35.35 -32.37
CA THR C 201 -7.77 -36.00 -31.56
C THR C 201 -8.82 -36.56 -32.50
N LYS C 202 -9.05 -37.86 -32.44
CA LYS C 202 -10.02 -38.49 -33.32
C LYS C 202 -11.41 -37.92 -33.07
N ASN C 203 -11.75 -37.75 -31.79
CA ASN C 203 -13.05 -37.21 -31.40
C ASN C 203 -12.92 -36.00 -30.46
N LEU C 204 -13.67 -34.94 -30.76
CA LEU C 204 -13.68 -33.72 -29.94
C LEU C 204 -15.06 -33.24 -29.49
N THR C 205 -16.01 -34.16 -29.33
CA THR C 205 -17.39 -33.81 -28.97
C THR C 205 -17.67 -33.10 -27.62
N ALA C 206 -17.02 -33.52 -26.54
CA ALA C 206 -17.27 -32.92 -25.23
C ALA C 206 -17.11 -31.40 -25.25
N LEU C 207 -16.07 -30.89 -25.92
CA LEU C 207 -15.81 -29.46 -25.97
C LEU C 207 -17.00 -28.70 -26.58
N LEU C 208 -17.60 -29.28 -27.62
CA LEU C 208 -18.80 -28.69 -28.22
C LEU C 208 -19.99 -28.82 -27.27
N LEU C 209 -20.05 -29.93 -26.54
CA LEU C 209 -21.07 -30.07 -25.50
C LEU C 209 -20.97 -28.90 -24.50
N GLU C 210 -19.74 -28.50 -24.19
CA GLU C 210 -19.49 -27.30 -23.39
C GLU C 210 -19.94 -26.05 -24.12
N ALA C 211 -19.76 -26.03 -25.44
CA ALA C 211 -20.13 -24.88 -26.26
C ALA C 211 -21.63 -24.61 -26.22
N LYS C 212 -22.43 -25.67 -26.22
CA LYS C 212 -23.90 -25.53 -26.25
C LYS C 212 -24.42 -24.77 -25.02
N GLU C 213 -23.81 -25.02 -23.86
CA GLU C 213 -24.20 -24.36 -22.62
C GLU C 213 -24.12 -22.84 -22.73
N LEU C 214 -23.15 -22.36 -23.50
CA LEU C 214 -22.96 -20.94 -23.76
C LEU C 214 -24.12 -20.31 -24.53
N GLU C 215 -24.51 -19.12 -24.09
CA GLU C 215 -25.70 -18.41 -24.60
C GLU C 215 -25.57 -17.97 -26.06
N ALA C 216 -24.39 -17.49 -26.44
CA ALA C 216 -24.14 -16.91 -27.77
C ALA C 216 -24.48 -17.88 -28.90
N ARG C 217 -25.22 -17.40 -29.90
CA ARG C 217 -25.73 -18.28 -30.94
C ARG C 217 -24.95 -18.34 -32.27
N VAL C 218 -23.83 -17.62 -32.34
CA VAL C 218 -23.00 -17.60 -33.57
C VAL C 218 -21.68 -18.36 -33.37
N ILE C 219 -21.22 -19.11 -34.36
CA ILE C 219 -19.99 -19.90 -34.13
C ILE C 219 -18.95 -19.64 -35.24
N ILE C 220 -17.67 -19.66 -34.84
CA ILE C 220 -16.53 -19.44 -35.76
C ILE C 220 -15.31 -20.34 -35.49
N LEU C 221 -14.61 -20.80 -36.52
CA LEU C 221 -13.48 -21.72 -36.32
C LEU C 221 -12.28 -21.54 -37.27
N SER C 222 -11.10 -21.86 -36.76
CA SER C 222 -9.83 -21.95 -37.53
C SER C 222 -9.13 -23.28 -37.30
N ALA C 223 -8.66 -23.93 -38.37
CA ALA C 223 -8.00 -25.23 -38.22
C ALA C 223 -7.11 -25.71 -39.37
N SER C 224 -6.43 -26.83 -39.11
CA SER C 224 -5.65 -27.57 -40.09
C SER C 224 -6.57 -28.33 -41.02
N GLU C 225 -6.06 -28.78 -42.16
CA GLU C 225 -6.89 -29.42 -43.18
C GLU C 225 -7.66 -30.63 -42.64
N ASP C 226 -6.97 -31.53 -41.96
CA ASP C 226 -7.60 -32.72 -41.36
C ASP C 226 -8.61 -32.38 -40.27
N ASP C 227 -8.28 -31.32 -39.52
CA ASP C 227 -9.03 -30.94 -38.35
C ASP C 227 -10.43 -30.37 -38.61
N ALA C 228 -10.59 -29.55 -39.64
CA ALA C 228 -11.89 -28.96 -39.94
C ALA C 228 -12.93 -30.07 -40.19
N THR C 229 -12.49 -31.15 -40.82
CA THR C 229 -13.34 -32.32 -41.03
C THR C 229 -13.88 -32.88 -39.73
N ALA C 230 -12.99 -33.11 -38.77
CA ALA C 230 -13.37 -33.65 -37.47
C ALA C 230 -14.28 -32.69 -36.73
N VAL C 231 -14.01 -31.39 -36.89
CA VAL C 231 -14.81 -30.36 -36.25
C VAL C 231 -16.25 -30.38 -36.75
N TYR C 232 -16.42 -30.35 -38.07
CA TYR C 232 -17.76 -30.35 -38.66
C TYR C 232 -18.47 -31.67 -38.38
N LYS C 233 -17.70 -32.76 -38.39
CA LYS C 233 -18.24 -34.09 -38.14
C LYS C 233 -18.81 -34.19 -36.74
N SER C 234 -18.05 -33.68 -35.76
CA SER C 234 -18.50 -33.66 -34.38
C SER C 234 -19.63 -32.65 -34.15
N ALA C 235 -19.58 -31.52 -34.86
CA ALA C 235 -20.55 -30.44 -34.70
C ALA C 235 -21.93 -30.82 -35.23
N ALA C 236 -21.96 -31.55 -36.34
CA ALA C 236 -23.21 -31.98 -36.94
C ALA C 236 -23.91 -32.96 -36.01
N MET C 237 -23.13 -33.74 -35.29
CA MET C 237 -23.64 -34.70 -34.31
C MET C 237 -24.46 -34.01 -33.22
N LEU C 238 -23.99 -32.86 -32.76
CA LEU C 238 -24.71 -32.09 -31.75
C LEU C 238 -25.70 -31.11 -32.37
N ASP C 239 -25.82 -31.16 -33.71
CA ASP C 239 -26.77 -30.34 -34.43
C ASP C 239 -26.55 -28.85 -34.18
N MET C 240 -25.29 -28.45 -34.20
CA MET C 240 -24.92 -27.05 -34.07
C MET C 240 -24.96 -26.38 -35.43
N THR C 241 -25.29 -27.17 -36.45
CA THR C 241 -25.45 -26.68 -37.81
C THR C 241 -26.92 -26.34 -38.14
N GLY C 242 -27.77 -26.48 -37.13
CA GLY C 242 -29.19 -26.23 -37.22
C GLY C 242 -29.53 -24.76 -37.31
N ALA C 243 -30.78 -24.45 -37.63
CA ALA C 243 -31.21 -23.06 -37.76
C ALA C 243 -30.97 -22.30 -36.46
N GLY C 244 -30.54 -21.05 -36.60
CA GLY C 244 -30.19 -20.23 -35.46
C GLY C 244 -28.72 -20.35 -35.07
N TYR C 245 -27.97 -21.17 -35.81
CA TYR C 245 -26.54 -21.36 -35.59
C TYR C 245 -25.83 -20.91 -36.85
N VAL C 246 -24.81 -20.08 -36.69
CA VAL C 246 -24.07 -19.55 -37.84
C VAL C 246 -22.60 -19.93 -37.85
N TRP C 247 -22.12 -20.41 -38.98
CA TRP C 247 -20.73 -20.81 -39.13
C TRP C 247 -19.89 -19.81 -39.93
N LEU C 248 -18.77 -19.42 -39.33
CA LEU C 248 -17.78 -18.58 -40.00
C LEU C 248 -16.45 -19.33 -39.92
N VAL C 249 -15.66 -19.31 -40.98
CA VAL C 249 -14.50 -20.19 -41.04
C VAL C 249 -13.35 -19.67 -41.90
N GLY C 250 -12.17 -20.27 -41.76
CA GLY C 250 -11.06 -19.83 -42.58
C GLY C 250 -11.03 -20.50 -43.95
N GLU C 251 -10.28 -19.91 -44.87
CA GLU C 251 -10.21 -20.40 -46.25
C GLU C 251 -9.59 -21.77 -46.46
N ARG C 252 -8.47 -22.02 -45.78
CA ARG C 252 -7.73 -23.27 -45.92
C ARG C 252 -8.58 -24.43 -45.48
N GLU C 253 -9.33 -24.18 -44.42
CA GLU C 253 -10.18 -25.15 -43.75
C GLU C 253 -11.29 -25.65 -44.66
N ILE C 254 -11.86 -24.74 -45.44
CA ILE C 254 -12.99 -25.06 -46.31
C ILE C 254 -12.60 -25.97 -47.49
N SER C 255 -11.34 -25.93 -47.90
CA SER C 255 -10.87 -26.68 -49.07
C SER C 255 -10.53 -28.13 -48.71
N GLY C 256 -10.53 -29.01 -49.69
CA GLY C 256 -10.12 -30.40 -49.48
C GLY C 256 -11.19 -31.29 -48.87
N SER C 257 -10.79 -32.31 -48.11
CA SER C 257 -11.76 -33.24 -47.54
C SER C 257 -12.79 -32.54 -46.65
N ALA C 258 -12.38 -31.47 -45.99
CA ALA C 258 -13.29 -30.70 -45.15
C ALA C 258 -14.46 -30.16 -45.96
N LEU C 259 -14.17 -29.82 -47.22
CA LEU C 259 -15.19 -29.31 -48.14
C LEU C 259 -16.29 -30.31 -48.28
N ARG C 260 -15.95 -31.59 -48.34
CA ARG C 260 -16.95 -32.62 -48.51
C ARG C 260 -17.94 -32.64 -47.35
N TYR C 261 -17.41 -32.38 -46.16
CA TYR C 261 -18.18 -32.46 -44.93
C TYR C 261 -18.75 -31.19 -44.36
N ALA C 262 -18.63 -30.12 -45.11
CA ALA C 262 -19.07 -28.80 -44.62
C ALA C 262 -20.58 -28.67 -44.51
N PRO C 263 -21.05 -27.93 -43.49
CA PRO C 263 -22.47 -27.65 -43.22
C PRO C 263 -23.04 -26.56 -44.15
N ASP C 264 -24.35 -26.56 -44.31
CA ASP C 264 -25.00 -25.59 -45.19
C ASP C 264 -25.04 -24.20 -44.59
N GLY C 265 -25.07 -23.20 -45.47
CA GLY C 265 -25.25 -21.83 -45.04
C GLY C 265 -24.06 -21.18 -44.38
N ILE C 266 -22.95 -21.91 -44.34
CA ILE C 266 -21.75 -21.42 -43.70
C ILE C 266 -21.23 -20.17 -44.42
N ILE C 267 -20.55 -19.33 -43.67
CA ILE C 267 -19.86 -18.18 -44.25
C ILE C 267 -18.40 -18.59 -44.34
N GLY C 268 -17.77 -18.23 -45.44
CA GLY C 268 -16.45 -18.73 -45.76
C GLY C 268 -15.62 -17.67 -46.44
N LEU C 269 -14.31 -17.89 -46.50
CA LEU C 269 -13.40 -16.87 -47.00
C LEU C 269 -12.51 -17.36 -48.13
N GLN C 270 -12.25 -16.49 -49.11
CA GLN C 270 -11.20 -16.78 -50.10
C GLN C 270 -10.31 -15.57 -50.36
N LEU C 271 -9.00 -15.75 -50.20
CA LEU C 271 -8.06 -14.64 -50.43
C LEU C 271 -8.15 -14.21 -51.90
N ILE C 272 -8.06 -12.91 -52.13
CA ILE C 272 -8.15 -12.39 -53.49
C ILE C 272 -6.78 -12.37 -54.17
N ASN C 273 -6.67 -13.16 -55.23
CA ASN C 273 -5.74 -13.03 -56.35
C ASN C 273 -4.35 -13.62 -56.09
N GLY C 274 -4.13 -14.10 -54.87
CA GLY C 274 -2.88 -14.74 -54.50
C GLY C 274 -2.74 -16.04 -55.25
N LYS C 275 -3.86 -16.74 -55.37
CA LYS C 275 -3.92 -18.03 -56.03
C LYS C 275 -3.14 -18.10 -57.34
N ASN C 276 -3.17 -17.04 -58.15
CA ASN C 276 -2.44 -17.11 -59.40
C ASN C 276 -0.99 -16.67 -59.18
N GLU C 277 -0.07 -17.61 -59.32
CA GLU C 277 1.34 -17.29 -59.16
C GLU C 277 1.80 -16.35 -60.26
N SER C 278 1.34 -16.61 -61.48
CA SER C 278 1.69 -15.78 -62.62
C SER C 278 1.18 -14.36 -62.43
N ALA C 279 -0.06 -14.26 -61.92
CA ALA C 279 -0.67 -12.97 -61.66
C ALA C 279 0.11 -12.21 -60.59
N HIS C 280 0.56 -12.94 -59.58
CA HIS C 280 1.32 -12.34 -58.48
C HIS C 280 2.77 -12.08 -58.90
N ILE C 281 3.34 -13.01 -59.66
CA ILE C 281 4.71 -12.88 -60.12
C ILE C 281 4.90 -11.52 -60.77
N SER C 282 4.08 -11.25 -61.77
CA SER C 282 4.19 -10.00 -62.52
C SER C 282 4.11 -8.83 -61.56
N ASP C 283 3.13 -8.89 -60.67
CA ASP C 283 2.94 -7.81 -59.73
C ASP C 283 4.06 -7.69 -58.70
N ALA C 284 4.49 -8.81 -58.13
CA ALA C 284 5.54 -8.81 -57.11
C ALA C 284 6.81 -8.22 -57.70
N VAL C 285 7.19 -8.70 -58.88
CA VAL C 285 8.36 -8.18 -59.56
C VAL C 285 8.19 -6.71 -59.88
N ALA C 286 6.98 -6.30 -60.24
CA ALA C 286 6.72 -4.89 -60.50
C ALA C 286 7.00 -4.06 -59.25
N VAL C 287 6.50 -4.54 -58.13
CA VAL C 287 6.73 -3.91 -56.84
C VAL C 287 8.20 -3.90 -56.47
N VAL C 288 8.89 -5.00 -56.74
CA VAL C 288 10.32 -5.10 -56.46
C VAL C 288 11.05 -4.05 -57.27
N ALA C 289 10.68 -3.92 -58.53
CA ALA C 289 11.31 -2.94 -59.40
C ALA C 289 11.10 -1.54 -58.87
N GLN C 290 9.85 -1.22 -58.53
CA GLN C 290 9.54 0.11 -57.98
C GLN C 290 10.31 0.36 -56.70
N ALA C 291 10.42 -0.68 -55.89
CA ALA C 291 11.13 -0.59 -54.63
C ALA C 291 12.60 -0.33 -54.85
N ILE C 292 13.23 -1.05 -55.78
CA ILE C 292 14.64 -0.87 -56.09
C ILE C 292 14.92 0.50 -56.66
N HIS C 293 14.14 0.89 -57.67
CA HIS C 293 14.32 2.19 -58.30
C HIS C 293 14.13 3.31 -57.28
N GLU C 294 13.20 3.09 -56.35
CA GLU C 294 13.04 4.02 -55.23
C GLU C 294 14.23 3.92 -54.28
N LEU C 295 14.83 2.74 -54.20
CA LEU C 295 15.92 2.48 -53.27
C LEU C 295 17.20 3.16 -53.68
N PHE C 296 17.57 3.01 -54.94
CA PHE C 296 18.82 3.54 -55.43
C PHE C 296 18.83 5.06 -55.46
N GLU C 297 17.67 5.66 -55.20
CA GLU C 297 17.60 7.10 -54.97
C GLU C 297 18.38 7.40 -53.70
N MET C 298 18.50 6.38 -52.86
CA MET C 298 19.27 6.40 -51.62
C MET C 298 20.77 6.25 -51.93
N GLU C 299 21.63 6.53 -50.96
CA GLU C 299 23.08 6.54 -51.23
C GLU C 299 24.04 5.80 -50.29
N GLN C 300 25.30 5.71 -50.75
CA GLN C 300 26.41 5.08 -50.02
C GLN C 300 26.22 3.62 -49.62
N ILE C 301 25.77 2.80 -50.56
CA ILE C 301 25.54 1.39 -50.26
C ILE C 301 26.62 0.39 -50.73
N THR C 302 27.10 -0.37 -49.75
CA THR C 302 28.08 -1.44 -49.90
C THR C 302 27.43 -2.66 -50.54
N ASP C 303 28.15 -3.30 -51.46
CA ASP C 303 27.68 -4.53 -52.09
C ASP C 303 27.57 -5.63 -51.04
N PRO C 304 26.66 -6.59 -51.24
CA PRO C 304 26.55 -7.70 -50.30
C PRO C 304 27.78 -8.59 -50.34
N PRO C 305 28.01 -9.38 -49.30
CA PRO C 305 29.24 -10.17 -49.24
C PRO C 305 29.37 -11.16 -50.38
N ARG C 306 30.56 -11.25 -50.99
CA ARG C 306 30.74 -12.14 -52.12
C ARG C 306 31.00 -13.54 -51.60
N GLY C 307 30.01 -14.40 -51.71
CA GLY C 307 30.16 -15.79 -51.35
C GLY C 307 29.98 -15.90 -49.85
N CYS C 308 29.57 -17.07 -49.39
CA CYS C 308 29.45 -17.31 -47.96
C CYS C 308 30.83 -17.38 -47.33
N VAL C 309 31.75 -18.02 -48.02
CA VAL C 309 33.06 -18.23 -47.48
C VAL C 309 33.82 -16.98 -47.09
N GLY C 310 34.42 -17.06 -45.90
CA GLY C 310 35.31 -16.00 -45.43
C GLY C 310 34.66 -14.76 -44.84
N ASN C 311 33.33 -14.71 -44.80
CA ASN C 311 32.69 -13.53 -44.23
C ASN C 311 31.83 -13.85 -43.02
N THR C 312 32.31 -13.40 -41.88
CA THR C 312 31.66 -13.58 -40.59
C THR C 312 30.83 -12.37 -40.22
N ASN C 313 30.87 -11.37 -41.09
CA ASN C 313 30.29 -10.07 -40.79
C ASN C 313 28.99 -9.84 -41.53
N ILE C 314 28.10 -9.07 -40.92
CA ILE C 314 26.84 -8.73 -41.56
C ILE C 314 27.06 -7.73 -42.68
N TRP C 315 25.98 -7.38 -43.37
CA TRP C 315 26.03 -6.42 -44.47
C TRP C 315 25.29 -5.15 -44.08
N LYS C 316 25.99 -4.03 -44.01
CA LYS C 316 25.32 -2.80 -43.58
C LYS C 316 24.15 -2.50 -44.50
N THR C 317 24.35 -2.68 -45.81
CA THR C 317 23.28 -2.46 -46.77
C THR C 317 22.29 -3.63 -46.74
N GLY C 318 21.00 -3.32 -46.80
CA GLY C 318 19.97 -4.35 -46.82
C GLY C 318 18.74 -4.09 -45.98
N PRO C 319 18.91 -3.59 -44.76
CA PRO C 319 17.76 -3.27 -43.90
C PRO C 319 16.97 -2.16 -44.58
N LEU C 320 17.74 -1.24 -45.13
CA LEU C 320 17.26 -0.07 -45.88
C LEU C 320 16.43 -0.48 -47.07
N PHE C 321 16.92 -1.47 -47.81
CA PHE C 321 16.20 -2.02 -48.95
C PHE C 321 14.82 -2.51 -48.50
N LYS C 322 14.78 -3.13 -47.32
CA LYS C 322 13.53 -3.54 -46.71
C LYS C 322 12.64 -2.35 -46.41
N ARG C 323 13.22 -1.27 -45.91
CA ARG C 323 12.46 -0.08 -45.51
C ARG C 323 11.80 0.59 -46.69
N VAL C 324 12.56 0.82 -47.76
CA VAL C 324 11.98 1.40 -48.95
C VAL C 324 10.95 0.44 -49.55
N LEU C 325 11.29 -0.83 -49.58
CA LEU C 325 10.44 -1.83 -50.21
C LEU C 325 9.08 -1.96 -49.50
N MET C 326 9.07 -1.81 -48.18
CA MET C 326 7.83 -1.82 -47.40
C MET C 326 6.96 -0.57 -47.65
N SER C 327 7.64 0.54 -47.96
CA SER C 327 7.00 1.83 -48.23
C SER C 327 6.77 2.11 -49.73
N SER C 328 6.83 1.07 -50.54
CA SER C 328 6.67 1.22 -51.98
C SER C 328 5.29 1.79 -52.31
N LYS C 329 5.23 2.63 -53.34
CA LYS C 329 3.98 3.25 -53.72
C LYS C 329 3.65 3.07 -55.21
N TYR C 330 3.34 1.83 -55.54
CA TYR C 330 2.94 1.42 -56.87
C TYR C 330 1.69 0.64 -56.54
N PRO C 331 0.64 1.37 -56.18
CA PRO C 331 -0.64 0.74 -55.79
C PRO C 331 -1.21 -0.07 -56.93
N ASP C 332 -1.12 0.45 -58.15
CA ASP C 332 -1.62 -0.28 -59.28
C ASP C 332 -0.83 -1.57 -59.44
N GLY C 333 -1.55 -2.65 -59.67
CA GLY C 333 -1.02 -3.98 -59.88
C GLY C 333 -2.13 -4.92 -60.31
N VAL C 334 -1.79 -5.99 -61.02
CA VAL C 334 -2.80 -6.94 -61.46
C VAL C 334 -3.49 -7.61 -60.26
N THR C 335 -2.69 -7.99 -59.27
CA THR C 335 -3.21 -8.64 -58.07
C THR C 335 -4.14 -7.74 -57.24
N GLY C 336 -3.75 -6.48 -57.10
CA GLY C 336 -4.53 -5.52 -56.34
C GLY C 336 -3.65 -4.48 -55.68
N ARG C 337 -4.25 -3.59 -54.88
CA ARG C 337 -3.48 -2.55 -54.21
C ARG C 337 -2.36 -3.18 -53.38
N ILE C 338 -1.23 -2.47 -53.32
CA ILE C 338 -0.07 -2.95 -52.61
C ILE C 338 0.44 -1.96 -51.57
N GLU C 339 0.41 -2.35 -50.30
CA GLU C 339 1.04 -1.55 -49.26
C GLU C 339 1.38 -2.56 -48.20
N PHE C 340 2.38 -2.25 -47.38
CA PHE C 340 2.83 -3.25 -46.43
C PHE C 340 2.72 -2.80 -44.99
N ASN C 341 2.17 -3.69 -44.16
CA ASN C 341 2.06 -3.43 -42.74
C ASN C 341 3.43 -3.50 -42.09
N GLU C 342 3.46 -3.22 -40.80
CA GLU C 342 4.69 -3.16 -40.04
C GLU C 342 5.46 -4.47 -40.08
N ASP C 343 4.72 -5.58 -40.04
CA ASP C 343 5.34 -6.89 -40.01
C ASP C 343 5.90 -7.29 -41.38
N GLY C 344 5.63 -6.47 -42.40
CA GLY C 344 6.05 -6.75 -43.76
C GLY C 344 4.95 -7.51 -44.50
N ASP C 345 3.91 -7.85 -43.77
CA ASP C 345 2.74 -8.48 -44.35
C ASP C 345 1.99 -7.48 -45.22
N ARG C 346 1.22 -8.00 -46.18
CA ARG C 346 0.44 -7.17 -47.07
C ARG C 346 -0.64 -6.41 -46.30
N LYS C 347 -0.93 -5.20 -46.76
CA LYS C 347 -1.92 -4.34 -46.09
C LYS C 347 -3.22 -4.20 -46.89
N PHE C 348 -4.34 -4.34 -46.19
CA PHE C 348 -5.68 -4.22 -46.75
C PHE C 348 -5.96 -5.16 -47.93
N ALA C 349 -5.50 -6.40 -47.81
CA ALA C 349 -5.72 -7.39 -48.84
C ALA C 349 -7.22 -7.66 -49.01
N GLN C 350 -7.66 -7.85 -50.25
CA GLN C 350 -9.06 -8.10 -50.53
C GLN C 350 -9.40 -9.59 -50.48
N TYR C 351 -10.49 -9.91 -49.80
CA TYR C 351 -10.99 -11.27 -49.72
C TYR C 351 -12.37 -11.34 -50.36
N SER C 352 -12.76 -12.53 -50.82
CA SER C 352 -14.08 -12.76 -51.41
C SER C 352 -14.88 -13.65 -50.48
N ILE C 353 -15.99 -13.10 -49.97
CA ILE C 353 -16.84 -13.83 -49.07
C ILE C 353 -17.56 -14.94 -49.84
N MET C 354 -17.76 -16.06 -49.17
CA MET C 354 -18.28 -17.25 -49.80
C MET C 354 -19.43 -17.87 -49.01
N ASN C 355 -20.33 -18.48 -49.78
CA ASN C 355 -21.49 -19.18 -49.28
C ASN C 355 -21.33 -20.63 -49.69
N LEU C 356 -21.84 -21.53 -48.87
CA LEU C 356 -21.68 -22.95 -49.10
C LEU C 356 -22.88 -23.58 -49.78
N GLN C 357 -23.65 -22.76 -50.47
CA GLN C 357 -24.89 -23.23 -51.08
C GLN C 357 -24.68 -24.44 -51.98
N ASN C 358 -25.58 -25.41 -51.81
CA ASN C 358 -25.54 -26.68 -52.51
C ASN C 358 -24.19 -27.30 -52.23
N ARG C 359 -23.51 -27.72 -53.27
CA ARG C 359 -22.23 -28.35 -53.08
C ARG C 359 -21.08 -27.40 -53.40
N LYS C 360 -21.35 -26.11 -53.54
CA LYS C 360 -20.27 -25.21 -53.93
C LYS C 360 -20.07 -23.90 -53.21
N LEU C 361 -18.87 -23.37 -53.34
CA LEU C 361 -18.59 -22.07 -52.78
C LEU C 361 -19.37 -21.08 -53.62
N VAL C 362 -19.94 -20.06 -53.00
CA VAL C 362 -20.71 -19.07 -53.75
C VAL C 362 -20.32 -17.66 -53.34
N GLN C 363 -20.50 -16.66 -54.19
CA GLN C 363 -20.07 -15.39 -53.63
C GLN C 363 -21.28 -14.55 -53.27
N VAL C 364 -21.53 -14.43 -51.96
CA VAL C 364 -22.65 -13.64 -51.46
C VAL C 364 -22.21 -12.19 -51.54
N GLY C 365 -20.90 -12.00 -51.39
CA GLY C 365 -20.31 -10.67 -51.41
C GLY C 365 -18.81 -10.73 -51.58
N ILE C 366 -18.22 -9.55 -51.72
CA ILE C 366 -16.77 -9.43 -51.79
C ILE C 366 -16.27 -8.28 -50.93
N PHE C 367 -15.16 -8.51 -50.27
CA PHE C 367 -14.55 -7.58 -49.33
C PHE C 367 -13.27 -6.99 -49.89
N ASP C 368 -13.27 -5.69 -50.13
CA ASP C 368 -12.11 -4.99 -50.64
C ASP C 368 -11.81 -3.80 -49.73
N GLY C 369 -10.57 -3.70 -49.27
CA GLY C 369 -10.20 -2.60 -48.40
C GLY C 369 -10.81 -2.72 -47.02
N SER C 370 -10.92 -1.58 -46.35
CA SER C 370 -11.49 -1.51 -45.01
C SER C 370 -12.97 -1.91 -44.93
N TYR C 371 -13.75 -1.51 -45.92
CA TYR C 371 -15.19 -1.80 -45.91
C TYR C 371 -15.69 -2.88 -46.86
N ILE C 372 -16.47 -3.80 -46.31
CA ILE C 372 -17.09 -4.91 -47.03
C ILE C 372 -17.98 -4.42 -48.16
N ILE C 373 -18.13 -5.24 -49.20
CA ILE C 373 -19.09 -4.95 -50.26
C ILE C 373 -20.03 -6.14 -50.45
N GLN C 374 -21.32 -5.85 -50.56
CA GLN C 374 -22.33 -6.90 -50.66
C GLN C 374 -22.72 -7.16 -52.10
N ASN C 375 -22.42 -8.35 -52.62
CA ASN C 375 -22.86 -8.70 -53.96
C ASN C 375 -24.35 -9.01 -54.03
N ASP C 376 -24.90 -8.94 -55.23
CA ASP C 376 -26.34 -9.07 -55.47
C ASP C 376 -26.84 -10.47 -55.12
N ARG C 377 -25.89 -11.39 -54.96
CA ARG C 377 -26.15 -12.81 -54.82
C ARG C 377 -26.83 -13.18 -53.51
N LYS C 378 -27.64 -14.21 -53.55
CA LYS C 378 -28.39 -14.62 -52.37
C LYS C 378 -27.45 -15.10 -51.28
N ILE C 379 -27.81 -14.73 -50.06
CA ILE C 379 -27.10 -15.08 -48.84
C ILE C 379 -27.32 -16.52 -48.47
N ILE C 380 -26.32 -17.20 -47.91
CA ILE C 380 -26.68 -18.50 -47.39
C ILE C 380 -26.47 -18.47 -45.90
N TRP C 381 -27.45 -19.04 -45.22
CA TRP C 381 -27.38 -19.15 -43.78
C TRP C 381 -27.63 -20.61 -43.45
N PRO C 382 -27.25 -21.03 -42.25
CA PRO C 382 -27.47 -22.42 -41.85
C PRO C 382 -28.96 -22.70 -41.80
N GLY C 383 -29.37 -23.85 -42.33
CA GLY C 383 -30.78 -24.22 -42.36
C GLY C 383 -31.50 -23.60 -43.55
N GLY C 384 -32.81 -23.81 -43.63
CA GLY C 384 -33.59 -23.24 -44.71
C GLY C 384 -34.05 -21.83 -44.42
N GLU C 385 -33.11 -20.88 -44.40
CA GLU C 385 -33.43 -19.48 -44.13
C GLU C 385 -32.91 -18.57 -45.23
N THR C 386 -33.79 -17.71 -45.75
CA THR C 386 -33.40 -16.78 -46.80
C THR C 386 -32.35 -15.79 -46.31
N GLU C 387 -32.55 -15.31 -45.08
CA GLU C 387 -31.63 -14.36 -44.46
C GLU C 387 -31.41 -14.71 -43.00
N ARG C 388 -30.27 -14.31 -42.45
CA ARG C 388 -29.96 -14.60 -41.05
C ARG C 388 -30.14 -13.44 -40.06
N PRO C 389 -30.86 -13.72 -38.98
CA PRO C 389 -31.14 -12.75 -37.90
C PRO C 389 -30.05 -12.72 -36.83
N GLN C 390 -30.31 -12.05 -35.71
CA GLN C 390 -29.34 -12.01 -34.62
C GLN C 390 -29.18 -13.41 -33.99
N GLY C 391 -27.97 -13.73 -33.55
CA GLY C 391 -27.66 -15.01 -32.92
C GLY C 391 -27.49 -14.83 -31.44
N TYR C 392 -28.09 -15.70 -30.63
CA TYR C 392 -28.02 -15.54 -29.22
C TYR C 392 -29.31 -15.91 -28.57
N GLN C 393 -29.21 -16.77 -27.59
CA GLN C 393 -30.39 -17.17 -26.87
C GLN C 393 -30.36 -16.79 -25.43
N MET C 394 -31.12 -15.77 -25.07
CA MET C 394 -31.28 -15.43 -23.67
C MET C 394 -32.26 -16.42 -23.09
N SER C 395 -31.75 -17.58 -22.70
CA SER C 395 -32.62 -18.63 -22.18
C SER C 395 -33.30 -18.22 -20.93
N THR C 396 -34.59 -18.54 -20.84
CA THR C 396 -35.37 -18.21 -19.66
C THR C 396 -34.81 -18.94 -18.45
N ARG C 397 -34.43 -20.20 -18.65
CA ARG C 397 -33.86 -21.00 -17.58
C ARG C 397 -32.52 -20.42 -17.15
N LEU C 398 -32.26 -20.44 -15.84
CA LEU C 398 -31.09 -19.76 -15.29
C LEU C 398 -30.36 -20.63 -14.26
N LYS C 399 -29.06 -20.38 -14.12
CA LYS C 399 -28.25 -21.12 -13.17
C LYS C 399 -27.85 -20.17 -12.05
N ILE C 400 -28.08 -20.57 -10.81
CA ILE C 400 -27.77 -19.74 -9.66
C ILE C 400 -26.85 -20.49 -8.72
N VAL C 401 -25.76 -19.84 -8.29
CA VAL C 401 -24.90 -20.49 -7.34
C VAL C 401 -25.03 -19.71 -6.03
N THR C 402 -25.05 -20.43 -4.92
CA THR C 402 -25.17 -19.79 -3.63
C THR C 402 -24.29 -20.54 -2.64
N ILE C 403 -24.34 -20.13 -1.37
CA ILE C 403 -23.53 -20.75 -0.35
C ILE C 403 -24.28 -20.75 0.98
N HIS C 404 -23.97 -21.72 1.82
CA HIS C 404 -24.59 -21.84 3.14
C HIS C 404 -24.10 -20.69 4.01
N GLN C 405 -25.02 -19.88 4.52
CA GLN C 405 -24.65 -18.76 5.36
C GLN C 405 -25.91 -18.17 6.00
N GLU C 406 -26.26 -18.70 7.17
CA GLU C 406 -27.45 -18.24 7.89
C GLU C 406 -27.24 -16.79 8.35
N PRO C 407 -28.32 -15.98 8.34
CA PRO C 407 -29.70 -16.27 7.96
C PRO C 407 -30.05 -15.99 6.49
N PHE C 408 -29.05 -15.77 5.65
CA PHE C 408 -29.31 -15.49 4.24
C PHE C 408 -29.60 -16.76 3.46
N VAL C 409 -28.91 -17.83 3.81
CA VAL C 409 -29.12 -19.11 3.13
C VAL C 409 -29.02 -20.25 4.13
N TYR C 410 -30.13 -20.93 4.37
CA TYR C 410 -30.16 -22.11 5.24
C TYR C 410 -30.09 -23.30 4.29
N VAL C 411 -29.47 -24.39 4.73
CA VAL C 411 -29.37 -25.60 3.90
C VAL C 411 -29.74 -26.80 4.76
N ARG C 412 -30.76 -27.54 4.33
CA ARG C 412 -31.23 -28.73 5.06
C ARG C 412 -31.46 -29.89 4.11
N PRO C 413 -31.42 -31.12 4.62
CA PRO C 413 -31.62 -32.29 3.76
C PRO C 413 -33.09 -32.36 3.33
N THR C 414 -33.37 -32.91 2.16
CA THR C 414 -34.75 -33.04 1.71
C THR C 414 -35.39 -34.11 2.57
N THR C 415 -36.67 -34.39 2.36
CA THR C 415 -37.33 -35.44 3.13
C THR C 415 -37.12 -36.75 2.38
N SER C 416 -37.55 -37.85 2.97
CA SER C 416 -37.40 -39.17 2.36
C SER C 416 -37.91 -39.18 0.92
N ASP C 417 -39.04 -38.52 0.67
CA ASP C 417 -39.61 -38.49 -0.67
C ASP C 417 -38.92 -37.50 -1.60
N GLY C 418 -37.83 -36.89 -1.13
CA GLY C 418 -37.09 -35.95 -1.96
C GLY C 418 -37.61 -34.52 -2.04
N THR C 419 -38.57 -34.16 -1.19
CA THR C 419 -39.10 -32.80 -1.21
C THR C 419 -38.74 -32.07 0.08
N CYS C 420 -38.99 -30.76 0.09
CA CYS C 420 -38.67 -29.96 1.27
C CYS C 420 -39.86 -29.87 2.22
N ARG C 421 -39.59 -30.10 3.50
CA ARG C 421 -40.61 -30.05 4.53
C ARG C 421 -41.32 -28.70 4.55
N GLU C 422 -42.63 -28.73 4.62
CA GLU C 422 -43.45 -27.51 4.65
C GLU C 422 -43.30 -26.85 6.02
N GLU C 423 -42.79 -25.62 6.05
CA GLU C 423 -42.61 -24.87 7.29
C GLU C 423 -43.26 -23.48 7.24
N TYR C 424 -43.55 -22.95 8.42
CA TYR C 424 -44.20 -21.65 8.56
C TYR C 424 -43.38 -20.64 9.36
N THR C 425 -43.28 -19.44 8.82
CA THR C 425 -42.55 -18.34 9.45
C THR C 425 -43.36 -17.68 10.56
N ILE C 426 -42.73 -16.77 11.30
CA ILE C 426 -43.41 -16.08 12.40
C ILE C 426 -44.59 -15.27 11.87
N ASN C 427 -44.38 -14.62 10.74
CA ASN C 427 -45.42 -13.81 10.08
C ASN C 427 -46.66 -14.65 9.73
N GLY C 428 -46.43 -15.92 9.39
CA GLY C 428 -47.48 -16.86 9.02
C GLY C 428 -47.47 -17.19 7.54
N ASP C 429 -46.70 -16.45 6.76
CA ASP C 429 -46.55 -16.76 5.35
C ASP C 429 -45.75 -18.05 5.26
N PRO C 430 -46.07 -18.91 4.29
CA PRO C 430 -45.34 -20.17 4.16
C PRO C 430 -43.87 -19.90 3.85
N ILE C 431 -42.96 -20.64 4.47
CA ILE C 431 -41.54 -20.41 4.21
C ILE C 431 -41.25 -20.98 2.84
N LYS C 432 -40.88 -20.11 1.90
CA LYS C 432 -40.58 -20.57 0.54
C LYS C 432 -39.24 -21.28 0.51
N LYS C 433 -39.22 -22.46 -0.09
CA LYS C 433 -37.98 -23.23 -0.18
C LYS C 433 -37.74 -23.67 -1.62
N VAL C 434 -36.47 -23.89 -1.96
CA VAL C 434 -36.12 -24.34 -3.30
C VAL C 434 -35.16 -25.51 -3.16
N ILE C 435 -35.20 -26.45 -4.12
CA ILE C 435 -34.30 -27.58 -4.08
C ILE C 435 -32.97 -27.13 -4.67
N CYS C 436 -31.91 -27.23 -3.87
CA CYS C 436 -30.58 -26.83 -4.32
C CYS C 436 -29.60 -28.00 -4.23
N ASN C 437 -28.92 -28.22 -5.33
CA ASN C 437 -27.96 -29.26 -5.43
C ASN C 437 -26.97 -28.98 -4.35
N GLY C 438 -26.60 -30.04 -3.66
CA GLY C 438 -25.68 -29.94 -2.56
C GLY C 438 -24.42 -30.68 -2.87
N PRO C 439 -23.35 -30.23 -2.25
CA PRO C 439 -22.02 -30.80 -2.39
C PRO C 439 -21.75 -31.83 -1.32
N ASP C 440 -20.48 -32.05 -0.99
CA ASP C 440 -20.12 -33.05 0.00
C ASP C 440 -20.68 -32.78 1.39
N GLU C 441 -21.21 -33.84 1.99
CA GLU C 441 -21.78 -33.81 3.34
C GLU C 441 -20.70 -33.99 4.40
N THR C 442 -21.11 -33.91 5.67
CA THR C 442 -20.18 -34.08 6.79
C THR C 442 -19.57 -35.49 6.77
N ILE C 443 -20.38 -36.49 6.43
CA ILE C 443 -19.94 -37.88 6.32
C ILE C 443 -19.05 -38.05 5.09
N PRO C 444 -18.24 -39.11 5.08
CA PRO C 444 -17.31 -39.34 3.98
C PRO C 444 -18.01 -39.47 2.63
N GLY C 445 -17.39 -38.89 1.61
CA GLY C 445 -17.91 -38.87 0.25
C GLY C 445 -19.24 -38.18 0.14
N ARG C 446 -20.18 -38.80 -0.57
CA ARG C 446 -21.53 -38.25 -0.77
C ARG C 446 -21.53 -36.83 -1.33
N PRO C 447 -20.66 -36.57 -2.31
CA PRO C 447 -20.57 -35.23 -2.90
C PRO C 447 -21.86 -34.82 -3.60
N THR C 448 -22.48 -35.75 -4.31
CA THR C 448 -23.74 -35.49 -5.02
C THR C 448 -24.99 -35.69 -4.19
N VAL C 449 -25.77 -34.62 -4.03
CA VAL C 449 -27.02 -34.64 -3.26
C VAL C 449 -28.01 -33.55 -3.67
N PRO C 450 -29.27 -33.73 -3.30
CA PRO C 450 -30.35 -32.77 -3.54
C PRO C 450 -30.68 -32.21 -2.16
N GLN C 451 -30.80 -30.89 -1.99
CA GLN C 451 -31.01 -30.43 -0.62
C GLN C 451 -32.02 -29.29 -0.62
N CYS C 452 -32.34 -28.77 0.56
CA CYS C 452 -33.30 -27.66 0.68
C CYS C 452 -32.65 -26.34 1.07
N CYS C 453 -32.95 -25.30 0.30
CA CYS C 453 -32.41 -23.96 0.52
C CYS C 453 -33.53 -22.95 0.76
N TYR C 454 -33.29 -22.00 1.67
CA TYR C 454 -34.26 -20.96 1.98
C TYR C 454 -33.60 -19.87 2.83
N GLY C 455 -34.27 -18.73 2.95
CA GLY C 455 -33.73 -17.63 3.73
C GLY C 455 -33.81 -16.31 2.97
N PHE C 456 -33.21 -15.28 3.57
CA PHE C 456 -33.19 -13.93 2.99
C PHE C 456 -32.85 -13.95 1.49
N CYS C 457 -31.67 -14.46 1.15
CA CYS C 457 -31.24 -14.51 -0.25
C CYS C 457 -32.15 -15.34 -1.15
N VAL C 458 -32.75 -16.41 -0.63
CA VAL C 458 -33.64 -17.22 -1.44
C VAL C 458 -34.94 -16.45 -1.75
N ASP C 459 -35.46 -15.72 -0.76
CA ASP C 459 -36.66 -14.92 -1.00
C ASP C 459 -36.35 -13.83 -2.05
N LEU C 460 -35.12 -13.31 -2.02
CA LEU C 460 -34.72 -12.27 -2.97
C LEU C 460 -34.65 -12.84 -4.39
N LEU C 461 -34.11 -14.03 -4.50
CA LEU C 461 -34.01 -14.70 -5.81
C LEU C 461 -35.41 -14.90 -6.39
N ILE C 462 -36.32 -15.41 -5.57
CA ILE C 462 -37.69 -15.64 -6.02
C ILE C 462 -38.33 -14.36 -6.52
N LYS C 463 -38.06 -13.25 -5.83
CA LYS C 463 -38.61 -11.95 -6.22
C LYS C 463 -38.01 -11.50 -7.55
N LEU C 464 -36.68 -11.60 -7.66
CA LEU C 464 -35.99 -11.20 -8.88
C LEU C 464 -36.47 -12.01 -10.07
N ALA C 465 -36.58 -13.32 -9.88
CA ALA C 465 -37.01 -14.23 -10.96
C ALA C 465 -38.42 -13.91 -11.44
N ARG C 466 -39.32 -13.69 -10.49
CA ARG C 466 -40.70 -13.33 -10.80
C ARG C 466 -40.77 -11.96 -11.49
N GLU C 467 -40.00 -11.01 -10.97
CA GLU C 467 -39.94 -9.64 -11.51
C GLU C 467 -39.35 -9.49 -12.93
N MET C 468 -38.23 -10.17 -13.20
CA MET C 468 -37.63 -10.16 -14.52
C MET C 468 -38.08 -11.33 -15.38
N ASP C 469 -39.00 -12.13 -14.83
CA ASP C 469 -39.55 -13.28 -15.53
C ASP C 469 -38.54 -14.27 -16.11
N PHE C 470 -37.74 -14.90 -15.25
CA PHE C 470 -36.78 -15.89 -15.71
C PHE C 470 -36.84 -17.12 -14.83
N THR C 471 -36.48 -18.28 -15.39
CA THR C 471 -36.49 -19.54 -14.65
C THR C 471 -35.06 -19.85 -14.23
N TYR C 472 -34.90 -20.66 -13.18
CA TYR C 472 -33.57 -20.96 -12.67
C TYR C 472 -33.42 -22.32 -11.98
N GLU C 473 -32.17 -22.66 -11.69
CA GLU C 473 -31.83 -23.89 -10.99
C GLU C 473 -30.73 -23.45 -10.02
N VAL C 474 -30.84 -23.85 -8.76
CA VAL C 474 -29.86 -23.43 -7.76
C VAL C 474 -28.95 -24.54 -7.26
N HIS C 475 -27.68 -24.20 -7.06
CA HIS C 475 -26.73 -25.16 -6.52
C HIS C 475 -25.76 -24.48 -5.56
N LEU C 476 -25.22 -25.27 -4.64
CA LEU C 476 -24.27 -24.77 -3.65
C LEU C 476 -22.87 -24.83 -4.25
N VAL C 477 -22.08 -23.78 -4.04
CA VAL C 477 -20.76 -23.66 -4.66
C VAL C 477 -19.74 -24.75 -4.30
N ALA C 478 -19.01 -25.18 -5.32
CA ALA C 478 -17.97 -26.20 -5.16
C ALA C 478 -16.85 -25.63 -4.31
N ASP C 479 -16.36 -26.48 -3.39
CA ASP C 479 -15.28 -26.22 -2.42
C ASP C 479 -15.65 -25.29 -1.26
N GLY C 480 -16.94 -24.98 -1.14
CA GLY C 480 -17.45 -24.15 -0.07
C GLY C 480 -16.83 -22.78 0.15
N LYS C 481 -16.53 -22.02 -0.90
CA LYS C 481 -15.93 -20.71 -0.61
C LYS C 481 -16.59 -19.54 -1.35
N PHE C 482 -16.42 -18.34 -0.81
CA PHE C 482 -16.98 -17.16 -1.46
C PHE C 482 -16.16 -16.82 -2.70
N GLY C 483 -14.84 -16.70 -2.54
CA GLY C 483 -14.01 -16.43 -3.71
C GLY C 483 -12.91 -15.40 -3.60
N THR C 484 -11.70 -15.93 -3.83
CA THR C 484 -10.47 -15.17 -3.80
C THR C 484 -9.50 -15.76 -4.80
N GLN C 485 -8.72 -14.91 -5.45
CA GLN C 485 -7.71 -15.39 -6.38
C GLN C 485 -6.53 -15.94 -5.59
N GLU C 486 -5.85 -16.96 -6.11
CA GLU C 486 -4.66 -17.50 -5.44
C GLU C 486 -3.51 -17.29 -6.41
N ARG C 487 -2.48 -16.56 -5.98
CA ARG C 487 -1.37 -16.24 -6.89
C ARG C 487 -0.46 -17.30 -7.48
N VAL C 488 0.16 -18.10 -6.62
CA VAL C 488 1.12 -19.09 -7.12
C VAL C 488 1.12 -20.52 -6.58
N ASN C 489 0.10 -21.29 -6.93
CA ASN C 489 0.09 -22.70 -6.56
C ASN C 489 0.41 -23.23 -7.95
N ASN C 490 1.60 -23.80 -8.12
CA ASN C 490 2.11 -24.24 -9.44
C ASN C 490 2.12 -22.98 -10.34
N SER C 491 1.45 -23.03 -11.49
CA SER C 491 1.39 -21.87 -12.39
C SER C 491 0.53 -20.75 -11.80
N ASN C 492 0.72 -19.50 -12.25
CA ASN C 492 -0.04 -18.37 -11.71
C ASN C 492 -1.52 -18.62 -11.88
N ALA C 493 -2.30 -18.34 -10.84
CA ALA C 493 -3.72 -18.67 -10.89
C ALA C 493 -4.68 -17.50 -10.70
N ALA C 494 -5.89 -17.69 -11.22
CA ALA C 494 -6.94 -16.68 -11.21
C ALA C 494 -7.81 -16.61 -9.96
N ALA C 495 -8.79 -15.71 -9.99
CA ALA C 495 -9.70 -15.58 -8.87
C ALA C 495 -10.81 -16.59 -9.09
N TRP C 496 -10.37 -17.84 -9.22
CA TRP C 496 -11.19 -19.00 -9.43
C TRP C 496 -11.53 -19.74 -8.13
N ASN C 497 -11.03 -19.23 -7.01
CA ASN C 497 -11.26 -19.86 -5.72
C ASN C 497 -12.72 -19.86 -5.29
N GLY C 498 -13.16 -21.01 -4.76
CA GLY C 498 -14.50 -21.19 -4.26
C GLY C 498 -15.66 -20.92 -5.22
N MET C 499 -16.65 -20.20 -4.70
CA MET C 499 -17.85 -19.84 -5.43
C MET C 499 -17.65 -18.90 -6.63
N MET C 500 -16.76 -17.92 -6.47
CA MET C 500 -16.53 -16.94 -7.52
C MET C 500 -16.00 -17.52 -8.83
N GLY C 501 -15.06 -18.45 -8.75
CA GLY C 501 -14.53 -19.04 -9.97
C GLY C 501 -15.57 -19.80 -10.74
N GLU C 502 -16.36 -20.57 -10.00
CA GLU C 502 -17.47 -21.30 -10.61
C GLU C 502 -18.21 -20.44 -11.62
N LEU C 503 -18.40 -19.17 -11.25
CA LEU C 503 -19.10 -18.19 -12.08
C LEU C 503 -18.30 -17.91 -13.34
N LEU C 504 -16.98 -17.79 -13.16
CA LEU C 504 -16.04 -17.48 -14.24
C LEU C 504 -16.08 -18.56 -15.32
N SER C 505 -16.25 -19.80 -14.89
CA SER C 505 -16.34 -20.96 -15.76
C SER C 505 -17.60 -20.92 -16.62
N GLY C 506 -18.60 -20.19 -16.15
CA GLY C 506 -19.88 -20.09 -16.83
C GLY C 506 -20.91 -21.08 -16.32
N GLN C 507 -20.52 -21.91 -15.35
CA GLN C 507 -21.42 -22.88 -14.74
C GLN C 507 -22.53 -22.14 -14.01
N ALA C 508 -22.18 -21.06 -13.34
CA ALA C 508 -23.13 -20.22 -12.62
C ALA C 508 -23.30 -18.92 -13.40
N ASP C 509 -24.54 -18.57 -13.69
CA ASP C 509 -24.86 -17.39 -14.47
C ASP C 509 -25.11 -16.21 -13.55
N MET C 510 -25.30 -16.49 -12.27
CA MET C 510 -25.57 -15.43 -11.31
C MET C 510 -25.25 -15.90 -9.90
N ILE C 511 -24.69 -15.01 -9.10
CA ILE C 511 -24.37 -15.34 -7.71
C ILE C 511 -25.42 -14.66 -6.85
N VAL C 512 -26.16 -15.44 -6.06
CA VAL C 512 -27.17 -14.87 -5.19
C VAL C 512 -26.83 -15.34 -3.77
N ALA C 513 -26.08 -14.50 -3.05
CA ALA C 513 -25.64 -14.80 -1.70
C ALA C 513 -25.15 -13.52 -1.02
N PRO C 514 -24.69 -13.62 0.23
CA PRO C 514 -24.19 -12.43 0.92
C PRO C 514 -22.75 -12.23 0.44
N LEU C 515 -22.64 -11.87 -0.83
CA LEU C 515 -21.37 -11.66 -1.51
C LEU C 515 -20.93 -10.20 -1.41
N THR C 516 -19.84 -9.96 -0.69
CA THR C 516 -19.32 -8.61 -0.50
C THR C 516 -18.81 -7.97 -1.79
N ILE C 517 -19.25 -6.73 -2.02
CA ILE C 517 -18.85 -5.96 -3.18
C ILE C 517 -17.50 -5.31 -2.85
N ASN C 518 -16.47 -5.61 -3.64
CA ASN C 518 -15.16 -5.02 -3.40
C ASN C 518 -14.42 -4.74 -4.71
N ASN C 519 -13.37 -3.93 -4.63
CA ASN C 519 -12.58 -3.55 -5.80
C ASN C 519 -12.03 -4.76 -6.55
N GLU C 520 -11.41 -5.66 -5.80
CA GLU C 520 -10.80 -6.87 -6.37
C GLU C 520 -11.76 -7.64 -7.28
N ARG C 521 -12.97 -7.89 -6.80
CA ARG C 521 -13.97 -8.64 -7.56
C ARG C 521 -14.62 -7.84 -8.68
N ALA C 522 -14.89 -6.56 -8.42
CA ALA C 522 -15.52 -5.66 -9.39
C ALA C 522 -14.70 -5.54 -10.67
N GLN C 523 -13.40 -5.81 -10.58
CA GLN C 523 -12.55 -5.74 -11.75
C GLN C 523 -12.90 -6.84 -12.75
N TYR C 524 -13.46 -7.94 -12.26
CA TYR C 524 -13.81 -9.06 -13.14
C TYR C 524 -15.30 -9.34 -13.34
N ILE C 525 -16.14 -9.00 -12.37
CA ILE C 525 -17.57 -9.24 -12.54
C ILE C 525 -18.39 -7.97 -12.30
N GLU C 526 -19.69 -8.09 -12.54
CA GLU C 526 -20.62 -6.99 -12.36
C GLU C 526 -21.46 -7.19 -11.10
N PHE C 527 -21.42 -6.20 -10.20
CA PHE C 527 -22.20 -6.23 -8.96
C PHE C 527 -23.42 -5.32 -9.12
N SER C 528 -24.54 -5.78 -8.59
CA SER C 528 -25.78 -5.02 -8.55
C SER C 528 -25.75 -4.09 -7.31
N LYS C 529 -26.75 -3.23 -7.18
CA LYS C 529 -26.80 -2.33 -6.02
C LYS C 529 -26.86 -3.22 -4.78
N PRO C 530 -26.04 -2.90 -3.78
CA PRO C 530 -25.95 -3.74 -2.58
C PRO C 530 -27.25 -3.82 -1.77
N PHE C 531 -27.63 -5.03 -1.44
CA PHE C 531 -28.83 -5.28 -0.64
C PHE C 531 -28.66 -4.71 0.77
N LYS C 532 -27.47 -4.90 1.33
CA LYS C 532 -27.19 -4.44 2.68
C LYS C 532 -25.79 -3.84 2.90
N TYR C 533 -25.71 -3.00 3.92
CA TYR C 533 -24.50 -2.32 4.36
C TYR C 533 -24.04 -2.96 5.68
N GLN C 534 -22.80 -3.47 5.69
CA GLN C 534 -22.27 -4.14 6.88
C GLN C 534 -20.77 -3.90 7.11
N GLY C 535 -20.34 -4.09 8.35
CA GLY C 535 -18.94 -3.93 8.73
C GLY C 535 -18.43 -5.09 9.55
N LEU C 536 -17.13 -5.38 9.44
CA LEU C 536 -16.54 -6.48 10.19
C LEU C 536 -16.50 -6.22 11.67
N THR C 537 -16.73 -7.27 12.46
CA THR C 537 -16.66 -7.17 13.90
C THR C 537 -16.03 -8.45 14.44
N ILE C 538 -16.00 -8.61 15.75
CA ILE C 538 -15.38 -9.77 16.36
C ILE C 538 -16.35 -10.50 17.29
N LEU C 539 -16.40 -11.83 17.16
CA LEU C 539 -17.27 -12.66 17.99
C LEU C 539 -16.45 -13.43 19.02
N VAL C 540 -16.86 -13.33 20.28
CA VAL C 540 -16.17 -13.99 21.38
C VAL C 540 -17.16 -14.60 22.37
N LYS C 541 -16.60 -15.42 23.27
CA LYS C 541 -17.31 -16.14 24.36
C LYS C 541 -17.69 -15.31 25.62
N LYS C 542 -18.57 -15.90 26.42
CA LYS C 542 -19.11 -15.29 27.66
C LYS C 542 -18.21 -15.24 28.90
N GLU C 543 -18.42 -14.19 29.71
CA GLU C 543 -17.70 -13.97 30.97
C GLU C 543 -18.26 -14.76 32.17
N ILE C 544 -17.42 -14.94 33.19
CA ILE C 544 -17.79 -15.66 34.42
C ILE C 544 -18.72 -14.87 35.35
N PRO C 545 -19.46 -15.58 36.21
CA PRO C 545 -20.38 -14.96 37.16
C PRO C 545 -19.82 -14.40 38.48
N ARG C 546 -20.71 -14.07 39.42
CA ARG C 546 -20.34 -13.50 40.71
C ARG C 546 -20.92 -14.23 41.94
N SER C 547 -20.25 -14.06 43.07
CA SER C 547 -20.61 -14.69 44.35
C SER C 547 -21.85 -14.15 45.10
N THR C 548 -22.38 -14.99 45.98
CA THR C 548 -23.56 -14.70 46.81
C THR C 548 -23.28 -13.71 47.95
N LEU C 549 -24.34 -13.15 48.52
CA LEU C 549 -24.21 -12.16 49.59
C LEU C 549 -23.50 -12.67 50.85
N ASP C 550 -23.81 -13.87 51.32
CA ASP C 550 -23.10 -14.41 52.47
C ASP C 550 -21.59 -14.37 52.20
N SER C 551 -21.21 -14.76 50.98
CA SER C 551 -19.82 -14.76 50.55
C SER C 551 -19.28 -13.32 50.55
N PHE C 552 -20.15 -12.41 50.12
CA PHE C 552 -19.87 -10.97 50.06
C PHE C 552 -19.65 -10.38 51.45
N MET C 553 -20.38 -10.91 52.41
CA MET C 553 -20.32 -10.48 53.81
C MET C 553 -18.94 -10.69 54.43
N GLN C 554 -18.28 -11.78 54.04
CA GLN C 554 -16.97 -12.13 54.60
C GLN C 554 -15.90 -11.06 54.36
N PRO C 555 -15.91 -10.44 53.18
CA PRO C 555 -14.91 -9.40 52.88
C PRO C 555 -14.99 -8.22 53.84
N PHE C 556 -16.19 -7.76 54.18
CA PHE C 556 -16.32 -6.67 55.14
C PHE C 556 -17.19 -6.91 56.38
N GLN C 557 -18.39 -7.46 56.21
CA GLN C 557 -19.29 -7.60 57.36
C GLN C 557 -18.87 -8.47 58.57
N SER C 558 -18.33 -9.65 58.32
CA SER C 558 -17.99 -10.55 59.44
C SER C 558 -16.92 -10.09 60.43
N THR C 559 -15.79 -9.58 59.95
CA THR C 559 -14.73 -9.17 60.86
C THR C 559 -15.18 -8.03 61.75
N LEU C 560 -15.85 -7.06 61.12
CA LEU C 560 -16.36 -5.90 61.85
C LEU C 560 -17.38 -6.36 62.87
N TRP C 561 -18.25 -7.28 62.46
CA TRP C 561 -19.29 -7.76 63.37
C TRP C 561 -18.66 -8.41 64.60
N LEU C 562 -17.62 -9.23 64.38
CA LEU C 562 -16.97 -9.86 65.51
C LEU C 562 -16.27 -8.87 66.44
N LEU C 563 -15.54 -7.91 65.86
CA LEU C 563 -14.81 -6.91 66.65
C LEU C 563 -15.64 -5.89 67.43
N VAL C 564 -16.69 -5.44 66.79
CA VAL C 564 -17.59 -4.41 67.23
C VAL C 564 -18.53 -5.00 68.23
N GLY C 565 -19.08 -6.17 67.94
CA GLY C 565 -19.96 -6.83 68.89
C GLY C 565 -19.23 -6.98 70.22
N LEU C 566 -17.97 -7.32 70.17
CA LEU C 566 -17.20 -7.45 71.38
C LEU C 566 -17.06 -6.10 72.07
N SER C 567 -16.87 -5.06 71.26
CA SER C 567 -16.70 -3.68 71.72
C SER C 567 -17.91 -3.16 72.46
N VAL C 568 -19.11 -3.57 72.05
CA VAL C 568 -20.33 -3.10 72.71
C VAL C 568 -20.39 -3.54 74.17
N HIS C 569 -19.99 -4.77 74.44
CA HIS C 569 -20.01 -5.30 75.80
C HIS C 569 -19.09 -4.51 76.71
N VAL C 570 -17.91 -4.16 76.21
CA VAL C 570 -16.95 -3.40 76.99
C VAL C 570 -17.51 -2.03 77.34
N VAL C 571 -18.18 -1.41 76.36
CA VAL C 571 -18.78 -0.10 76.56
C VAL C 571 -19.86 -0.20 77.63
N ALA C 572 -20.66 -1.26 77.57
CA ALA C 572 -21.72 -1.45 78.55
C ALA C 572 -21.13 -1.62 79.96
N VAL C 573 -20.03 -2.36 80.04
CA VAL C 573 -19.34 -2.60 81.29
C VAL C 573 -18.77 -1.30 81.88
N MET C 574 -18.27 -0.42 81.01
CA MET C 574 -17.67 0.83 81.46
C MET C 574 -18.63 1.75 82.21
N LEU C 575 -19.86 1.85 81.73
CA LEU C 575 -20.87 2.73 82.37
C LEU C 575 -21.24 2.24 83.79
N TYR C 576 -21.40 0.92 83.86
CA TYR C 576 -21.75 0.25 85.10
C TYR C 576 -20.64 0.42 86.12
N LEU C 577 -19.38 0.32 85.67
CA LEU C 577 -18.28 0.50 86.61
C LEU C 577 -18.58 1.62 87.61
N LEU C 578 -18.77 2.82 87.10
CA LEU C 578 -19.06 3.97 87.95
C LEU C 578 -20.38 3.76 88.69
N ASP C 579 -21.37 3.24 87.97
CA ASP C 579 -22.68 2.99 88.57
C ASP C 579 -22.55 1.97 89.70
N ARG C 580 -21.76 0.93 89.46
CA ARG C 580 -21.54 -0.10 90.46
C ARG C 580 -20.86 0.49 91.69
N PHE C 581 -19.89 1.37 91.45
CA PHE C 581 -19.19 2.03 92.54
C PHE C 581 -20.13 2.90 93.37
N SER C 582 -21.03 3.61 92.70
CA SER C 582 -21.98 4.49 93.39
C SER C 582 -23.19 4.82 92.53
N LEU C 599 -30.04 -9.17 86.03
CA LEU C 599 -29.41 -9.21 84.72
C LEU C 599 -29.13 -7.80 84.20
N THR C 600 -28.46 -7.00 85.00
CA THR C 600 -28.14 -5.63 84.62
C THR C 600 -27.24 -5.61 83.40
N LEU C 601 -26.27 -6.52 83.36
CA LEU C 601 -25.35 -6.61 82.23
C LEU C 601 -26.12 -6.97 80.96
N SER C 602 -27.07 -7.90 81.10
CA SER C 602 -27.88 -8.32 79.97
C SER C 602 -28.70 -7.15 79.45
N SER C 603 -29.25 -6.37 80.39
CA SER C 603 -30.05 -5.20 80.02
C SER C 603 -29.19 -4.20 79.26
N ALA C 604 -27.96 -4.00 79.74
CA ALA C 604 -27.03 -3.09 79.09
C ALA C 604 -26.73 -3.56 77.67
N MET C 605 -26.53 -4.87 77.52
CA MET C 605 -26.26 -5.44 76.21
C MET C 605 -27.44 -5.21 75.28
N TRP C 606 -28.65 -5.38 75.80
CA TRP C 606 -29.87 -5.18 75.02
C TRP C 606 -29.95 -3.72 74.57
N PHE C 607 -29.60 -2.81 75.47
CA PHE C 607 -29.62 -1.38 75.17
C PHE C 607 -28.62 -1.06 74.07
N SER C 608 -27.45 -1.69 74.13
CA SER C 608 -26.40 -1.48 73.15
C SER C 608 -26.73 -2.21 71.84
N TRP C 609 -27.40 -3.34 71.97
CA TRP C 609 -27.77 -4.14 70.80
C TRP C 609 -28.93 -3.39 70.18
N ARG C 610 -29.68 -2.65 70.97
CA ARG C 610 -30.86 -2.02 70.39
C ARG C 610 -30.43 -1.28 69.12
N VAL C 611 -29.27 -0.65 69.15
CA VAL C 611 -28.76 0.05 67.98
C VAL C 611 -28.43 -0.84 66.77
N LEU C 612 -27.75 -1.96 67.02
CA LEU C 612 -27.27 -2.83 65.93
C LEU C 612 -28.28 -3.50 65.00
N LEU C 613 -29.11 -4.31 65.63
CA LEU C 613 -30.21 -4.91 64.92
C LEU C 613 -31.18 -3.80 64.50
N ASN C 614 -31.20 -2.71 65.30
CA ASN C 614 -32.09 -1.55 65.24
C ASN C 614 -33.50 -1.92 65.70
N SER C 615 -33.59 -3.01 66.47
CA SER C 615 -34.78 -3.54 67.06
C SER C 615 -35.30 -2.54 68.04
N GLY C 616 -34.38 -1.95 68.81
CA GLY C 616 -34.75 -0.97 69.80
C GLY C 616 -35.76 -1.59 70.71
N LEU C 617 -35.41 -2.74 71.28
CA LEU C 617 -36.32 -3.45 72.14
C LEU C 617 -36.73 -2.57 73.30
N GLY C 618 -35.79 -1.76 73.79
CA GLY C 618 -36.01 -0.85 74.90
C GLY C 618 -36.36 -1.52 76.21
N GLU C 619 -35.77 -2.69 76.44
CA GLU C 619 -36.00 -3.42 77.68
C GLU C 619 -35.49 -2.64 78.89
N GLY C 620 -34.34 -2.00 78.74
CA GLY C 620 -33.76 -1.25 79.84
C GLY C 620 -33.28 0.17 79.56
N ALA C 621 -33.24 0.98 80.60
CA ALA C 621 -32.79 2.37 80.50
C ALA C 621 -31.60 2.64 81.43
N PRO C 622 -30.78 3.63 81.08
CA PRO C 622 -29.59 3.96 81.87
C PRO C 622 -29.91 4.40 83.30
N ARG C 623 -29.14 3.86 84.25
CA ARG C 623 -29.30 4.16 85.67
C ARG C 623 -29.02 5.59 86.14
N SER C 624 -27.97 6.22 85.60
CA SER C 624 -27.62 7.56 86.05
C SER C 624 -27.29 8.61 84.96
N PHE C 625 -27.44 9.87 85.34
CA PHE C 625 -27.18 11.02 84.47
C PHE C 625 -25.78 10.93 83.85
N SER C 626 -24.81 10.48 84.64
CA SER C 626 -23.44 10.29 84.16
C SER C 626 -23.43 9.23 83.05
N ALA C 627 -24.21 8.17 83.24
CA ALA C 627 -24.36 7.10 82.25
C ALA C 627 -24.99 7.66 80.98
N ARG C 628 -25.96 8.57 81.16
CA ARG C 628 -26.63 9.22 80.04
C ARG C 628 -25.62 10.01 79.25
N ILE C 629 -24.74 10.72 79.94
CA ILE C 629 -23.68 11.47 79.29
C ILE C 629 -22.92 10.34 78.60
N LEU C 630 -22.82 9.24 79.33
CA LEU C 630 -22.23 8.00 78.84
C LEU C 630 -23.11 7.48 77.72
N GLY C 631 -24.42 7.53 77.94
CA GLY C 631 -25.40 7.17 76.93
C GLY C 631 -25.31 8.19 75.81
N MET C 632 -25.15 9.46 76.18
CA MET C 632 -25.02 10.54 75.22
C MET C 632 -23.75 10.27 74.41
N VAL C 633 -22.68 9.84 75.09
CA VAL C 633 -21.48 9.50 74.37
C VAL C 633 -21.65 8.25 73.49
N TRP C 634 -21.86 7.13 74.18
CA TRP C 634 -22.03 5.81 73.60
C TRP C 634 -23.22 5.67 72.66
N ALA C 635 -24.35 6.30 73.00
CA ALA C 635 -25.51 6.20 72.13
C ALA C 635 -25.19 6.82 70.76
N LEU C 636 -24.53 7.96 70.78
CA LEU C 636 -24.15 8.65 69.55
C LEU C 636 -23.19 7.80 68.75
N PHE C 637 -22.25 7.17 69.45
CA PHE C 637 -21.26 6.31 68.81
C PHE C 637 -21.95 5.12 68.16
N ALA C 638 -22.94 4.56 68.84
CA ALA C 638 -23.70 3.43 68.33
C ALA C 638 -24.45 3.84 67.07
N MET C 639 -25.00 5.06 67.08
CA MET C 639 -25.71 5.58 65.93
C MET C 639 -24.75 5.72 64.75
N ILE C 640 -23.54 6.20 65.02
CA ILE C 640 -22.52 6.36 64.00
C ILE C 640 -22.12 4.99 63.44
N ILE C 641 -22.03 4.01 64.32
CA ILE C 641 -21.65 2.64 63.96
C ILE C 641 -22.67 2.05 63.00
N VAL C 642 -23.95 2.27 63.28
CA VAL C 642 -24.97 1.75 62.38
C VAL C 642 -25.01 2.55 61.11
N ALA C 643 -24.87 3.87 61.21
CA ALA C 643 -24.79 4.64 59.98
C ALA C 643 -23.62 4.11 59.12
N SER C 644 -22.52 3.73 59.77
CA SER C 644 -21.44 3.11 59.01
C SER C 644 -21.88 1.73 58.49
N TYR C 645 -22.83 1.10 59.16
CA TYR C 645 -23.38 -0.12 58.64
C TYR C 645 -24.24 0.19 57.45
N THR C 646 -24.84 1.39 57.41
CA THR C 646 -25.57 1.78 56.24
C THR C 646 -24.57 2.08 55.13
N ALA C 647 -23.35 2.45 55.50
CA ALA C 647 -22.32 2.57 54.49
C ALA C 647 -22.02 1.17 53.96
N ASN C 648 -22.00 0.18 54.86
CA ASN C 648 -21.83 -1.19 54.43
C ASN C 648 -22.99 -1.58 53.54
N LEU C 649 -24.19 -1.17 53.91
CA LEU C 649 -25.36 -1.35 53.08
C LEU C 649 -25.08 -0.82 51.68
N ALA C 650 -24.50 0.39 51.63
CA ALA C 650 -24.16 1.04 50.37
C ALA C 650 -23.14 0.23 49.55
N ALA C 651 -22.21 -0.40 50.26
CA ALA C 651 -21.14 -1.19 49.66
C ALA C 651 -21.61 -2.39 48.83
N PHE C 652 -22.76 -2.95 49.20
CA PHE C 652 -23.31 -4.12 48.52
C PHE C 652 -23.63 -3.89 47.04
N LEU C 653 -23.97 -2.64 46.73
CA LEU C 653 -24.33 -2.20 45.38
C LEU C 653 -23.12 -1.89 44.51
N VAL C 654 -21.93 -2.10 45.05
CA VAL C 654 -20.65 -1.85 44.36
C VAL C 654 -20.15 -3.07 43.58
N LEU C 655 -20.98 -4.12 43.53
CA LEU C 655 -20.68 -5.38 42.84
C LEU C 655 -20.64 -5.33 41.31
N ARG C 656 -21.11 -4.24 40.70
CA ARG C 656 -21.13 -4.13 39.25
C ARG C 656 -19.74 -4.35 38.66
N ARG C 657 -19.69 -5.11 37.57
CA ARG C 657 -18.45 -5.50 36.92
C ARG C 657 -18.05 -4.64 35.75
N PRO C 658 -16.82 -4.13 35.81
CA PRO C 658 -16.27 -3.30 34.74
C PRO C 658 -16.16 -4.07 33.43
N GLU C 659 -15.73 -5.33 33.52
CA GLU C 659 -15.57 -6.26 32.39
C GLU C 659 -14.45 -5.88 31.42
N GLU C 660 -14.48 -6.46 30.21
CA GLU C 660 -13.47 -6.17 29.19
C GLU C 660 -14.00 -6.14 27.75
N ARG C 661 -13.35 -5.34 26.92
CA ARG C 661 -13.70 -5.20 25.50
C ARG C 661 -12.43 -5.20 24.67
N ILE C 662 -12.51 -5.62 23.42
CA ILE C 662 -11.26 -5.64 22.65
C ILE C 662 -11.27 -4.79 21.38
N THR C 663 -10.35 -3.83 21.32
CA THR C 663 -10.27 -2.91 20.19
C THR C 663 -9.77 -3.58 18.91
N GLY C 664 -10.26 -3.11 17.77
CA GLY C 664 -9.84 -3.67 16.49
C GLY C 664 -8.36 -3.45 16.26
N ILE C 665 -7.87 -2.24 16.54
CA ILE C 665 -6.46 -1.94 16.35
C ILE C 665 -5.73 -1.57 17.64
N ASN C 666 -6.43 -0.88 18.54
CA ASN C 666 -5.87 -0.44 19.82
C ASN C 666 -5.47 -1.59 20.75
N ASP C 667 -6.28 -2.64 20.77
CA ASP C 667 -6.05 -3.78 21.65
C ASP C 667 -4.78 -4.56 21.35
N PRO C 668 -4.22 -5.15 22.40
CA PRO C 668 -2.99 -5.94 22.35
C PRO C 668 -3.10 -7.19 21.47
N ARG C 669 -4.28 -7.80 21.42
CA ARG C 669 -4.46 -9.02 20.64
C ARG C 669 -4.18 -8.80 19.15
N LEU C 670 -4.71 -7.69 18.64
CA LEU C 670 -4.45 -7.30 17.26
C LEU C 670 -2.94 -7.07 17.13
N ARG C 671 -2.34 -6.50 18.17
CA ARG C 671 -0.92 -6.24 18.21
C ARG C 671 -0.16 -7.55 18.09
N ASN C 672 -0.63 -8.62 18.77
CA ASN C 672 0.10 -9.84 18.62
C ASN C 672 -0.93 -10.94 18.65
N PRO C 673 -0.79 -11.93 17.78
CA PRO C 673 -1.72 -13.04 17.85
C PRO C 673 -1.12 -13.69 19.06
N SER C 674 -1.82 -13.64 20.19
CA SER C 674 -1.27 -14.22 21.38
C SER C 674 -1.22 -15.70 21.15
N ASP C 675 -0.13 -16.33 21.60
CA ASP C 675 -0.02 -17.75 21.43
C ASP C 675 -1.15 -18.41 22.22
N LYS C 676 -1.37 -17.96 23.44
CA LYS C 676 -2.47 -18.46 24.24
C LYS C 676 -3.82 -18.00 23.68
N PHE C 677 -3.85 -16.89 22.96
CA PHE C 677 -5.13 -16.36 22.52
C PHE C 677 -5.27 -16.53 21.00
N ILE C 678 -5.96 -17.58 20.57
CA ILE C 678 -6.15 -17.83 19.15
C ILE C 678 -7.38 -17.14 18.55
N TYR C 679 -7.19 -16.55 17.37
CA TYR C 679 -8.28 -15.91 16.67
C TYR C 679 -8.13 -16.27 15.20
N ALA C 680 -9.23 -16.20 14.46
CA ALA C 680 -9.19 -16.55 13.06
C ALA C 680 -10.43 -16.08 12.30
N THR C 681 -10.47 -16.39 11.02
CA THR C 681 -11.58 -16.02 10.17
C THR C 681 -11.85 -17.22 9.24
N VAL C 682 -12.64 -17.01 8.20
CA VAL C 682 -12.95 -18.09 7.28
C VAL C 682 -11.98 -18.08 6.10
N LYS C 683 -11.51 -19.27 5.72
CA LYS C 683 -10.58 -19.39 4.59
C LYS C 683 -11.21 -18.95 3.28
N GLN C 684 -10.39 -18.40 2.38
CA GLN C 684 -10.85 -17.98 1.06
C GLN C 684 -12.08 -17.08 1.11
N SER C 685 -12.06 -16.12 2.02
CA SER C 685 -13.16 -15.18 2.21
C SER C 685 -12.64 -13.75 2.02
N SER C 686 -13.55 -12.80 1.95
CA SER C 686 -13.22 -11.40 1.78
C SER C 686 -12.39 -10.90 2.97
N VAL C 687 -12.61 -11.53 4.12
CA VAL C 687 -11.88 -11.15 5.33
C VAL C 687 -10.43 -11.62 5.18
N ASP C 688 -10.24 -12.78 4.58
CA ASP C 688 -8.91 -13.30 4.35
C ASP C 688 -8.18 -12.33 3.42
N ILE C 689 -8.87 -11.88 2.36
CA ILE C 689 -8.31 -10.94 1.41
C ILE C 689 -7.91 -9.64 2.10
N TYR C 690 -8.77 -9.16 3.00
CA TYR C 690 -8.53 -7.91 3.74
C TYR C 690 -7.27 -7.92 4.59
N PHE C 691 -7.11 -8.94 5.42
CA PHE C 691 -5.91 -9.01 6.25
C PHE C 691 -4.63 -9.33 5.47
N ARG C 692 -4.77 -10.00 4.33
CA ARG C 692 -3.61 -10.34 3.51
C ARG C 692 -3.18 -9.14 2.67
N ARG C 693 -4.11 -8.21 2.43
CA ARG C 693 -3.84 -7.02 1.64
C ARG C 693 -3.15 -5.91 2.43
N GLN C 694 -3.64 -5.64 3.64
CA GLN C 694 -3.07 -4.58 4.48
C GLN C 694 -1.76 -4.96 5.17
N VAL C 695 -0.70 -4.26 4.80
CA VAL C 695 0.65 -4.47 5.29
C VAL C 695 0.87 -4.27 6.80
N GLU C 696 0.16 -3.30 7.39
CA GLU C 696 0.19 -2.92 8.82
C GLU C 696 -0.34 -3.98 9.82
N LEU C 697 -1.14 -4.88 9.28
CA LEU C 697 -1.70 -6.01 10.02
C LEU C 697 -0.80 -7.24 9.95
N SER C 698 -0.25 -7.49 8.77
CA SER C 698 0.63 -8.63 8.52
C SER C 698 0.81 -9.55 9.73
N THR C 699 0.98 -8.96 10.90
CA THR C 699 1.16 -9.76 12.11
C THR C 699 -0.09 -10.59 12.39
N MET C 700 -1.26 -9.98 12.26
CA MET C 700 -2.51 -10.71 12.49
C MET C 700 -2.71 -11.77 11.41
N TYR C 701 -2.41 -11.40 10.16
CA TYR C 701 -2.56 -12.33 9.06
C TYR C 701 -1.79 -13.63 9.28
N ARG C 702 -0.52 -13.51 9.70
CA ARG C 702 0.32 -14.70 9.94
C ARG C 702 -0.22 -15.58 11.05
N HIS C 703 -0.81 -14.96 12.07
CA HIS C 703 -1.38 -15.71 13.18
C HIS C 703 -2.63 -16.45 12.72
N MET C 704 -3.48 -15.77 11.97
CA MET C 704 -4.72 -16.38 11.48
C MET C 704 -4.50 -17.46 10.43
N GLU C 705 -3.48 -17.30 9.60
CA GLU C 705 -3.19 -18.29 8.55
C GLU C 705 -3.05 -19.70 9.11
N LYS C 706 -2.74 -19.80 10.41
CA LYS C 706 -2.57 -21.10 11.04
C LYS C 706 -3.84 -21.62 11.72
N HIS C 707 -4.90 -20.82 11.74
CA HIS C 707 -6.13 -21.25 12.42
C HIS C 707 -7.45 -21.06 11.67
N ASN C 708 -7.43 -20.42 10.51
CA ASN C 708 -8.68 -20.18 9.77
C ASN C 708 -9.51 -21.42 9.50
N TYR C 709 -10.84 -21.26 9.61
CA TYR C 709 -11.80 -22.34 9.40
C TYR C 709 -12.40 -22.41 8.00
N GLU C 710 -12.84 -23.61 7.63
CA GLU C 710 -13.43 -23.86 6.32
C GLU C 710 -14.77 -23.16 6.10
N SER C 711 -15.47 -22.86 7.19
CA SER C 711 -16.77 -22.20 7.09
C SER C 711 -17.09 -21.42 8.36
N ALA C 712 -17.96 -20.42 8.23
CA ALA C 712 -18.35 -19.59 9.37
C ALA C 712 -19.01 -20.42 10.47
N ALA C 713 -19.87 -21.35 10.07
CA ALA C 713 -20.57 -22.20 11.03
C ALA C 713 -19.59 -22.92 11.96
N GLU C 714 -18.55 -23.50 11.37
CA GLU C 714 -17.55 -24.24 12.15
C GLU C 714 -16.75 -23.36 13.11
N ALA C 715 -16.38 -22.16 12.66
CA ALA C 715 -15.62 -21.26 13.53
C ALA C 715 -16.47 -20.83 14.72
N ILE C 716 -17.73 -20.53 14.44
CA ILE C 716 -18.66 -20.09 15.48
C ILE C 716 -18.81 -21.18 16.53
N GLN C 717 -18.93 -22.42 16.07
CA GLN C 717 -19.08 -23.55 16.96
C GLN C 717 -17.81 -23.70 17.80
N ALA C 718 -16.67 -23.43 17.19
CA ALA C 718 -15.39 -23.52 17.89
C ALA C 718 -15.30 -22.49 19.00
N VAL C 719 -15.92 -21.32 18.80
CA VAL C 719 -15.90 -20.29 19.81
C VAL C 719 -16.72 -20.75 21.02
N ARG C 720 -17.85 -21.39 20.75
CA ARG C 720 -18.71 -21.89 21.82
C ARG C 720 -17.99 -23.00 22.60
N ASP C 721 -17.16 -23.77 21.90
CA ASP C 721 -16.45 -24.87 22.54
C ASP C 721 -15.06 -24.50 23.04
N ASN C 722 -14.81 -23.20 23.20
CA ASN C 722 -13.52 -22.72 23.69
C ASN C 722 -12.33 -23.24 22.88
N LYS C 723 -12.55 -23.57 21.61
CA LYS C 723 -11.48 -24.05 20.76
C LYS C 723 -10.90 -22.88 19.97
N LEU C 724 -11.69 -21.80 19.90
CA LEU C 724 -11.29 -20.58 19.21
C LEU C 724 -11.68 -19.46 20.16
N HIS C 725 -10.78 -18.51 20.39
CA HIS C 725 -11.07 -17.41 21.30
C HIS C 725 -11.75 -16.21 20.66
N ALA C 726 -11.53 -16.00 19.36
CA ALA C 726 -12.15 -14.87 18.66
C ALA C 726 -12.33 -15.15 17.18
N PHE C 727 -13.51 -14.83 16.68
CA PHE C 727 -13.84 -15.03 15.28
C PHE C 727 -14.12 -13.67 14.60
N ILE C 728 -13.28 -13.33 13.64
CA ILE C 728 -13.41 -12.07 12.89
C ILE C 728 -14.23 -12.34 11.63
N TRP C 729 -15.44 -11.76 11.58
CA TRP C 729 -16.35 -11.99 10.46
C TRP C 729 -17.32 -10.84 10.22
N ASP C 730 -18.22 -11.02 9.25
CA ASP C 730 -19.22 -10.01 8.91
C ASP C 730 -20.17 -9.71 10.07
N SER C 731 -20.35 -8.43 10.36
CA SER C 731 -21.22 -8.00 11.45
C SER C 731 -22.68 -8.40 11.22
N ALA C 732 -23.11 -8.44 9.97
CA ALA C 732 -24.48 -8.80 9.67
C ALA C 732 -24.76 -10.25 10.13
N VAL C 733 -23.74 -11.09 10.06
CA VAL C 733 -23.85 -12.48 10.47
C VAL C 733 -23.58 -12.67 11.96
N LEU C 734 -22.50 -12.07 12.45
CA LEU C 734 -22.14 -12.19 13.86
C LEU C 734 -23.17 -11.56 14.80
N GLU C 735 -23.72 -10.41 14.41
CA GLU C 735 -24.73 -9.75 15.24
C GLU C 735 -25.92 -10.68 15.36
N PHE C 736 -26.26 -11.35 14.25
CA PHE C 736 -27.38 -12.28 14.27
C PHE C 736 -27.10 -13.47 15.17
N GLU C 737 -25.91 -14.05 15.06
CA GLU C 737 -25.52 -15.18 15.88
C GLU C 737 -25.56 -14.81 17.36
N ALA C 738 -25.05 -13.62 17.69
CA ALA C 738 -25.02 -13.17 19.07
C ALA C 738 -26.43 -12.96 19.60
N SER C 739 -27.38 -12.71 18.70
CA SER C 739 -28.76 -12.49 19.13
C SER C 739 -29.51 -13.81 19.34
N GLN C 740 -28.97 -14.90 18.81
CA GLN C 740 -29.60 -16.21 18.94
C GLN C 740 -28.94 -17.07 20.01
N ASP C 741 -27.64 -16.88 20.19
CA ASP C 741 -26.88 -17.64 21.18
C ASP C 741 -26.31 -16.66 22.20
N CYS C 742 -26.92 -16.64 23.38
CA CYS C 742 -26.53 -15.72 24.45
C CYS C 742 -25.19 -16.01 25.11
N ASP C 743 -24.51 -17.08 24.70
CA ASP C 743 -23.21 -17.41 25.25
C ASP C 743 -22.11 -16.79 24.39
N LEU C 744 -22.53 -16.15 23.31
CA LEU C 744 -21.61 -15.50 22.38
C LEU C 744 -21.92 -14.00 22.30
N VAL C 745 -20.88 -13.19 22.14
CA VAL C 745 -21.04 -11.74 22.05
C VAL C 745 -20.06 -11.12 21.05
N THR C 746 -20.35 -9.91 20.58
CA THR C 746 -19.47 -9.23 19.64
C THR C 746 -18.59 -8.20 20.35
N THR C 747 -17.42 -7.99 19.77
CA THR C 747 -16.55 -6.92 20.19
C THR C 747 -17.23 -5.65 19.66
N GLY C 748 -17.16 -4.57 20.40
CA GLY C 748 -17.83 -3.35 19.98
C GLY C 748 -17.41 -2.65 18.68
N GLU C 749 -16.12 -2.58 18.43
CA GLU C 749 -15.66 -1.86 17.24
C GLU C 749 -16.12 -2.45 15.92
N LEU C 750 -16.48 -1.58 14.98
CA LEU C 750 -16.86 -2.02 13.67
C LEU C 750 -15.80 -1.42 12.78
N PHE C 751 -15.19 -2.25 11.95
CA PHE C 751 -14.11 -1.79 11.09
C PHE C 751 -14.34 -2.33 9.69
N PHE C 752 -13.56 -1.85 8.73
CA PHE C 752 -13.70 -2.26 7.33
C PHE C 752 -15.18 -2.29 6.93
N ARG C 753 -15.82 -1.13 6.97
CA ARG C 753 -17.21 -1.02 6.59
C ARG C 753 -17.33 -1.47 5.14
N SER C 754 -18.28 -2.38 4.87
CA SER C 754 -18.48 -2.90 3.51
C SER C 754 -19.91 -3.38 3.23
N GLY C 755 -20.28 -3.45 1.94
CA GLY C 755 -21.61 -3.88 1.53
C GLY C 755 -21.68 -5.01 0.50
N PHE C 756 -22.52 -6.00 0.78
CA PHE C 756 -22.74 -7.16 -0.10
C PHE C 756 -23.56 -6.86 -1.36
N GLY C 757 -23.37 -7.67 -2.41
CA GLY C 757 -24.10 -7.49 -3.66
C GLY C 757 -24.27 -8.72 -4.55
N ILE C 758 -25.23 -8.67 -5.47
CA ILE C 758 -25.51 -9.75 -6.43
C ILE C 758 -24.39 -9.82 -7.46
N GLY C 759 -24.17 -10.98 -8.09
CA GLY C 759 -23.04 -11.03 -8.99
C GLY C 759 -23.37 -11.64 -10.34
N MET C 760 -22.89 -11.02 -11.42
CA MET C 760 -23.13 -11.49 -12.79
C MET C 760 -21.89 -11.20 -13.63
N ARG C 761 -21.78 -11.86 -14.78
CA ARG C 761 -20.65 -11.61 -15.66
C ARG C 761 -20.90 -10.22 -16.26
N LYS C 762 -19.84 -9.50 -16.59
CA LYS C 762 -19.98 -8.14 -17.12
C LYS C 762 -20.88 -7.98 -18.34
N ASP C 763 -21.02 -9.02 -19.14
CA ASP C 763 -21.87 -8.91 -20.33
C ASP C 763 -23.26 -9.53 -20.14
N SER C 764 -23.67 -9.70 -18.89
CA SER C 764 -24.98 -10.28 -18.60
C SER C 764 -26.07 -9.32 -19.05
N PRO C 765 -27.11 -9.82 -19.73
CA PRO C 765 -28.20 -8.95 -20.18
C PRO C 765 -29.21 -8.64 -19.06
N TRP C 766 -29.00 -9.25 -17.90
CA TRP C 766 -29.89 -9.02 -16.75
C TRP C 766 -29.33 -8.02 -15.72
N LYS C 767 -28.15 -7.47 -15.99
CA LYS C 767 -27.53 -6.54 -15.05
C LYS C 767 -28.30 -5.24 -14.81
N GLN C 768 -28.80 -4.62 -15.87
CA GLN C 768 -29.55 -3.37 -15.75
C GLN C 768 -30.84 -3.61 -14.96
N GLU C 769 -31.47 -4.73 -15.25
CA GLU C 769 -32.73 -5.16 -14.64
C GLU C 769 -32.58 -5.56 -13.17
N VAL C 770 -31.49 -6.27 -12.88
CA VAL C 770 -31.23 -6.75 -11.52
C VAL C 770 -31.06 -5.60 -10.54
N SER C 771 -30.33 -4.57 -10.90
CA SER C 771 -30.25 -3.48 -9.95
C SER C 771 -31.54 -2.70 -9.81
N LEU C 772 -32.15 -2.32 -10.94
CA LEU C 772 -33.37 -1.54 -10.84
C LEU C 772 -34.33 -2.22 -9.87
N ASN C 773 -34.36 -3.54 -9.93
CA ASN C 773 -35.21 -4.32 -9.04
C ASN C 773 -34.80 -4.18 -7.57
N ILE C 774 -33.49 -4.16 -7.32
CA ILE C 774 -32.96 -4.05 -5.97
C ILE C 774 -33.36 -2.69 -5.39
N LEU C 775 -33.15 -1.65 -6.20
CA LEU C 775 -33.50 -0.28 -5.81
C LEU C 775 -34.99 -0.21 -5.48
N LYS C 776 -35.82 -0.78 -6.34
CA LYS C 776 -37.27 -0.75 -6.14
C LYS C 776 -37.65 -1.43 -4.83
N SER C 777 -37.00 -2.55 -4.54
CA SER C 777 -37.28 -3.30 -3.30
C SER C 777 -36.87 -2.56 -2.03
N HIS C 778 -35.80 -1.79 -2.12
CA HIS C 778 -35.34 -0.94 -1.02
C HIS C 778 -36.34 0.19 -0.76
N GLU C 779 -36.69 0.89 -1.83
CA GLU C 779 -37.65 2.00 -1.77
C GLU C 779 -39.04 1.50 -1.40
N ASN C 780 -39.45 0.39 -1.96
CA ASN C 780 -40.76 -0.15 -1.63
C ASN C 780 -40.91 -0.61 -0.24
N GLY C 781 -39.89 -1.22 0.29
CA GLY C 781 -40.00 -1.69 1.65
C GLY C 781 -39.88 -3.20 1.67
N PHE C 782 -39.89 -3.82 0.48
CA PHE C 782 -39.69 -5.25 0.37
C PHE C 782 -38.43 -5.69 1.13
N MET C 783 -37.34 -4.94 0.97
CA MET C 783 -36.08 -5.28 1.61
C MET C 783 -36.23 -5.25 3.14
N GLU C 784 -37.00 -4.29 3.65
CA GLU C 784 -37.22 -4.20 5.09
C GLU C 784 -38.06 -5.38 5.59
N GLU C 785 -38.99 -5.84 4.76
CA GLU C 785 -39.81 -6.97 5.17
C GLU C 785 -38.97 -8.22 5.34
N LEU C 786 -38.06 -8.46 4.40
CA LEU C 786 -37.19 -9.62 4.47
C LEU C 786 -36.20 -9.58 5.63
N ASP C 787 -35.56 -8.43 5.83
CA ASP C 787 -34.59 -8.30 6.92
C ASP C 787 -35.30 -8.36 8.26
N LYS C 788 -36.42 -7.65 8.35
CA LYS C 788 -37.24 -7.63 9.55
C LYS C 788 -37.85 -8.99 9.81
N THR C 789 -38.30 -9.65 8.75
CA THR C 789 -38.94 -10.95 8.90
C THR C 789 -38.01 -12.04 9.45
N TRP C 790 -36.85 -12.19 8.81
CA TRP C 790 -35.75 -13.10 9.22
C TRP C 790 -34.86 -12.73 10.45
N VAL C 791 -34.42 -11.46 10.51
CA VAL C 791 -33.56 -10.92 11.55
C VAL C 791 -34.26 -10.70 12.89
N ARG C 792 -35.49 -10.20 12.82
CA ARG C 792 -36.28 -9.91 14.00
C ARG C 792 -36.63 -11.11 14.89
N TYR C 793 -36.55 -12.30 14.34
CA TYR C 793 -36.94 -13.44 15.16
C TYR C 793 -36.20 -13.42 16.51
N GLN C 794 -34.92 -13.09 16.54
CA GLN C 794 -34.22 -13.21 17.82
C GLN C 794 -33.45 -12.02 18.41
N GLU C 795 -33.54 -11.89 19.73
CA GLU C 795 -32.85 -10.85 20.47
C GLU C 795 -32.37 -11.26 21.87
N CYS C 796 -31.29 -10.64 22.30
CA CYS C 796 -30.69 -10.82 23.61
C CYS C 796 -30.83 -9.52 24.38
N ASP C 797 -31.27 -9.66 25.63
CA ASP C 797 -31.46 -8.53 26.52
C ASP C 797 -30.81 -8.82 27.86
N SER C 798 -30.52 -7.78 28.64
CA SER C 798 -29.90 -7.96 29.94
C SER C 798 -30.94 -8.30 31.01
N ARG C 799 -31.43 -9.53 30.95
CA ARG C 799 -32.45 -10.04 31.86
C ARG C 799 -31.92 -10.29 33.26
N SER C 800 -32.85 -10.37 34.21
CA SER C 800 -32.59 -10.76 35.61
C SER C 800 -32.23 -9.73 36.70
N ASN C 801 -31.80 -8.51 36.37
CA ASN C 801 -31.47 -7.59 37.46
C ASN C 801 -30.41 -8.23 38.37
N ALA C 802 -30.44 -7.92 39.68
CA ALA C 802 -29.47 -8.50 40.62
C ALA C 802 -29.94 -9.12 41.96
N PRO C 803 -31.21 -8.93 42.33
CA PRO C 803 -31.73 -9.41 43.63
C PRO C 803 -32.01 -10.91 43.86
N ALA C 804 -31.97 -11.35 45.12
CA ALA C 804 -32.27 -12.74 45.48
C ALA C 804 -31.54 -13.69 44.54
N THR C 805 -32.27 -14.67 44.00
CA THR C 805 -31.67 -15.63 43.05
C THR C 805 -30.44 -16.32 43.65
N LEU C 806 -29.34 -16.32 42.91
CA LEU C 806 -28.10 -16.94 43.36
C LEU C 806 -27.57 -16.30 44.63
N THR C 807 -27.67 -14.97 44.73
CA THR C 807 -27.20 -14.27 45.91
C THR C 807 -28.00 -14.72 47.13
N PHE C 808 -29.30 -14.89 46.95
CA PHE C 808 -30.18 -15.36 48.01
C PHE C 808 -29.91 -16.80 48.46
N GLU C 809 -29.22 -17.61 47.66
CA GLU C 809 -28.98 -19.01 48.09
C GLU C 809 -28.25 -19.11 49.47
N ASN C 810 -27.19 -18.34 49.69
CA ASN C 810 -26.54 -18.26 50.99
C ASN C 810 -27.48 -17.71 52.03
N MET C 811 -28.48 -16.94 51.60
CA MET C 811 -29.48 -16.47 52.55
C MET C 811 -30.17 -17.68 53.14
N ALA C 812 -30.31 -18.74 52.34
CA ALA C 812 -30.80 -20.02 52.83
C ALA C 812 -29.99 -20.43 54.05
N GLY C 813 -28.67 -20.32 53.94
CA GLY C 813 -27.76 -20.61 55.05
C GLY C 813 -28.10 -19.74 56.23
N VAL C 814 -28.36 -18.46 55.98
CA VAL C 814 -28.75 -17.54 57.04
C VAL C 814 -30.02 -18.03 57.71
N PHE C 815 -30.99 -18.45 56.92
CA PHE C 815 -32.25 -18.95 57.45
C PHE C 815 -32.01 -20.21 58.27
N TYR C 816 -31.04 -21.02 57.86
CA TYR C 816 -30.71 -22.22 58.58
C TYR C 816 -30.13 -21.84 59.93
N LEU C 817 -29.33 -20.77 59.93
CA LEU C 817 -28.74 -20.28 61.16
C LEU C 817 -29.81 -19.76 62.08
N VAL C 818 -30.90 -19.13 61.67
CA VAL C 818 -31.82 -18.71 62.76
C VAL C 818 -32.46 -19.87 63.61
N ALA C 819 -32.90 -20.89 62.90
CA ALA C 819 -33.56 -22.04 63.53
C ALA C 819 -32.68 -22.82 64.52
N GLY C 820 -31.40 -22.99 64.20
CA GLY C 820 -30.49 -23.73 65.06
C GLY C 820 -30.22 -23.18 66.45
N GLY C 821 -30.10 -21.86 66.56
CA GLY C 821 -29.81 -21.20 67.82
C GLY C 821 -30.79 -21.33 68.97
N ILE C 822 -32.09 -21.27 68.65
CA ILE C 822 -33.14 -21.33 69.67
C ILE C 822 -33.23 -22.60 70.52
N VAL C 823 -32.96 -23.76 69.92
CA VAL C 823 -33.07 -25.02 70.64
C VAL C 823 -32.16 -25.19 71.85
N ALA C 824 -30.91 -24.74 71.75
CA ALA C 824 -29.97 -24.87 72.87
C ALA C 824 -30.44 -24.06 74.09
N GLY C 825 -30.96 -22.87 73.82
CA GLY C 825 -31.47 -21.97 74.83
C GLY C 825 -32.58 -22.55 75.67
N ILE C 826 -33.40 -23.43 75.09
CA ILE C 826 -34.50 -24.04 75.80
C ILE C 826 -34.03 -24.73 77.08
N PHE C 827 -33.27 -25.80 76.92
CA PHE C 827 -32.76 -26.55 78.06
C PHE C 827 -31.83 -25.69 78.92
N LEU C 828 -30.96 -24.93 78.27
CA LEU C 828 -30.03 -24.08 79.01
C LEU C 828 -30.77 -23.02 79.81
N ILE C 829 -31.79 -22.42 79.19
CA ILE C 829 -32.60 -21.40 79.87
C ILE C 829 -33.34 -22.03 81.04
N PHE C 830 -33.84 -23.25 80.86
CA PHE C 830 -34.54 -23.95 81.93
C PHE C 830 -33.60 -24.20 83.10
N ILE C 831 -32.36 -24.59 82.79
CA ILE C 831 -31.36 -24.84 83.81
C ILE C 831 -31.06 -23.55 84.57
N GLU C 832 -30.97 -22.44 83.83
CA GLU C 832 -30.70 -21.15 84.45
C GLU C 832 -31.83 -20.78 85.39
N ILE C 833 -33.07 -21.04 84.97
CA ILE C 833 -34.24 -20.75 85.79
C ILE C 833 -34.20 -21.58 87.06
N ALA C 834 -33.81 -22.84 86.93
CA ALA C 834 -33.73 -23.73 88.09
C ALA C 834 -32.67 -23.21 89.05
N TYR C 835 -31.54 -22.75 88.52
CA TYR C 835 -30.47 -22.20 89.33
C TYR C 835 -30.93 -20.95 90.08
N LYS C 836 -31.69 -20.10 89.41
CA LYS C 836 -32.17 -18.86 90.02
C LYS C 836 -33.37 -18.28 89.28
N HIS D 27 33.32 -54.28 -32.79
CA HIS D 27 32.47 -55.26 -32.14
C HIS D 27 31.22 -54.59 -31.55
N PRO D 28 31.35 -54.04 -30.34
CA PRO D 28 30.23 -53.38 -29.67
C PRO D 28 30.64 -52.02 -29.12
N ASN D 29 30.92 -51.07 -30.00
CA ASN D 29 31.32 -49.73 -29.59
C ASN D 29 30.54 -48.65 -30.36
N MET D 30 30.17 -47.58 -29.67
CA MET D 30 29.43 -46.49 -30.28
C MET D 30 30.35 -45.61 -31.12
N ASP D 31 29.80 -45.09 -32.22
CA ASP D 31 30.57 -44.22 -33.11
C ASP D 31 30.32 -42.75 -32.81
N ILE D 32 31.39 -42.02 -32.51
CA ILE D 32 31.34 -40.64 -32.04
C ILE D 32 32.37 -39.73 -32.76
N ALA D 33 32.02 -38.46 -32.88
CA ALA D 33 32.91 -37.47 -33.47
C ALA D 33 32.94 -36.15 -32.69
N VAL D 34 34.11 -35.51 -32.67
CA VAL D 34 34.29 -34.23 -31.99
C VAL D 34 35.14 -33.33 -32.88
N ILE D 35 34.87 -32.04 -32.84
CA ILE D 35 35.55 -31.07 -33.70
C ILE D 35 36.02 -29.86 -32.90
N LEU D 36 37.20 -29.35 -33.23
CA LEU D 36 37.66 -28.11 -32.63
C LEU D 36 38.01 -27.07 -33.67
N VAL D 37 37.61 -25.82 -33.42
CA VAL D 37 37.82 -24.76 -34.40
C VAL D 37 38.45 -23.48 -33.83
N GLY D 38 39.01 -22.67 -34.71
CA GLY D 38 39.64 -21.44 -34.30
C GLY D 38 41.12 -21.60 -33.98
N THR D 39 41.72 -20.56 -33.41
CA THR D 39 43.14 -20.54 -33.07
C THR D 39 43.58 -21.59 -32.04
N THR D 40 42.74 -21.84 -31.04
CA THR D 40 43.08 -22.80 -29.99
C THR D 40 43.27 -24.22 -30.52
N GLU D 41 44.27 -24.91 -29.97
CA GLU D 41 44.60 -26.27 -30.37
C GLU D 41 44.42 -27.24 -29.21
N GLU D 42 43.75 -28.36 -29.47
CA GLU D 42 43.48 -29.37 -28.44
C GLU D 42 44.68 -30.30 -28.29
N VAL D 43 45.23 -30.74 -29.42
CA VAL D 43 46.43 -31.55 -29.41
C VAL D 43 46.36 -32.79 -28.51
N ALA D 44 47.37 -32.84 -27.63
CA ALA D 44 47.60 -33.89 -26.66
C ALA D 44 46.49 -33.99 -25.63
N ILE D 45 45.82 -32.88 -25.33
CA ILE D 45 44.75 -32.91 -24.33
C ILE D 45 43.63 -33.85 -24.78
N LYS D 46 43.28 -33.81 -26.06
CA LYS D 46 42.24 -34.69 -26.61
C LYS D 46 42.68 -36.14 -26.48
N ASP D 47 43.95 -36.40 -26.75
CA ASP D 47 44.52 -37.73 -26.65
C ASP D 47 44.45 -38.23 -25.21
N VAL D 48 44.72 -37.33 -24.26
CA VAL D 48 44.68 -37.63 -22.83
C VAL D 48 43.25 -37.97 -22.43
N HIS D 49 42.29 -37.24 -23.00
CA HIS D 49 40.88 -37.48 -22.75
C HIS D 49 40.51 -38.88 -23.26
N GLU D 50 41.03 -39.24 -24.43
CA GLU D 50 40.77 -40.57 -24.97
C GLU D 50 41.37 -41.62 -24.04
N LYS D 51 42.59 -41.35 -23.56
CA LYS D 51 43.26 -42.22 -22.63
C LYS D 51 42.41 -42.19 -21.38
N ASP D 52 42.00 -40.99 -20.99
CA ASP D 52 41.12 -40.81 -19.83
C ASP D 52 39.74 -41.44 -20.07
N ASP D 53 39.28 -41.28 -21.31
CA ASP D 53 37.97 -41.75 -21.77
C ASP D 53 37.70 -43.25 -21.75
N PHE D 54 38.72 -44.09 -21.90
CA PHE D 54 38.38 -45.50 -21.93
C PHE D 54 37.65 -45.80 -20.62
N HIS D 55 38.22 -45.35 -19.50
CA HIS D 55 37.57 -45.47 -18.20
C HIS D 55 37.04 -46.89 -17.89
N HIS D 56 35.79 -46.93 -17.44
CA HIS D 56 35.07 -48.16 -17.16
C HIS D 56 33.75 -48.08 -17.92
N LEU D 57 33.41 -49.13 -18.65
CA LEU D 57 32.17 -49.12 -19.44
C LEU D 57 32.03 -50.42 -20.25
N PRO D 58 30.84 -50.77 -20.72
CA PRO D 58 30.75 -51.98 -21.55
C PRO D 58 30.83 -51.58 -23.01
N VAL D 59 30.15 -50.49 -23.36
CA VAL D 59 30.27 -49.98 -24.71
C VAL D 59 31.40 -48.97 -24.72
N THR D 60 32.27 -49.14 -25.71
CA THR D 60 33.41 -48.25 -25.92
C THR D 60 33.14 -47.16 -26.95
N PRO D 61 33.66 -45.95 -26.68
CA PRO D 61 33.49 -44.89 -27.68
C PRO D 61 34.49 -45.11 -28.81
N ARG D 62 34.05 -44.93 -30.06
CA ARG D 62 34.99 -44.88 -31.17
C ARG D 62 35.01 -43.45 -31.66
N VAL D 63 36.18 -42.83 -31.65
CA VAL D 63 36.21 -41.39 -31.92
C VAL D 63 36.97 -41.07 -33.19
N GLU D 64 36.41 -40.16 -33.98
CA GLU D 64 37.18 -39.59 -35.08
C GLU D 64 37.28 -38.08 -34.86
N LEU D 65 38.50 -37.56 -34.83
CA LEU D 65 38.67 -36.13 -34.59
C LEU D 65 39.08 -35.41 -35.86
N VAL D 66 38.45 -34.26 -36.07
CA VAL D 66 38.80 -33.37 -37.17
C VAL D 66 38.74 -31.97 -36.57
N THR D 67 39.62 -31.10 -37.05
CA THR D 67 39.64 -29.71 -36.66
C THR D 67 39.55 -28.80 -37.86
N MET D 68 39.01 -27.61 -37.70
CA MET D 68 39.09 -26.74 -38.84
C MET D 68 39.55 -25.35 -38.45
N GLN D 69 40.50 -24.85 -39.25
CA GLN D 69 41.20 -23.62 -38.96
C GLN D 69 40.09 -22.61 -39.10
N GLU D 70 39.27 -22.77 -40.13
CA GLU D 70 38.18 -21.85 -40.39
C GLU D 70 36.80 -22.50 -40.33
N SER D 71 35.88 -21.85 -39.64
CA SER D 71 34.52 -22.34 -39.50
C SER D 71 33.52 -21.43 -40.21
N ASP D 72 32.69 -22.02 -41.07
CA ASP D 72 31.70 -21.28 -41.84
C ASP D 72 30.36 -22.01 -41.89
N PRO D 73 29.28 -21.29 -42.18
CA PRO D 73 27.96 -21.91 -42.26
C PRO D 73 27.97 -22.97 -43.34
N LYS D 74 28.61 -22.67 -44.47
CA LYS D 74 28.75 -23.61 -45.56
C LYS D 74 29.84 -24.62 -45.18
N SER D 75 30.96 -24.16 -44.64
CA SER D 75 32.07 -25.04 -44.26
C SER D 75 31.67 -26.02 -43.15
N ILE D 76 31.11 -25.48 -42.06
CA ILE D 76 30.70 -26.27 -40.90
C ILE D 76 29.63 -27.27 -41.34
N ILE D 77 28.63 -26.79 -42.08
CA ILE D 77 27.54 -27.67 -42.54
C ILE D 77 28.14 -28.80 -43.37
N THR D 78 29.04 -28.46 -44.29
CA THR D 78 29.68 -29.43 -45.17
C THR D 78 30.52 -30.51 -44.46
N ARG D 79 31.34 -30.08 -43.52
CA ARG D 79 32.32 -30.96 -42.88
C ARG D 79 31.70 -32.06 -42.04
N ILE D 80 30.70 -31.73 -41.23
CA ILE D 80 30.13 -32.73 -40.33
C ILE D 80 29.42 -33.86 -41.08
N CYS D 81 28.63 -33.52 -42.10
CA CYS D 81 28.01 -34.51 -42.98
C CYS D 81 29.04 -35.34 -43.79
N ASP D 82 30.10 -34.66 -44.22
CA ASP D 82 31.18 -35.32 -44.96
C ASP D 82 31.78 -36.38 -44.03
N LEU D 83 31.91 -35.97 -42.78
CA LEU D 83 32.35 -36.83 -41.69
C LEU D 83 31.33 -37.93 -41.43
N MET D 84 30.06 -37.65 -41.73
CA MET D 84 29.01 -38.64 -41.59
C MET D 84 29.33 -39.79 -42.56
N SER D 85 29.79 -39.44 -43.76
CA SER D 85 30.02 -40.47 -44.76
C SER D 85 31.01 -41.54 -44.31
N ASP D 86 32.11 -41.18 -43.66
CA ASP D 86 33.06 -42.19 -43.21
C ASP D 86 32.84 -42.64 -41.77
N LYS D 87 32.71 -41.69 -40.85
CA LYS D 87 32.50 -41.98 -39.43
C LYS D 87 31.18 -42.66 -39.07
N LYS D 88 30.11 -42.20 -39.72
CA LYS D 88 28.75 -42.69 -39.47
C LYS D 88 28.45 -42.68 -37.96
N VAL D 89 28.95 -41.64 -37.31
CA VAL D 89 28.87 -41.37 -35.88
C VAL D 89 27.44 -41.12 -35.38
N GLN D 90 27.13 -41.57 -34.16
CA GLN D 90 25.81 -41.41 -33.56
C GLN D 90 25.76 -40.19 -32.63
N GLY D 91 26.87 -39.47 -32.53
CA GLY D 91 26.91 -38.27 -31.71
C GLY D 91 28.04 -37.34 -32.12
N VAL D 92 27.87 -36.05 -31.84
CA VAL D 92 28.86 -35.04 -32.20
C VAL D 92 29.04 -33.99 -31.11
N VAL D 93 30.29 -33.60 -30.87
CA VAL D 93 30.58 -32.47 -30.02
C VAL D 93 31.34 -31.42 -30.82
N PHE D 94 30.90 -30.18 -30.70
CA PHE D 94 31.46 -29.08 -31.44
C PHE D 94 32.13 -28.11 -30.47
N GLY D 95 33.28 -27.59 -30.86
CA GLY D 95 33.95 -26.62 -30.03
C GLY D 95 34.67 -25.64 -30.91
N ASP D 96 34.81 -24.43 -30.37
CA ASP D 96 35.26 -23.30 -31.15
C ASP D 96 36.11 -22.35 -30.32
N ASP D 97 36.97 -21.61 -31.01
CA ASP D 97 37.72 -20.53 -30.40
C ASP D 97 36.92 -19.24 -30.52
N THR D 98 35.80 -19.31 -31.24
CA THR D 98 35.09 -18.13 -31.71
C THR D 98 34.19 -17.45 -30.69
N ASP D 99 33.91 -16.17 -30.95
CA ASP D 99 33.03 -15.37 -30.13
C ASP D 99 31.67 -15.15 -30.81
N GLN D 100 31.41 -15.87 -31.90
CA GLN D 100 30.16 -15.70 -32.66
C GLN D 100 28.97 -16.56 -32.23
N GLU D 101 27.88 -15.88 -31.91
CA GLU D 101 26.61 -16.48 -31.47
C GLU D 101 25.78 -17.34 -32.45
N ALA D 102 25.81 -16.94 -33.71
CA ALA D 102 25.05 -17.53 -34.81
C ALA D 102 25.37 -18.99 -35.14
N ILE D 103 26.59 -19.43 -34.86
CA ILE D 103 26.99 -20.80 -35.17
C ILE D 103 26.12 -21.83 -34.46
N ALA D 104 25.76 -21.56 -33.21
CA ALA D 104 24.92 -22.48 -32.45
C ALA D 104 23.54 -22.63 -33.10
N GLN D 105 22.98 -21.53 -33.59
CA GLN D 105 21.67 -21.56 -34.24
C GLN D 105 21.69 -22.43 -35.50
N ILE D 106 22.76 -22.30 -36.28
CA ILE D 106 22.95 -23.09 -37.50
C ILE D 106 22.93 -24.55 -37.04
N LEU D 107 23.65 -24.85 -35.96
CA LEU D 107 23.73 -26.22 -35.49
C LEU D 107 22.34 -26.71 -35.06
N ASP D 108 21.51 -25.83 -34.50
CA ASP D 108 20.16 -26.25 -34.11
C ASP D 108 19.46 -26.70 -35.38
N PHE D 109 19.66 -25.92 -36.45
CA PHE D 109 19.03 -26.25 -37.72
C PHE D 109 19.50 -27.64 -38.16
N ILE D 110 20.79 -27.89 -38.01
CA ILE D 110 21.37 -29.18 -38.36
C ILE D 110 20.75 -30.30 -37.54
N SER D 111 20.52 -30.06 -36.25
CA SER D 111 19.90 -31.08 -35.41
C SER D 111 18.55 -31.40 -36.02
N VAL D 112 17.84 -30.35 -36.41
CA VAL D 112 16.53 -30.51 -37.04
C VAL D 112 16.68 -31.33 -38.33
N GLN D 113 17.73 -31.04 -39.08
CA GLN D 113 18.02 -31.73 -40.34
C GLN D 113 18.43 -33.21 -40.28
N THR D 114 19.30 -33.58 -39.34
CA THR D 114 19.78 -34.95 -39.27
C THR D 114 19.37 -35.83 -38.07
N LEU D 115 18.76 -35.21 -37.06
CA LEU D 115 18.31 -35.93 -35.85
C LEU D 115 19.42 -36.74 -35.16
N THR D 116 20.62 -36.17 -35.09
CA THR D 116 21.77 -36.80 -34.44
C THR D 116 22.15 -35.88 -33.29
N PRO D 117 22.41 -36.41 -32.10
CA PRO D 117 22.69 -35.50 -30.99
C PRO D 117 23.98 -34.70 -31.22
N ILE D 118 23.93 -33.43 -30.86
CA ILE D 118 25.11 -32.57 -30.93
C ILE D 118 25.08 -31.66 -29.72
N LEU D 119 26.27 -31.40 -29.20
CA LEU D 119 26.42 -30.57 -28.03
C LEU D 119 27.69 -29.75 -28.17
N GLY D 120 27.86 -28.73 -27.34
CA GLY D 120 29.12 -28.02 -27.42
C GLY D 120 29.64 -27.49 -26.11
N ILE D 121 30.96 -27.48 -25.98
CA ILE D 121 31.62 -27.27 -24.70
C ILE D 121 32.23 -25.89 -24.48
N HIS D 122 32.21 -25.05 -25.51
CA HIS D 122 32.94 -23.79 -25.46
C HIS D 122 32.39 -22.81 -26.48
N GLY D 123 32.67 -21.53 -26.29
CA GLY D 123 32.44 -20.53 -27.32
C GLY D 123 31.01 -20.35 -27.78
N GLY D 124 30.83 -20.24 -29.09
CA GLY D 124 29.54 -19.95 -29.66
C GLY D 124 28.50 -21.02 -29.39
N SER D 125 28.89 -22.28 -29.45
CA SER D 125 27.96 -23.37 -29.18
C SER D 125 27.45 -23.27 -27.74
N SER D 126 28.36 -22.81 -26.88
CA SER D 126 28.06 -22.54 -25.50
C SER D 126 27.09 -21.37 -25.33
N MET D 127 27.10 -20.38 -26.23
CA MET D 127 26.25 -19.18 -25.92
C MET D 127 24.71 -19.40 -25.75
N ILE D 128 24.02 -18.55 -25.00
CA ILE D 128 22.57 -18.72 -24.82
C ILE D 128 21.87 -18.63 -26.19
N MET D 129 20.85 -19.48 -26.36
CA MET D 129 20.10 -19.58 -27.62
C MET D 129 18.58 -19.66 -27.45
N ALA D 130 17.85 -19.51 -28.54
CA ALA D 130 16.38 -19.57 -28.53
C ALA D 130 15.92 -20.93 -28.00
N ASP D 131 14.85 -20.92 -27.22
CA ASP D 131 14.38 -22.14 -26.56
C ASP D 131 14.29 -23.19 -27.66
N LYS D 132 14.93 -24.31 -27.39
CA LYS D 132 15.04 -25.34 -28.40
C LYS D 132 13.71 -25.88 -28.85
N GLU D 133 13.55 -25.96 -30.16
CA GLU D 133 12.34 -26.55 -30.69
C GLU D 133 12.36 -27.96 -30.13
N GLU D 134 11.19 -28.45 -29.73
CA GLU D 134 11.12 -29.75 -29.08
C GLU D 134 11.65 -30.87 -29.98
N ALA D 135 11.33 -30.81 -31.26
CA ALA D 135 11.79 -31.82 -32.19
C ALA D 135 13.31 -31.84 -32.24
N SER D 136 13.92 -30.67 -32.27
CA SER D 136 15.37 -30.59 -32.33
C SER D 136 16.00 -31.16 -31.08
N MET D 137 17.17 -31.77 -31.23
CA MET D 137 17.92 -32.28 -30.10
C MET D 137 19.28 -31.60 -30.10
N PHE D 138 19.62 -30.90 -29.02
CA PHE D 138 20.90 -30.21 -28.94
C PHE D 138 21.38 -29.95 -27.52
N PHE D 139 22.69 -29.72 -27.37
CA PHE D 139 23.28 -29.43 -26.06
C PHE D 139 24.06 -28.12 -26.13
N GLN D 140 23.82 -27.21 -25.18
CA GLN D 140 24.51 -25.93 -25.14
C GLN D 140 25.20 -25.71 -23.79
N PHE D 141 26.47 -25.32 -23.83
CA PHE D 141 27.22 -25.06 -22.60
C PHE D 141 27.02 -23.64 -22.07
N GLY D 142 25.80 -23.33 -21.65
CA GLY D 142 25.46 -22.03 -21.11
C GLY D 142 24.22 -22.12 -20.24
N PRO D 143 24.00 -21.15 -19.35
CA PRO D 143 22.79 -21.24 -18.53
C PRO D 143 21.53 -20.67 -19.18
N SER D 144 20.50 -21.51 -19.25
CA SER D 144 19.19 -21.15 -19.78
C SER D 144 18.95 -19.65 -19.62
N ILE D 145 18.20 -19.07 -20.55
CA ILE D 145 17.85 -17.65 -20.48
C ILE D 145 17.11 -17.33 -19.19
N GLU D 146 16.14 -18.19 -18.86
CA GLU D 146 15.34 -18.03 -17.65
C GLU D 146 16.22 -18.07 -16.41
N GLN D 147 17.15 -19.04 -16.37
CA GLN D 147 18.09 -19.17 -15.27
C GLN D 147 18.92 -17.91 -15.11
N GLN D 148 19.42 -17.38 -16.23
CA GLN D 148 20.24 -16.18 -16.22
C GLN D 148 19.44 -15.02 -15.65
N ALA D 149 18.19 -14.91 -16.09
CA ALA D 149 17.29 -13.85 -15.62
C ALA D 149 17.11 -13.96 -14.11
N SER D 150 16.98 -15.21 -13.66
CA SER D 150 16.86 -15.50 -12.24
C SER D 150 18.09 -14.99 -11.51
N VAL D 151 19.27 -15.29 -12.05
CA VAL D 151 20.52 -14.85 -11.43
C VAL D 151 20.61 -13.33 -11.39
N MET D 152 20.10 -12.69 -12.43
CA MET D 152 20.08 -11.24 -12.49
C MET D 152 19.21 -10.70 -11.36
N LEU D 153 18.08 -11.38 -11.15
CA LEU D 153 17.19 -11.00 -10.07
C LEU D 153 17.83 -11.22 -8.70
N ASN D 154 18.48 -12.36 -8.52
CA ASN D 154 19.19 -12.65 -7.27
C ASN D 154 20.29 -11.63 -6.98
N ILE D 155 21.00 -11.23 -8.03
CA ILE D 155 22.05 -10.22 -7.92
C ILE D 155 21.43 -8.91 -7.48
N MET D 156 20.34 -8.52 -8.12
CA MET D 156 19.64 -7.28 -7.79
C MET D 156 19.11 -7.32 -6.35
N GLU D 157 18.58 -8.47 -5.96
CA GLU D 157 18.05 -8.68 -4.63
C GLU D 157 19.15 -8.58 -3.58
N GLU D 158 20.32 -9.13 -3.91
CA GLU D 158 21.47 -9.13 -3.02
C GLU D 158 21.90 -7.71 -2.68
N TYR D 159 21.96 -6.86 -3.69
CA TYR D 159 22.28 -5.45 -3.48
C TYR D 159 21.03 -4.66 -3.14
N ASP D 160 19.90 -5.37 -3.07
CA ASP D 160 18.61 -4.75 -2.78
C ASP D 160 18.30 -3.61 -3.73
N TRP D 161 18.57 -3.81 -5.01
CA TRP D 161 18.15 -2.83 -5.97
C TRP D 161 16.77 -3.24 -6.43
N TYR D 162 15.77 -2.54 -5.89
CA TYR D 162 14.39 -2.93 -6.06
C TYR D 162 13.85 -2.43 -7.38
N ILE D 163 14.29 -1.24 -7.77
CA ILE D 163 13.69 -0.58 -8.91
C ILE D 163 14.58 -0.74 -10.13
N PHE D 164 13.99 -1.24 -11.21
CA PHE D 164 14.75 -1.53 -12.41
C PHE D 164 13.89 -1.47 -13.68
N SER D 165 14.58 -1.39 -14.82
CA SER D 165 13.93 -1.42 -16.12
C SER D 165 14.62 -2.44 -17.00
N ILE D 166 13.95 -2.83 -18.08
CA ILE D 166 14.57 -3.75 -19.01
C ILE D 166 14.62 -3.13 -20.39
N VAL D 167 15.81 -3.08 -20.95
CA VAL D 167 16.01 -2.70 -22.32
C VAL D 167 16.36 -3.99 -23.02
N THR D 168 15.65 -4.28 -24.10
CA THR D 168 15.79 -5.56 -24.75
C THR D 168 15.84 -5.24 -26.23
N THR D 169 16.08 -6.24 -27.06
CA THR D 169 15.99 -6.05 -28.49
C THR D 169 15.22 -7.24 -29.04
N TYR D 170 14.94 -7.22 -30.33
CA TYR D 170 14.05 -8.21 -30.94
C TYR D 170 14.76 -9.55 -31.01
N PHE D 171 16.01 -9.56 -30.56
CA PHE D 171 16.89 -10.75 -30.57
C PHE D 171 16.17 -11.88 -29.80
N PRO D 172 16.51 -13.14 -30.09
CA PRO D 172 15.64 -14.24 -29.61
C PRO D 172 15.51 -14.36 -28.10
N GLY D 173 14.34 -14.82 -27.65
CA GLY D 173 14.05 -15.01 -26.25
C GLY D 173 13.66 -13.75 -25.49
N TYR D 174 13.52 -12.64 -26.22
CA TYR D 174 13.16 -11.38 -25.59
C TYR D 174 11.77 -11.38 -24.95
N GLN D 175 10.78 -11.94 -25.64
CA GLN D 175 9.42 -11.97 -25.10
C GLN D 175 9.30 -12.81 -23.83
N ASP D 176 9.92 -13.99 -23.85
CA ASP D 176 9.89 -14.89 -22.69
C ASP D 176 10.63 -14.28 -21.50
N PHE D 177 11.75 -13.63 -21.80
CA PHE D 177 12.60 -13.01 -20.81
C PHE D 177 11.65 -12.18 -19.96
N GLU D 178 10.81 -11.40 -20.62
CA GLU D 178 9.79 -10.61 -19.95
C GLU D 178 8.85 -11.48 -19.17
N ASN D 179 8.42 -12.59 -19.78
CA ASN D 179 7.54 -13.52 -19.11
C ASN D 179 8.14 -14.17 -17.88
N LYS D 180 9.39 -14.63 -18.00
CA LYS D 180 10.08 -15.27 -16.88
C LYS D 180 10.25 -14.27 -15.75
N VAL D 181 10.64 -13.05 -16.11
CA VAL D 181 10.76 -11.96 -15.14
C VAL D 181 9.40 -11.66 -14.55
N ARG D 182 8.35 -11.68 -15.36
CA ARG D 182 7.04 -11.32 -14.87
C ARG D 182 6.67 -12.30 -13.78
N SER D 183 6.88 -13.59 -14.00
CA SER D 183 6.60 -14.58 -12.95
C SER D 183 7.50 -14.42 -11.72
N THR D 184 8.80 -14.28 -11.96
CA THR D 184 9.77 -14.20 -10.87
C THR D 184 9.59 -12.97 -10.01
N ILE D 185 9.42 -11.82 -10.66
CA ILE D 185 9.15 -10.57 -9.98
C ILE D 185 7.79 -10.57 -9.30
N GLU D 186 6.78 -11.10 -10.01
CA GLU D 186 5.38 -11.08 -9.54
C GLU D 186 5.13 -11.92 -8.30
N ASN D 187 5.75 -13.09 -8.23
CA ASN D 187 5.45 -14.03 -7.15
C ASN D 187 5.81 -13.45 -5.80
N SER D 188 6.92 -12.75 -5.75
CA SER D 188 7.45 -12.23 -4.50
C SER D 188 6.54 -11.17 -3.90
N PHE D 189 6.48 -11.16 -2.58
CA PHE D 189 5.66 -10.20 -1.85
C PHE D 189 6.15 -8.78 -2.09
N VAL D 190 7.47 -8.63 -2.23
CA VAL D 190 8.06 -7.30 -2.27
C VAL D 190 7.55 -6.43 -3.40
N GLY D 191 7.48 -5.13 -3.14
CA GLY D 191 6.97 -4.14 -4.07
C GLY D 191 7.98 -3.57 -5.04
N TRP D 192 8.90 -4.37 -5.56
CA TRP D 192 9.85 -3.82 -6.54
C TRP D 192 9.11 -3.32 -7.77
N GLU D 193 9.73 -2.37 -8.48
CA GLU D 193 9.11 -1.78 -9.65
C GLU D 193 9.84 -2.01 -10.95
N LEU D 194 9.07 -2.48 -11.93
CA LEU D 194 9.49 -2.51 -13.33
C LEU D 194 9.01 -1.20 -13.92
N GLU D 195 9.96 -0.44 -14.48
CA GLU D 195 9.69 0.90 -14.96
C GLU D 195 9.35 0.87 -16.44
N GLU D 196 10.25 0.35 -17.25
CA GLU D 196 9.98 0.25 -18.68
C GLU D 196 10.54 -1.04 -19.28
N VAL D 197 9.89 -1.48 -20.34
CA VAL D 197 10.41 -2.57 -21.14
C VAL D 197 10.49 -2.01 -22.55
N ILE D 198 11.65 -2.11 -23.17
CA ILE D 198 11.82 -1.53 -24.49
C ILE D 198 12.25 -2.57 -25.50
N HIS D 199 11.50 -2.62 -26.59
CA HIS D 199 11.79 -3.53 -27.68
C HIS D 199 12.04 -2.65 -28.89
N LEU D 200 13.25 -2.74 -29.41
CA LEU D 200 13.63 -1.94 -30.54
C LEU D 200 14.70 -2.61 -31.38
N ASP D 201 14.69 -2.24 -32.65
CA ASP D 201 15.63 -2.73 -33.65
C ASP D 201 15.98 -1.58 -34.59
N MET D 202 17.13 -1.66 -35.25
CA MET D 202 17.52 -0.59 -36.15
C MET D 202 16.88 -0.81 -37.52
N SER D 203 15.95 0.07 -37.86
CA SER D 203 15.25 0.00 -39.14
C SER D 203 15.37 1.31 -39.90
N LEU D 204 15.76 1.19 -41.17
CA LEU D 204 15.92 2.35 -42.06
C LEU D 204 16.84 3.41 -41.46
N ASP D 205 16.41 4.66 -41.53
CA ASP D 205 17.20 5.78 -41.00
C ASP D 205 16.66 6.42 -39.72
N ASP D 206 15.64 5.82 -39.11
CA ASP D 206 15.07 6.43 -37.90
C ASP D 206 15.22 5.62 -36.61
N ILE D 207 15.80 4.42 -36.70
CA ILE D 207 15.96 3.58 -35.52
C ILE D 207 16.60 4.41 -34.41
N ASP D 208 17.58 5.22 -34.77
CA ASP D 208 18.27 6.07 -33.80
C ASP D 208 17.31 7.10 -33.22
N SER D 209 16.47 7.68 -34.08
CA SER D 209 15.50 8.69 -33.64
C SER D 209 14.51 8.08 -32.66
N LYS D 210 13.90 6.99 -33.14
CA LYS D 210 12.90 6.26 -32.41
C LYS D 210 13.50 5.67 -31.17
N ILE D 211 14.68 5.09 -31.29
CA ILE D 211 15.34 4.52 -30.12
C ILE D 211 15.67 5.61 -29.11
N GLN D 212 16.22 6.72 -29.63
CA GLN D 212 16.61 7.83 -28.77
C GLN D 212 15.41 8.45 -28.06
N ASN D 213 14.32 8.64 -28.81
CA ASN D 213 13.12 9.20 -28.20
C ASN D 213 12.60 8.23 -27.16
N GLN D 214 12.58 6.94 -27.52
CA GLN D 214 12.12 5.90 -26.61
C GLN D 214 13.06 5.76 -25.43
N LEU D 215 14.36 5.83 -25.66
CA LEU D 215 15.21 5.63 -24.48
C LEU D 215 15.28 6.80 -23.51
N LYS D 216 15.11 8.00 -24.05
CA LYS D 216 15.22 9.25 -23.29
C LYS D 216 14.27 9.37 -22.11
N LYS D 217 13.09 8.79 -22.22
CA LYS D 217 12.11 8.84 -21.14
C LYS D 217 12.63 8.21 -19.84
N LEU D 218 13.38 7.12 -19.95
CA LEU D 218 13.76 6.31 -18.80
C LEU D 218 14.60 7.08 -17.76
N GLN D 219 14.32 6.78 -16.50
CA GLN D 219 14.96 7.36 -15.32
C GLN D 219 15.48 6.35 -14.29
N SER D 220 15.34 5.05 -14.56
CA SER D 220 15.60 4.02 -13.54
C SER D 220 17.07 3.74 -13.27
N PRO D 221 17.40 3.45 -12.00
CA PRO D 221 18.77 3.25 -11.53
C PRO D 221 19.40 1.94 -12.00
N VAL D 222 18.58 0.91 -12.23
CA VAL D 222 19.09 -0.41 -12.51
C VAL D 222 18.53 -0.98 -13.81
N ILE D 223 19.41 -1.26 -14.75
CA ILE D 223 18.95 -1.63 -16.09
C ILE D 223 19.39 -3.04 -16.44
N LEU D 224 18.44 -3.83 -16.92
CA LEU D 224 18.76 -5.16 -17.43
C LEU D 224 18.77 -4.99 -18.93
N LEU D 225 19.82 -5.44 -19.59
CA LEU D 225 19.87 -5.31 -21.03
C LEU D 225 19.91 -6.68 -21.67
N TYR D 226 19.24 -6.84 -22.81
CA TYR D 226 19.36 -8.10 -23.51
C TYR D 226 19.45 -7.90 -25.04
N CYS D 227 20.54 -8.39 -25.64
CA CYS D 227 20.79 -8.25 -27.08
C CYS D 227 22.01 -9.05 -27.56
N THR D 228 22.29 -8.98 -28.86
CA THR D 228 23.51 -9.56 -29.43
C THR D 228 24.70 -8.73 -28.93
N LYS D 229 25.91 -9.29 -28.89
CA LYS D 229 27.07 -8.55 -28.37
C LYS D 229 27.34 -7.22 -29.10
N GLU D 230 27.27 -7.28 -30.42
CA GLU D 230 27.54 -6.11 -31.26
C GLU D 230 26.48 -5.06 -30.98
N GLU D 231 25.23 -5.51 -30.94
CA GLU D 231 24.13 -4.61 -30.68
C GLU D 231 24.42 -3.93 -29.36
N ALA D 232 24.95 -4.68 -28.40
CA ALA D 232 25.30 -4.12 -27.10
C ALA D 232 26.29 -2.97 -27.29
N THR D 233 27.20 -3.14 -28.25
CA THR D 233 28.16 -2.07 -28.53
C THR D 233 27.38 -0.82 -28.96
N TYR D 234 26.46 -0.98 -29.91
CA TYR D 234 25.74 0.18 -30.42
C TYR D 234 24.86 0.84 -29.36
N ILE D 235 24.13 0.01 -28.61
CA ILE D 235 23.26 0.46 -27.52
C ILE D 235 24.06 1.21 -26.46
N PHE D 236 25.27 0.74 -26.20
CA PHE D 236 26.13 1.40 -25.22
C PHE D 236 26.67 2.73 -25.72
N GLU D 237 27.03 2.81 -26.99
CA GLU D 237 27.45 4.10 -27.56
C GLU D 237 26.30 5.09 -27.42
N VAL D 238 25.11 4.61 -27.75
CA VAL D 238 23.89 5.41 -27.63
C VAL D 238 23.59 5.81 -26.19
N ALA D 239 23.83 4.90 -25.26
CA ALA D 239 23.65 5.18 -23.84
C ALA D 239 24.64 6.21 -23.34
N HIS D 240 25.86 6.14 -23.87
CA HIS D 240 26.92 7.09 -23.52
C HIS D 240 26.54 8.48 -24.01
N SER D 241 25.90 8.53 -25.18
CA SER D 241 25.34 9.79 -25.67
C SER D 241 24.19 10.26 -24.79
N VAL D 242 23.32 9.32 -24.42
CA VAL D 242 22.14 9.62 -23.63
C VAL D 242 22.50 10.01 -22.20
N GLY D 243 23.62 9.50 -21.72
CA GLY D 243 24.05 9.77 -20.36
C GLY D 243 23.56 8.71 -19.39
N LEU D 244 23.12 7.57 -19.92
CA LEU D 244 22.56 6.50 -19.10
C LEU D 244 23.62 5.66 -18.42
N THR D 245 24.85 5.75 -18.92
CA THR D 245 25.95 4.93 -18.41
C THR D 245 26.51 5.51 -17.13
N GLY D 246 26.22 6.77 -16.87
CA GLY D 246 26.86 7.48 -15.78
C GLY D 246 26.37 7.12 -14.39
N TYR D 247 27.12 7.60 -13.40
CA TYR D 247 27.05 7.14 -12.02
C TYR D 247 25.64 7.13 -11.41
N GLY D 248 25.39 6.05 -10.68
CA GLY D 248 24.17 5.81 -9.94
C GLY D 248 23.23 4.95 -10.73
N PHE D 249 23.27 5.08 -12.05
CA PHE D 249 22.61 4.09 -12.90
C PHE D 249 23.57 2.93 -13.02
N THR D 250 23.07 1.71 -13.09
CA THR D 250 23.95 0.54 -13.22
C THR D 250 23.32 -0.44 -14.19
N TRP D 251 24.16 -1.20 -14.88
CA TRP D 251 23.64 -2.06 -15.92
C TRP D 251 23.95 -3.51 -15.59
N ILE D 252 23.03 -4.39 -15.95
CA ILE D 252 23.17 -5.79 -15.66
C ILE D 252 22.82 -6.57 -16.90
N VAL D 253 23.57 -7.63 -17.15
CA VAL D 253 23.58 -8.26 -18.45
C VAL D 253 23.50 -9.78 -18.30
N PRO D 254 22.86 -10.47 -19.25
CA PRO D 254 22.92 -11.93 -19.26
C PRO D 254 24.23 -12.39 -19.90
N SER D 255 24.40 -13.69 -20.11
CA SER D 255 25.69 -14.22 -20.56
C SER D 255 26.18 -13.70 -21.91
N LEU D 256 25.26 -13.51 -22.85
CA LEU D 256 25.59 -13.34 -24.27
C LEU D 256 26.50 -12.14 -24.58
N VAL D 257 26.25 -11.00 -23.95
CA VAL D 257 27.01 -9.79 -24.25
C VAL D 257 28.49 -9.92 -23.88
N ALA D 258 28.78 -10.56 -22.75
CA ALA D 258 30.16 -10.70 -22.31
C ALA D 258 31.02 -11.46 -23.31
N GLY D 259 30.49 -12.55 -23.86
CA GLY D 259 31.22 -13.34 -24.83
C GLY D 259 32.57 -13.78 -24.29
N ASP D 260 33.60 -13.60 -25.10
CA ASP D 260 34.95 -13.97 -24.71
C ASP D 260 35.50 -13.01 -23.65
N THR D 261 36.18 -13.57 -22.65
CA THR D 261 36.77 -12.77 -21.57
C THR D 261 37.86 -11.83 -22.08
N ASP D 262 38.67 -12.34 -23.00
CA ASP D 262 39.78 -11.58 -23.56
C ASP D 262 39.40 -10.32 -24.32
N THR D 263 38.32 -10.37 -25.08
CA THR D 263 37.88 -9.21 -25.87
C THR D 263 36.78 -8.40 -25.21
N VAL D 264 37.01 -7.08 -25.11
CA VAL D 264 36.06 -6.18 -24.51
C VAL D 264 36.20 -4.77 -25.06
N PRO D 265 35.41 -4.44 -26.09
CA PRO D 265 35.39 -3.04 -26.51
C PRO D 265 35.04 -2.18 -25.31
N ASP D 266 35.75 -1.06 -25.13
CA ASP D 266 35.59 -0.27 -23.91
C ASP D 266 34.39 0.63 -24.11
N GLU D 267 33.70 0.43 -25.23
CA GLU D 267 32.39 1.02 -25.46
C GLU D 267 31.45 0.62 -24.32
N PHE D 268 31.61 -0.60 -23.80
CA PHE D 268 30.89 -1.01 -22.60
C PHE D 268 31.27 -0.10 -21.46
N PRO D 269 30.29 0.33 -20.67
CA PRO D 269 30.68 1.18 -19.54
C PRO D 269 31.33 0.33 -18.45
N THR D 270 32.16 0.96 -17.61
CA THR D 270 32.75 0.26 -16.48
C THR D 270 31.69 0.11 -15.41
N GLY D 271 31.84 -0.89 -14.56
CA GLY D 271 30.86 -1.15 -13.53
C GLY D 271 29.72 -1.97 -14.10
N LEU D 272 29.86 -2.37 -15.37
CA LEU D 272 28.87 -3.23 -15.99
C LEU D 272 28.89 -4.58 -15.31
N ILE D 273 27.71 -5.04 -14.95
CA ILE D 273 27.59 -6.26 -14.15
C ILE D 273 26.99 -7.32 -15.03
N SER D 274 27.66 -8.46 -15.09
CA SER D 274 27.14 -9.53 -15.91
C SER D 274 27.59 -10.89 -15.43
N VAL D 275 26.79 -11.87 -15.82
CA VAL D 275 26.97 -13.25 -15.45
C VAL D 275 27.76 -14.01 -16.51
N SER D 276 28.60 -14.94 -16.08
CA SER D 276 29.31 -15.83 -17.01
C SER D 276 29.79 -17.15 -16.40
N TYR D 277 30.01 -18.12 -17.27
CA TYR D 277 30.41 -19.46 -16.86
C TYR D 277 31.76 -19.52 -16.17
N ASP D 278 31.93 -20.47 -15.27
CA ASP D 278 33.19 -20.60 -14.54
C ASP D 278 34.33 -20.87 -15.52
N GLU D 279 35.47 -20.25 -15.27
CA GLU D 279 36.65 -20.39 -16.13
C GLU D 279 37.17 -21.83 -16.18
N TRP D 280 37.14 -22.52 -15.04
CA TRP D 280 37.62 -23.89 -14.95
C TRP D 280 36.80 -24.73 -15.91
N ASP D 281 35.50 -24.44 -15.98
CA ASP D 281 34.57 -25.10 -16.90
C ASP D 281 34.96 -24.81 -18.35
N TYR D 282 35.43 -23.60 -18.62
CA TYR D 282 35.80 -23.20 -19.97
C TYR D 282 37.19 -23.65 -20.42
N ASP D 283 37.31 -24.97 -20.60
CA ASP D 283 38.49 -25.64 -21.12
C ASP D 283 37.97 -26.87 -21.85
N LEU D 284 38.61 -27.23 -22.95
CA LEU D 284 38.18 -28.39 -23.72
C LEU D 284 38.34 -29.58 -22.80
N PRO D 285 39.45 -29.56 -22.11
CA PRO D 285 39.78 -30.58 -21.13
C PRO D 285 38.55 -31.13 -20.44
N ALA D 286 37.85 -30.33 -19.67
CA ALA D 286 36.72 -30.87 -18.98
C ALA D 286 35.43 -30.77 -19.72
N ARG D 287 35.19 -29.72 -20.53
CA ARG D 287 33.87 -29.71 -21.16
C ARG D 287 33.70 -30.93 -22.04
N VAL D 288 34.77 -31.32 -22.74
CA VAL D 288 34.75 -32.54 -23.53
C VAL D 288 34.76 -33.78 -22.67
N ARG D 289 35.63 -33.82 -21.67
CA ARG D 289 35.66 -34.95 -20.76
C ARG D 289 34.27 -35.24 -20.24
N ASP D 290 33.62 -34.17 -19.81
CA ASP D 290 32.27 -34.19 -19.32
C ASP D 290 31.29 -34.62 -20.38
N GLY D 291 31.38 -34.00 -21.56
CA GLY D 291 30.48 -34.28 -22.67
C GLY D 291 30.56 -35.74 -23.09
N ILE D 292 31.77 -36.26 -23.18
CA ILE D 292 31.97 -37.63 -23.53
C ILE D 292 31.41 -38.51 -22.45
N ALA D 293 31.68 -38.18 -21.20
CA ALA D 293 31.11 -38.95 -20.11
C ALA D 293 29.61 -39.01 -20.27
N ILE D 294 29.00 -37.87 -20.57
CA ILE D 294 27.58 -37.82 -20.82
C ILE D 294 27.19 -38.76 -21.94
N ILE D 295 27.94 -38.76 -23.03
CA ILE D 295 27.67 -39.67 -24.13
C ILE D 295 27.70 -41.11 -23.67
N THR D 296 28.71 -41.46 -22.88
CA THR D 296 28.85 -42.84 -22.44
C THR D 296 27.79 -43.21 -21.43
N THR D 297 27.27 -42.24 -20.68
CA THR D 297 26.20 -42.55 -19.74
C THR D 297 24.89 -42.68 -20.48
N ALA D 298 24.76 -41.94 -21.57
CA ALA D 298 23.59 -42.10 -22.40
C ALA D 298 23.66 -43.50 -22.99
N ALA D 299 24.85 -43.87 -23.42
CA ALA D 299 25.08 -45.20 -23.94
C ALA D 299 24.91 -46.26 -22.85
N SER D 300 25.26 -45.92 -21.61
CA SER D 300 25.08 -46.83 -20.50
C SER D 300 23.61 -47.15 -20.39
N THR D 301 22.78 -46.13 -20.57
CA THR D 301 21.35 -46.33 -20.52
C THR D 301 20.82 -46.99 -21.78
N MET D 302 21.54 -46.90 -22.89
CA MET D 302 21.19 -47.73 -24.02
C MET D 302 21.34 -49.16 -23.56
N LEU D 303 22.39 -49.46 -22.80
CA LEU D 303 22.48 -50.85 -22.36
C LEU D 303 21.32 -51.26 -21.44
N SER D 304 21.00 -50.42 -20.45
CA SER D 304 19.91 -50.71 -19.51
C SER D 304 18.42 -50.64 -19.91
N GLU D 305 18.03 -49.57 -20.60
CA GLU D 305 16.62 -49.34 -20.99
C GLU D 305 15.97 -50.29 -21.99
N HIS D 306 16.73 -50.63 -23.02
CA HIS D 306 16.29 -51.50 -24.14
C HIS D 306 17.28 -52.51 -24.74
N ASN D 307 18.50 -52.58 -24.21
CA ASN D 307 19.54 -53.47 -24.76
C ASN D 307 19.75 -53.31 -26.27
N SER D 308 19.63 -52.07 -26.74
CA SER D 308 19.63 -51.78 -28.18
C SER D 308 20.75 -50.82 -28.58
N ILE D 309 21.43 -51.13 -29.68
CA ILE D 309 22.46 -50.24 -30.22
C ILE D 309 21.87 -48.91 -30.71
N PRO D 310 22.42 -47.80 -30.20
CA PRO D 310 22.06 -46.43 -30.61
C PRO D 310 22.54 -46.06 -32.02
N GLN D 311 23.49 -46.81 -32.56
CA GLN D 311 24.14 -46.45 -33.81
C GLN D 311 23.14 -46.32 -34.97
N SER D 312 23.30 -45.26 -35.76
CA SER D 312 22.37 -44.95 -36.83
C SER D 312 23.10 -44.36 -38.04
N LYS D 313 22.49 -44.48 -39.23
CA LYS D 313 23.10 -43.93 -40.43
C LYS D 313 23.14 -42.41 -40.33
N SER D 314 24.30 -41.83 -40.60
CA SER D 314 24.53 -40.42 -40.33
C SER D 314 24.25 -39.48 -41.51
N SER D 315 24.07 -40.02 -42.71
CA SER D 315 23.93 -39.15 -43.88
C SER D 315 22.63 -38.37 -44.05
N CYS D 316 22.78 -37.04 -44.16
CA CYS D 316 21.68 -36.12 -44.38
C CYS D 316 21.05 -36.29 -45.76
N ASN D 317 21.91 -36.49 -46.76
CA ASN D 317 21.46 -36.65 -48.14
C ASN D 317 20.58 -37.89 -48.28
N ASN D 318 20.99 -38.96 -47.61
CA ASN D 318 20.24 -40.21 -47.62
C ASN D 318 18.99 -40.03 -46.79
N ILE D 319 17.95 -40.79 -47.12
CA ILE D 319 16.69 -40.67 -46.39
C ILE D 319 16.94 -41.00 -44.92
N GLN D 320 16.34 -40.22 -44.02
CA GLN D 320 16.55 -40.42 -42.60
C GLN D 320 16.06 -41.81 -42.21
N GLU D 321 16.84 -42.48 -41.37
CA GLU D 321 16.48 -43.82 -40.93
C GLU D 321 15.18 -43.78 -40.15
N SER D 322 14.32 -44.75 -40.41
CA SER D 322 13.04 -44.84 -39.72
C SER D 322 13.30 -45.05 -38.23
N ARG D 323 14.31 -45.86 -37.93
CA ARG D 323 14.64 -46.19 -36.53
C ARG D 323 15.37 -45.02 -35.85
N VAL D 324 15.63 -43.95 -36.59
CA VAL D 324 16.11 -42.72 -35.97
C VAL D 324 15.02 -42.16 -35.06
N TYR D 325 13.82 -42.57 -35.36
CA TYR D 325 12.72 -42.10 -34.63
C TYR D 325 12.92 -42.49 -33.19
N GLU D 326 13.30 -43.74 -33.00
CA GLU D 326 13.42 -44.27 -31.65
C GLU D 326 14.33 -43.41 -30.80
N ALA D 327 15.24 -42.67 -31.45
CA ALA D 327 16.20 -41.92 -30.67
C ALA D 327 15.45 -40.96 -29.77
N HIS D 328 14.20 -40.74 -30.14
CA HIS D 328 13.36 -39.75 -29.51
C HIS D 328 13.22 -40.01 -28.04
N MET D 329 12.96 -41.28 -27.76
CA MET D 329 12.88 -41.86 -26.42
C MET D 329 14.28 -41.85 -25.78
N LEU D 330 15.28 -42.00 -26.63
CA LEU D 330 16.69 -42.02 -26.24
C LEU D 330 17.12 -40.69 -25.64
N LYS D 331 16.42 -39.62 -26.02
CA LYS D 331 16.74 -38.28 -25.55
C LYS D 331 16.66 -38.15 -24.02
N ARG D 332 15.68 -38.82 -23.41
CA ARG D 332 15.53 -38.74 -21.96
C ARG D 332 16.78 -39.28 -21.27
N TYR D 333 17.32 -40.38 -21.77
CA TYR D 333 18.55 -40.95 -21.20
C TYR D 333 19.64 -39.91 -21.41
N LEU D 334 19.61 -39.31 -22.59
CA LEU D 334 20.52 -38.27 -22.99
C LEU D 334 20.41 -37.12 -22.03
N ILE D 335 19.18 -36.73 -21.73
CA ILE D 335 18.95 -35.62 -20.81
C ILE D 335 19.48 -35.96 -19.42
N ASN D 336 19.23 -37.20 -18.98
CA ASN D 336 19.71 -37.65 -17.68
C ASN D 336 21.13 -38.20 -17.81
N VAL D 337 22.11 -37.30 -17.95
CA VAL D 337 23.50 -37.72 -18.08
C VAL D 337 24.35 -37.19 -16.94
N THR D 338 25.07 -38.09 -16.28
CA THR D 338 25.93 -37.72 -15.17
C THR D 338 27.23 -38.53 -15.20
N PHE D 339 28.29 -37.97 -14.66
CA PHE D 339 29.57 -38.65 -14.61
C PHE D 339 30.39 -37.94 -13.55
N GLU D 340 31.29 -38.71 -12.94
CA GLU D 340 32.20 -38.23 -11.91
C GLU D 340 31.40 -37.75 -10.70
N GLY D 341 30.19 -38.31 -10.52
CA GLY D 341 29.32 -37.86 -9.44
C GLY D 341 28.89 -36.41 -9.64
N ARG D 342 28.96 -35.95 -10.88
CA ARG D 342 28.68 -34.57 -11.26
C ARG D 342 27.58 -34.51 -12.30
N ASP D 343 26.67 -33.55 -12.16
CA ASP D 343 25.55 -33.50 -13.09
C ASP D 343 25.80 -32.68 -14.34
N LEU D 344 25.53 -33.32 -15.47
CA LEU D 344 25.51 -32.64 -16.74
C LEU D 344 24.06 -32.39 -17.09
N SER D 345 23.18 -32.64 -16.12
CA SER D 345 21.75 -32.74 -16.37
C SER D 345 21.27 -31.54 -17.15
N PHE D 346 20.54 -31.79 -18.24
CA PHE D 346 20.10 -30.69 -19.05
C PHE D 346 18.74 -30.20 -18.59
N SER D 347 18.28 -29.13 -19.22
CA SER D 347 16.95 -28.59 -19.03
C SER D 347 16.24 -28.51 -20.36
N GLU D 348 14.93 -28.33 -20.33
CA GLU D 348 14.08 -28.42 -21.51
C GLU D 348 14.57 -27.54 -22.66
N ASP D 349 15.22 -26.42 -22.32
CA ASP D 349 15.77 -25.55 -23.35
C ASP D 349 17.00 -26.20 -24.01
N GLY D 350 17.62 -27.13 -23.30
CA GLY D 350 18.81 -27.80 -23.80
C GLY D 350 20.10 -27.32 -23.18
N TYR D 351 20.00 -26.30 -22.34
CA TYR D 351 21.12 -25.91 -21.49
C TYR D 351 21.29 -26.86 -20.31
N GLN D 352 22.48 -26.94 -19.74
CA GLN D 352 22.68 -27.86 -18.61
C GLN D 352 21.72 -27.46 -17.49
N MET D 353 21.07 -28.46 -16.90
CA MET D 353 20.11 -28.25 -15.82
C MET D 353 20.73 -27.63 -14.57
N HIS D 354 21.92 -28.10 -14.21
CA HIS D 354 22.62 -27.59 -13.04
C HIS D 354 24.04 -27.19 -13.41
N PRO D 355 24.19 -25.99 -13.95
CA PRO D 355 25.50 -25.50 -14.37
C PRO D 355 26.08 -24.44 -13.45
N LYS D 356 27.30 -24.69 -12.99
CA LYS D 356 28.04 -23.78 -12.12
C LYS D 356 28.13 -22.44 -12.82
N LEU D 357 28.01 -21.35 -12.06
CA LEU D 357 28.09 -20.03 -12.66
C LEU D 357 28.79 -18.96 -11.80
N VAL D 358 29.38 -17.96 -12.45
CA VAL D 358 30.04 -16.87 -11.74
C VAL D 358 29.51 -15.47 -12.09
N ILE D 359 29.29 -14.69 -11.04
CA ILE D 359 28.95 -13.28 -11.11
C ILE D 359 30.22 -12.52 -11.38
N ILE D 360 30.21 -11.76 -12.46
CA ILE D 360 31.41 -11.09 -12.92
C ILE D 360 31.08 -9.61 -13.15
N LEU D 361 32.09 -8.77 -13.01
CA LEU D 361 31.92 -7.34 -13.19
C LEU D 361 33.07 -6.85 -14.06
N LEU D 362 32.93 -5.67 -14.65
CA LEU D 362 34.06 -5.11 -15.35
C LEU D 362 34.86 -4.27 -14.39
N ASN D 363 36.02 -4.79 -14.01
CA ASN D 363 36.93 -4.07 -13.13
C ASN D 363 37.47 -2.88 -13.89
N GLN D 364 38.22 -2.04 -13.20
CA GLN D 364 38.75 -0.82 -13.81
C GLN D 364 39.52 -1.23 -15.05
N GLU D 365 39.41 -0.37 -16.06
CA GLU D 365 40.01 -0.54 -17.39
C GLU D 365 39.45 -1.77 -18.11
N ARG D 366 40.33 -2.64 -18.61
CA ARG D 366 39.89 -3.81 -19.36
C ARG D 366 39.70 -5.12 -18.62
N LYS D 367 39.86 -5.14 -17.29
CA LYS D 367 39.73 -6.40 -16.60
C LYS D 367 38.36 -6.93 -16.20
N TRP D 368 38.17 -8.21 -16.51
CA TRP D 368 37.00 -8.98 -16.08
C TRP D 368 37.39 -9.71 -14.79
N GLU D 369 36.85 -9.26 -13.67
CA GLU D 369 37.12 -9.87 -12.39
C GLU D 369 35.81 -10.43 -11.89
N ARG D 370 35.83 -11.67 -11.41
CA ARG D 370 34.59 -12.26 -10.93
C ARG D 370 34.32 -11.69 -9.55
N VAL D 371 33.24 -10.93 -9.46
CA VAL D 371 32.82 -10.31 -8.22
C VAL D 371 32.45 -11.38 -7.20
N GLY D 372 31.80 -12.42 -7.69
CA GLY D 372 31.34 -13.48 -6.81
C GLY D 372 31.13 -14.80 -7.55
N LYS D 373 30.64 -15.82 -6.84
CA LYS D 373 30.34 -17.11 -7.45
C LYS D 373 29.03 -17.69 -6.92
N TYR D 374 28.31 -18.40 -7.78
CA TYR D 374 27.01 -18.97 -7.45
C TYR D 374 27.08 -20.47 -7.21
N LYS D 375 26.71 -20.89 -6.00
CA LYS D 375 26.70 -22.31 -5.68
C LYS D 375 25.28 -22.74 -5.30
N ASP D 376 24.74 -23.69 -6.06
CA ASP D 376 23.40 -24.23 -5.84
C ASP D 376 22.33 -23.13 -5.79
N ARG D 377 21.40 -23.26 -4.85
CA ARG D 377 20.33 -22.29 -4.65
C ARG D 377 20.81 -20.92 -4.18
N SER D 378 21.78 -20.93 -3.27
CA SER D 378 22.32 -19.70 -2.68
C SER D 378 23.11 -18.82 -3.66
N LEU D 379 23.02 -17.51 -3.45
CA LEU D 379 23.73 -16.55 -4.28
C LEU D 379 24.88 -15.96 -3.47
N LYS D 380 26.10 -16.03 -4.00
CA LYS D 380 27.19 -15.42 -3.26
C LYS D 380 27.42 -14.08 -3.91
N MET D 381 26.81 -13.07 -3.30
CA MET D 381 26.94 -11.73 -3.79
C MET D 381 28.17 -11.33 -3.03
N TRP D 382 29.27 -11.24 -3.76
CA TRP D 382 30.53 -10.90 -3.16
C TRP D 382 30.77 -9.47 -3.50
N PRO D 383 31.11 -8.65 -2.51
CA PRO D 383 31.39 -7.24 -2.76
C PRO D 383 32.85 -7.03 -3.16
N VAL D 384 33.25 -7.60 -4.29
CA VAL D 384 34.63 -7.50 -4.72
C VAL D 384 34.93 -6.03 -4.89
N PHE D 385 33.99 -5.31 -5.49
CA PHE D 385 34.17 -3.89 -5.63
C PHE D 385 33.41 -3.30 -4.47
N ASP D 386 34.15 -2.91 -3.43
CA ASP D 386 33.53 -2.32 -2.26
C ASP D 386 32.91 -0.99 -2.65
N LEU D 387 33.63 -0.22 -3.46
CA LEU D 387 33.11 1.06 -3.90
C LEU D 387 32.47 0.85 -5.25
N TYR D 388 31.15 0.98 -5.28
CA TYR D 388 30.40 0.81 -6.50
C TYR D 388 30.16 2.20 -7.05
N PRO D 389 30.76 3.19 -6.41
CA PRO D 389 30.55 4.58 -6.82
C PRO D 389 31.75 5.18 -7.52
N ASN D 390 31.54 5.70 -8.72
CA ASN D 390 32.60 6.31 -9.51
C ASN D 390 33.05 7.68 -8.99
N SER D 391 34.33 7.98 -9.24
CA SER D 391 35.00 9.25 -8.91
C SER D 391 35.29 9.57 -7.43
N GLU D 392 34.25 9.61 -6.59
CA GLU D 392 34.47 9.95 -5.19
C GLU D 392 34.10 8.89 -4.15
N GLU D 393 35.08 8.55 -3.32
CA GLU D 393 34.91 7.59 -2.23
C GLU D 393 33.94 8.12 -1.17
N HIS D 394 34.03 9.41 -0.92
CA HIS D 394 33.22 10.10 0.09
C HIS D 394 31.71 10.01 -0.13
N LYS D 395 31.28 10.09 -1.38
CA LYS D 395 29.85 10.04 -1.69
C LYS D 395 29.25 8.72 -1.23
N ASP D 396 28.04 8.80 -0.68
CA ASP D 396 27.30 7.64 -0.16
C ASP D 396 28.12 6.88 0.89
N GLU D 397 28.79 7.64 1.75
CA GLU D 397 29.64 7.07 2.79
C GLU D 397 29.01 5.95 3.59
N HIS D 398 29.81 4.91 3.81
CA HIS D 398 29.37 3.75 4.56
C HIS D 398 29.18 4.08 6.03
N LEU D 399 28.15 3.47 6.62
CA LEU D 399 27.83 3.63 8.02
C LEU D 399 27.33 2.33 8.61
N SER D 400 28.25 1.39 8.80
CA SER D 400 27.87 0.09 9.37
C SER D 400 27.26 0.37 10.75
N ILE D 401 26.15 -0.27 11.07
CA ILE D 401 25.47 0.08 12.30
C ILE D 401 25.25 -1.19 13.09
N VAL D 402 25.39 -1.10 14.41
CA VAL D 402 25.13 -2.25 15.26
C VAL D 402 24.01 -1.90 16.23
N THR D 403 23.20 -2.90 16.54
CA THR D 403 22.11 -2.70 17.49
C THR D 403 21.91 -3.91 18.39
N LEU D 404 20.89 -3.82 19.23
CA LEU D 404 20.52 -4.93 20.10
C LEU D 404 19.01 -4.97 20.21
N GLU D 405 18.45 -6.15 20.50
CA GLU D 405 17.01 -6.31 20.52
C GLU D 405 16.40 -5.93 21.86
N GLU D 406 15.46 -5.00 21.81
CA GLU D 406 14.62 -4.72 22.97
C GLU D 406 13.23 -4.28 22.51
N ALA D 407 12.22 -4.74 23.23
CA ALA D 407 10.83 -4.49 22.88
C ALA D 407 10.33 -3.24 23.59
N PRO D 408 9.51 -2.44 22.91
CA PRO D 408 9.05 -2.47 21.52
C PRO D 408 10.07 -2.00 20.48
N PHE D 409 11.06 -1.24 20.94
CA PHE D 409 11.87 -0.40 20.06
C PHE D 409 12.64 -1.13 18.96
N VAL D 410 13.47 -2.10 19.36
CA VAL D 410 14.17 -2.90 18.37
C VAL D 410 13.83 -4.36 18.56
N ILE D 411 13.07 -4.91 17.63
CA ILE D 411 12.59 -6.27 17.77
C ILE D 411 13.23 -7.19 16.75
N VAL D 412 13.87 -8.24 17.23
CA VAL D 412 14.35 -9.26 16.31
C VAL D 412 13.25 -10.29 16.09
N GLU D 413 13.03 -10.60 14.83
CA GLU D 413 12.06 -11.61 14.44
C GLU D 413 12.77 -12.57 13.51
N ASP D 414 12.29 -13.80 13.51
CA ASP D 414 12.80 -14.82 12.61
C ASP D 414 12.02 -14.80 11.30
N VAL D 415 12.73 -14.60 10.20
CA VAL D 415 12.12 -14.50 8.89
C VAL D 415 11.49 -15.81 8.43
N ASP D 416 10.50 -15.76 7.56
CA ASP D 416 9.89 -17.02 7.13
C ASP D 416 10.93 -17.84 6.41
N PRO D 417 11.02 -19.13 6.73
CA PRO D 417 11.98 -19.98 6.02
C PRO D 417 11.54 -20.13 4.56
N LEU D 418 10.26 -20.43 4.40
CA LEU D 418 9.70 -20.61 3.06
C LEU D 418 9.70 -19.31 2.29
N SER D 419 9.27 -18.24 2.95
CA SER D 419 9.20 -16.95 2.29
C SER D 419 10.57 -16.35 2.48
N GLY D 420 11.46 -16.69 1.58
CA GLY D 420 12.82 -16.25 1.73
C GLY D 420 13.05 -14.76 1.83
N THR D 421 13.92 -14.45 2.78
CA THR D 421 14.41 -13.11 3.05
C THR D 421 13.35 -12.25 3.73
N CYS D 422 13.81 -11.15 4.34
CA CYS D 422 12.98 -10.28 5.15
C CYS D 422 11.80 -9.82 4.34
N MET D 423 10.66 -9.75 5.01
CA MET D 423 9.43 -9.35 4.34
C MET D 423 8.99 -7.96 4.74
N ARG D 424 8.69 -7.15 3.73
CA ARG D 424 8.18 -5.81 3.98
C ARG D 424 9.10 -4.94 4.85
N ASN D 425 8.54 -4.46 5.94
CA ASN D 425 9.23 -3.55 6.83
C ASN D 425 10.53 -4.02 7.49
N THR D 426 10.64 -5.27 7.90
CA THR D 426 11.85 -5.71 8.59
C THR D 426 13.11 -5.50 7.78
N VAL D 427 14.16 -5.00 8.44
CA VAL D 427 15.40 -4.72 7.77
C VAL D 427 16.40 -5.75 8.31
N PRO D 428 17.26 -6.29 7.44
CA PRO D 428 18.17 -7.36 7.87
C PRO D 428 19.24 -6.92 8.87
N CYS D 429 19.52 -7.80 9.83
CA CYS D 429 20.62 -7.61 10.77
C CYS D 429 21.28 -8.96 11.05
N ARG D 430 22.57 -8.91 10.80
CA ARG D 430 23.44 -10.05 10.87
C ARG D 430 24.58 -9.93 11.82
N LYS D 431 24.69 -10.97 12.61
CA LYS D 431 25.77 -11.20 13.55
C LYS D 431 26.24 -12.60 13.20
N GLN D 432 27.55 -12.71 13.10
CA GLN D 432 28.21 -13.92 12.73
C GLN D 432 27.64 -14.93 13.68
N ILE D 433 27.29 -16.10 13.17
CA ILE D 433 26.69 -17.10 14.03
C ILE D 433 27.83 -17.77 14.77
N ARG D 434 28.12 -17.20 15.95
CA ARG D 434 29.20 -17.63 16.78
C ARG D 434 28.80 -18.90 17.47
N PRO D 435 29.61 -19.94 17.29
CA PRO D 435 29.28 -21.20 17.94
C PRO D 435 29.50 -20.99 19.42
N GLU D 436 28.56 -21.45 20.24
CA GLU D 436 28.70 -21.33 21.69
C GLU D 436 29.89 -22.16 22.15
N ASN D 437 30.02 -23.35 21.57
CA ASN D 437 31.10 -24.26 21.86
C ASN D 437 32.44 -23.68 21.43
N ARG D 438 32.47 -22.98 20.30
CA ARG D 438 33.72 -22.42 19.80
C ARG D 438 34.16 -21.17 20.56
N THR D 439 35.38 -21.22 21.11
CA THR D 439 35.94 -20.11 21.84
C THR D 439 36.12 -18.94 20.89
N GLU D 440 36.64 -19.26 19.71
CA GLU D 440 36.84 -18.27 18.67
C GLU D 440 35.48 -17.76 18.21
N GLU D 441 34.55 -18.70 18.08
CA GLU D 441 33.18 -18.41 17.70
C GLU D 441 33.06 -17.64 16.39
N GLY D 442 33.87 -18.01 15.41
CA GLY D 442 33.82 -17.37 14.11
C GLY D 442 32.45 -17.72 13.58
N GLY D 443 31.75 -16.74 13.01
CA GLY D 443 30.40 -17.02 12.56
C GLY D 443 29.84 -16.61 11.23
N ASN D 444 28.79 -17.35 10.87
CA ASN D 444 28.04 -17.12 9.68
C ASN D 444 27.07 -16.07 10.15
N TYR D 445 26.98 -14.96 9.43
CA TYR D 445 26.10 -13.89 9.85
C TYR D 445 24.69 -14.43 9.95
N ILE D 446 23.99 -14.03 11.01
CA ILE D 446 22.63 -14.46 11.28
C ILE D 446 21.64 -13.87 10.29
N LYS D 447 20.49 -14.53 10.15
CA LYS D 447 19.47 -14.06 9.23
C LYS D 447 18.16 -13.92 9.99
N ARG D 448 18.14 -12.90 10.84
CA ARG D 448 16.99 -12.55 11.66
C ARG D 448 16.71 -11.10 11.29
N CYS D 449 15.45 -10.77 11.04
CA CYS D 449 15.14 -9.41 10.64
C CYS D 449 14.71 -8.49 11.78
N CYS D 450 15.46 -7.41 11.94
CA CYS D 450 15.17 -6.39 12.94
C CYS D 450 14.09 -5.45 12.44
N LYS D 451 13.13 -5.13 13.29
CA LYS D 451 12.08 -4.18 12.96
C LYS D 451 11.50 -3.52 14.19
N GLY D 452 10.92 -2.33 14.01
CA GLY D 452 10.35 -1.59 15.11
C GLY D 452 10.46 -0.08 15.01
N PHE D 453 10.23 0.59 16.14
CA PHE D 453 10.30 2.04 16.17
C PHE D 453 11.70 2.58 15.88
N CYS D 454 12.71 1.94 16.46
CA CYS D 454 14.09 2.37 16.25
C CYS D 454 14.50 2.17 14.79
N ILE D 455 14.13 1.02 14.24
CA ILE D 455 14.44 0.70 12.85
C ILE D 455 13.72 1.65 11.90
N ASP D 456 12.48 1.95 12.24
CA ASP D 456 11.63 2.82 11.44
C ASP D 456 12.22 4.22 11.44
N ILE D 457 12.67 4.68 12.61
CA ILE D 457 13.29 6.01 12.71
C ILE D 457 14.54 6.09 11.82
N LEU D 458 15.36 5.04 11.87
CA LEU D 458 16.56 4.98 11.05
C LEU D 458 16.19 5.02 9.57
N LYS D 459 15.14 4.28 9.22
CA LYS D 459 14.69 4.19 7.84
C LYS D 459 14.24 5.57 7.34
N LYS D 460 13.48 6.27 8.17
CA LYS D 460 13.02 7.61 7.82
C LYS D 460 14.17 8.61 7.70
N ILE D 461 15.05 8.60 8.70
CA ILE D 461 16.20 9.49 8.74
C ILE D 461 17.16 9.21 7.59
N ALA D 462 17.32 7.94 7.27
CA ALA D 462 18.22 7.51 6.21
C ALA D 462 17.83 8.08 4.86
N LYS D 463 16.53 8.13 4.57
CA LYS D 463 16.08 8.66 3.29
C LYS D 463 16.46 10.13 3.14
N THR D 464 16.26 10.92 4.19
CA THR D 464 16.62 12.34 4.15
C THR D 464 18.13 12.47 4.02
N VAL D 465 18.83 11.68 4.82
CA VAL D 465 20.29 11.62 4.83
C VAL D 465 20.82 11.12 3.49
N LYS D 466 20.07 10.17 2.91
CA LYS D 466 20.39 9.52 1.64
C LYS D 466 21.74 8.82 1.65
N PHE D 467 22.05 8.21 2.79
CA PHE D 467 23.29 7.46 2.96
C PHE D 467 22.94 5.99 3.21
N THR D 468 23.58 5.10 2.45
CA THR D 468 23.30 3.67 2.59
C THR D 468 24.12 3.10 3.73
N TYR D 469 23.62 2.02 4.33
CA TYR D 469 24.14 1.52 5.59
C TYR D 469 24.00 0.00 5.77
N ASP D 470 24.89 -0.59 6.55
CA ASP D 470 24.82 -2.02 6.87
C ASP D 470 24.46 -2.23 8.34
N LEU D 471 23.50 -3.09 8.65
CA LEU D 471 23.05 -3.26 10.03
C LEU D 471 23.36 -4.67 10.55
N TYR D 472 23.95 -4.76 11.74
CA TYR D 472 24.19 -6.04 12.39
C TYR D 472 23.88 -6.00 13.89
N LEU D 473 23.99 -7.16 14.54
CA LEU D 473 23.72 -7.28 15.97
C LEU D 473 24.99 -7.43 16.77
N VAL D 474 24.98 -6.88 17.98
CA VAL D 474 26.13 -6.96 18.87
C VAL D 474 26.18 -8.34 19.50
N THR D 475 27.39 -8.77 19.85
CA THR D 475 27.62 -10.06 20.49
C THR D 475 28.02 -9.84 21.94
N ASN D 476 29.13 -9.14 22.16
CA ASN D 476 29.64 -8.98 23.52
C ASN D 476 29.35 -7.67 24.27
N GLY D 477 28.85 -7.85 25.49
CA GLY D 477 28.57 -6.76 26.41
C GLY D 477 27.23 -6.05 26.43
N LYS D 478 26.33 -6.33 25.48
CA LYS D 478 25.02 -5.69 25.44
C LYS D 478 25.13 -4.16 25.46
N HIS D 479 24.36 -3.51 26.33
CA HIS D 479 24.42 -2.05 26.45
C HIS D 479 25.81 -1.70 26.94
N GLY D 480 26.42 -0.67 26.35
CA GLY D 480 27.78 -0.36 26.73
C GLY D 480 28.03 -0.32 28.22
N LYS D 481 29.09 -0.99 28.65
CA LYS D 481 29.37 -1.05 30.09
C LYS D 481 30.84 -0.84 30.43
N LYS D 482 31.17 -0.07 31.48
CA LYS D 482 32.59 0.05 31.79
C LYS D 482 32.85 -0.94 32.91
N ILE D 483 33.62 -1.98 32.59
CA ILE D 483 33.99 -2.99 33.57
C ILE D 483 35.50 -2.84 33.69
N ASN D 484 35.98 -2.62 34.92
CA ASN D 484 37.41 -2.42 35.18
C ASN D 484 37.87 -1.27 34.30
N GLY D 485 38.95 -1.48 33.55
CA GLY D 485 39.46 -0.45 32.65
C GLY D 485 38.94 -0.47 31.22
N VAL D 486 38.10 -1.45 30.86
CA VAL D 486 37.61 -1.54 29.48
C VAL D 486 36.11 -1.58 29.21
N TRP D 487 35.67 -0.76 28.28
CA TRP D 487 34.27 -0.69 27.83
C TRP D 487 33.78 -1.97 27.16
N ASN D 488 32.46 -2.15 27.10
CA ASN D 488 31.88 -3.29 26.39
C ASN D 488 30.66 -2.84 25.61
N GLY D 489 30.11 -3.76 24.82
CA GLY D 489 28.90 -3.56 24.04
C GLY D 489 29.11 -2.88 22.70
N MET D 490 28.04 -2.31 22.16
CA MET D 490 28.04 -1.65 20.86
C MET D 490 29.07 -0.53 20.80
N ILE D 491 29.29 0.09 21.96
CA ILE D 491 30.24 1.18 22.09
C ILE D 491 31.64 0.71 21.73
N GLY D 492 31.94 -0.56 22.03
CA GLY D 492 33.22 -1.13 21.65
C GLY D 492 33.40 -1.14 20.15
N GLU D 493 32.33 -1.51 19.43
CA GLU D 493 32.37 -1.56 17.98
C GLU D 493 32.37 -0.14 17.40
N VAL D 494 31.92 0.82 18.21
CA VAL D 494 32.00 2.23 17.82
C VAL D 494 33.41 2.76 18.02
N VAL D 495 34.09 2.24 19.04
CA VAL D 495 35.46 2.62 19.37
C VAL D 495 36.45 1.87 18.49
N THR D 496 36.15 0.60 18.24
CA THR D 496 36.99 -0.23 17.37
C THR D 496 36.81 0.18 15.92
N LYS D 497 35.87 1.11 15.69
CA LYS D 497 35.49 1.57 14.37
C LYS D 497 34.90 0.42 13.57
N ARG D 498 34.37 -0.57 14.28
CA ARG D 498 33.62 -1.65 13.65
C ARG D 498 32.17 -1.22 13.49
N ALA D 499 31.82 -0.16 14.18
CA ALA D 499 30.54 0.51 13.96
C ALA D 499 30.80 2.00 13.95
N TYR D 500 30.22 2.70 12.98
CA TYR D 500 30.33 4.15 12.98
C TYR D 500 29.33 4.75 13.96
N MET D 501 28.08 4.32 13.83
CA MET D 501 27.01 4.78 14.68
C MET D 501 26.25 3.59 15.27
N ALA D 502 25.93 3.67 16.56
CA ALA D 502 25.18 2.61 17.23
C ALA D 502 23.76 3.07 17.54
N VAL D 503 22.78 2.24 17.18
CA VAL D 503 21.37 2.60 17.36
C VAL D 503 20.67 1.58 18.26
N GLY D 504 19.65 2.03 18.98
CA GLY D 504 18.92 1.15 19.89
C GLY D 504 18.14 1.88 20.96
N SER D 505 17.90 1.19 22.07
CA SER D 505 17.22 1.73 23.24
C SER D 505 18.24 2.37 24.18
N LEU D 506 19.47 2.49 23.69
CA LEU D 506 20.59 2.99 24.47
C LEU D 506 20.31 4.32 25.19
N THR D 507 20.56 4.33 26.50
CA THR D 507 20.37 5.54 27.29
C THR D 507 21.60 6.44 27.15
N ILE D 508 21.54 7.65 27.70
CA ILE D 508 22.64 8.60 27.61
C ILE D 508 23.27 8.85 28.98
N ASN D 509 24.59 9.04 29.01
CA ASN D 509 25.31 9.36 30.24
C ASN D 509 26.58 10.15 29.94
N GLU D 510 27.14 10.78 30.98
CA GLU D 510 28.29 11.67 30.83
C GLU D 510 29.52 11.00 30.23
N GLU D 511 29.81 9.78 30.66
CA GLU D 511 30.96 9.02 30.17
C GLU D 511 30.91 8.76 28.67
N ARG D 512 29.76 8.31 28.20
CA ARG D 512 29.60 7.96 26.80
C ARG D 512 29.55 9.21 25.92
N SER D 513 28.95 10.27 26.45
CA SER D 513 28.94 11.56 25.76
C SER D 513 30.36 12.08 25.65
N GLU D 514 31.16 11.77 26.67
CA GLU D 514 32.58 12.10 26.66
C GLU D 514 33.31 11.36 25.57
N VAL D 515 33.08 10.05 25.46
CA VAL D 515 33.81 9.26 24.47
C VAL D 515 33.26 9.40 23.04
N VAL D 516 31.95 9.52 22.90
CA VAL D 516 31.32 9.61 21.57
C VAL D 516 30.21 10.64 21.54
N ASP D 517 30.11 11.38 20.44
CA ASP D 517 29.03 12.36 20.27
C ASP D 517 27.68 11.66 20.14
N PHE D 518 26.68 12.21 20.80
CA PHE D 518 25.34 11.62 20.80
C PHE D 518 24.30 12.48 20.08
N SER D 519 23.34 11.81 19.44
CA SER D 519 22.20 12.49 18.84
C SER D 519 21.27 13.04 19.93
N VAL D 520 20.49 14.06 19.58
CA VAL D 520 19.55 14.61 20.55
C VAL D 520 18.52 13.53 20.84
N PRO D 521 18.13 13.38 22.10
CA PRO D 521 17.16 12.34 22.46
C PRO D 521 15.80 12.59 21.81
N PHE D 522 15.22 11.55 21.21
CA PHE D 522 13.92 11.66 20.57
C PHE D 522 12.79 11.13 21.45
N ILE D 523 13.13 10.61 22.63
CA ILE D 523 12.13 10.06 23.54
C ILE D 523 12.40 10.40 25.01
N GLU D 524 11.33 10.39 25.80
CA GLU D 524 11.42 10.68 27.22
C GLU D 524 11.41 9.36 27.99
N THR D 525 12.47 9.14 28.76
CA THR D 525 12.64 7.89 29.49
C THR D 525 13.53 8.08 30.71
N GLY D 526 13.95 6.98 31.32
CA GLY D 526 14.80 7.04 32.50
C GLY D 526 14.57 5.88 33.44
N ILE D 527 15.09 6.00 34.66
CA ILE D 527 14.84 5.00 35.69
C ILE D 527 13.40 5.15 36.16
N SER D 528 12.77 4.05 36.52
CA SER D 528 11.40 4.10 37.02
C SER D 528 11.01 2.80 37.71
N VAL D 529 9.81 2.81 38.29
CA VAL D 529 9.32 1.67 39.03
C VAL D 529 8.01 1.15 38.45
N MET D 530 7.83 -0.16 38.58
CA MET D 530 6.66 -0.88 38.10
C MET D 530 6.24 -1.79 39.25
N VAL D 531 5.04 -1.49 39.77
CA VAL D 531 4.42 -2.18 40.90
C VAL D 531 2.92 -1.89 40.98
N SER D 532 2.19 -2.63 41.81
CA SER D 532 0.74 -2.42 41.98
C SER D 532 0.34 -1.99 43.40
N ARG D 533 -0.51 -0.96 43.50
CA ARG D 533 -0.95 -0.44 44.79
C ARG D 533 -1.97 -1.31 45.54
N SER D 534 -1.68 -1.57 46.81
CA SER D 534 -2.49 -2.40 47.71
C SER D 534 -3.89 -1.95 48.20
N ASN D 535 -4.07 -0.68 48.55
CA ASN D 535 -5.35 -0.23 49.13
C ASN D 535 -5.65 1.27 49.13
N GLY D 536 -6.92 1.60 49.40
CA GLY D 536 -7.38 2.97 49.49
C GLY D 536 -7.88 3.37 50.89
N THR D 537 -7.55 4.59 51.28
CA THR D 537 -7.88 5.22 52.56
C THR D 537 -9.26 5.86 52.63
N VAL D 538 -9.89 5.65 53.78
CA VAL D 538 -11.21 6.19 54.05
C VAL D 538 -11.16 7.22 55.16
N SER D 539 -11.80 8.34 54.90
CA SER D 539 -11.93 9.41 55.87
C SER D 539 -13.41 9.71 55.83
N PRO D 540 -14.06 9.75 56.99
CA PRO D 540 -15.49 10.05 56.98
C PRO D 540 -15.54 11.56 56.96
N SER D 541 -15.70 12.13 55.77
CA SER D 541 -15.72 13.59 55.69
C SER D 541 -16.92 14.11 54.90
N ALA D 542 -17.79 13.21 54.45
CA ALA D 542 -18.96 13.59 53.66
C ALA D 542 -19.89 14.48 54.47
N PHE D 543 -20.06 14.13 55.75
CA PHE D 543 -20.89 14.91 56.66
C PHE D 543 -20.07 15.92 57.46
N LEU D 544 -18.79 16.03 57.14
CA LEU D 544 -17.86 16.93 57.84
C LEU D 544 -18.20 18.41 57.78
N GLU D 545 -18.65 18.94 56.64
CA GLU D 545 -18.94 20.37 56.63
C GLU D 545 -20.18 20.73 57.48
N PRO D 546 -21.23 19.95 57.29
CA PRO D 546 -22.51 20.16 58.01
C PRO D 546 -22.31 19.97 59.50
N PHE D 547 -21.56 18.94 59.86
CA PHE D 547 -21.27 18.65 61.27
C PHE D 547 -20.47 19.80 61.87
N SER D 548 -19.52 20.33 61.09
CA SER D 548 -18.71 21.43 61.52
C SER D 548 -19.52 22.69 61.81
N ALA D 549 -20.53 23.01 60.99
CA ALA D 549 -21.28 24.27 61.28
C ALA D 549 -22.81 24.37 61.17
N ASP D 550 -23.41 25.17 62.04
CA ASP D 550 -24.87 25.43 61.99
C ASP D 550 -25.85 24.30 62.34
N VAL D 551 -25.56 23.07 61.93
CA VAL D 551 -26.50 21.98 62.17
C VAL D 551 -26.72 21.70 63.65
N TRP D 552 -25.65 21.78 64.43
CA TRP D 552 -25.70 21.51 65.86
C TRP D 552 -26.32 22.67 66.62
N VAL D 553 -25.94 23.89 66.24
CA VAL D 553 -26.47 25.08 66.89
C VAL D 553 -27.97 25.19 66.65
N MET D 554 -28.38 24.89 65.43
CA MET D 554 -29.79 24.93 65.07
C MET D 554 -30.55 23.89 65.88
N MET D 555 -29.97 22.71 66.03
CA MET D 555 -30.61 21.65 66.79
C MET D 555 -30.78 22.08 68.24
N PHE D 556 -29.81 22.79 68.80
CA PHE D 556 -29.96 23.26 70.17
C PHE D 556 -31.14 24.24 70.31
N VAL D 557 -31.27 25.13 69.33
CA VAL D 557 -32.32 26.15 69.31
C VAL D 557 -33.73 25.57 69.24
N MET D 558 -33.90 24.53 68.43
CA MET D 558 -35.21 23.88 68.29
C MET D 558 -35.62 23.29 69.63
N LEU D 559 -34.66 22.66 70.31
CA LEU D 559 -34.90 22.07 71.62
C LEU D 559 -35.27 23.16 72.63
N LEU D 560 -34.45 24.20 72.59
CA LEU D 560 -34.54 25.37 73.45
C LEU D 560 -35.84 26.10 73.21
N ILE D 561 -36.23 26.23 71.94
CA ILE D 561 -37.51 26.86 71.66
C ILE D 561 -38.59 25.96 72.25
N VAL D 562 -38.48 24.67 71.99
CA VAL D 562 -39.42 23.68 72.51
C VAL D 562 -39.35 23.64 74.03
N SER D 563 -38.14 23.73 74.56
CA SER D 563 -37.98 23.69 76.01
C SER D 563 -38.71 24.87 76.64
N ALA D 564 -38.57 26.06 76.05
CA ALA D 564 -39.24 27.23 76.61
C ALA D 564 -40.74 27.02 76.48
N VAL D 565 -41.17 26.66 75.27
CA VAL D 565 -42.57 26.42 75.00
C VAL D 565 -43.13 25.25 75.78
N ALA D 566 -42.35 24.17 75.85
CA ALA D 566 -42.80 22.98 76.57
C ALA D 566 -43.02 23.24 78.05
N VAL D 567 -42.07 23.92 78.70
CA VAL D 567 -42.24 24.24 80.10
C VAL D 567 -43.42 25.20 80.23
N PHE D 568 -43.40 26.28 79.47
CA PHE D 568 -44.51 27.21 79.57
C PHE D 568 -45.81 26.59 79.09
N VAL D 569 -45.77 25.94 77.93
CA VAL D 569 -46.96 25.28 77.38
C VAL D 569 -47.38 24.07 78.19
N PHE D 570 -46.42 23.24 78.54
CA PHE D 570 -46.70 22.02 79.29
C PHE D 570 -47.25 22.39 80.66
N GLU D 571 -46.52 23.32 81.29
CA GLU D 571 -46.99 23.91 82.52
C GLU D 571 -48.37 24.51 82.18
N TYR D 572 -48.52 25.04 80.96
CA TYR D 572 -49.79 25.55 80.51
C TYR D 572 -50.75 24.38 80.49
N PHE D 573 -50.31 23.26 79.90
CA PHE D 573 -51.15 22.09 79.89
C PHE D 573 -51.37 21.47 81.26
N SER D 574 -50.31 21.38 82.06
CA SER D 574 -50.46 20.82 83.39
C SER D 574 -49.85 21.73 84.45
N PRO D 575 -50.66 22.17 85.40
CA PRO D 575 -50.20 23.07 86.46
C PRO D 575 -49.14 22.41 87.31
N VAL D 576 -49.33 21.12 87.60
CA VAL D 576 -48.38 20.35 88.40
C VAL D 576 -47.43 19.57 87.49
N PHE D 593 -41.15 19.80 81.53
CA PHE D 593 -39.78 20.06 81.96
C PHE D 593 -38.77 19.54 80.94
N THR D 594 -37.75 20.34 80.69
CA THR D 594 -36.72 19.96 79.74
C THR D 594 -35.48 19.58 80.51
N ILE D 595 -35.13 18.31 80.42
CA ILE D 595 -33.97 17.75 81.08
C ILE D 595 -33.07 17.16 80.01
N GLY D 596 -32.31 16.14 80.40
CA GLY D 596 -31.45 15.47 79.46
C GLY D 596 -32.35 14.89 78.39
N LYS D 597 -33.52 14.41 78.81
CA LYS D 597 -34.46 13.79 77.88
C LYS D 597 -34.62 14.66 76.61
N ALA D 598 -34.67 15.98 76.77
CA ALA D 598 -34.78 16.91 75.65
C ALA D 598 -33.55 16.80 74.73
N ILE D 599 -32.39 16.65 75.36
CA ILE D 599 -31.12 16.48 74.63
C ILE D 599 -31.18 15.20 73.82
N TRP D 600 -31.74 14.14 74.42
CA TRP D 600 -31.91 12.85 73.74
C TRP D 600 -32.87 13.02 72.55
N LEU D 601 -33.91 13.83 72.74
CA LEU D 601 -34.90 14.12 71.71
C LEU D 601 -34.23 14.81 70.52
N LEU D 602 -33.29 15.72 70.78
CA LEU D 602 -32.56 16.36 69.67
C LEU D 602 -31.85 15.19 69.01
N TRP D 603 -31.36 14.31 69.89
CA TRP D 603 -30.69 13.06 69.51
C TRP D 603 -31.62 12.06 68.83
N GLY D 604 -32.83 11.87 69.36
CA GLY D 604 -33.75 10.95 68.71
C GLY D 604 -34.25 11.36 67.35
N LEU D 605 -34.68 12.61 67.22
CA LEU D 605 -35.18 13.13 65.96
C LEU D 605 -34.10 13.23 64.88
N VAL D 606 -32.94 13.72 65.31
CA VAL D 606 -31.78 13.96 64.45
C VAL D 606 -31.07 12.79 63.75
N PHE D 607 -30.90 11.66 64.41
CA PHE D 607 -30.14 10.56 63.78
C PHE D 607 -30.75 9.16 63.69
N ASN D 608 -31.66 8.99 62.75
CA ASN D 608 -32.29 7.69 62.47
C ASN D 608 -32.95 7.00 63.67
N ASN D 609 -33.63 7.78 64.49
CA ASN D 609 -34.36 7.26 65.65
C ASN D 609 -33.50 6.43 66.63
N SER D 610 -33.99 5.24 66.96
CA SER D 610 -33.34 4.35 67.91
C SER D 610 -33.18 4.96 69.31
N LEU D 611 -34.09 5.86 69.68
CA LEU D 611 -34.00 6.48 71.00
C LEU D 611 -35.21 6.22 71.90
N PRO D 612 -35.05 5.48 72.98
CA PRO D 612 -36.22 5.13 73.80
C PRO D 612 -36.57 5.98 75.02
N VAL D 613 -35.81 7.02 75.35
CA VAL D 613 -36.13 7.75 76.58
C VAL D 613 -37.45 8.53 76.76
N GLN D 614 -37.84 9.38 75.81
CA GLN D 614 -39.06 10.22 75.95
C GLN D 614 -39.62 10.96 74.73
N ASN D 615 -40.83 11.49 74.92
CA ASN D 615 -41.50 12.39 73.99
C ASN D 615 -42.20 13.50 74.79
N PRO D 616 -41.99 14.75 74.40
CA PRO D 616 -42.61 15.89 75.10
C PRO D 616 -44.13 15.94 75.01
N LYS D 617 -44.78 16.23 76.13
CA LYS D 617 -46.24 16.32 76.18
C LYS D 617 -46.80 17.72 75.86
N GLY D 618 -46.73 18.10 74.60
CA GLY D 618 -47.24 19.40 74.17
C GLY D 618 -47.60 19.38 72.69
N THR D 619 -48.46 20.29 72.23
CA THR D 619 -48.79 20.27 70.81
C THR D 619 -47.92 21.01 69.77
N THR D 620 -47.53 22.26 70.05
CA THR D 620 -46.75 23.01 69.07
C THR D 620 -45.30 22.60 68.74
N SER D 621 -44.50 22.35 69.76
CA SER D 621 -43.09 21.97 69.59
C SER D 621 -42.82 20.59 68.97
N LYS D 622 -43.62 19.63 69.41
CA LYS D 622 -43.51 18.24 69.05
C LYS D 622 -43.73 18.10 67.57
N ILE D 623 -44.76 18.78 67.10
CA ILE D 623 -45.09 18.80 65.70
C ILE D 623 -43.97 19.49 64.91
N MET D 624 -43.48 20.62 65.43
CA MET D 624 -42.42 21.35 64.75
C MET D 624 -41.20 20.48 64.58
N VAL D 625 -40.91 19.68 65.59
CA VAL D 625 -39.79 18.80 65.52
C VAL D 625 -40.04 17.68 64.56
N SER D 626 -41.28 17.18 64.46
CA SER D 626 -41.51 16.14 63.47
C SER D 626 -41.17 16.67 62.08
N VAL D 627 -41.39 17.97 61.87
CA VAL D 627 -41.02 18.58 60.62
C VAL D 627 -39.51 18.62 60.52
N TRP D 628 -38.87 19.07 61.59
CA TRP D 628 -37.42 19.07 61.65
C TRP D 628 -36.84 17.73 61.34
N ALA D 629 -37.41 16.70 61.96
CA ALA D 629 -36.94 15.36 61.82
C ALA D 629 -37.00 14.95 60.41
N PHE D 630 -38.11 15.27 59.74
CA PHE D 630 -38.28 14.89 58.33
C PHE D 630 -37.22 15.51 57.43
N PHE D 631 -36.92 16.79 57.65
CA PHE D 631 -35.86 17.44 56.90
C PHE D 631 -34.52 16.86 57.30
N ALA D 632 -34.37 16.60 58.59
CA ALA D 632 -33.15 16.07 59.13
C ALA D 632 -32.89 14.71 58.51
N VAL D 633 -33.95 13.94 58.27
CA VAL D 633 -33.85 12.65 57.61
C VAL D 633 -33.33 12.82 56.24
N ILE D 634 -33.81 13.84 55.55
CA ILE D 634 -33.27 14.13 54.25
C ILE D 634 -31.78 14.32 54.35
N PHE D 635 -31.35 15.07 55.36
CA PHE D 635 -29.94 15.32 55.54
C PHE D 635 -29.20 14.03 55.86
N LEU D 636 -29.82 13.18 56.65
CA LEU D 636 -29.25 11.89 56.97
C LEU D 636 -29.05 11.08 55.72
N ALA D 637 -30.09 11.06 54.91
CA ALA D 637 -30.07 10.38 53.65
C ALA D 637 -28.95 10.92 52.80
N SER D 638 -28.80 12.24 52.81
CA SER D 638 -27.75 12.86 52.05
C SER D 638 -26.40 12.51 52.62
N TYR D 639 -26.33 12.35 53.94
CA TYR D 639 -25.09 11.98 54.59
C TYR D 639 -24.66 10.62 54.08
N THR D 640 -25.63 9.72 53.92
CA THR D 640 -25.36 8.41 53.41
C THR D 640 -24.84 8.54 52.00
N ALA D 641 -25.50 9.39 51.22
CA ALA D 641 -25.10 9.67 49.85
C ALA D 641 -23.71 10.30 49.79
N ASN D 642 -23.39 11.11 50.79
CA ASN D 642 -22.11 11.77 50.83
C ASN D 642 -21.03 10.74 51.01
N LEU D 643 -21.30 9.79 51.87
CA LEU D 643 -20.37 8.72 52.07
C LEU D 643 -20.38 7.79 50.88
N ALA D 644 -21.53 7.67 50.22
CA ALA D 644 -21.60 6.90 49.02
C ALA D 644 -20.69 7.52 47.99
N ALA D 645 -20.63 8.86 47.94
CA ALA D 645 -19.75 9.56 47.02
C ALA D 645 -18.33 9.11 47.22
N PHE D 646 -17.94 8.98 48.48
CA PHE D 646 -16.63 8.39 48.75
C PHE D 646 -16.56 7.02 48.13
N MET D 647 -17.54 6.20 48.42
CA MET D 647 -17.55 4.84 47.91
C MET D 647 -17.55 4.77 46.39
N ILE D 648 -18.05 5.81 45.72
CA ILE D 648 -18.05 5.85 44.26
C ILE D 648 -16.67 5.65 43.68
N GLN D 649 -15.64 6.23 44.29
CA GLN D 649 -14.32 6.03 43.73
C GLN D 649 -13.25 6.21 44.75
N ARG D 650 -12.14 5.56 44.54
CA ARG D 650 -11.07 5.74 45.48
C ARG D 650 -9.70 5.52 44.89
N ARG D 651 -8.79 6.36 45.33
CA ARG D 651 -7.44 6.34 44.89
C ARG D 651 -6.67 5.24 45.58
N TYR D 652 -6.77 4.02 45.05
CA TYR D 652 -6.05 2.86 45.60
C TYR D 652 -4.58 2.83 45.21
N VAL D 653 -3.88 3.92 45.57
CA VAL D 653 -2.50 4.19 45.23
C VAL D 653 -1.79 4.85 46.40
N ASP D 654 -2.39 4.74 47.59
CA ASP D 654 -1.87 5.39 48.79
C ASP D 654 -0.46 4.98 49.21
N GLN D 655 -0.13 3.69 49.11
CA GLN D 655 1.20 3.27 49.51
C GLN D 655 2.16 3.24 48.32
N VAL D 656 3.08 4.18 48.29
CA VAL D 656 4.07 4.26 47.22
C VAL D 656 5.38 4.87 47.72
N SER D 657 6.49 4.47 47.10
CA SER D 657 7.79 5.00 47.47
C SER D 657 8.54 5.49 46.23
N GLY D 658 9.13 6.68 46.31
CA GLY D 658 9.85 7.19 45.16
C GLY D 658 11.36 7.20 45.32
N LEU D 659 11.82 6.62 46.44
CA LEU D 659 13.22 6.46 46.90
C LEU D 659 13.83 7.73 47.50
N SER D 660 13.03 8.79 47.59
CA SER D 660 13.47 10.04 48.21
C SER D 660 12.89 10.04 49.61
N ASP D 661 12.15 8.97 49.91
CA ASP D 661 11.50 8.77 51.20
C ASP D 661 12.36 8.07 52.27
N LYS D 662 13.30 7.23 51.79
CA LYS D 662 14.29 6.41 52.51
C LYS D 662 13.75 5.07 52.98
N LYS D 663 12.50 4.77 52.66
CA LYS D 663 11.94 3.47 52.98
C LYS D 663 12.71 2.46 52.14
N PHE D 664 12.90 2.79 50.86
CA PHE D 664 13.68 1.97 49.95
C PHE D 664 15.13 2.00 50.43
N GLN D 665 15.58 3.18 50.87
CA GLN D 665 16.94 3.33 51.38
C GLN D 665 17.22 2.25 52.38
N ARG D 666 16.27 1.99 53.27
CA ARG D 666 16.44 0.80 54.09
C ARG D 666 15.16 0.00 54.11
N PRO D 667 15.28 -1.29 53.81
CA PRO D 667 14.28 -2.35 54.00
C PRO D 667 14.13 -2.67 55.47
N ASN D 668 15.26 -2.64 56.16
CA ASN D 668 15.37 -3.06 57.55
C ASN D 668 14.57 -2.18 58.51
N ASP D 669 14.35 -0.92 58.14
CA ASP D 669 13.52 -0.03 58.97
C ASP D 669 12.11 -0.60 59.06
N PHE D 670 11.63 -1.14 57.95
CA PHE D 670 10.36 -1.85 57.94
C PHE D 670 10.56 -3.30 58.35
N SER D 671 9.84 -3.73 59.38
CA SER D 671 10.02 -5.05 59.98
C SER D 671 9.82 -6.20 58.99
N PRO D 672 8.75 -6.19 58.19
CA PRO D 672 8.80 -7.22 57.16
C PRO D 672 9.85 -6.85 56.13
N ALA D 673 10.47 -7.85 55.49
CA ALA D 673 11.52 -7.56 54.53
C ALA D 673 10.87 -7.01 53.28
N PHE D 674 11.40 -5.92 52.74
CA PHE D 674 10.85 -5.40 51.51
C PHE D 674 11.69 -5.93 50.37
N ARG D 675 11.24 -5.74 49.13
CA ARG D 675 11.97 -6.29 48.00
C ARG D 675 11.87 -5.41 46.76
N PHE D 676 13.02 -5.11 46.18
CA PHE D 676 13.07 -4.46 44.88
C PHE D 676 14.39 -4.82 44.20
N GLY D 677 14.37 -4.95 42.88
CA GLY D 677 15.54 -5.36 42.14
C GLY D 677 15.57 -4.81 40.74
N THR D 678 16.75 -4.87 40.12
CA THR D 678 16.92 -4.42 38.74
C THR D 678 17.92 -5.30 38.01
N VAL D 679 17.94 -5.19 36.68
CA VAL D 679 18.86 -5.94 35.85
C VAL D 679 20.28 -5.40 36.01
N PRO D 680 21.25 -6.29 36.25
CA PRO D 680 22.67 -5.98 36.42
C PRO D 680 23.37 -5.62 35.11
N ASN D 681 24.56 -5.04 35.22
CA ASN D 681 25.29 -4.64 34.03
C ASN D 681 24.53 -3.56 33.28
N GLY D 682 23.70 -2.82 34.01
CA GLY D 682 22.91 -1.74 33.44
C GLY D 682 23.45 -0.37 33.79
N SER D 683 23.07 0.64 33.03
CA SER D 683 23.41 2.02 33.35
C SER D 683 22.76 2.39 34.66
N THR D 684 21.60 1.80 34.91
CA THR D 684 20.86 1.98 36.15
C THR D 684 21.65 1.46 37.35
N GLU D 685 22.18 0.25 37.23
CA GLU D 685 22.95 -0.36 38.32
C GLU D 685 24.25 0.40 38.60
N ARG D 686 24.94 0.80 37.54
CA ARG D 686 26.17 1.57 37.67
C ARG D 686 25.91 2.92 38.32
N ASN D 687 24.84 3.59 37.88
CA ASN D 687 24.41 4.84 38.48
C ASN D 687 24.09 4.68 39.96
N ILE D 688 23.33 3.63 40.26
CA ILE D 688 22.99 3.28 41.64
C ILE D 688 24.23 3.13 42.49
N ARG D 689 25.17 2.31 42.02
CA ARG D 689 26.41 2.09 42.74
C ARG D 689 27.19 3.40 42.93
N ASN D 690 27.12 4.27 41.94
CA ASN D 690 27.80 5.56 42.04
C ASN D 690 27.19 6.44 43.12
N ASN D 691 25.89 6.71 43.03
CA ASN D 691 25.21 7.53 44.04
C ASN D 691 24.83 6.80 45.34
N TYR D 692 24.11 5.69 45.22
CA TYR D 692 23.58 5.03 46.42
C TYR D 692 24.16 3.64 46.58
N LEU D 693 25.09 3.48 47.52
CA LEU D 693 25.79 2.22 47.70
C LEU D 693 24.93 1.13 48.33
N GLU D 694 24.34 1.47 49.48
CA GLU D 694 23.53 0.53 50.25
C GLU D 694 22.44 -0.13 49.42
N MET D 695 21.82 0.65 48.54
CA MET D 695 20.78 0.15 47.65
C MET D 695 21.34 -0.92 46.71
N HIS D 696 22.53 -0.68 46.19
CA HIS D 696 23.19 -1.63 45.30
C HIS D 696 23.54 -2.92 46.03
N SER D 697 24.24 -2.76 47.15
CA SER D 697 24.70 -3.87 47.96
C SER D 697 23.55 -4.72 48.49
N TYR D 698 22.41 -4.10 48.71
CA TYR D 698 21.23 -4.84 49.15
C TYR D 698 20.50 -5.50 47.97
N MET D 699 20.41 -4.79 46.85
CA MET D 699 19.63 -5.24 45.70
C MET D 699 20.32 -6.33 44.89
N VAL D 700 21.61 -6.55 45.12
CA VAL D 700 22.31 -7.61 44.40
C VAL D 700 21.62 -8.97 44.56
N LYS D 701 21.00 -9.19 45.72
CA LYS D 701 20.24 -10.42 45.98
C LYS D 701 18.98 -10.48 45.14
N PHE D 702 18.40 -9.32 44.85
CA PHE D 702 17.13 -9.23 44.13
C PHE D 702 17.32 -9.01 42.63
N ASN D 703 18.57 -8.98 42.18
CA ASN D 703 18.87 -8.86 40.76
C ASN D 703 18.30 -10.03 39.96
N GLN D 704 17.83 -9.75 38.75
CA GLN D 704 17.16 -10.77 37.95
C GLN D 704 17.80 -10.97 36.58
N ARG D 705 17.68 -12.19 36.06
CA ARG D 705 18.32 -12.59 34.81
C ARG D 705 17.91 -11.77 33.60
N SER D 706 16.60 -11.63 33.39
CA SER D 706 16.08 -10.96 32.20
C SER D 706 14.76 -10.25 32.49
N VAL D 707 14.39 -9.31 31.64
CA VAL D 707 13.20 -8.50 31.83
C VAL D 707 11.93 -9.34 31.88
N GLN D 708 11.88 -10.39 31.07
CA GLN D 708 10.77 -11.34 31.13
C GLN D 708 10.79 -12.08 32.47
N ASP D 709 11.99 -12.45 32.90
CA ASP D 709 12.19 -13.13 34.19
C ASP D 709 12.04 -12.18 35.39
N ALA D 710 12.60 -10.98 35.29
CA ALA D 710 12.34 -9.94 36.29
C ALA D 710 10.83 -9.77 36.45
N LEU D 711 10.15 -9.80 35.32
CA LEU D 711 8.71 -9.73 35.29
C LEU D 711 8.15 -10.97 35.96
N LEU D 712 8.82 -12.11 35.82
CA LEU D 712 8.36 -13.32 36.50
C LEU D 712 8.44 -13.15 38.02
N SER D 713 9.46 -12.45 38.51
CA SER D 713 9.58 -12.20 39.93
C SER D 713 8.50 -11.25 40.43
N LEU D 714 8.14 -10.26 39.62
CA LEU D 714 7.05 -9.37 40.01
C LEU D 714 5.67 -10.04 39.93
N LYS D 715 5.39 -10.64 38.79
CA LYS D 715 4.08 -11.16 38.41
C LYS D 715 3.54 -12.31 39.26
N SER D 716 4.39 -13.29 39.54
CA SER D 716 3.94 -14.49 40.25
C SER D 716 4.04 -14.32 41.77
N GLY D 717 4.46 -13.13 42.19
CA GLY D 717 4.72 -12.89 43.59
C GLY D 717 6.18 -13.20 43.88
N LYS D 718 6.57 -13.12 45.14
CA LYS D 718 7.94 -13.35 45.63
C LYS D 718 8.81 -12.12 45.40
N LEU D 719 8.23 -11.10 44.77
CA LEU D 719 8.86 -9.79 44.69
C LEU D 719 7.78 -8.71 44.66
N ASP D 720 8.02 -7.62 45.36
CA ASP D 720 7.06 -6.53 45.44
C ASP D 720 7.18 -5.56 44.27
N ALA D 721 8.32 -4.87 44.21
CA ALA D 721 8.51 -3.81 43.23
C ALA D 721 9.61 -4.17 42.23
N PHE D 722 9.47 -3.66 41.01
CA PHE D 722 10.53 -3.83 40.02
C PHE D 722 10.98 -2.47 39.52
N ILE D 723 12.26 -2.33 39.22
CA ILE D 723 12.78 -1.07 38.74
C ILE D 723 13.53 -1.28 37.44
N TYR D 724 13.26 -0.41 36.46
CA TYR D 724 13.86 -0.55 35.14
C TYR D 724 13.69 0.73 34.34
N ASP D 725 14.09 0.67 33.08
CA ASP D 725 14.00 1.82 32.20
C ASP D 725 12.54 2.28 32.06
N ALA D 726 12.33 3.59 31.96
CA ALA D 726 11.00 4.16 32.05
C ALA D 726 10.17 3.91 30.81
N ALA D 727 10.81 3.95 29.64
CA ALA D 727 10.10 3.70 28.39
C ALA D 727 9.61 2.25 28.34
N VAL D 728 10.50 1.33 28.72
CA VAL D 728 10.16 -0.09 28.75
C VAL D 728 9.09 -0.37 29.79
N LEU D 729 9.20 0.29 30.94
CA LEU D 729 8.25 0.10 32.02
C LEU D 729 6.88 0.70 31.69
N ASN D 730 6.87 1.75 30.88
CA ASN D 730 5.64 2.39 30.44
C ASN D 730 4.96 1.57 29.35
N TYR D 731 5.74 1.06 28.41
CA TYR D 731 5.21 0.18 27.37
C TYR D 731 4.68 -1.10 27.98
N MET D 732 5.43 -1.61 28.96
CA MET D 732 5.10 -2.82 29.68
C MET D 732 3.80 -2.60 30.45
N ALA D 733 3.63 -1.41 31.00
CA ALA D 733 2.40 -1.12 31.72
C ALA D 733 1.24 -1.20 30.73
N GLY D 734 1.42 -0.58 29.56
CA GLY D 734 0.38 -0.61 28.54
C GLY D 734 0.16 -2.00 27.97
N ARG D 735 1.25 -2.68 27.65
CA ARG D 735 1.19 -4.04 27.13
C ARG D 735 1.28 -4.99 28.31
N ASP D 736 0.35 -4.88 29.24
CA ASP D 736 0.35 -5.70 30.43
C ASP D 736 -0.68 -6.79 30.36
N GLU D 737 -0.25 -8.03 30.65
CA GLU D 737 -1.17 -9.15 30.63
C GLU D 737 -2.22 -8.88 31.70
N GLY D 738 -1.76 -8.38 32.84
CA GLY D 738 -2.64 -7.99 33.92
C GLY D 738 -2.42 -6.50 34.04
N CYS D 739 -3.53 -5.79 34.00
CA CYS D 739 -3.62 -4.33 34.08
C CYS D 739 -3.32 -3.79 35.47
N LYS D 740 -3.21 -4.69 36.45
CA LYS D 740 -2.93 -4.31 37.82
C LYS D 740 -1.60 -3.56 37.93
N LEU D 741 -0.59 -3.99 37.19
CA LEU D 741 0.69 -3.28 37.20
C LEU D 741 0.42 -1.87 36.68
N VAL D 742 1.00 -0.90 37.35
CA VAL D 742 0.82 0.51 37.04
C VAL D 742 2.14 1.24 37.22
N THR D 743 2.33 2.32 36.46
CA THR D 743 3.55 3.11 36.56
C THR D 743 3.59 3.82 37.92
N ILE D 744 4.78 3.99 38.47
CA ILE D 744 4.92 4.66 39.76
C ILE D 744 4.42 6.09 39.61
N GLY D 745 3.68 6.58 40.59
CA GLY D 745 3.13 7.92 40.51
C GLY D 745 2.59 8.20 39.13
N SER D 746 3.02 9.32 38.55
CA SER D 746 2.67 9.68 37.18
C SER D 746 3.65 9.04 36.19
N GLY D 747 4.51 8.18 36.72
CA GLY D 747 5.60 7.62 35.96
C GLY D 747 6.63 8.70 35.67
N LYS D 748 6.55 9.79 36.43
CA LYS D 748 7.51 10.86 36.26
C LYS D 748 8.81 10.37 36.86
N VAL D 749 9.84 10.31 36.02
CA VAL D 749 11.07 9.60 36.35
C VAL D 749 12.18 10.54 36.83
N PHE D 750 12.93 10.10 37.84
CA PHE D 750 14.13 10.81 38.20
C PHE D 750 15.18 10.39 37.19
N ALA D 751 16.36 11.02 37.24
CA ALA D 751 17.40 10.75 36.26
C ALA D 751 16.83 10.90 34.86
N THR D 752 16.12 12.00 34.62
CA THR D 752 15.44 12.21 33.36
C THR D 752 16.42 12.12 32.20
N THR D 753 16.19 11.15 31.32
CA THR D 753 17.09 10.91 30.20
C THR D 753 16.33 10.48 28.96
N GLY D 754 17.09 10.27 27.88
CA GLY D 754 16.56 9.85 26.60
C GLY D 754 17.54 8.95 25.85
N TYR D 755 17.02 8.20 24.88
CA TYR D 755 17.86 7.32 24.08
C TYR D 755 18.80 8.16 23.23
N GLY D 756 20.02 7.66 23.02
CA GLY D 756 21.00 8.39 22.23
C GLY D 756 21.62 7.57 21.12
N ILE D 757 22.02 8.25 20.06
CA ILE D 757 22.64 7.59 18.91
C ILE D 757 24.13 7.90 18.89
N ALA D 758 24.94 6.85 18.80
CA ALA D 758 26.40 7.00 18.80
C ALA D 758 26.94 7.54 17.47
N ILE D 759 28.12 8.17 17.56
CA ILE D 759 28.89 8.65 16.43
C ILE D 759 30.32 8.45 16.94
N GLN D 760 31.34 8.73 16.14
CA GLN D 760 32.70 8.43 16.57
C GLN D 760 33.22 9.50 17.52
N LYS D 761 33.37 10.71 16.99
CA LYS D 761 33.96 11.82 17.70
C LYS D 761 33.60 13.11 16.97
N ASP D 762 34.30 14.19 17.30
CA ASP D 762 34.02 15.52 16.74
C ASP D 762 33.91 15.51 15.22
N SER D 763 34.59 14.56 14.58
CA SER D 763 34.44 14.38 13.15
C SER D 763 33.34 13.37 12.90
N GLY D 764 32.28 13.81 12.23
CA GLY D 764 31.14 12.96 11.96
C GLY D 764 30.04 13.72 11.22
N TRP D 765 28.85 13.14 11.18
CA TRP D 765 27.69 13.75 10.53
C TRP D 765 27.26 15.04 11.18
N LYS D 766 27.38 15.07 12.49
CA LYS D 766 27.09 16.25 13.30
C LYS D 766 25.70 16.87 13.12
N ARG D 767 25.68 18.17 12.81
CA ARG D 767 24.44 18.91 12.67
C ARG D 767 23.49 18.45 11.57
N GLN D 768 23.99 18.07 10.40
CA GLN D 768 23.07 17.66 9.35
C GLN D 768 22.19 16.49 9.83
N VAL D 769 22.81 15.55 10.54
CA VAL D 769 22.09 14.39 11.06
C VAL D 769 21.00 14.75 12.07
N ASP D 770 21.30 15.70 12.96
CA ASP D 770 20.33 16.11 13.98
C ASP D 770 19.10 16.74 13.34
N LEU D 771 19.35 17.56 12.31
CA LEU D 771 18.31 18.21 11.56
C LEU D 771 17.22 17.20 11.20
N ALA D 772 17.65 16.09 10.60
CA ALA D 772 16.73 15.05 10.16
C ALA D 772 15.79 14.69 11.31
N ILE D 773 16.38 14.53 12.50
CA ILE D 773 15.63 14.11 13.68
C ILE D 773 14.47 15.08 13.93
N LEU D 774 14.75 16.37 13.93
CA LEU D 774 13.68 17.30 14.30
C LEU D 774 12.75 17.54 13.12
N GLN D 775 13.09 16.99 11.96
CA GLN D 775 12.15 17.04 10.84
C GLN D 775 11.08 15.97 11.11
N LEU D 776 11.48 14.90 11.79
CA LEU D 776 10.55 13.82 12.09
C LEU D 776 9.44 14.35 12.99
N PHE D 777 9.79 15.20 13.95
CA PHE D 777 8.82 15.79 14.85
C PHE D 777 7.85 16.66 14.08
N GLY D 778 8.38 17.41 13.12
CA GLY D 778 7.59 18.30 12.30
C GLY D 778 6.63 17.55 11.39
N ASP D 779 7.13 16.47 10.79
CA ASP D 779 6.32 15.64 9.91
C ASP D 779 5.19 15.02 10.71
N GLY D 780 5.51 14.58 11.92
CA GLY D 780 4.55 13.97 12.81
C GLY D 780 4.49 12.45 12.73
N GLU D 781 5.50 11.85 12.11
CA GLU D 781 5.55 10.41 11.93
C GLU D 781 5.66 9.67 13.28
N MET D 782 6.44 10.25 14.18
CA MET D 782 6.68 9.64 15.49
C MET D 782 5.42 9.37 16.30
N GLU D 783 4.40 10.19 16.13
CA GLU D 783 3.14 9.96 16.84
C GLU D 783 2.46 8.69 16.32
N GLU D 784 2.46 8.54 15.00
CA GLU D 784 1.92 7.35 14.36
C GLU D 784 2.69 6.11 14.79
N LEU D 785 4.01 6.18 14.69
CA LEU D 785 4.87 5.08 15.10
C LEU D 785 4.71 4.76 16.58
N GLU D 786 4.37 5.77 17.37
CA GLU D 786 4.13 5.59 18.80
C GLU D 786 2.84 4.81 19.01
N ALA D 787 1.81 5.19 18.26
CA ALA D 787 0.53 4.50 18.35
C ALA D 787 0.67 3.04 17.91
N LEU D 788 1.45 2.79 16.86
CA LEU D 788 1.62 1.44 16.38
C LEU D 788 2.52 0.58 17.28
N TRP D 789 3.76 1.02 17.50
CA TRP D 789 4.72 0.22 18.25
C TRP D 789 4.68 0.39 19.77
N LEU D 790 4.80 1.65 20.19
CA LEU D 790 4.78 2.12 21.57
C LEU D 790 3.47 2.06 22.37
N THR D 791 2.35 2.33 21.72
CA THR D 791 1.05 2.42 22.40
C THR D 791 0.60 1.17 23.16
N GLY D 792 -0.03 1.49 24.35
CA GLY D 792 -0.27 0.76 25.59
C GLY D 792 -1.70 0.39 25.97
N ILE D 793 -1.88 -0.88 26.31
CA ILE D 793 -3.19 -1.41 26.66
C ILE D 793 -3.61 -0.85 28.00
N CYS D 794 -4.94 -0.72 28.20
CA CYS D 794 -5.46 -0.19 29.46
C CYS D 794 -4.84 1.16 29.82
N HIS D 795 -5.14 2.17 29.02
CA HIS D 795 -4.58 3.52 29.13
C HIS D 795 -4.71 4.00 30.56
N ASN D 796 -3.59 4.50 31.06
CA ASN D 796 -3.43 4.81 32.47
C ASN D 796 -4.22 5.95 33.06
N GLU D 797 -5.52 5.70 33.16
CA GLU D 797 -6.45 6.60 33.83
C GLU D 797 -6.38 6.32 35.35
N LYS D 798 -6.92 7.23 36.16
CA LYS D 798 -6.93 6.97 37.58
C LYS D 798 -7.82 5.74 37.71
N ASN D 799 -7.30 4.72 38.36
CA ASN D 799 -8.02 3.46 38.56
C ASN D 799 -9.20 3.61 39.50
N GLU D 800 -10.25 2.84 39.24
CA GLU D 800 -11.45 2.86 40.06
C GLU D 800 -11.65 1.53 40.75
N VAL D 801 -11.88 1.57 42.06
CA VAL D 801 -12.08 0.36 42.84
C VAL D 801 -13.53 0.27 43.30
N MET D 802 -14.15 -0.88 43.07
CA MET D 802 -15.55 -1.07 43.45
C MET D 802 -15.73 -2.14 44.52
N SER D 803 -16.46 -1.77 45.57
CA SER D 803 -16.76 -2.68 46.68
C SER D 803 -15.51 -3.19 47.40
N SER D 804 -14.53 -2.31 47.58
CA SER D 804 -13.29 -2.67 48.26
C SER D 804 -13.56 -3.03 49.71
N GLN D 805 -12.85 -4.03 50.22
CA GLN D 805 -13.02 -4.47 51.60
C GLN D 805 -13.04 -3.24 52.50
N LEU D 806 -13.93 -3.24 53.48
CA LEU D 806 -14.06 -2.09 54.37
C LEU D 806 -12.80 -1.88 55.21
N ASP D 807 -12.38 -0.63 55.29
CA ASP D 807 -11.22 -0.24 56.07
C ASP D 807 -11.59 0.91 56.99
N ILE D 808 -11.21 0.82 58.27
CA ILE D 808 -11.54 1.88 59.20
C ILE D 808 -10.30 2.42 59.92
N ASP D 809 -10.16 3.73 59.92
CA ASP D 809 -9.05 4.37 60.60
C ASP D 809 -9.49 5.65 61.28
N ASN D 810 -10.43 6.32 60.66
CA ASN D 810 -10.97 7.54 61.20
C ASN D 810 -12.11 7.22 62.11
N MET D 811 -12.86 6.17 61.77
CA MET D 811 -13.91 5.74 62.67
C MET D 811 -13.27 5.12 63.88
N ALA D 812 -12.09 4.52 63.70
CA ALA D 812 -11.38 4.00 64.84
C ALA D 812 -11.10 5.17 65.77
N GLY D 813 -10.65 6.29 65.18
CA GLY D 813 -10.45 7.53 65.92
C GLY D 813 -11.72 7.92 66.65
N VAL D 814 -12.86 7.85 65.96
CA VAL D 814 -14.16 8.14 66.55
C VAL D 814 -14.45 7.26 67.73
N PHE D 815 -14.11 5.99 67.63
CA PHE D 815 -14.32 5.05 68.72
C PHE D 815 -13.49 5.48 69.92
N TYR D 816 -12.32 6.02 69.64
CA TYR D 816 -11.46 6.48 70.70
C TYR D 816 -12.05 7.74 71.33
N MET D 817 -12.65 8.59 70.49
CA MET D 817 -13.32 9.82 70.93
C MET D 817 -14.37 9.44 71.96
N LEU D 818 -15.14 8.43 71.61
CA LEU D 818 -16.13 7.85 72.49
C LEU D 818 -15.59 7.45 73.83
N ALA D 819 -14.53 6.65 73.82
CA ALA D 819 -13.93 6.19 75.06
C ALA D 819 -13.47 7.35 75.92
N ALA D 820 -12.86 8.35 75.29
CA ALA D 820 -12.36 9.52 75.99
C ALA D 820 -13.48 10.32 76.60
N ALA D 821 -14.54 10.52 75.82
CA ALA D 821 -15.70 11.28 76.27
C ALA D 821 -16.31 10.60 77.48
N MET D 822 -16.35 9.28 77.44
CA MET D 822 -16.85 8.51 78.57
C MET D 822 -16.04 8.80 79.80
N ALA D 823 -14.72 8.64 79.68
CA ALA D 823 -13.82 8.86 80.80
C ALA D 823 -14.07 10.22 81.41
N LEU D 824 -14.23 11.23 80.56
CA LEU D 824 -14.52 12.57 81.01
C LEU D 824 -15.78 12.61 81.85
N SER D 825 -16.84 12.03 81.35
CA SER D 825 -18.08 12.03 82.10
C SER D 825 -17.98 11.23 83.40
N LEU D 826 -17.11 10.22 83.43
CA LEU D 826 -16.94 9.44 84.63
C LEU D 826 -16.24 10.25 85.70
N ILE D 827 -15.21 10.98 85.30
CA ILE D 827 -14.52 11.83 86.25
C ILE D 827 -15.35 13.05 86.56
N THR D 828 -16.26 13.39 85.65
CA THR D 828 -17.19 14.46 85.89
C THR D 828 -18.09 14.05 87.04
N PHE D 829 -18.52 12.80 87.04
CA PHE D 829 -19.36 12.29 88.12
C PHE D 829 -18.61 12.30 89.43
N ILE D 830 -17.32 11.96 89.37
CA ILE D 830 -16.48 12.00 90.55
C ILE D 830 -16.37 13.42 91.05
N MET D 831 -16.11 14.34 90.14
CA MET D 831 -16.02 15.75 90.40
C MET D 831 -17.28 16.25 91.08
N GLU D 832 -18.42 15.90 90.49
CA GLU D 832 -19.72 16.26 91.00
C GLU D 832 -19.87 15.73 92.39
N HIS D 833 -19.54 14.45 92.58
CA HIS D 833 -19.61 13.81 93.87
C HIS D 833 -18.85 14.64 94.88
N LEU D 834 -17.63 15.02 94.53
CA LEU D 834 -16.78 15.81 95.42
C LEU D 834 -17.43 17.15 95.73
N PHE D 835 -18.10 17.72 94.73
CA PHE D 835 -18.76 19.00 94.95
C PHE D 835 -19.40 18.96 96.33
N TYR D 836 -19.97 17.81 96.68
CA TYR D 836 -20.62 17.60 97.96
C TYR D 836 -19.69 17.73 99.17
N UNK E 1 9.86 -53.61 -16.20
CA UNK E 1 8.84 -52.54 -16.16
C UNK E 1 7.88 -52.64 -14.97
N UNK E 2 7.19 -51.55 -14.62
CA UNK E 2 6.19 -51.55 -13.59
C UNK E 2 4.98 -52.31 -14.11
N UNK E 3 4.18 -52.93 -13.25
CA UNK E 3 3.12 -53.78 -13.71
C UNK E 3 1.90 -53.05 -14.18
N UNK E 4 1.32 -53.55 -15.25
CA UNK E 4 0.16 -52.98 -15.85
C UNK E 4 -1.14 -53.64 -15.51
N UNK E 5 -2.16 -52.86 -15.15
CA UNK E 5 -3.43 -53.39 -14.78
C UNK E 5 -4.48 -53.01 -15.76
N UNK E 6 -5.15 -53.99 -16.34
CA UNK E 6 -6.10 -53.73 -17.36
C UNK E 6 -7.48 -53.81 -16.80
N UNK E 7 -8.35 -52.87 -17.13
CA UNK E 7 -9.72 -53.01 -16.77
C UNK E 7 -10.48 -52.55 -17.96
N UNK E 8 -11.62 -53.15 -18.30
CA UNK E 8 -12.16 -54.34 -17.73
C UNK E 8 -11.27 -55.45 -18.14
N UNK E 9 -11.46 -56.59 -17.55
CA UNK E 9 -10.80 -57.71 -18.09
C UNK E 9 -11.48 -58.12 -19.36
N UNK E 10 -12.78 -58.19 -19.29
CA UNK E 10 -13.58 -58.66 -20.34
C UNK E 10 -14.61 -57.67 -20.59
N UNK E 11 -14.86 -57.31 -21.82
CA UNK E 11 -15.88 -56.34 -22.03
C UNK E 11 -16.91 -56.85 -22.97
N UNK E 12 -18.17 -56.85 -22.58
CA UNK E 12 -19.26 -57.22 -23.44
C UNK E 12 -19.85 -56.01 -24.06
N UNK E 13 -20.03 -55.89 -25.37
CA UNK E 13 -20.41 -54.59 -25.88
C UNK E 13 -21.31 -54.55 -27.08
N UNK E 14 -22.31 -53.68 -27.06
CA UNK E 14 -23.17 -53.52 -28.19
C UNK E 14 -22.49 -53.24 -29.49
N UNK E 15 -22.89 -54.02 -30.50
CA UNK E 15 -22.43 -53.95 -31.85
C UNK E 15 -22.21 -52.56 -32.32
N UNK E 16 -21.10 -52.39 -33.00
CA UNK E 16 -20.69 -51.10 -33.45
C UNK E 16 -20.35 -50.07 -32.44
N UNK E 17 -20.68 -50.19 -31.17
CA UNK E 17 -20.40 -49.14 -30.24
C UNK E 17 -18.97 -48.55 -30.22
N UNK E 18 -18.83 -47.34 -29.69
CA UNK E 18 -17.55 -46.80 -29.36
C UNK E 18 -17.18 -47.37 -28.04
N UNK E 19 -16.05 -48.02 -27.95
CA UNK E 19 -15.65 -48.68 -26.76
C UNK E 19 -14.31 -48.22 -26.33
N UNK E 20 -13.98 -48.32 -25.05
CA UNK E 20 -12.73 -47.91 -24.48
C UNK E 20 -12.18 -48.75 -23.34
N UNK E 21 -11.03 -49.41 -23.49
CA UNK E 21 -10.33 -50.13 -22.45
C UNK E 21 -9.19 -49.37 -21.82
N UNK E 22 -9.05 -49.46 -20.50
CA UNK E 22 -8.14 -48.65 -19.73
C UNK E 22 -7.01 -49.43 -19.16
N UNK E 23 -5.96 -48.73 -18.86
CA UNK E 23 -4.75 -49.29 -18.40
C UNK E 23 -4.31 -48.46 -17.25
N UNK E 24 -4.32 -49.04 -16.06
CA UNK E 24 -3.89 -48.36 -14.88
C UNK E 24 -2.55 -48.91 -14.55
N UNK E 25 -1.62 -48.07 -14.09
CA UNK E 25 -0.26 -48.52 -13.96
C UNK E 25 0.24 -48.72 -12.55
N UNK E 26 1.29 -49.56 -12.33
CA UNK E 26 1.92 -49.74 -11.04
C UNK E 26 2.86 -48.63 -10.59
N UNK E 27 3.49 -47.90 -11.51
CA UNK E 27 4.32 -46.76 -11.21
C UNK E 27 4.42 -45.96 -12.48
N UNK E 28 4.66 -44.65 -12.42
CA UNK E 28 4.68 -43.81 -13.61
C UNK E 28 5.83 -43.94 -14.61
N UNK E 29 5.62 -43.57 -15.88
CA UNK E 29 6.66 -43.61 -16.89
C UNK E 29 6.50 -42.50 -17.85
N UNK E 30 7.53 -42.33 -18.68
CA UNK E 30 7.63 -41.34 -19.72
C UNK E 30 6.48 -41.25 -20.66
N UNK E 31 6.46 -40.18 -21.46
CA UNK E 31 5.36 -39.94 -22.35
C UNK E 31 5.03 -41.02 -23.32
N UNK E 32 6.00 -41.60 -23.98
CA UNK E 32 5.67 -42.58 -24.97
C UNK E 32 5.67 -44.00 -24.45
N UNK E 33 5.83 -44.18 -23.13
CA UNK E 33 6.02 -45.44 -22.44
C UNK E 33 5.17 -46.68 -22.75
N UNK E 34 3.95 -46.48 -23.18
CA UNK E 34 2.95 -47.48 -23.41
C UNK E 34 2.69 -47.98 -24.80
N UNK E 35 2.59 -49.29 -25.04
CA UNK E 35 2.13 -49.71 -26.35
C UNK E 35 0.93 -50.68 -26.22
N UNK E 36 0.10 -50.88 -27.24
CA UNK E 36 -1.03 -51.78 -27.14
C UNK E 36 -0.91 -52.71 -28.28
N UNK E 37 -1.19 -53.99 -28.14
CA UNK E 37 -1.31 -55.00 -29.13
C UNK E 37 -2.65 -55.72 -28.98
N UNK E 38 -3.36 -56.20 -29.99
CA UNK E 38 -4.50 -57.06 -29.82
C UNK E 38 -4.21 -58.39 -30.39
N UNK E 39 -4.58 -59.46 -29.74
CA UNK E 39 -4.36 -60.78 -30.22
C UNK E 39 -5.65 -61.44 -30.17
N UNK E 40 -6.11 -61.77 -31.34
CA UNK E 40 -7.27 -62.56 -31.50
C UNK E 40 -6.81 -63.94 -31.28
N UNK E 41 -7.67 -64.77 -30.69
CA UNK E 41 -7.35 -66.11 -30.34
C UNK E 41 -6.76 -66.88 -31.49
N UNK E 42 -5.80 -67.75 -31.20
CA UNK E 42 -5.14 -68.58 -32.17
C UNK E 42 -4.56 -67.90 -33.36
N UNK E 43 -4.50 -66.61 -33.31
CA UNK E 43 -3.94 -65.86 -34.32
C UNK E 43 -2.94 -65.17 -33.51
N UNK E 44 -1.76 -64.95 -34.06
CA UNK E 44 -0.73 -64.24 -33.36
C UNK E 44 -1.24 -62.94 -32.85
N UNK E 45 -0.63 -62.39 -31.84
CA UNK E 45 -1.02 -61.09 -31.45
C UNK E 45 -0.58 -60.07 -32.46
N UNK E 46 -1.15 -58.88 -32.41
CA UNK E 46 -0.62 -57.82 -33.21
C UNK E 46 -0.49 -56.56 -32.40
N UNK E 47 0.57 -55.83 -32.63
CA UNK E 47 0.83 -54.55 -32.14
C UNK E 47 -0.14 -53.62 -32.68
N UNK E 48 -0.71 -52.81 -31.87
CA UNK E 48 -1.73 -51.95 -32.29
C UNK E 48 -1.35 -50.48 -32.25
N UNK E 49 -0.91 -50.02 -31.11
CA UNK E 49 -0.75 -48.64 -30.92
C UNK E 49 0.52 -48.50 -30.29
N UNK E 50 1.42 -47.91 -31.02
CA UNK E 50 2.75 -47.85 -30.60
C UNK E 50 2.98 -46.59 -29.90
N UNK E 51 3.97 -46.61 -28.99
CA UNK E 51 4.43 -45.47 -28.27
C UNK E 51 3.30 -44.57 -27.91
N UNK E 52 2.30 -45.14 -27.30
CA UNK E 52 1.13 -44.48 -26.86
C UNK E 52 0.35 -43.73 -27.89
N UNK E 53 0.50 -43.98 -29.16
CA UNK E 53 -0.15 -43.08 -30.02
C UNK E 53 -0.17 -43.58 -31.38
N UNK E 54 0.92 -44.04 -31.93
CA UNK E 54 0.82 -44.29 -33.32
C UNK E 54 0.10 -45.54 -33.56
N UNK E 55 -0.94 -45.44 -34.33
CA UNK E 55 -1.66 -46.60 -34.66
C UNK E 55 -0.91 -47.24 -35.73
N UNK E 56 -0.81 -48.53 -35.63
CA UNK E 56 -0.20 -49.29 -36.67
C UNK E 56 -0.72 -49.02 -38.03
N UNK E 57 0.08 -49.34 -39.02
CA UNK E 57 -0.39 -49.27 -40.35
C UNK E 57 -1.44 -50.34 -40.55
N UNK E 58 -2.47 -50.02 -41.33
CA UNK E 58 -3.58 -50.87 -41.71
C UNK E 58 -4.57 -51.11 -40.64
N UNK E 59 -4.39 -50.50 -39.50
CA UNK E 59 -5.23 -50.76 -38.39
C UNK E 59 -6.63 -50.22 -38.47
N UNK E 60 -7.53 -50.65 -37.58
CA UNK E 60 -8.86 -50.11 -37.52
C UNK E 60 -8.76 -48.75 -37.03
N UNK E 61 -9.12 -47.84 -37.89
CA UNK E 61 -9.07 -46.48 -37.59
C UNK E 61 -9.92 -46.19 -36.40
N UNK E 62 -11.04 -46.92 -36.28
CA UNK E 62 -11.94 -46.82 -35.16
C UNK E 62 -11.24 -46.97 -33.88
N UNK E 63 -10.11 -47.60 -33.87
CA UNK E 63 -9.42 -47.62 -32.68
C UNK E 63 -8.49 -46.50 -32.62
N UNK E 64 -8.37 -45.97 -31.41
CA UNK E 64 -7.39 -45.03 -31.02
C UNK E 64 -7.29 -45.02 -29.54
N UNK E 65 -6.17 -44.59 -29.02
CA UNK E 65 -5.86 -44.56 -27.64
C UNK E 65 -5.14 -43.34 -27.22
N UNK E 66 -5.23 -42.96 -25.96
CA UNK E 66 -4.35 -41.97 -25.44
C UNK E 66 -4.10 -42.21 -23.99
N UNK E 67 -3.10 -41.53 -23.45
CA UNK E 67 -2.92 -41.31 -22.04
C UNK E 67 -1.60 -41.62 -21.46
N UNK E 68 -1.50 -41.55 -20.14
CA UNK E 68 -0.22 -41.41 -19.55
C UNK E 68 -0.27 -41.75 -18.13
N UNK E 69 0.93 -41.82 -17.57
CA UNK E 69 1.07 -41.90 -16.16
C UNK E 69 0.43 -43.12 -15.58
N UNK E 70 -0.54 -42.99 -14.67
CA UNK E 70 -1.07 -44.16 -14.03
C UNK E 70 -2.32 -44.63 -14.69
N UNK E 71 -2.74 -43.92 -15.75
CA UNK E 71 -3.95 -44.20 -16.47
C UNK E 71 -3.92 -43.93 -17.95
N UNK E 72 -3.95 -44.93 -18.82
CA UNK E 72 -4.07 -44.64 -20.21
C UNK E 72 -5.19 -45.46 -20.70
N UNK E 73 -5.73 -45.19 -21.88
CA UNK E 73 -6.89 -45.92 -22.32
C UNK E 73 -7.02 -45.91 -23.80
N UNK E 74 -7.36 -47.06 -24.33
CA UNK E 74 -7.61 -47.36 -25.70
C UNK E 74 -9.05 -47.45 -26.05
N UNK E 75 -9.46 -46.82 -27.11
CA UNK E 75 -10.80 -46.76 -27.56
C UNK E 75 -11.03 -47.23 -28.98
N UNK E 76 -12.04 -48.08 -29.23
CA UNK E 76 -12.51 -48.32 -30.58
C UNK E 76 -13.85 -47.66 -30.77
N UNK E 77 -13.90 -46.57 -31.52
CA UNK E 77 -15.03 -45.71 -31.74
C UNK E 77 -16.21 -46.34 -32.28
N UNK E 78 -15.96 -47.39 -32.96
CA UNK E 78 -17.00 -48.06 -33.50
C UNK E 78 -16.43 -49.36 -33.56
N UNK E 79 -17.29 -50.35 -33.58
CA UNK E 79 -16.91 -51.71 -33.46
C UNK E 79 -17.24 -52.59 -34.65
N UNK E 80 -16.20 -53.09 -35.33
CA UNK E 80 -16.35 -54.09 -36.36
C UNK E 80 -16.68 -55.45 -35.82
N UNK E 81 -17.26 -56.32 -36.65
CA UNK E 81 -17.59 -57.66 -36.27
C UNK E 81 -16.39 -58.49 -35.92
N UNK E 82 -15.35 -58.45 -36.74
CA UNK E 82 -14.20 -59.23 -36.43
C UNK E 82 -13.45 -58.69 -35.23
N UNK E 83 -13.97 -57.70 -34.54
CA UNK E 83 -13.23 -57.10 -33.48
C UNK E 83 -13.05 -57.89 -32.20
N UNK E 84 -13.81 -58.94 -31.97
CA UNK E 84 -13.65 -59.66 -30.73
C UNK E 84 -12.26 -60.25 -30.56
N UNK E 85 -11.54 -59.83 -29.53
CA UNK E 85 -10.17 -60.23 -29.39
C UNK E 85 -9.80 -60.19 -27.95
N UNK E 86 -8.59 -60.60 -27.64
CA UNK E 86 -8.08 -60.16 -26.41
C UNK E 86 -7.09 -59.13 -26.80
N UNK E 87 -7.09 -58.06 -26.10
CA UNK E 87 -6.33 -56.92 -26.42
C UNK E 87 -5.40 -56.65 -25.31
N UNK E 88 -4.12 -56.57 -25.57
CA UNK E 88 -3.11 -56.36 -24.58
C UNK E 88 -2.28 -55.07 -24.64
N UNK E 89 -2.17 -54.32 -23.53
CA UNK E 89 -1.19 -53.25 -23.36
C UNK E 89 0.19 -53.76 -22.81
N UNK E 90 1.34 -53.15 -23.16
CA UNK E 90 2.66 -53.57 -22.69
C UNK E 90 3.63 -52.42 -22.52
N UNK E 91 4.33 -52.47 -21.41
CA UNK E 91 5.10 -51.38 -20.95
C UNK E 91 6.52 -51.57 -21.28
N UNK E 92 7.12 -50.49 -21.76
CA UNK E 92 8.52 -50.44 -21.99
C UNK E 92 9.22 -49.38 -21.14
N UNK E 93 8.57 -48.79 -20.12
CA UNK E 93 9.05 -47.66 -19.33
C UNK E 93 10.49 -47.73 -18.95
N UNK E 94 10.84 -48.93 -18.55
CA UNK E 94 12.12 -49.36 -18.19
C UNK E 94 12.11 -50.82 -18.55
N UNK E 95 13.28 -51.41 -18.78
CA UNK E 95 13.42 -52.84 -18.90
C UNK E 95 13.05 -53.55 -17.59
N UNK E 96 12.58 -54.79 -17.57
CA UNK E 96 12.47 -55.65 -18.71
C UNK E 96 11.14 -55.37 -19.23
N UNK E 97 10.93 -55.59 -20.50
CA UNK E 97 9.62 -55.45 -21.01
C UNK E 97 8.62 -56.42 -20.40
N UNK E 98 7.49 -55.87 -19.95
CA UNK E 98 6.38 -56.51 -19.27
C UNK E 98 5.06 -56.13 -19.92
N UNK E 99 4.09 -57.06 -20.00
CA UNK E 99 2.78 -56.80 -20.53
C UNK E 99 1.78 -56.80 -19.45
N UNK E 100 0.62 -56.21 -19.70
CA UNK E 100 -0.52 -56.48 -18.86
C UNK E 100 -1.04 -57.82 -19.36
N UNK E 101 -2.04 -58.40 -18.71
CA UNK E 101 -2.55 -59.67 -19.17
C UNK E 101 -3.30 -59.64 -20.46
N UNK E 102 -4.09 -58.57 -20.63
CA UNK E 102 -4.91 -58.27 -21.75
C UNK E 102 -6.29 -58.10 -21.25
N UNK E 103 -7.17 -57.82 -22.17
CA UNK E 103 -8.54 -57.66 -21.93
C UNK E 103 -9.25 -58.34 -23.03
N UNK E 104 -10.25 -59.15 -22.78
CA UNK E 104 -10.94 -59.86 -23.82
C UNK E 104 -12.28 -59.19 -24.17
N UNK E 105 -12.40 -58.85 -25.43
CA UNK E 105 -13.52 -58.16 -25.96
C UNK E 105 -14.56 -59.08 -26.40
N UNK E 106 -15.77 -58.85 -25.96
CA UNK E 106 -16.92 -59.49 -26.47
C UNK E 106 -17.96 -58.51 -26.88
N UNK E 107 -18.72 -58.84 -27.89
CA UNK E 107 -19.85 -58.08 -28.32
C UNK E 107 -21.01 -58.40 -27.45
N UNK E 108 -21.98 -57.53 -27.35
CA UNK E 108 -23.24 -57.82 -26.78
C UNK E 108 -24.12 -58.23 -27.94
N UNK E 109 -23.77 -59.33 -28.63
CA UNK E 109 -24.53 -59.83 -29.74
C UNK E 109 -25.92 -60.17 -29.37
N UNK E 110 -26.83 -59.90 -30.29
CA UNK E 110 -28.19 -60.35 -30.21
C UNK E 110 -28.37 -61.81 -29.96
N UNK E 111 -29.55 -62.13 -29.44
CA UNK E 111 -29.95 -63.44 -29.10
C UNK E 111 -29.73 -64.46 -30.14
N UNK E 112 -29.08 -65.53 -29.75
CA UNK E 112 -29.00 -66.70 -30.56
C UNK E 112 -28.94 -67.87 -29.63
N UNK E 113 -29.80 -68.86 -29.87
CA UNK E 113 -29.82 -70.11 -29.18
C UNK E 113 -29.20 -71.06 -30.14
N UNK E 114 -28.27 -71.90 -29.70
CA UNK E 114 -27.58 -72.73 -30.65
C UNK E 114 -28.40 -73.71 -31.45
N UNK E 115 -27.88 -73.90 -32.66
CA UNK E 115 -28.24 -74.85 -33.67
C UNK E 115 -27.51 -76.14 -33.53
N UNK E 116 -28.22 -77.21 -33.25
CA UNK E 116 -27.61 -78.45 -32.95
C UNK E 116 -27.42 -79.30 -34.18
N UNK E 117 -26.33 -80.08 -34.30
CA UNK E 117 -26.25 -81.08 -35.34
C UNK E 117 -25.52 -82.29 -34.82
N UNK E 118 -26.09 -83.51 -34.90
CA UNK E 118 -25.40 -84.68 -34.41
C UNK E 118 -24.95 -85.55 -35.51
N UNK E 119 -23.77 -86.08 -35.38
CA UNK E 119 -23.25 -87.02 -36.30
C UNK E 119 -22.83 -88.23 -35.54
N UNK E 120 -23.08 -89.41 -36.12
CA UNK E 120 -22.78 -90.66 -35.52
C UNK E 120 -21.40 -91.18 -35.86
N UNK E 121 -21.02 -92.29 -35.20
CA UNK E 121 -19.75 -92.99 -35.31
C UNK E 121 -19.41 -93.49 -36.68
N UNK E 122 -18.38 -92.94 -37.32
CA UNK E 122 -17.86 -93.48 -38.53
C UNK E 122 -17.56 -94.96 -38.45
N UNK E 123 -17.49 -95.60 -39.61
CA UNK E 123 -17.18 -97.00 -39.70
C UNK E 123 -15.75 -97.21 -39.25
N UNK E 124 -14.88 -96.21 -39.40
CA UNK E 124 -13.55 -96.28 -38.86
C UNK E 124 -13.53 -96.42 -37.40
N UNK E 125 -14.33 -95.61 -36.69
CA UNK E 125 -14.46 -95.70 -35.25
C UNK E 125 -15.04 -97.04 -34.88
N UNK E 126 -16.02 -97.47 -35.67
CA UNK E 126 -16.63 -98.76 -35.50
C UNK E 126 -15.68 -99.97 -35.72
N UNK E 127 -14.74 -99.94 -36.71
CA UNK E 127 -13.80 -101.00 -37.04
C UNK E 127 -12.88 -101.26 -35.86
N UNK E 128 -12.63 -100.19 -35.10
CA UNK E 128 -11.95 -100.20 -33.83
C UNK E 128 -12.77 -100.83 -32.71
N UNK E 129 -14.11 -100.80 -32.86
CA UNK E 129 -15.08 -101.20 -31.88
C UNK E 129 -15.27 -100.02 -30.96
N UNK E 130 -15.36 -98.85 -31.57
CA UNK E 130 -15.59 -97.65 -30.86
C UNK E 130 -16.83 -97.04 -31.37
N UNK E 131 -17.29 -96.03 -30.66
CA UNK E 131 -18.50 -95.35 -31.00
C UNK E 131 -18.49 -93.91 -30.55
N UNK E 132 -18.47 -92.95 -31.45
CA UNK E 132 -18.50 -91.59 -30.99
C UNK E 132 -19.80 -90.98 -31.42
N UNK E 133 -20.62 -90.49 -30.49
CA UNK E 133 -21.79 -89.71 -30.82
C UNK E 133 -21.48 -88.26 -30.67
N UNK E 134 -21.56 -87.55 -31.78
CA UNK E 134 -21.18 -86.19 -31.84
C UNK E 134 -22.36 -85.34 -32.01
N UNK E 135 -22.38 -84.23 -31.33
CA UNK E 135 -23.34 -83.16 -31.42
C UNK E 135 -22.63 -81.81 -31.59
N UNK E 136 -22.92 -80.97 -32.59
CA UNK E 136 -22.39 -79.62 -32.76
C UNK E 136 -23.44 -78.59 -32.37
N UNK E 137 -23.10 -77.49 -31.69
CA UNK E 137 -24.04 -76.49 -31.27
C UNK E 137 -23.49 -75.13 -31.58
N UNK E 138 -23.95 -74.58 -32.66
CA UNK E 138 -23.35 -73.49 -33.36
C UNK E 138 -24.13 -72.25 -33.17
N UNK E 139 -23.45 -71.12 -33.22
CA UNK E 139 -24.11 -69.88 -33.12
C UNK E 139 -25.03 -69.65 -31.94
N UNK E 140 -24.49 -69.37 -30.78
CA UNK E 140 -25.38 -68.97 -29.74
C UNK E 140 -24.82 -67.67 -29.25
N UNK E 141 -25.63 -66.89 -28.55
CA UNK E 141 -25.29 -65.52 -28.24
C UNK E 141 -26.41 -64.95 -27.42
N UNK E 142 -26.35 -64.94 -26.10
CA UNK E 142 -25.23 -65.31 -25.32
C UNK E 142 -24.83 -66.70 -25.57
N UNK E 143 -23.53 -66.95 -25.47
CA UNK E 143 -22.98 -68.20 -25.84
C UNK E 143 -23.49 -69.22 -24.88
N UNK E 144 -23.69 -68.78 -23.61
CA UNK E 144 -24.08 -69.55 -22.44
C UNK E 144 -25.35 -70.38 -22.57
N UNK E 145 -25.34 -71.65 -22.08
CA UNK E 145 -26.49 -72.54 -22.17
C UNK E 145 -26.33 -73.75 -21.25
N UNK E 146 -27.42 -74.47 -20.97
CA UNK E 146 -27.41 -75.64 -20.15
C UNK E 146 -27.93 -76.89 -20.87
N UNK E 147 -27.05 -77.81 -21.28
CA UNK E 147 -27.41 -79.07 -21.93
C UNK E 147 -27.66 -80.19 -20.97
N UNK E 148 -28.37 -81.24 -21.36
CA UNK E 148 -28.39 -82.43 -20.56
C UNK E 148 -28.75 -83.61 -21.39
N UNK E 149 -28.20 -84.77 -21.08
CA UNK E 149 -28.33 -85.99 -21.82
C UNK E 149 -29.05 -87.04 -21.07
N UNK E 150 -29.89 -87.83 -21.77
CA UNK E 150 -30.49 -89.02 -21.27
C UNK E 150 -30.22 -90.17 -22.25
N UNK E 151 -29.59 -91.26 -21.78
CA UNK E 151 -29.38 -92.52 -22.46
C UNK E 151 -30.11 -93.63 -21.76
N UNK E 152 -31.03 -94.31 -22.46
CA UNK E 152 -31.90 -95.35 -21.93
C UNK E 152 -32.50 -94.98 -20.60
N UNK E 153 -33.04 -93.75 -20.56
CA UNK E 153 -33.71 -93.13 -19.44
C UNK E 153 -32.79 -92.75 -18.32
N UNK E 154 -31.50 -92.98 -18.47
CA UNK E 154 -30.57 -92.62 -17.47
C UNK E 154 -29.77 -91.42 -17.93
N UNK E 155 -29.68 -90.37 -17.07
CA UNK E 155 -28.95 -89.15 -17.33
C UNK E 155 -27.49 -89.39 -17.46
N UNK E 156 -26.86 -88.79 -18.47
CA UNK E 156 -25.44 -88.91 -18.70
C UNK E 156 -24.68 -87.58 -18.78
N UNK E 157 -23.52 -87.47 -18.07
CA UNK E 157 -22.67 -86.29 -18.06
C UNK E 157 -21.21 -86.75 -18.08
N UNK E 158 -21.02 -88.07 -18.16
CA UNK E 158 -19.76 -88.77 -18.21
C UNK E 158 -19.69 -89.47 -19.55
N UNK E 159 -18.47 -89.83 -19.98
CA UNK E 159 -18.23 -90.50 -21.24
C UNK E 159 -18.50 -89.58 -22.40
N UNK E 160 -18.73 -88.34 -22.04
CA UNK E 160 -19.06 -87.26 -22.87
C UNK E 160 -18.01 -86.21 -22.68
N UNK E 161 -17.55 -85.65 -23.79
CA UNK E 161 -16.65 -84.55 -23.87
C UNK E 161 -17.36 -83.34 -24.51
N UNK E 162 -17.63 -82.24 -23.80
CA UNK E 162 -18.15 -81.04 -24.42
C UNK E 162 -16.99 -80.12 -24.73
N UNK E 163 -16.98 -79.39 -25.84
CA UNK E 163 -15.85 -78.57 -26.21
C UNK E 163 -16.31 -77.34 -26.88
N UNK E 164 -16.05 -76.19 -26.28
CA UNK E 164 -16.48 -75.01 -26.91
C UNK E 164 -15.45 -74.58 -27.91
N UNK E 165 -15.93 -73.83 -28.89
CA UNK E 165 -15.16 -73.11 -29.86
C UNK E 165 -15.22 -71.65 -29.43
N UNK E 166 -14.28 -70.82 -29.87
CA UNK E 166 -14.25 -69.35 -29.78
C UNK E 166 -15.28 -68.49 -30.58
N UNK E 167 -15.60 -67.22 -30.18
CA UNK E 167 -16.56 -66.36 -30.89
C UNK E 167 -16.44 -66.35 -32.39
N UNK E 168 -17.52 -66.37 -33.14
CA UNK E 168 -17.50 -66.34 -34.56
C UNK E 168 -16.95 -65.06 -35.10
N UNK E 169 -15.81 -65.06 -35.79
CA UNK E 169 -15.24 -63.83 -36.29
C UNK E 169 -16.06 -63.25 -37.38
N UNK E 170 -16.77 -64.14 -38.07
CA UNK E 170 -17.58 -63.79 -39.17
C UNK E 170 -19.01 -63.62 -38.72
N UNK E 171 -19.29 -63.68 -37.41
CA UNK E 171 -20.69 -63.57 -37.08
C UNK E 171 -20.96 -63.23 -35.67
N UNK E 172 -19.95 -63.17 -34.80
CA UNK E 172 -20.11 -62.79 -33.43
C UNK E 172 -21.20 -63.54 -32.69
N UNK E 173 -21.05 -64.84 -32.66
CA UNK E 173 -21.94 -65.71 -31.97
C UNK E 173 -21.01 -66.79 -31.61
N UNK E 174 -21.42 -67.72 -30.80
CA UNK E 174 -20.50 -68.66 -30.26
C UNK E 174 -20.92 -70.05 -30.53
N UNK E 175 -20.01 -71.01 -30.29
CA UNK E 175 -20.25 -72.38 -30.64
C UNK E 175 -19.60 -73.35 -29.70
N UNK E 176 -20.28 -74.47 -29.44
CA UNK E 176 -19.81 -75.59 -28.69
C UNK E 176 -20.06 -76.88 -29.43
N UNK E 177 -19.23 -77.87 -29.20
CA UNK E 177 -19.27 -79.18 -29.75
C UNK E 177 -19.32 -80.19 -28.63
N UNK E 178 -20.36 -81.01 -28.49
CA UNK E 178 -20.42 -82.11 -27.54
C UNK E 178 -20.16 -83.48 -28.18
N UNK E 179 -19.40 -84.35 -27.52
CA UNK E 179 -19.00 -85.60 -28.10
C UNK E 179 -19.04 -86.71 -27.14
N UNK E 180 -20.04 -87.54 -27.17
CA UNK E 180 -19.98 -88.71 -26.36
C UNK E 180 -19.11 -89.79 -27.02
N UNK E 181 -17.99 -90.24 -26.42
CA UNK E 181 -17.11 -91.26 -27.02
C UNK E 181 -16.94 -92.51 -26.21
N UNK E 182 -17.29 -93.69 -26.79
CA UNK E 182 -17.13 -94.97 -26.13
C UNK E 182 -16.38 -96.06 -26.87
N UNK E 183 -16.13 -97.14 -26.13
CA UNK E 183 -15.88 -98.37 -26.79
C UNK E 183 -17.19 -99.07 -26.98
N UNK E 184 -17.26 -99.97 -27.96
CA UNK E 184 -18.42 -100.72 -28.37
C UNK E 184 -19.17 -101.43 -27.26
N UNK E 185 -18.50 -101.79 -26.17
CA UNK E 185 -19.09 -102.49 -25.06
C UNK E 185 -20.18 -101.67 -24.41
N UNK E 186 -19.81 -100.59 -23.73
CA UNK E 186 -20.77 -99.78 -23.02
C UNK E 186 -21.80 -99.21 -23.92
N UNK E 187 -21.47 -99.11 -25.19
CA UNK E 187 -22.42 -98.61 -26.16
C UNK E 187 -23.62 -99.45 -26.48
N UNK E 188 -23.47 -100.76 -26.48
CA UNK E 188 -24.49 -101.65 -27.01
C UNK E 188 -25.47 -101.96 -25.93
N UNK E 189 -25.03 -101.54 -24.75
CA UNK E 189 -25.74 -101.60 -23.56
C UNK E 189 -26.89 -100.62 -23.55
N UNK E 190 -27.04 -99.69 -24.52
CA UNK E 190 -28.25 -98.85 -24.50
C UNK E 190 -28.75 -98.44 -25.86
N UNK E 191 -30.06 -98.46 -26.10
CA UNK E 191 -30.51 -98.13 -27.41
C UNK E 191 -30.74 -96.69 -27.48
N UNK E 192 -31.67 -96.11 -26.75
CA UNK E 192 -32.01 -94.74 -26.99
C UNK E 192 -31.19 -93.76 -26.23
N UNK E 193 -30.55 -92.86 -26.94
CA UNK E 193 -29.76 -91.84 -26.35
C UNK E 193 -30.17 -90.49 -26.87
N UNK E 194 -30.32 -89.53 -25.97
CA UNK E 194 -30.83 -88.25 -26.32
C UNK E 194 -30.08 -87.18 -25.53
N UNK E 195 -29.78 -86.01 -26.15
CA UNK E 195 -29.29 -84.88 -25.41
C UNK E 195 -30.10 -83.66 -25.79
N UNK E 196 -30.55 -82.85 -24.79
CA UNK E 196 -31.24 -81.61 -25.04
C UNK E 196 -30.66 -80.36 -24.34
N UNK E 197 -30.81 -79.25 -25.05
CA UNK E 197 -30.19 -77.97 -24.87
C UNK E 197 -31.02 -76.83 -24.38
N UNK E 198 -30.86 -76.31 -23.15
CA UNK E 198 -31.42 -74.99 -22.86
C UNK E 198 -30.49 -73.79 -23.13
N UNK E 199 -30.71 -73.00 -24.21
CA UNK E 199 -29.99 -71.79 -24.56
C UNK E 199 -30.11 -70.68 -23.52
N UNK E 200 -29.31 -69.61 -23.63
CA UNK E 200 -29.20 -68.53 -22.64
C UNK E 200 -30.52 -67.92 -22.26
N UNK E 201 -31.38 -67.72 -23.24
CA UNK E 201 -32.68 -67.18 -22.98
C UNK E 201 -33.71 -68.24 -23.13
N UNK E 202 -33.34 -69.52 -23.26
CA UNK E 202 -34.31 -70.56 -23.48
C UNK E 202 -35.20 -70.86 -22.29
N UNK E 203 -36.45 -71.30 -22.56
CA UNK E 203 -37.42 -71.80 -21.58
C UNK E 203 -37.85 -73.25 -21.91
N UNK E 204 -37.07 -73.93 -22.76
CA UNK E 204 -37.32 -75.26 -23.25
C UNK E 204 -36.02 -75.77 -23.75
N UNK E 205 -35.90 -77.09 -23.87
CA UNK E 205 -34.70 -77.70 -24.31
C UNK E 205 -34.87 -78.35 -25.66
N UNK E 206 -33.94 -78.00 -26.53
CA UNK E 206 -33.93 -78.46 -27.86
C UNK E 206 -33.27 -79.79 -27.86
N UNK E 207 -34.01 -80.82 -28.22
CA UNK E 207 -33.52 -82.15 -28.08
C UNK E 207 -33.03 -82.70 -29.38
N UNK E 208 -31.89 -83.38 -29.37
CA UNK E 208 -31.38 -84.05 -30.53
C UNK E 208 -30.96 -85.41 -30.08
N UNK E 209 -31.55 -86.39 -30.73
CA UNK E 209 -31.47 -87.73 -30.29
C UNK E 209 -31.13 -88.62 -31.41
N UNK E 210 -30.70 -89.81 -31.00
CA UNK E 210 -30.49 -90.90 -31.89
C UNK E 210 -30.77 -92.15 -31.10
N UNK E 211 -31.06 -93.26 -31.76
CA UNK E 211 -31.12 -94.51 -31.04
C UNK E 211 -30.02 -95.34 -31.62
N UNK E 212 -29.47 -96.20 -30.78
CA UNK E 212 -28.39 -97.09 -30.99
C UNK E 212 -28.94 -98.47 -30.95
N UNK E 213 -30.26 -98.57 -31.02
CA UNK E 213 -30.92 -99.81 -31.22
C UNK E 213 -30.46 -100.46 -32.50
N UNK E 214 -30.33 -99.71 -33.61
CA UNK E 214 -29.84 -100.27 -34.85
C UNK E 214 -29.00 -99.29 -35.68
N UNK F 1 6.96 -59.01 -47.25
CA UNK F 1 7.30 -58.37 -45.96
C UNK F 1 8.02 -59.23 -44.98
N UNK F 2 8.28 -58.61 -43.81
CA UNK F 2 8.93 -59.24 -42.74
C UNK F 2 8.13 -60.40 -42.32
N UNK F 3 8.82 -61.50 -42.12
CA UNK F 3 8.17 -62.72 -41.93
C UNK F 3 9.02 -63.46 -40.97
N UNK F 4 8.40 -64.05 -39.97
CA UNK F 4 9.06 -64.77 -38.96
C UNK F 4 8.39 -66.11 -38.83
N UNK F 5 9.13 -67.22 -38.81
CA UNK F 5 8.53 -68.52 -38.68
C UNK F 5 9.29 -69.26 -37.65
N UNK F 6 8.63 -69.57 -36.52
CA UNK F 6 9.29 -70.22 -35.44
C UNK F 6 9.37 -71.67 -35.74
N UNK F 7 10.56 -72.21 -35.55
CA UNK F 7 10.80 -73.60 -35.81
C UNK F 7 11.60 -74.26 -34.67
N UNK F 8 11.73 -75.62 -34.69
CA UNK F 8 12.35 -76.50 -33.69
C UNK F 8 11.51 -76.72 -32.41
N UNK F 9 10.19 -76.85 -32.56
CA UNK F 9 9.29 -77.11 -31.46
C UNK F 9 8.78 -78.54 -31.62
N UNK F 10 8.95 -79.34 -30.58
CA UNK F 10 8.55 -80.75 -30.61
C UNK F 10 8.29 -81.27 -29.20
N UNK F 11 7.73 -82.49 -29.11
CA UNK F 11 7.45 -83.08 -27.80
C UNK F 11 8.78 -83.19 -27.06
N UNK F 12 8.76 -82.82 -25.78
CA UNK F 12 9.96 -82.80 -24.98
C UNK F 12 9.75 -83.51 -23.65
N UNK F 13 10.75 -84.29 -23.16
CA UNK F 13 10.85 -84.88 -21.83
C UNK F 13 11.00 -83.83 -20.74
N UNK F 14 10.38 -84.05 -19.57
CA UNK F 14 10.57 -83.15 -18.47
C UNK F 14 12.01 -83.07 -18.05
N UNK F 15 12.38 -81.90 -17.52
CA UNK F 15 13.71 -81.66 -17.09
C UNK F 15 14.70 -81.71 -18.22
N UNK F 16 14.39 -81.05 -19.34
CA UNK F 16 15.22 -80.97 -20.51
C UNK F 16 15.53 -79.53 -20.94
N UNK F 17 16.52 -79.34 -21.82
CA UNK F 17 16.94 -78.05 -22.26
C UNK F 17 16.83 -78.05 -23.74
N UNK F 18 16.33 -77.00 -24.37
CA UNK F 18 16.23 -77.08 -25.79
C UNK F 18 16.39 -75.75 -26.40
N UNK F 19 16.90 -75.75 -27.65
CA UNK F 19 17.27 -74.56 -28.35
C UNK F 19 16.44 -74.37 -29.54
N UNK F 20 15.68 -73.30 -29.44
CA UNK F 20 14.69 -72.91 -30.35
C UNK F 20 15.33 -72.15 -31.41
N UNK F 21 14.70 -72.16 -32.58
CA UNK F 21 15.23 -71.47 -33.70
C UNK F 21 14.14 -70.68 -34.35
N UNK F 22 14.50 -69.62 -35.06
CA UNK F 22 13.48 -68.80 -35.67
C UNK F 22 13.99 -68.35 -36.98
N UNK F 23 13.29 -68.77 -38.04
CA UNK F 23 13.74 -68.51 -39.37
C UNK F 23 13.23 -67.15 -39.71
N UNK F 24 14.14 -66.24 -40.07
CA UNK F 24 13.82 -64.85 -40.30
C UNK F 24 13.82 -64.45 -41.74
N UNK F 25 12.93 -63.54 -42.15
CA UNK F 25 12.96 -63.08 -43.51
C UNK F 25 12.41 -61.67 -43.72
N UNK F 26 13.26 -60.88 -44.44
CA UNK F 26 13.13 -59.52 -44.99
C UNK F 26 13.33 -58.35 -44.03
N UNK F 27 14.37 -58.40 -43.21
CA UNK F 27 14.63 -57.32 -42.30
C UNK F 27 16.07 -57.17 -42.29
N UNK F 28 16.56 -56.11 -41.69
CA UNK F 28 17.96 -55.94 -41.52
C UNK F 28 18.31 -56.58 -40.23
N UNK F 29 18.79 -57.82 -40.27
CA UNK F 29 19.05 -58.65 -39.12
C UNK F 29 19.98 -58.06 -38.10
N UNK F 30 20.89 -57.20 -38.55
CA UNK F 30 21.81 -56.62 -37.63
C UNK F 30 21.21 -55.37 -37.12
N UNK F 31 20.09 -54.95 -37.66
CA UNK F 31 19.49 -53.75 -37.21
C UNK F 31 18.44 -54.03 -36.17
N UNK F 32 17.53 -54.95 -36.45
CA UNK F 32 16.48 -55.29 -35.53
C UNK F 32 17.03 -56.02 -34.32
N UNK F 33 16.24 -56.15 -33.26
CA UNK F 33 16.56 -56.98 -32.12
C UNK F 33 15.58 -58.10 -32.10
N UNK F 34 15.97 -59.22 -31.46
CA UNK F 34 15.15 -60.40 -31.29
C UNK F 34 14.47 -60.49 -29.96
N UNK F 35 13.38 -61.28 -29.87
CA UNK F 35 12.78 -61.52 -28.60
C UNK F 35 12.06 -62.85 -28.45
N UNK F 36 12.19 -63.44 -27.29
CA UNK F 36 11.49 -64.63 -26.99
C UNK F 36 10.36 -64.27 -26.17
N UNK F 37 9.17 -64.64 -26.55
CA UNK F 37 8.02 -64.48 -25.74
C UNK F 37 7.26 -65.75 -25.64
N UNK F 38 7.00 -66.23 -24.47
CA UNK F 38 6.27 -67.43 -24.33
C UNK F 38 4.87 -67.10 -24.11
N UNK F 39 4.01 -68.01 -24.45
CA UNK F 39 2.64 -67.83 -24.20
C UNK F 39 2.16 -69.09 -23.58
N UNK F 40 1.80 -68.96 -22.30
CA UNK F 40 1.17 -69.94 -21.47
C UNK F 40 -0.21 -70.36 -21.92
N UNK F 41 -0.65 -71.56 -21.56
CA UNK F 41 -1.97 -72.11 -21.82
C UNK F 41 -3.06 -71.48 -21.01
N UNK F 42 -2.72 -70.93 -19.85
CA UNK F 42 -3.55 -70.03 -19.09
C UNK F 42 -3.59 -68.69 -19.71
N UNK F 43 -3.40 -68.71 -21.03
CA UNK F 43 -3.49 -67.66 -21.95
C UNK F 43 -2.71 -66.53 -21.42
N UNK F 44 -1.50 -66.85 -21.01
CA UNK F 44 -0.78 -65.84 -20.37
C UNK F 44 0.45 -65.62 -21.18
N UNK F 45 0.62 -64.38 -21.59
CA UNK F 45 1.73 -63.97 -22.38
C UNK F 45 2.91 -63.61 -21.51
N UNK F 46 4.10 -64.03 -21.92
CA UNK F 46 5.27 -63.61 -21.31
C UNK F 46 6.32 -63.42 -22.31
N UNK F 47 6.66 -62.18 -22.43
CA UNK F 47 7.84 -61.78 -23.07
C UNK F 47 8.93 -62.19 -22.23
N UNK F 48 9.90 -62.77 -22.80
CA UNK F 48 10.92 -63.18 -21.99
C UNK F 48 11.97 -62.15 -22.12
N UNK F 49 12.36 -61.93 -23.36
CA UNK F 49 13.66 -61.42 -23.52
C UNK F 49 13.82 -60.74 -24.77
N UNK F 50 14.77 -59.84 -24.76
CA UNK F 50 15.14 -59.20 -25.97
C UNK F 50 16.61 -59.28 -26.13
N UNK F 51 17.13 -59.55 -27.35
CA UNK F 51 18.57 -59.61 -27.63
C UNK F 51 19.06 -58.88 -28.90
N UNK F 52 20.16 -58.10 -28.86
CA UNK F 52 20.68 -57.31 -29.94
C UNK F 52 21.59 -58.16 -30.76
N UNK F 53 21.34 -58.33 -32.07
CA UNK F 53 22.12 -59.18 -32.93
C UNK F 53 23.50 -58.66 -33.02
N UNK F 54 23.61 -57.38 -33.30
CA UNK F 54 24.88 -56.72 -33.24
C UNK F 54 25.37 -56.73 -31.85
N UNK F 55 26.61 -57.14 -31.68
CA UNK F 55 27.18 -57.25 -30.39
C UNK F 55 26.46 -58.22 -29.46
N UNK F 56 25.57 -59.06 -30.01
CA UNK F 56 24.87 -60.07 -29.28
C UNK F 56 24.38 -59.65 -27.94
N UNK F 57 23.82 -58.45 -27.79
CA UNK F 57 23.52 -58.08 -26.46
C UNK F 57 22.23 -58.67 -26.08
N UNK F 58 22.26 -59.66 -25.22
CA UNK F 58 21.07 -60.35 -24.90
C UNK F 58 20.74 -60.15 -23.49
N UNK F 59 19.49 -59.83 -23.23
CA UNK F 59 19.03 -59.59 -21.90
C UNK F 59 17.73 -60.28 -21.57
N UNK F 60 17.65 -60.81 -20.33
CA UNK F 60 16.48 -61.52 -19.90
C UNK F 60 15.84 -60.99 -18.58
N UNK F 61 14.49 -61.22 -18.50
CA UNK F 61 13.56 -60.97 -17.41
C UNK F 61 13.63 -61.94 -16.25
N UNK F 62 13.33 -61.51 -15.03
CA UNK F 62 13.53 -62.24 -13.82
C UNK F 62 13.35 -63.72 -13.88
N UNK F 63 12.13 -64.18 -14.09
CA UNK F 63 11.87 -65.58 -14.09
C UNK F 63 12.68 -66.36 -15.06
N UNK F 64 12.70 -65.85 -16.28
CA UNK F 64 13.38 -66.53 -17.39
C UNK F 64 14.84 -66.22 -17.70
N UNK F 65 15.46 -65.29 -16.98
CA UNK F 65 16.84 -64.95 -17.29
C UNK F 65 17.79 -66.14 -17.11
N UNK F 66 17.65 -66.86 -15.99
CA UNK F 66 18.50 -68.02 -15.74
C UNK F 66 18.28 -69.21 -16.65
N UNK F 67 17.00 -69.52 -16.90
CA UNK F 67 16.61 -70.66 -17.73
C UNK F 67 16.97 -70.59 -19.22
N UNK F 68 16.81 -69.42 -19.81
CA UNK F 68 17.06 -69.23 -21.19
C UNK F 68 18.28 -68.40 -21.52
N UNK F 69 18.74 -68.67 -22.74
CA UNK F 69 19.88 -68.12 -23.42
C UNK F 69 19.62 -67.85 -24.90
N UNK F 70 19.59 -66.59 -25.32
CA UNK F 70 19.35 -66.31 -26.70
C UNK F 70 20.57 -66.35 -27.52
N UNK F 71 20.48 -66.77 -28.74
CA UNK F 71 21.63 -66.89 -29.55
C UNK F 71 21.23 -66.53 -30.93
N UNK F 72 22.16 -66.07 -31.74
CA UNK F 72 21.84 -65.65 -33.08
C UNK F 72 22.85 -66.11 -34.05
N UNK F 73 22.44 -66.43 -35.26
CA UNK F 73 23.29 -66.76 -36.35
C UNK F 73 22.81 -65.97 -37.51
N UNK F 74 23.42 -64.81 -37.67
CA UNK F 74 23.06 -63.83 -38.64
C UNK F 74 23.29 -64.29 -40.06
N UNK F 75 24.47 -64.82 -40.38
CA UNK F 75 24.77 -65.32 -41.70
C UNK F 75 24.03 -66.57 -42.07
N UNK F 76 23.36 -67.16 -41.08
CA UNK F 76 22.51 -68.27 -41.33
C UNK F 76 21.05 -67.83 -41.25
N UNK F 77 20.75 -66.54 -40.95
CA UNK F 77 19.39 -66.03 -40.86
C UNK F 77 18.59 -66.81 -39.82
N UNK F 78 19.31 -67.30 -38.80
CA UNK F 78 18.83 -68.22 -37.84
C UNK F 78 19.20 -67.76 -36.48
N UNK F 79 18.24 -67.59 -35.63
CA UNK F 79 18.46 -67.40 -34.22
C UNK F 79 18.42 -68.66 -33.43
N UNK F 80 19.31 -68.95 -32.47
CA UNK F 80 19.07 -70.15 -31.71
C UNK F 80 18.76 -69.69 -30.31
N UNK F 81 18.11 -70.50 -29.51
CA UNK F 81 17.68 -70.00 -28.26
C UNK F 81 17.49 -71.10 -27.30
N UNK F 82 18.48 -71.36 -26.45
CA UNK F 82 18.50 -72.45 -25.52
C UNK F 82 17.87 -72.16 -24.22
N UNK F 83 16.99 -73.05 -23.83
CA UNK F 83 16.23 -72.95 -22.65
C UNK F 83 16.61 -74.10 -21.83
N UNK F 84 16.65 -73.88 -20.53
CA UNK F 84 17.13 -74.83 -19.61
C UNK F 84 16.20 -74.96 -18.48
N UNK F 85 16.18 -76.19 -17.96
CA UNK F 85 15.46 -76.65 -16.81
C UNK F 85 14.02 -77.14 -17.05
N UNK F 86 13.66 -77.74 -18.21
CA UNK F 86 12.28 -78.04 -18.52
C UNK F 86 11.44 -78.67 -17.47
N UNK F 87 10.17 -78.37 -17.55
CA UNK F 87 9.25 -78.95 -16.66
C UNK F 87 7.92 -78.78 -17.25
N UNK F 88 7.01 -79.65 -16.84
CA UNK F 88 5.65 -79.58 -17.25
C UNK F 88 5.03 -78.27 -16.79
N UNK F 89 5.38 -77.80 -15.58
CA UNK F 89 4.94 -76.53 -15.08
C UNK F 89 5.42 -75.35 -15.89
N UNK F 90 6.27 -75.59 -16.89
CA UNK F 90 6.68 -74.55 -17.75
C UNK F 90 6.32 -74.66 -19.24
N UNK F 91 5.72 -75.72 -19.82
CA UNK F 91 5.48 -75.80 -21.28
C UNK F 91 4.75 -74.64 -22.04
N UNK F 92 5.04 -74.32 -23.33
CA UNK F 92 4.39 -73.15 -23.91
C UNK F 92 4.48 -73.00 -25.38
N UNK F 93 3.66 -72.07 -25.82
CA UNK F 93 3.71 -71.54 -27.12
C UNK F 93 4.69 -70.44 -27.19
N UNK F 94 5.77 -70.74 -27.80
CA UNK F 94 6.82 -69.82 -27.88
C UNK F 94 6.72 -68.94 -29.03
N UNK F 95 6.50 -67.66 -28.85
CA UNK F 95 6.53 -66.81 -29.97
C UNK F 95 7.86 -66.12 -30.13
N UNK F 96 8.29 -66.10 -31.40
CA UNK F 96 9.47 -65.46 -31.93
C UNK F 96 9.22 -64.10 -32.59
N UNK F 97 9.73 -62.94 -32.07
CA UNK F 97 9.52 -61.62 -32.71
C UNK F 97 10.72 -60.76 -33.04
N UNK F 98 10.59 -59.97 -34.12
CA UNK F 98 11.63 -59.06 -34.53
C UNK F 98 11.14 -57.70 -34.21
N UNK F 99 12.09 -56.94 -33.77
CA UNK F 99 11.75 -55.79 -33.11
C UNK F 99 12.69 -54.85 -33.62
N UNK F 100 12.22 -53.77 -34.16
CA UNK F 100 13.18 -52.75 -34.39
C UNK F 100 13.17 -51.92 -33.15
N UNK F 101 12.19 -52.12 -32.28
CA UNK F 101 12.15 -51.37 -31.09
C UNK F 101 11.57 -52.25 -30.14
N UNK F 102 11.84 -51.98 -28.89
CA UNK F 102 11.42 -52.80 -27.83
C UNK F 102 9.99 -52.80 -27.67
N UNK F 103 9.32 -51.67 -27.97
CA UNK F 103 7.93 -51.45 -27.70
C UNK F 103 7.11 -52.53 -28.28
N UNK F 104 6.86 -53.53 -27.44
CA UNK F 104 6.30 -54.79 -27.76
C UNK F 104 6.96 -55.48 -28.92
N UNK F 105 8.10 -55.02 -29.44
CA UNK F 105 8.69 -55.61 -30.58
C UNK F 105 7.76 -55.70 -31.76
N UNK F 106 7.40 -56.93 -32.10
CA UNK F 106 6.52 -57.37 -33.13
C UNK F 106 6.40 -56.57 -34.36
N UNK F 107 7.50 -56.35 -35.05
CA UNK F 107 7.51 -55.71 -36.35
C UNK F 107 6.77 -56.59 -37.31
N UNK F 108 7.05 -57.84 -37.08
CA UNK F 108 6.38 -58.97 -37.55
C UNK F 108 6.60 -59.82 -36.34
N UNK F 109 5.60 -60.45 -35.79
CA UNK F 109 5.89 -61.33 -34.71
C UNK F 109 5.47 -62.59 -35.34
N UNK F 110 6.23 -63.68 -35.17
CA UNK F 110 5.90 -64.95 -35.75
C UNK F 110 4.71 -65.53 -35.07
N UNK F 111 4.03 -66.46 -35.73
CA UNK F 111 2.98 -67.15 -35.06
C UNK F 111 3.49 -68.25 -34.17
N UNK F 112 4.64 -68.06 -33.49
CA UNK F 112 5.16 -68.98 -32.51
C UNK F 112 5.44 -70.38 -32.94
N UNK F 113 5.96 -71.17 -32.00
CA UNK F 113 6.05 -72.58 -32.08
C UNK F 113 5.69 -73.19 -30.73
N UNK F 114 5.03 -74.33 -30.75
CA UNK F 114 4.52 -74.94 -29.57
C UNK F 114 5.47 -75.92 -29.05
N UNK F 115 5.73 -75.73 -27.80
CA UNK F 115 6.54 -76.57 -27.05
C UNK F 115 5.76 -77.20 -25.99
N UNK F 116 5.90 -78.50 -25.93
CA UNK F 116 5.32 -79.31 -24.92
C UNK F 116 6.41 -80.04 -24.12
N UNK F 117 6.44 -79.86 -22.79
CA UNK F 117 7.34 -80.54 -21.88
C UNK F 117 6.58 -81.56 -21.06
N UNK F 118 6.72 -82.86 -21.38
CA UNK F 118 5.99 -83.92 -20.76
C UNK F 118 6.74 -85.23 -20.89
N UNK F 119 6.34 -86.20 -20.08
CA UNK F 119 6.87 -87.55 -20.16
C UNK F 119 6.49 -88.29 -21.45
N UNK F 120 5.26 -88.10 -21.91
CA UNK F 120 4.66 -88.78 -23.08
C UNK F 120 5.12 -88.50 -24.52
N UNK F 121 4.91 -89.52 -25.38
CA UNK F 121 5.23 -89.52 -26.82
C UNK F 121 4.20 -88.78 -27.71
N UNK F 122 4.57 -88.53 -28.97
CA UNK F 122 3.70 -87.80 -29.91
C UNK F 122 3.01 -88.75 -30.86
N UNK F 123 1.71 -88.57 -31.04
CA UNK F 123 0.96 -89.49 -31.84
C UNK F 123 0.18 -88.80 -32.88
N UNK F 124 -0.03 -89.56 -33.96
CA UNK F 124 -0.89 -89.23 -35.04
C UNK F 124 -2.28 -89.04 -34.52
N UNK F 125 -3.09 -88.27 -35.20
CA UNK F 125 -4.46 -88.26 -34.81
C UNK F 125 -5.21 -89.34 -35.55
N UNK F 126 -6.10 -90.07 -34.86
CA UNK F 126 -7.04 -90.98 -35.48
C UNK F 126 -8.27 -90.23 -35.95
N UNK F 127 -8.55 -90.24 -37.25
CA UNK F 127 -9.67 -89.53 -37.72
C UNK F 127 -10.93 -90.36 -37.58
N UNK F 128 -12.04 -89.73 -37.23
CA UNK F 128 -13.33 -90.36 -37.26
C UNK F 128 -14.22 -89.27 -37.80
N UNK F 129 -14.71 -89.39 -39.04
CA UNK F 129 -15.54 -88.37 -39.65
C UNK F 129 -16.83 -88.93 -40.19
N UNK F 130 -17.94 -88.18 -40.14
CA UNK F 130 -19.21 -88.68 -40.63
C UNK F 130 -20.15 -87.56 -40.99
N UNK F 131 -21.16 -87.85 -41.83
CA UNK F 131 -22.20 -86.88 -42.09
C UNK F 131 -23.28 -86.93 -41.02
N UNK F 132 -23.88 -85.77 -40.66
CA UNK F 132 -25.09 -85.76 -39.87
C UNK F 132 -26.24 -86.19 -40.80
N UNK F 133 -27.34 -86.79 -40.32
CA UNK F 133 -27.69 -87.14 -38.96
C UNK F 133 -27.54 -88.61 -38.48
N UNK F 134 -27.49 -88.79 -37.13
CA UNK F 134 -27.38 -90.02 -36.41
C UNK F 134 -28.71 -90.85 -36.31
N UNK F 135 -31.59 -81.36 -46.75
CA UNK F 135 -31.95 -79.99 -46.31
C UNK F 135 -31.20 -78.94 -47.08
N UNK F 136 -31.34 -77.66 -46.64
CA UNK F 136 -30.76 -76.48 -47.24
C UNK F 136 -29.29 -76.55 -47.17
N UNK F 137 -28.83 -77.02 -46.05
CA UNK F 137 -27.44 -77.21 -45.87
C UNK F 137 -27.27 -78.59 -45.41
N UNK F 138 -26.10 -79.17 -45.69
CA UNK F 138 -25.77 -80.44 -45.15
C UNK F 138 -24.57 -80.18 -44.29
N UNK F 139 -24.58 -80.78 -43.11
CA UNK F 139 -23.60 -80.55 -42.06
C UNK F 139 -22.80 -81.79 -41.71
N UNK F 140 -21.47 -81.72 -41.87
CA UNK F 140 -20.58 -82.82 -41.55
C UNK F 140 -19.71 -82.56 -40.32
N UNK F 141 -19.07 -83.64 -39.75
CA UNK F 141 -18.10 -83.44 -38.67
C UNK F 141 -16.91 -84.42 -38.62
N UNK F 142 -15.89 -84.06 -37.80
CA UNK F 142 -14.64 -84.75 -37.65
C UNK F 142 -13.99 -84.71 -36.29
N UNK F 143 -13.69 -85.90 -35.75
CA UNK F 143 -13.02 -86.13 -34.50
C UNK F 143 -11.63 -86.71 -34.71
N UNK F 144 -10.61 -85.92 -34.35
CA UNK F 144 -9.21 -86.26 -34.46
C UNK F 144 -8.74 -86.67 -33.11
N UNK F 145 -8.56 -87.96 -32.97
CA UNK F 145 -8.50 -88.55 -31.68
C UNK F 145 -7.17 -89.17 -31.36
N UNK F 146 -6.76 -89.11 -30.10
CA UNK F 146 -5.64 -89.84 -29.56
C UNK F 146 -4.39 -89.46 -30.28
N UNK F 147 -4.07 -88.16 -30.22
CA UNK F 147 -2.84 -87.63 -30.79
C UNK F 147 -2.03 -86.97 -29.67
N UNK F 148 -0.77 -87.39 -29.50
CA UNK F 148 0.10 -86.84 -28.46
C UNK F 148 0.87 -85.58 -28.89
N UNK F 149 0.15 -84.46 -28.97
CA UNK F 149 0.19 -83.30 -28.07
C UNK F 149 -0.45 -82.22 -28.93
N UNK F 150 0.26 -81.84 -29.99
CA UNK F 150 -0.27 -80.95 -30.93
C UNK F 150 0.40 -81.59 -32.14
N UNK F 151 0.07 -81.23 -33.39
CA UNK F 151 -0.84 -80.18 -33.79
C UNK F 151 -1.53 -80.72 -34.96
N UNK F 152 -2.81 -80.54 -34.89
CA UNK F 152 -3.64 -80.95 -35.94
C UNK F 152 -4.03 -79.80 -36.80
N UNK F 153 -3.82 -79.88 -38.08
CA UNK F 153 -4.35 -78.91 -38.99
C UNK F 153 -5.56 -79.52 -39.68
N UNK F 154 -6.77 -78.97 -39.53
CA UNK F 154 -7.97 -79.47 -40.20
C UNK F 154 -8.53 -78.40 -41.16
N UNK F 155 -8.65 -78.70 -42.46
CA UNK F 155 -9.14 -77.84 -43.47
C UNK F 155 -10.23 -78.49 -44.21
N UNK F 156 -10.98 -77.69 -44.90
CA UNK F 156 -12.12 -78.13 -45.60
C UNK F 156 -11.86 -78.03 -47.06
N UNK F 157 -12.37 -79.01 -47.83
CA UNK F 157 -12.20 -79.11 -49.27
C UNK F 157 -10.78 -78.92 -49.71
N UNK F 158 -9.88 -79.78 -49.15
CA UNK F 158 -8.46 -79.70 -49.37
C UNK F 158 -7.81 -78.40 -48.90
N UNK F 159 -8.51 -77.62 -48.09
CA UNK F 159 -8.08 -76.34 -47.61
C UNK F 159 -8.54 -75.22 -48.50
N UNK F 160 -9.55 -75.43 -49.34
CA UNK F 160 -10.06 -74.34 -50.15
C UNK F 160 -11.39 -73.82 -49.67
N UNK F 161 -12.12 -74.53 -48.81
CA UNK F 161 -13.35 -73.98 -48.30
C UNK F 161 -13.13 -73.18 -47.03
N UNK F 162 -13.89 -72.10 -46.80
CA UNK F 162 -13.65 -71.25 -45.64
C UNK F 162 -14.91 -70.66 -45.00
N UNK F 163 -16.08 -71.09 -45.45
CA UNK F 163 -17.33 -70.67 -44.89
C UNK F 163 -17.93 -71.82 -44.13
N UNK F 164 -18.38 -71.55 -42.89
CA UNK F 164 -19.07 -72.51 -42.07
C UNK F 164 -18.30 -73.69 -41.55
N UNK F 165 -17.11 -73.41 -41.05
CA UNK F 165 -16.33 -74.38 -40.37
C UNK F 165 -16.32 -73.89 -38.95
N UNK F 166 -16.69 -74.71 -37.99
CA UNK F 166 -16.64 -74.32 -36.62
C UNK F 166 -15.79 -75.34 -35.97
N UNK F 167 -14.55 -74.96 -35.68
CA UNK F 167 -13.60 -75.86 -35.12
C UNK F 167 -13.63 -75.68 -33.66
N UNK F 168 -13.93 -76.76 -32.99
CA UNK F 168 -14.02 -76.80 -31.58
C UNK F 168 -12.65 -77.08 -31.08
N UNK F 169 -12.25 -76.36 -30.03
CA UNK F 169 -10.95 -76.49 -29.44
C UNK F 169 -10.72 -77.89 -28.92
N UNK F 170 -9.51 -78.44 -29.02
CA UNK F 170 -9.11 -79.75 -28.56
C UNK F 170 -9.05 -79.99 -27.04
N UNK F 171 -9.19 -81.21 -26.53
CA UNK F 171 -9.01 -81.48 -25.15
C UNK F 171 -8.09 -82.63 -24.95
N UNK F 172 -6.99 -82.40 -24.19
CA UNK F 172 -6.08 -83.45 -23.82
C UNK F 172 -6.77 -84.22 -22.76
N UNK F 173 -6.71 -85.51 -22.91
CA UNK F 173 -7.28 -86.32 -21.93
C UNK F 173 -6.27 -87.38 -21.82
N UNK F 174 -5.64 -87.41 -20.63
CA UNK F 174 -4.58 -88.27 -20.20
C UNK F 174 -3.76 -88.77 -21.37
N UNK F 175 -3.05 -87.85 -22.03
CA UNK F 175 -2.23 -88.24 -23.14
C UNK F 175 -2.92 -88.84 -24.31
N UNK F 176 -4.08 -88.35 -24.58
CA UNK F 176 -4.59 -88.57 -25.87
C UNK F 176 -5.17 -87.24 -26.01
N UNK F 177 -4.86 -86.54 -27.09
CA UNK F 177 -5.45 -85.28 -27.37
C UNK F 177 -6.54 -85.56 -28.32
N UNK F 178 -7.67 -84.91 -28.10
CA UNK F 178 -8.83 -85.08 -28.91
C UNK F 178 -9.28 -83.76 -29.45
N UNK F 179 -9.50 -83.61 -30.77
CA UNK F 179 -10.01 -82.36 -31.34
C UNK F 179 -11.17 -82.57 -32.33
N UNK F 180 -12.10 -81.59 -32.49
CA UNK F 180 -13.09 -81.71 -33.52
C UNK F 180 -13.54 -80.45 -34.22
N UNK F 181 -14.07 -80.60 -35.44
CA UNK F 181 -14.62 -79.49 -36.19
C UNK F 181 -15.89 -79.93 -36.83
N UNK F 182 -16.72 -78.97 -37.23
CA UNK F 182 -17.91 -79.23 -37.97
C UNK F 182 -17.91 -78.32 -39.15
N UNK F 183 -18.27 -78.81 -40.33
CA UNK F 183 -18.39 -77.97 -41.48
C UNK F 183 -19.80 -78.08 -42.01
N UNK F 184 -20.49 -76.98 -42.35
CA UNK F 184 -21.82 -77.01 -42.98
C UNK F 184 -21.93 -76.29 -44.33
N UNK F 185 -22.26 -76.94 -45.47
CA UNK F 185 -22.36 -76.20 -46.73
C UNK F 185 -23.71 -76.30 -47.37
N UNK F 186 -23.86 -75.54 -48.46
CA UNK F 186 -25.04 -75.51 -49.25
C UNK F 186 -25.30 -76.81 -49.91
N UNK F 187 -26.57 -77.24 -49.90
CA UNK F 187 -27.04 -78.55 -50.29
C UNK F 187 -26.69 -78.97 -51.69
N UNK F 188 -26.48 -78.03 -52.63
CA UNK F 188 -25.98 -78.30 -53.97
C UNK F 188 -24.54 -78.69 -54.01
N UNK F 189 -23.87 -78.48 -52.89
CA UNK F 189 -22.55 -78.90 -52.67
C UNK F 189 -22.64 -80.14 -51.78
N UNK F 190 -23.02 -79.94 -50.51
CA UNK F 190 -22.96 -80.97 -49.52
C UNK F 190 -24.16 -81.91 -49.46
N UNK F 191 -24.06 -83.23 -49.64
CA UNK F 191 -22.90 -84.01 -49.89
C UNK F 191 -22.87 -84.54 -51.29
N UNK F 192 -23.79 -84.14 -52.16
CA UNK F 192 -23.86 -84.72 -53.48
C UNK F 192 -22.66 -84.63 -54.37
N UNK F 193 -22.20 -83.41 -54.64
CA UNK F 193 -21.08 -83.23 -55.52
C UNK F 193 -19.82 -83.51 -54.81
N UNK F 194 -19.74 -83.08 -53.55
CA UNK F 194 -18.50 -83.20 -52.82
C UNK F 194 -18.76 -83.25 -51.31
N UNK F 195 -17.74 -83.71 -50.50
CA UNK F 195 -17.69 -83.75 -49.02
C UNK F 195 -16.32 -84.06 -48.32
N UNK F 196 -15.16 -83.35 -48.59
CA UNK F 196 -13.89 -83.66 -47.90
C UNK F 196 -13.36 -82.68 -46.79
N UNK F 197 -12.72 -83.29 -45.79
CA UNK F 197 -12.07 -82.72 -44.64
C UNK F 197 -10.60 -83.05 -44.72
N UNK F 198 -9.76 -82.05 -44.73
CA UNK F 198 -8.37 -82.22 -44.91
C UNK F 198 -7.77 -82.07 -43.58
N UNK F 199 -7.38 -83.14 -42.99
CA UNK F 199 -6.84 -83.21 -41.71
C UNK F 199 -5.38 -83.52 -41.81
N UNK F 200 -4.50 -82.84 -41.09
CA UNK F 200 -3.09 -83.12 -41.09
C UNK F 200 -2.63 -83.21 -39.66
N UNK F 201 -1.84 -84.22 -39.29
CA UNK F 201 -1.39 -84.43 -37.93
C UNK F 201 0.08 -84.28 -37.91
N UNK F 202 0.52 -83.05 -37.62
CA UNK F 202 1.88 -82.65 -37.59
C UNK F 202 2.68 -83.53 -36.67
N UNK F 203 2.06 -83.97 -35.57
CA UNK F 203 2.66 -84.87 -34.61
C UNK F 203 3.19 -86.19 -35.15
N UNK F 204 2.51 -86.75 -36.15
CA UNK F 204 2.95 -87.91 -36.86
C UNK F 204 3.32 -87.53 -38.27
N UNK F 205 3.41 -86.23 -38.56
CA UNK F 205 3.61 -85.67 -39.87
C UNK F 205 2.79 -86.33 -40.94
N UNK F 206 1.50 -86.39 -40.67
CA UNK F 206 0.50 -87.06 -41.43
C UNK F 206 -0.36 -86.00 -42.14
N UNK F 207 -0.70 -86.12 -43.44
CA UNK F 207 -1.68 -85.19 -44.02
C UNK F 207 -2.69 -85.85 -44.99
N UNK F 208 -3.96 -86.01 -44.57
CA UNK F 208 -5.09 -86.68 -45.20
C UNK F 208 -6.34 -85.85 -45.57
N UNK F 209 -6.91 -85.90 -46.80
CA UNK F 209 -8.26 -85.35 -47.02
C UNK F 209 -9.28 -86.44 -47.25
N UNK F 210 -10.19 -86.54 -46.30
CA UNK F 210 -11.11 -87.62 -46.14
C UNK F 210 -12.51 -87.19 -46.46
N UNK F 211 -13.37 -88.02 -47.06
CA UNK F 211 -14.69 -87.54 -47.34
C UNK F 211 -15.70 -88.12 -46.39
N UNK F 212 -16.57 -87.28 -45.86
CA UNK F 212 -17.50 -87.73 -44.88
C UNK F 212 -18.87 -88.04 -45.45
N UNK F 213 -19.04 -87.99 -46.79
CA UNK F 213 -20.33 -88.30 -47.43
C UNK F 213 -20.81 -89.70 -47.14
N UNK F 214 -22.13 -89.85 -46.96
CA UNK F 214 -22.75 -91.08 -46.52
C UNK F 214 -22.49 -92.25 -47.42
N UNK F 215 -22.58 -92.04 -48.72
CA UNK F 215 -22.35 -93.05 -49.71
C UNK F 215 -21.21 -92.56 -50.61
C1 NAG G . 59.45 43.38 -17.87
C2 NAG G . 60.59 43.32 -16.86
C3 NAG G . 61.77 44.17 -17.31
C4 NAG G . 62.15 43.86 -18.76
C5 NAG G . 60.92 43.89 -19.65
C6 NAG G . 61.29 43.49 -21.09
C7 NAG G . 60.68 43.36 -14.44
C8 NAG G . 60.22 44.05 -13.19
N2 NAG G . 60.12 43.77 -15.56
O3 NAG G . 62.90 43.91 -16.46
O4 NAG G . 63.10 44.82 -19.21
O5 NAG G . 59.95 42.98 -19.15
O6 NAG G . 61.42 42.08 -21.17
O7 NAG G . 61.50 42.46 -14.42
C1 NAG G . 64.39 44.20 -19.29
C2 NAG G . 65.19 44.81 -20.44
C3 NAG G . 66.57 44.18 -20.54
C4 NAG G . 67.27 44.16 -19.18
C5 NAG G . 66.35 43.58 -18.12
C6 NAG G . 67.01 43.62 -16.75
C7 NAG G . 64.45 43.47 -22.33
C8 NAG G . 64.65 42.27 -21.47
N2 NAG G . 64.47 44.64 -21.69
O3 NAG G . 67.37 44.93 -21.47
O4 NAG G . 68.46 43.36 -19.27
O5 NAG G . 65.13 44.32 -18.08
O6 NAG G . 67.64 42.35 -16.49
O7 NAG G . 64.29 43.40 -23.53
C1 NAG H . -16.51 -38.04 -28.27
C2 NAG H . -17.68 -38.96 -27.90
C3 NAG H . -18.12 -38.73 -26.47
C4 NAG H . -16.94 -38.76 -25.51
C5 NAG H . -15.81 -37.86 -26.02
C6 NAG H . -14.59 -37.94 -25.11
C7 NAG H . -19.45 -39.72 -29.38
C8 NAG H . -20.44 -39.33 -30.44
N2 NAG H . -18.79 -38.72 -28.81
O3 NAG H . -19.06 -39.74 -26.09
O4 NAG H . -17.35 -38.32 -24.22
O5 NAG H . -15.45 -38.25 -27.34
O6 NAG H . -14.08 -39.29 -25.12
O7 NAG H . -19.26 -40.88 -29.06
C1 NAG H . -17.20 -39.42 -23.29
C2 NAG H . -17.15 -38.88 -21.87
C3 NAG H . -17.01 -40.01 -20.86
C4 NAG H . -18.04 -41.11 -21.13
C5 NAG H . -18.04 -41.51 -22.59
C6 NAG H . -19.12 -42.55 -22.87
C7 NAG H . -14.86 -38.35 -21.28
C8 NAG H . -14.34 -39.64 -21.84
N2 NAG H . -16.04 -37.96 -21.73
O3 NAG H . -17.19 -39.49 -19.54
O4 NAG H . -17.74 -42.25 -20.31
O5 NAG H . -18.27 -40.37 -23.40
O6 NAG H . -18.54 -43.86 -22.83
O7 NAG H . -14.22 -37.71 -20.45
C1 NAG I . -3.09 -16.07 -64.27
C2 NAG I . -4.50 -16.15 -64.85
C3 NAG I . -4.46 -16.56 -66.33
C4 NAG I . -3.46 -15.69 -67.10
C5 NAG I . -2.12 -15.63 -66.39
C6 NAG I . -1.16 -14.72 -67.12
C7 NAG I . -6.59 -17.25 -64.31
C8 NAG I . -7.02 -18.55 -64.92
N2 NAG I . -5.28 -17.11 -64.10
O3 NAG I . -5.77 -16.41 -66.90
O4 NAG I . -3.29 -16.25 -68.41
O5 NAG I . -2.32 -15.16 -65.06
O6 NAG I . -1.43 -13.36 -66.77
O7 NAG I . -7.39 -16.38 -64.02
C1 NAG I . -3.92 -15.37 -69.37
C2 NAG I . -3.67 -15.89 -70.77
C3 NAG I . -4.34 -15.01 -71.81
C4 NAG I . -5.79 -14.74 -71.45
C5 NAG I . -5.91 -14.28 -70.00
C6 NAG I . -7.38 -14.10 -69.61
C7 NAG I . -1.44 -14.93 -70.79
C8 NAG I . -2.10 -13.59 -70.75
N2 NAG I . -2.24 -15.97 -71.04
O3 NAG I . -4.28 -15.65 -73.09
O4 NAG I . -6.33 -13.74 -72.32
O5 NAG I . -5.33 -15.26 -69.14
O6 NAG I . -7.82 -12.81 -70.05
O7 NAG I . -0.24 -15.08 -70.60
C1 NAG J . 18.29 -40.11 -13.58
C2 NAG J . 16.94 -39.92 -12.87
C3 NAG J . 17.00 -40.46 -11.45
C4 NAG J . 17.59 -41.87 -11.42
C5 NAG J . 18.89 -41.94 -12.21
C6 NAG J . 19.43 -43.36 -12.24
C7 NAG J . 15.34 -38.13 -13.14
C8 NAG J . 15.19 -37.26 -14.36
N2 NAG J . 16.58 -38.52 -12.87
O3 NAG J . 15.68 -40.48 -10.90
O4 NAG J . 17.83 -42.26 -10.07
O5 NAG J . 18.66 -41.49 -13.55
O6 NAG J . 18.41 -44.26 -12.68
O7 NAG J . 14.39 -38.45 -12.46
C1 NAG J . 16.97 -43.37 -9.74
C2 NAG J . 17.34 -43.92 -8.37
C3 NAG J . 16.45 -45.08 -7.99
C4 NAG J . 14.98 -44.75 -8.20
C5 NAG J . 14.75 -44.15 -9.58
C6 NAG J . 13.29 -43.74 -9.77
C7 NAG J . 19.10 -45.54 -8.75
C8 NAG J . 18.43 -46.05 -9.99
N2 NAG J . 18.73 -44.33 -8.35
O3 NAG J . 16.66 -45.43 -6.61
O4 NAG J . 14.19 -45.93 -8.05
O5 NAG J . 15.59 -43.01 -9.76
O6 NAG J . 12.53 -44.86 -10.23
O7 NAG J . 19.93 -46.19 -8.14
C1 NAG K . 27.51 -9.11 33.52
C2 NAG K . 27.57 -10.01 34.76
C3 NAG K . 28.73 -10.99 34.66
C4 NAG K . 28.72 -11.70 33.31
C5 NAG K . 28.60 -10.70 32.17
C6 NAG K . 28.52 -11.42 30.83
C7 NAG K . 27.39 -9.68 37.16
C8 NAG K . 28.53 -9.80 38.13
N2 NAG K . 27.70 -9.21 35.96
O3 NAG K . 28.62 -11.96 35.71
O4 NAG K . 29.94 -12.45 33.17
O5 NAG K . 27.42 -9.91 32.35
O6 NAG K . 27.35 -12.25 30.79
O7 NAG K . 26.26 -10.01 37.45
#